data_8GRI
#
_entry.id   8GRI
#
_cell.length_a   103.294
_cell.length_b   108.080
_cell.length_c   133.463
_cell.angle_alpha   89.798
_cell.angle_beta   89.976
_cell.angle_gamma   96.345
#
_symmetry.space_group_name_H-M   'P 1'
#
loop_
_entity.id
_entity.type
_entity.pdbx_description
1 polymer 'N-formimidoyl fortimicin A synthase'
2 polymer 'N-formimidoyl fortimicin A synthase'
3 non-polymer 'FLAVIN-ADENINE DINUCLEOTIDE'
4 non-polymer GLYCINE
5 non-polymer '[(2~{R},3~{R},4~{S},5~{R},6~{R})-6-[(~{E})-[(3~{a}~{S},7~{R},7~{a}~{S})-7-oxidanyl-4-oxidanylidene-3,3~{a},5,6,7,7~{a}-hexahydro-1~{H}-imidazo[4,5-c]pyridin-2-ylidene]amino]-5-(2-azanylethanoylamino)-2-(hydroxymethyl)-4-oxidanyl-oxan-3-yl] carbamate'
6 water water
#
loop_
_entity_poly.entity_id
_entity_poly.type
_entity_poly.pdbx_seq_one_letter_code
_entity_poly.pdbx_strand_id
1 'polypeptide(L)'
;MGSSHHHHHHSSGLVPRGSHMMSKTADAPGQTDVIVVGNGVLGLSVGVEIARTRPDVRVTLLGKPARQYGATPAAGAMLG
AFGEVTAHALASEHGRKKHALAVQAQRLWPEWIESLEATGTAADGRIKTADDTVVLLNTVGHSALDDANFAAVLTALKEA
NAPHEEIAVESVDWIDPDPNSRPLRALHIEGEGSVDSGILLAALERSFLQAGGRLHPVDATEIRASHGRVEGVVTDDGDF
LPAGHVVVAAGARSQRLVAALPGLAHRIPRIYDGVGVSALVDTWDGSGPATVLRTSNRAFA(GQI)GLHLVPRAGGSVYI
GATNAVCLEPRGAASIAETVFLFNCATHQLHRGLNGSELRKVQVGSRPAPIDGFPLIGGTSVEGLWMLSGTYRDGLHMSP
LLARHVVSLMDGGTGVDGLREFRPERDLISAWSREEILDDVVRHTMATGYEFPWRLPLEWPHMMETFLQGPFAELADRLS
DTYTPPADLMTAIMFSEREQQDELIAYYADVHREWH
;
A,B,F
2 'polypeptide(L)'
;MGSSHHHHHHSSGLVPRGSHMMSKTADAPGQTDVIVVGNGVLGLSVGVEIARTRPDVRVTLLGKPARQYGATPAAGAMLG
AFGEVTAHALASEHGRKKHALAVQAQRLWPEWIESLEATGTAADGRIKTADDTVVLLNTVGHSALDDANFAAVLTALKEA
NAPHEEIAVESVDWIDPDPNSRPLRALHIEGEGSVDSGILLAALERSFLQAGGRLHPVDATEIRASHGRVEGVVTDDGDF
LPAGHVVVAAGARSQRLVAALPGLAHRIPRIYDGVGVSALVDTWDGSGPATVLRTSNRAFACGLHLVPRAGGSVYIGATN
AVCLEPRGAASIAETVFLFNCATHQLHRGLNGSELRKVQVGSRPAPIDGFPLIGGTSVEGLWMLSGTYRDGLHMSPLLAR
HVVSLMDGGTGVDGLREFRPERDLISAWSREEILDDVVRHTMATGYEFPWRLPLEWPHMMETFLQGPFAELADRLSDTYT
PPADLMTAIMFSEREQQDELIAYYADVHREWH
;
C,D,E,G,H
#
loop_
_chem_comp.id
_chem_comp.type
_chem_comp.name
_chem_comp.formula
FAD non-polymer 'FLAVIN-ADENINE DINUCLEOTIDE' 'C27 H33 N9 O15 P2'
I55 non-polymer '[(2~{R},3~{R},4~{S},5~{R},6~{R})-6-[(~{E})-[(3~{a}~{S},7~{R},7~{a}~{S})-7-oxidanyl-4-oxidanylidene-3,3~{a},5,6,7,7~{a}-hexahydro-1~{H}-imidazo[4,5-c]pyridin-2-ylidene]amino]-5-(2-azanylethanoylamino)-2-(hydroxymethyl)-4-oxidanyl-oxan-3-yl] carbamate' 'C15 H25 N7 O8'
#
# COMPACT_ATOMS: atom_id res chain seq x y z
N THR A 32 -12.72 -84.28 -29.43
CA THR A 32 -13.45 -83.31 -30.30
C THR A 32 -13.18 -81.88 -29.82
N ASP A 33 -12.37 -81.12 -30.57
CA ASP A 33 -11.98 -79.75 -30.14
C ASP A 33 -13.02 -78.73 -30.63
N VAL A 34 -13.44 -77.85 -29.71
CA VAL A 34 -14.23 -76.64 -30.02
C VAL A 34 -13.35 -75.40 -29.81
N ILE A 35 -13.32 -74.50 -30.78
CA ILE A 35 -12.67 -73.17 -30.68
C ILE A 35 -13.76 -72.10 -30.75
N VAL A 36 -13.86 -71.26 -29.72
CA VAL A 36 -14.68 -70.02 -29.71
C VAL A 36 -13.75 -68.87 -30.08
N VAL A 37 -14.03 -68.18 -31.19
CA VAL A 37 -13.29 -66.97 -31.63
C VAL A 37 -14.03 -65.74 -31.08
N GLY A 38 -13.48 -65.13 -30.02
CA GLY A 38 -13.97 -63.87 -29.44
C GLY A 38 -14.17 -64.00 -27.95
N ASN A 39 -13.82 -62.95 -27.19
CA ASN A 39 -13.78 -62.99 -25.71
C ASN A 39 -14.67 -61.87 -25.16
N GLY A 40 -15.72 -61.50 -25.89
CA GLY A 40 -16.81 -60.66 -25.38
C GLY A 40 -17.77 -61.47 -24.55
N VAL A 41 -18.91 -60.90 -24.18
CA VAL A 41 -19.96 -61.60 -23.40
C VAL A 41 -20.47 -62.82 -24.19
N LEU A 42 -20.61 -62.73 -25.50
CA LEU A 42 -21.23 -63.82 -26.31
C LEU A 42 -20.26 -65.02 -26.36
N GLY A 43 -19.03 -64.79 -26.79
CA GLY A 43 -17.97 -65.81 -26.84
C GLY A 43 -17.82 -66.53 -25.50
N LEU A 44 -17.64 -65.78 -24.42
CA LEU A 44 -17.40 -66.34 -23.07
C LEU A 44 -18.65 -67.05 -22.57
N SER A 45 -19.84 -66.55 -22.90
CA SER A 45 -21.12 -67.13 -22.41
C SER A 45 -21.32 -68.49 -23.09
N VAL A 46 -21.09 -68.59 -24.39
CA VAL A 46 -21.20 -69.88 -25.13
C VAL A 46 -20.06 -70.80 -24.66
N GLY A 47 -18.86 -70.25 -24.46
CA GLY A 47 -17.69 -70.98 -23.91
C GLY A 47 -18.03 -71.65 -22.59
N VAL A 48 -18.59 -70.89 -21.65
CA VAL A 48 -18.98 -71.38 -20.31
C VAL A 48 -19.98 -72.52 -20.47
N GLU A 49 -20.99 -72.35 -21.34
CA GLU A 49 -22.13 -73.28 -21.48
C GLU A 49 -21.66 -74.57 -22.16
N ILE A 50 -20.79 -74.48 -23.19
CA ILE A 50 -20.19 -75.68 -23.86
C ILE A 50 -19.39 -76.45 -22.80
N ALA A 51 -18.42 -75.80 -22.14
CA ALA A 51 -17.51 -76.42 -21.15
C ALA A 51 -18.32 -77.14 -20.06
N ARG A 52 -19.41 -76.53 -19.58
CA ARG A 52 -20.21 -77.03 -18.45
C ARG A 52 -21.03 -78.26 -18.86
N THR A 53 -21.61 -78.28 -20.07
CA THR A 53 -22.62 -79.29 -20.51
C THR A 53 -21.97 -80.38 -21.36
N ARG A 54 -20.72 -80.22 -21.79
CA ARG A 54 -19.97 -81.18 -22.63
C ARG A 54 -18.59 -81.42 -22.04
N PRO A 55 -18.46 -82.15 -20.90
CA PRO A 55 -17.16 -82.41 -20.27
C PRO A 55 -16.23 -83.28 -21.13
N ASP A 56 -16.78 -83.98 -22.13
CA ASP A 56 -16.08 -84.82 -23.15
C ASP A 56 -15.14 -83.97 -24.01
N VAL A 57 -15.57 -82.78 -24.44
CA VAL A 57 -14.88 -81.98 -25.51
C VAL A 57 -13.93 -80.94 -24.88
N ARG A 58 -12.84 -80.64 -25.57
CA ARG A 58 -11.87 -79.58 -25.22
C ARG A 58 -12.32 -78.28 -25.89
N VAL A 59 -12.67 -77.26 -25.10
CA VAL A 59 -13.10 -75.93 -25.61
C VAL A 59 -12.01 -74.89 -25.33
N THR A 60 -11.51 -74.28 -26.40
CA THR A 60 -10.47 -73.21 -26.39
C THR A 60 -11.14 -71.90 -26.83
N LEU A 61 -10.90 -70.80 -26.10
CA LEU A 61 -11.48 -69.47 -26.40
C LEU A 61 -10.36 -68.48 -26.73
N LEU A 62 -10.41 -67.86 -27.91
CA LEU A 62 -9.42 -66.90 -28.45
C LEU A 62 -9.85 -65.46 -28.13
N GLY A 63 -8.91 -64.50 -28.25
CA GLY A 63 -9.11 -63.08 -27.94
C GLY A 63 -8.19 -62.59 -26.83
N LYS A 64 -7.79 -61.32 -26.87
CA LYS A 64 -6.74 -60.72 -26.00
C LYS A 64 -7.38 -59.92 -24.87
N PRO A 65 -6.66 -59.65 -23.75
CA PRO A 65 -7.21 -58.83 -22.66
C PRO A 65 -7.51 -57.37 -23.07
N ALA A 66 -6.82 -56.84 -24.07
CA ALA A 66 -7.03 -55.49 -24.64
C ALA A 66 -8.49 -55.32 -25.11
N ARG A 67 -9.12 -56.39 -25.59
CA ARG A 67 -10.51 -56.39 -26.11
C ARG A 67 -10.68 -55.17 -27.04
N GLN A 68 -9.90 -55.12 -28.11
CA GLN A 68 -9.92 -54.00 -29.09
C GLN A 68 -11.31 -53.95 -29.75
N TYR A 69 -11.92 -52.76 -29.76
CA TYR A 69 -13.27 -52.45 -30.32
C TYR A 69 -14.37 -53.13 -29.52
N GLY A 70 -14.05 -53.72 -28.36
CA GLY A 70 -14.97 -54.55 -27.56
C GLY A 70 -16.18 -53.76 -27.07
N ALA A 71 -17.38 -54.19 -27.43
CA ALA A 71 -18.67 -53.63 -27.00
C ALA A 71 -18.87 -53.87 -25.50
N THR A 72 -18.65 -55.10 -25.04
CA THR A 72 -18.99 -55.57 -23.66
C THR A 72 -18.33 -54.67 -22.62
N PRO A 73 -16.99 -54.43 -22.64
CA PRO A 73 -16.35 -53.64 -21.58
C PRO A 73 -16.81 -52.17 -21.56
N ALA A 74 -17.32 -51.66 -22.70
CA ALA A 74 -17.84 -50.28 -22.82
C ALA A 74 -19.31 -50.20 -22.38
N ALA A 75 -19.94 -51.34 -22.05
CA ALA A 75 -21.37 -51.41 -21.71
C ALA A 75 -21.56 -51.18 -20.21
N GLY A 76 -22.74 -50.72 -19.80
CA GLY A 76 -23.04 -50.36 -18.41
C GLY A 76 -23.00 -51.55 -17.45
N ALA A 77 -23.91 -52.52 -17.63
CA ALA A 77 -24.86 -52.57 -18.74
C ALA A 77 -26.27 -52.80 -18.20
N MET A 78 -27.27 -52.25 -18.89
CA MET A 78 -28.70 -52.45 -18.57
C MET A 78 -29.14 -53.84 -19.07
N LEU A 79 -29.91 -54.57 -18.26
CA LEU A 79 -30.64 -55.77 -18.73
C LEU A 79 -31.94 -55.30 -19.39
N GLY A 80 -31.82 -54.74 -20.59
CA GLY A 80 -32.88 -53.99 -21.28
C GLY A 80 -33.85 -54.90 -22.01
N ALA A 81 -35.12 -54.86 -21.59
CA ALA A 81 -36.27 -55.55 -22.24
C ALA A 81 -37.35 -54.51 -22.58
N PHE A 82 -38.07 -54.01 -21.58
CA PHE A 82 -39.11 -52.96 -21.76
C PHE A 82 -38.47 -51.61 -22.07
N GLY A 83 -37.34 -51.28 -21.42
CA GLY A 83 -36.59 -50.03 -21.64
C GLY A 83 -36.18 -49.87 -23.11
N GLU A 84 -36.00 -50.99 -23.84
CA GLU A 84 -35.55 -50.99 -25.26
C GLU A 84 -36.73 -50.85 -26.22
N VAL A 85 -37.97 -50.86 -25.72
CA VAL A 85 -39.19 -50.75 -26.57
C VAL A 85 -39.20 -49.36 -27.24
N THR A 86 -39.34 -49.35 -28.56
CA THR A 86 -39.68 -48.16 -29.39
C THR A 86 -40.94 -48.49 -30.19
N ALA A 87 -41.76 -47.47 -30.49
CA ALA A 87 -42.93 -47.57 -31.40
C ALA A 87 -42.50 -48.27 -32.70
N HIS A 88 -41.38 -47.88 -33.29
CA HIS A 88 -40.84 -48.41 -34.59
C HIS A 88 -40.56 -49.92 -34.50
N ALA A 89 -39.95 -50.38 -33.41
CA ALA A 89 -39.61 -51.82 -33.17
C ALA A 89 -40.89 -52.64 -33.13
N LEU A 90 -41.90 -52.21 -32.35
CA LEU A 90 -43.16 -52.94 -32.10
C LEU A 90 -44.19 -52.75 -33.23
N ALA A 91 -43.78 -52.21 -34.39
CA ALA A 91 -44.63 -52.04 -35.59
C ALA A 91 -44.25 -53.05 -36.66
N SER A 92 -43.10 -53.73 -36.51
CA SER A 92 -42.64 -54.82 -37.42
C SER A 92 -42.75 -56.17 -36.70
N GLU A 93 -43.06 -57.22 -37.47
CA GLU A 93 -43.14 -58.63 -36.97
C GLU A 93 -41.80 -58.98 -36.31
N HIS A 94 -40.69 -58.73 -37.02
CA HIS A 94 -39.31 -59.06 -36.61
C HIS A 94 -38.98 -58.36 -35.27
N GLY A 95 -39.41 -57.10 -35.11
CA GLY A 95 -39.22 -56.30 -33.88
C GLY A 95 -39.98 -56.86 -32.68
N ARG A 96 -41.21 -57.35 -32.87
CA ARG A 96 -42.05 -57.90 -31.78
C ARG A 96 -41.46 -59.24 -31.28
N LYS A 97 -40.82 -60.01 -32.18
CA LYS A 97 -40.11 -61.27 -31.85
C LYS A 97 -38.92 -60.98 -30.95
N LYS A 98 -38.03 -60.07 -31.38
CA LYS A 98 -36.85 -59.60 -30.61
C LYS A 98 -37.29 -59.19 -29.20
N HIS A 99 -38.35 -58.41 -29.08
CA HIS A 99 -38.89 -57.97 -27.77
C HIS A 99 -39.20 -59.20 -26.91
N ALA A 100 -39.93 -60.17 -27.48
CA ALA A 100 -40.37 -61.39 -26.77
C ALA A 100 -39.16 -62.14 -26.20
N LEU A 101 -38.12 -62.31 -27.03
CA LEU A 101 -36.85 -62.98 -26.66
C LEU A 101 -36.18 -62.23 -25.48
N ALA A 102 -36.17 -60.90 -25.51
CA ALA A 102 -35.57 -60.05 -24.45
C ALA A 102 -36.30 -60.30 -23.13
N VAL A 103 -37.63 -60.47 -23.19
CA VAL A 103 -38.45 -60.76 -21.98
C VAL A 103 -38.07 -62.15 -21.46
N GLN A 104 -37.89 -63.13 -22.36
CA GLN A 104 -37.49 -64.51 -22.01
C GLN A 104 -36.10 -64.48 -21.37
N ALA A 105 -35.16 -63.76 -21.98
CA ALA A 105 -33.76 -63.63 -21.50
C ALA A 105 -33.74 -63.12 -20.05
N GLN A 106 -34.61 -62.16 -19.72
CA GLN A 106 -34.68 -61.52 -18.37
C GLN A 106 -34.84 -62.60 -17.30
N ARG A 107 -35.66 -63.62 -17.56
CA ARG A 107 -36.02 -64.68 -16.58
C ARG A 107 -34.80 -65.55 -16.25
N LEU A 108 -33.82 -65.67 -17.17
CA LEU A 108 -32.62 -66.52 -17.00
C LEU A 108 -31.57 -65.85 -16.10
N TRP A 109 -31.61 -64.52 -15.92
CA TRP A 109 -30.47 -63.76 -15.36
C TRP A 109 -30.21 -64.11 -13.90
N PRO A 110 -31.22 -64.17 -13.00
CA PRO A 110 -30.98 -64.47 -11.59
C PRO A 110 -30.18 -65.76 -11.36
N GLU A 111 -30.53 -66.87 -12.05
CA GLU A 111 -29.83 -68.18 -11.87
C GLU A 111 -28.48 -68.16 -12.58
N TRP A 112 -28.36 -67.44 -13.69
CA TRP A 112 -27.11 -67.31 -14.50
C TRP A 112 -26.05 -66.61 -13.65
N ILE A 113 -26.42 -65.53 -12.97
CA ILE A 113 -25.54 -64.73 -12.07
C ILE A 113 -25.13 -65.62 -10.88
N GLU A 114 -26.10 -66.26 -10.22
CA GLU A 114 -25.88 -67.19 -9.07
C GLU A 114 -24.80 -68.21 -9.47
N SER A 115 -24.94 -68.82 -10.66
CA SER A 115 -24.04 -69.89 -11.16
C SER A 115 -22.67 -69.34 -11.52
N LEU A 116 -22.54 -68.04 -11.82
CA LEU A 116 -21.25 -67.41 -12.19
C LEU A 116 -20.54 -66.92 -10.91
N GLU A 117 -21.29 -66.35 -9.96
CA GLU A 117 -20.75 -65.87 -8.67
C GLU A 117 -20.34 -67.07 -7.79
N ALA A 118 -20.97 -68.23 -7.98
CA ALA A 118 -20.72 -69.48 -7.20
C ALA A 118 -19.26 -69.94 -7.37
N THR A 119 -18.62 -69.64 -8.51
CA THR A 119 -17.22 -70.06 -8.84
C THR A 119 -16.21 -69.07 -8.24
N GLY A 120 -16.68 -68.03 -7.55
CA GLY A 120 -15.82 -66.98 -6.96
C GLY A 120 -16.12 -66.79 -5.48
N THR A 121 -15.61 -65.69 -4.90
CA THR A 121 -15.74 -65.34 -3.46
C THR A 121 -16.25 -63.90 -3.35
N ALA A 122 -16.60 -63.47 -2.13
CA ALA A 122 -17.10 -62.11 -1.79
C ALA A 122 -16.25 -61.03 -2.46
N ALA A 123 -14.91 -61.18 -2.47
CA ALA A 123 -13.94 -60.15 -2.88
C ALA A 123 -13.94 -59.91 -4.40
N ASP A 124 -14.55 -60.81 -5.17
CA ASP A 124 -14.66 -60.71 -6.66
C ASP A 124 -15.75 -59.68 -7.03
N GLY A 125 -16.62 -59.31 -6.10
CA GLY A 125 -17.65 -58.27 -6.29
C GLY A 125 -18.94 -58.82 -6.84
N ARG A 126 -20.00 -58.03 -6.84
CA ARG A 126 -21.37 -58.44 -7.26
C ARG A 126 -21.55 -58.10 -8.75
N ILE A 127 -22.07 -59.05 -9.53
CA ILE A 127 -22.41 -58.86 -10.97
C ILE A 127 -23.60 -57.87 -11.06
N LYS A 128 -24.65 -58.08 -10.26
CA LYS A 128 -25.88 -57.24 -10.30
C LYS A 128 -25.60 -55.92 -9.58
N THR A 129 -25.91 -54.78 -10.21
CA THR A 129 -25.76 -53.43 -9.59
C THR A 129 -27.13 -52.77 -9.33
N ALA A 130 -28.22 -53.25 -9.93
CA ALA A 130 -29.59 -52.74 -9.66
C ALA A 130 -30.65 -53.75 -10.09
N ASP A 131 -31.81 -53.72 -9.44
CA ASP A 131 -32.95 -54.63 -9.74
C ASP A 131 -33.96 -53.90 -10.62
N ASP A 132 -34.08 -52.58 -10.48
CA ASP A 132 -35.16 -51.78 -11.11
C ASP A 132 -34.58 -50.67 -12.01
N THR A 133 -35.40 -50.19 -12.94
CA THR A 133 -35.09 -49.12 -13.90
C THR A 133 -36.17 -48.04 -13.79
N VAL A 134 -35.79 -46.76 -13.81
CA VAL A 134 -36.75 -45.64 -14.00
C VAL A 134 -36.51 -45.05 -15.39
N VAL A 135 -37.55 -45.06 -16.23
CA VAL A 135 -37.56 -44.38 -17.56
C VAL A 135 -38.07 -42.96 -17.35
N LEU A 136 -37.30 -41.97 -17.80
CA LEU A 136 -37.60 -40.52 -17.64
C LEU A 136 -38.05 -39.95 -18.99
N LEU A 137 -39.09 -39.13 -19.00
CA LEU A 137 -39.50 -38.35 -20.19
C LEU A 137 -39.24 -36.88 -19.92
N ASN A 138 -38.33 -36.28 -20.71
CA ASN A 138 -38.02 -34.81 -20.70
C ASN A 138 -38.23 -34.28 -22.12
N THR A 139 -38.04 -32.97 -22.33
CA THR A 139 -38.29 -32.33 -23.65
C THR A 139 -36.96 -32.06 -24.36
N VAL A 140 -35.87 -32.71 -23.97
CA VAL A 140 -34.55 -32.55 -24.66
C VAL A 140 -34.46 -33.63 -25.75
N GLY A 141 -35.41 -33.60 -26.68
CA GLY A 141 -35.47 -34.56 -27.81
C GLY A 141 -36.68 -34.30 -28.68
N HIS A 142 -36.85 -35.13 -29.71
CA HIS A 142 -37.98 -35.01 -30.66
C HIS A 142 -39.22 -35.63 -30.02
N SER A 143 -40.36 -34.94 -30.07
CA SER A 143 -41.69 -35.49 -29.67
C SER A 143 -41.99 -36.75 -30.48
N ALA A 144 -41.60 -36.78 -31.75
CA ALA A 144 -41.89 -37.90 -32.69
C ALA A 144 -41.18 -39.19 -32.28
N LEU A 145 -40.08 -39.10 -31.51
CA LEU A 145 -39.40 -40.28 -30.93
C LEU A 145 -39.82 -40.45 -29.48
N ASP A 146 -39.50 -39.47 -28.62
CA ASP A 146 -39.57 -39.64 -27.15
C ASP A 146 -41.04 -39.80 -26.70
N ASP A 147 -41.99 -39.02 -27.22
CA ASP A 147 -43.41 -39.13 -26.80
C ASP A 147 -43.96 -40.49 -27.29
N ALA A 148 -43.71 -40.85 -28.54
CA ALA A 148 -44.19 -42.12 -29.14
C ALA A 148 -43.59 -43.30 -28.37
N ASN A 149 -42.30 -43.24 -28.02
CA ASN A 149 -41.55 -44.38 -27.41
C ASN A 149 -41.97 -44.53 -25.94
N PHE A 150 -42.25 -43.44 -25.24
CA PHE A 150 -42.71 -43.51 -23.82
C PHE A 150 -44.05 -44.25 -23.78
N ALA A 151 -44.97 -43.90 -24.70
CA ALA A 151 -46.31 -44.51 -24.84
C ALA A 151 -46.16 -46.00 -25.19
N ALA A 152 -45.26 -46.35 -26.10
CA ALA A 152 -44.99 -47.73 -26.55
C ALA A 152 -44.44 -48.57 -25.38
N VAL A 153 -43.59 -48.01 -24.52
CA VAL A 153 -43.02 -48.72 -23.34
C VAL A 153 -44.17 -49.03 -22.37
N LEU A 154 -44.97 -48.00 -22.06
CA LEU A 154 -46.15 -48.09 -21.17
C LEU A 154 -47.08 -49.20 -21.68
N THR A 155 -47.34 -49.21 -22.98
CA THR A 155 -48.23 -50.18 -23.67
C THR A 155 -47.64 -51.58 -23.51
N ALA A 156 -46.37 -51.78 -23.87
CA ALA A 156 -45.68 -53.11 -23.88
C ALA A 156 -45.66 -53.70 -22.46
N LEU A 157 -45.50 -52.86 -21.43
CA LEU A 157 -45.53 -53.27 -20.01
C LEU A 157 -46.94 -53.77 -19.65
N LYS A 158 -47.98 -53.04 -20.07
CA LYS A 158 -49.41 -53.38 -19.84
C LYS A 158 -49.73 -54.72 -20.53
N GLU A 159 -49.38 -54.87 -21.82
CA GLU A 159 -49.61 -56.10 -22.63
C GLU A 159 -49.00 -57.32 -21.91
N ALA A 160 -47.78 -57.22 -21.39
CA ALA A 160 -47.02 -58.34 -20.79
C ALA A 160 -47.40 -58.53 -19.31
N ASN A 161 -48.29 -57.69 -18.77
CA ASN A 161 -48.70 -57.72 -17.34
C ASN A 161 -47.46 -57.63 -16.43
N ALA A 162 -46.45 -56.89 -16.87
CA ALA A 162 -45.17 -56.69 -16.16
C ALA A 162 -45.38 -55.71 -15.01
N PRO A 163 -44.75 -55.94 -13.84
CA PRO A 163 -44.90 -55.02 -12.70
C PRO A 163 -44.17 -53.70 -12.96
N HIS A 164 -44.88 -52.59 -12.82
CA HIS A 164 -44.42 -51.21 -13.14
C HIS A 164 -45.42 -50.22 -12.57
N GLU A 165 -45.04 -48.96 -12.39
CA GLU A 165 -46.04 -47.88 -12.23
C GLU A 165 -45.45 -46.56 -12.71
N GLU A 166 -46.31 -45.72 -13.30
CA GLU A 166 -46.00 -44.31 -13.57
C GLU A 166 -45.96 -43.62 -12.20
N ILE A 167 -44.85 -42.97 -11.88
CA ILE A 167 -44.61 -42.34 -10.55
C ILE A 167 -44.46 -40.83 -10.76
N ALA A 168 -44.67 -40.07 -9.70
CA ALA A 168 -44.37 -38.62 -9.65
C ALA A 168 -42.86 -38.46 -9.82
N VAL A 169 -42.44 -37.48 -10.60
CA VAL A 169 -40.99 -37.21 -10.86
C VAL A 169 -40.32 -36.83 -9.53
N GLU A 170 -41.04 -36.16 -8.63
CA GLU A 170 -40.54 -35.73 -7.29
C GLU A 170 -40.18 -36.96 -6.44
N SER A 171 -40.73 -38.14 -6.75
CA SER A 171 -40.48 -39.40 -6.00
C SER A 171 -39.31 -40.18 -6.60
N VAL A 172 -38.72 -39.76 -7.72
CA VAL A 172 -37.49 -40.41 -8.26
C VAL A 172 -36.31 -40.00 -7.38
N ASP A 173 -35.60 -40.97 -6.82
CA ASP A 173 -34.51 -40.71 -5.85
C ASP A 173 -33.25 -40.30 -6.61
N TRP A 174 -32.50 -39.37 -6.01
CA TRP A 174 -31.09 -39.04 -6.33
C TRP A 174 -31.02 -37.92 -7.39
N ILE A 175 -31.80 -38.01 -8.47
CA ILE A 175 -31.67 -37.11 -9.66
C ILE A 175 -31.74 -35.65 -9.21
N ASP A 176 -30.96 -34.80 -9.86
CA ASP A 176 -30.95 -33.33 -9.61
C ASP A 176 -30.76 -32.65 -10.96
N PRO A 177 -31.75 -32.75 -11.87
CA PRO A 177 -31.61 -32.17 -13.21
C PRO A 177 -31.69 -30.63 -13.19
N ASP A 178 -31.09 -30.01 -14.19
CA ASP A 178 -31.39 -28.61 -14.60
C ASP A 178 -32.90 -28.52 -14.82
N PRO A 179 -33.62 -27.61 -14.15
CA PRO A 179 -35.05 -27.44 -14.37
C PRO A 179 -35.49 -27.38 -15.86
N ASN A 180 -34.69 -26.76 -16.73
CA ASN A 180 -35.04 -26.64 -18.18
C ASN A 180 -34.83 -27.97 -18.90
N SER A 181 -34.19 -28.96 -18.27
CA SER A 181 -33.91 -30.29 -18.85
C SER A 181 -34.62 -31.40 -18.05
N ARG A 182 -35.49 -31.03 -17.12
CA ARG A 182 -36.01 -31.99 -16.11
C ARG A 182 -37.07 -32.88 -16.75
N PRO A 183 -37.30 -34.08 -16.18
CA PRO A 183 -38.40 -34.93 -16.63
C PRO A 183 -39.72 -34.42 -16.02
N LEU A 184 -40.82 -34.61 -16.74
CA LEU A 184 -42.19 -34.27 -16.25
C LEU A 184 -43.02 -35.54 -16.06
N ARG A 185 -42.53 -36.68 -16.59
CA ARG A 185 -43.14 -38.01 -16.36
C ARG A 185 -42.02 -39.04 -16.11
N ALA A 186 -42.30 -40.04 -15.30
CA ALA A 186 -41.34 -41.09 -14.89
C ALA A 186 -42.07 -42.42 -14.73
N LEU A 187 -41.37 -43.49 -15.09
CA LEU A 187 -41.89 -44.87 -15.19
C LEU A 187 -40.92 -45.80 -14.45
N HIS A 188 -41.36 -46.36 -13.32
CA HIS A 188 -40.63 -47.38 -12.52
C HIS A 188 -40.92 -48.77 -13.09
N ILE A 189 -39.90 -49.46 -13.62
CA ILE A 189 -40.01 -50.86 -14.11
C ILE A 189 -39.33 -51.78 -13.10
N GLU A 190 -40.09 -52.71 -12.53
CA GLU A 190 -39.64 -53.64 -11.45
C GLU A 190 -39.01 -54.87 -12.10
N GLY A 191 -37.84 -55.29 -11.63
CA GLY A 191 -37.16 -56.51 -12.10
C GLY A 191 -36.44 -56.31 -13.42
N GLU A 192 -36.30 -55.06 -13.88
CA GLU A 192 -35.45 -54.68 -15.03
C GLU A 192 -34.28 -53.87 -14.48
N GLY A 193 -33.08 -54.46 -14.49
CA GLY A 193 -31.94 -53.94 -13.73
C GLY A 193 -30.69 -53.83 -14.58
N SER A 194 -29.52 -53.99 -13.95
CA SER A 194 -28.19 -53.77 -14.57
C SER A 194 -27.15 -54.70 -13.95
N VAL A 195 -26.09 -54.95 -14.70
CA VAL A 195 -24.89 -55.70 -14.25
C VAL A 195 -23.67 -54.80 -14.49
N ASP A 196 -22.63 -54.97 -13.69
CA ASP A 196 -21.27 -54.44 -13.95
C ASP A 196 -20.66 -55.33 -15.04
N SER A 197 -20.49 -54.81 -16.26
CA SER A 197 -20.01 -55.59 -17.42
C SER A 197 -18.60 -56.12 -17.16
N GLY A 198 -17.79 -55.39 -16.38
CA GLY A 198 -16.39 -55.77 -16.07
C GLY A 198 -16.35 -56.96 -15.12
N ILE A 199 -17.17 -56.94 -14.07
CA ILE A 199 -17.29 -58.05 -13.08
C ILE A 199 -17.92 -59.26 -13.80
N LEU A 200 -18.87 -59.02 -14.72
CA LEU A 200 -19.50 -60.11 -15.53
C LEU A 200 -18.41 -60.82 -16.35
N LEU A 201 -17.57 -60.06 -17.05
CA LEU A 201 -16.49 -60.64 -17.90
C LEU A 201 -15.52 -61.46 -17.04
N ALA A 202 -15.12 -60.93 -15.88
CA ALA A 202 -14.18 -61.59 -14.94
C ALA A 202 -14.80 -62.89 -14.44
N ALA A 203 -16.10 -62.88 -14.13
CA ALA A 203 -16.88 -64.02 -13.61
C ALA A 203 -17.04 -65.08 -14.70
N LEU A 204 -17.20 -64.66 -15.97
CA LEU A 204 -17.33 -65.58 -17.12
C LEU A 204 -15.98 -66.28 -17.34
N GLU A 205 -14.88 -65.52 -17.35
CA GLU A 205 -13.51 -66.05 -17.52
C GLU A 205 -13.22 -67.08 -16.41
N ARG A 206 -13.46 -66.69 -15.16
CA ARG A 206 -13.27 -67.55 -13.96
C ARG A 206 -14.11 -68.83 -14.11
N SER A 207 -15.38 -68.69 -14.50
CA SER A 207 -16.35 -69.82 -14.60
C SER A 207 -15.94 -70.75 -15.75
N PHE A 208 -15.37 -70.19 -16.82
CA PHE A 208 -14.90 -70.94 -18.01
C PHE A 208 -13.75 -71.86 -17.60
N LEU A 209 -12.74 -71.30 -16.91
CA LEU A 209 -11.54 -72.03 -16.41
C LEU A 209 -11.99 -73.13 -15.44
N GLN A 210 -12.90 -72.81 -14.51
CA GLN A 210 -13.43 -73.74 -13.48
C GLN A 210 -14.07 -74.97 -14.16
N ALA A 211 -14.68 -74.79 -15.34
CA ALA A 211 -15.40 -75.87 -16.06
C ALA A 211 -14.47 -76.55 -17.08
N GLY A 212 -13.18 -76.21 -17.08
CA GLY A 212 -12.15 -76.92 -17.87
C GLY A 212 -11.82 -76.23 -19.19
N GLY A 213 -12.38 -75.05 -19.45
CA GLY A 213 -12.07 -74.26 -20.67
C GLY A 213 -10.63 -73.79 -20.66
N ARG A 214 -10.02 -73.62 -21.83
CA ARG A 214 -8.65 -73.05 -21.93
C ARG A 214 -8.71 -71.72 -22.69
N LEU A 215 -8.18 -70.65 -22.07
CA LEU A 215 -8.07 -69.29 -22.65
C LEU A 215 -6.71 -69.17 -23.35
N HIS A 216 -6.70 -68.96 -24.67
CA HIS A 216 -5.48 -68.73 -25.48
C HIS A 216 -5.51 -67.28 -25.95
N PRO A 217 -4.72 -66.37 -25.33
CA PRO A 217 -4.85 -64.93 -25.57
C PRO A 217 -4.18 -64.49 -26.90
N VAL A 218 -4.70 -64.98 -28.01
CA VAL A 218 -4.32 -64.58 -29.39
C VAL A 218 -5.60 -64.39 -30.20
N ASP A 219 -5.50 -63.74 -31.36
CA ASP A 219 -6.61 -63.48 -32.29
C ASP A 219 -6.55 -64.48 -33.44
N ALA A 220 -7.71 -64.95 -33.91
CA ALA A 220 -7.84 -65.69 -35.18
C ALA A 220 -7.54 -64.75 -36.33
N THR A 221 -6.73 -65.20 -37.29
CA THR A 221 -6.42 -64.48 -38.56
C THR A 221 -7.25 -65.06 -39.71
N GLU A 222 -7.59 -66.36 -39.66
CA GLU A 222 -8.18 -67.11 -40.79
C GLU A 222 -8.85 -68.38 -40.27
N ILE A 223 -10.07 -68.67 -40.74
CA ILE A 223 -10.75 -69.98 -40.53
C ILE A 223 -10.39 -70.87 -41.71
N ARG A 224 -9.88 -72.07 -41.46
CA ARG A 224 -9.51 -73.03 -42.53
C ARG A 224 -10.61 -74.09 -42.64
N ALA A 225 -11.11 -74.28 -43.86
CA ALA A 225 -12.12 -75.29 -44.24
C ALA A 225 -11.71 -75.92 -45.58
N SER A 226 -12.00 -77.20 -45.75
CA SER A 226 -11.84 -77.94 -47.02
C SER A 226 -12.95 -78.99 -47.10
N HIS A 227 -13.41 -79.30 -48.32
CA HIS A 227 -14.53 -80.23 -48.59
C HIS A 227 -15.69 -79.87 -47.65
N GLY A 228 -15.99 -78.58 -47.52
CA GLY A 228 -17.17 -78.01 -46.81
C GLY A 228 -17.20 -78.36 -45.33
N ARG A 229 -16.04 -78.41 -44.66
CA ARG A 229 -15.94 -78.74 -43.21
C ARG A 229 -14.83 -77.87 -42.58
N VAL A 230 -15.01 -77.46 -41.31
CA VAL A 230 -13.98 -76.69 -40.56
C VAL A 230 -12.84 -77.64 -40.15
N GLU A 231 -11.60 -77.21 -40.38
CA GLU A 231 -10.36 -77.89 -39.94
C GLU A 231 -9.86 -77.21 -38.67
N GLY A 232 -9.92 -75.87 -38.62
CA GLY A 232 -9.55 -75.09 -37.43
C GLY A 232 -9.26 -73.64 -37.77
N VAL A 233 -8.29 -73.05 -37.06
CA VAL A 233 -8.07 -71.58 -37.00
C VAL A 233 -6.57 -71.28 -37.01
N VAL A 234 -6.11 -70.49 -37.97
CA VAL A 234 -4.76 -69.83 -37.98
C VAL A 234 -4.84 -68.60 -37.08
N THR A 235 -3.93 -68.49 -36.11
CA THR A 235 -3.86 -67.39 -35.10
C THR A 235 -2.81 -66.37 -35.54
N ASP A 236 -2.83 -65.16 -34.96
CA ASP A 236 -1.98 -64.01 -35.40
C ASP A 236 -0.53 -64.16 -34.91
N ASP A 237 -0.22 -65.22 -34.14
CA ASP A 237 1.17 -65.57 -33.73
C ASP A 237 1.79 -66.56 -34.73
N GLY A 238 1.06 -66.96 -35.78
CA GLY A 238 1.54 -67.85 -36.86
C GLY A 238 1.12 -69.30 -36.68
N ASP A 239 0.65 -69.68 -35.49
CA ASP A 239 0.30 -71.08 -35.12
C ASP A 239 -0.97 -71.50 -35.88
N PHE A 240 -1.29 -72.80 -35.89
CA PHE A 240 -2.58 -73.36 -36.38
C PHE A 240 -3.20 -74.25 -35.29
N LEU A 241 -4.47 -74.01 -34.97
CA LEU A 241 -5.24 -74.78 -33.95
C LEU A 241 -6.30 -75.61 -34.65
N PRO A 242 -6.26 -76.96 -34.55
CA PRO A 242 -7.25 -77.82 -35.20
C PRO A 242 -8.53 -77.94 -34.36
N ALA A 243 -9.68 -78.11 -35.01
CA ALA A 243 -10.99 -78.27 -34.35
C ALA A 243 -12.04 -78.78 -35.33
N GLY A 244 -13.03 -79.51 -34.82
CA GLY A 244 -14.23 -79.93 -35.57
C GLY A 244 -15.39 -78.96 -35.39
N HIS A 245 -15.26 -78.00 -34.48
CA HIS A 245 -16.26 -76.94 -34.21
C HIS A 245 -15.55 -75.59 -34.00
N VAL A 246 -15.94 -74.57 -34.76
CA VAL A 246 -15.50 -73.16 -34.61
C VAL A 246 -16.74 -72.28 -34.48
N VAL A 247 -16.88 -71.60 -33.33
CA VAL A 247 -17.97 -70.62 -33.05
C VAL A 247 -17.37 -69.22 -33.16
N VAL A 248 -17.80 -68.43 -34.14
CA VAL A 248 -17.35 -67.02 -34.35
C VAL A 248 -18.28 -66.11 -33.55
N ALA A 249 -17.73 -65.47 -32.51
CA ALA A 249 -18.37 -64.43 -31.68
C ALA A 249 -17.36 -63.29 -31.48
N ALA A 250 -16.84 -62.77 -32.59
CA ALA A 250 -15.76 -61.76 -32.65
C ALA A 250 -16.36 -60.35 -32.77
N GLY A 251 -17.56 -60.15 -32.24
CA GLY A 251 -18.31 -58.89 -32.38
C GLY A 251 -18.29 -58.39 -33.81
N ALA A 252 -17.98 -57.10 -33.99
CA ALA A 252 -18.04 -56.39 -35.30
C ALA A 252 -17.09 -57.01 -36.34
N ARG A 253 -16.16 -57.88 -35.93
CA ARG A 253 -15.16 -58.50 -36.86
C ARG A 253 -15.65 -59.86 -37.37
N SER A 254 -16.80 -60.35 -36.88
CA SER A 254 -17.31 -61.74 -37.08
C SER A 254 -17.50 -62.05 -38.57
N GLN A 255 -18.18 -61.18 -39.32
CA GLN A 255 -18.49 -61.43 -40.76
C GLN A 255 -17.21 -61.32 -41.59
N ARG A 256 -16.38 -60.30 -41.34
CA ARG A 256 -15.12 -60.09 -42.09
C ARG A 256 -14.25 -61.36 -42.01
N LEU A 257 -14.35 -62.10 -40.90
CA LEU A 257 -13.54 -63.32 -40.64
C LEU A 257 -14.09 -64.51 -41.44
N VAL A 258 -15.42 -64.67 -41.50
CA VAL A 258 -16.11 -65.81 -42.18
C VAL A 258 -16.19 -65.56 -43.69
N ALA A 259 -16.18 -64.29 -44.14
CA ALA A 259 -16.45 -63.87 -45.54
C ALA A 259 -15.31 -64.26 -46.48
N ALA A 260 -14.11 -64.53 -45.96
CA ALA A 260 -12.92 -64.96 -46.73
C ALA A 260 -13.12 -66.37 -47.31
N LEU A 261 -13.97 -67.20 -46.68
CA LEU A 261 -14.32 -68.57 -47.15
C LEU A 261 -15.12 -68.49 -48.46
N PRO A 262 -15.09 -69.54 -49.32
CA PRO A 262 -15.70 -69.47 -50.65
C PRO A 262 -17.20 -69.18 -50.66
N GLY A 263 -17.63 -68.17 -51.43
CA GLY A 263 -19.05 -67.80 -51.63
C GLY A 263 -19.62 -66.93 -50.52
N LEU A 264 -19.08 -67.04 -49.30
CA LEU A 264 -19.69 -66.53 -48.04
C LEU A 264 -19.67 -64.99 -47.96
N ALA A 265 -18.90 -64.32 -48.82
CA ALA A 265 -18.81 -62.84 -48.85
C ALA A 265 -20.21 -62.25 -49.09
N HIS A 266 -21.08 -62.94 -49.82
CA HIS A 266 -22.43 -62.45 -50.21
C HIS A 266 -23.53 -63.34 -49.59
N ARG A 267 -23.19 -64.20 -48.63
CA ARG A 267 -24.14 -65.15 -47.99
C ARG A 267 -24.27 -64.89 -46.49
N ILE A 268 -23.22 -64.32 -45.87
CA ILE A 268 -23.24 -63.81 -44.47
C ILE A 268 -23.44 -62.30 -44.53
N PRO A 269 -24.56 -61.76 -43.99
CA PRO A 269 -24.77 -60.31 -43.98
C PRO A 269 -23.60 -59.57 -43.30
N ARG A 270 -23.14 -58.49 -43.92
CA ARG A 270 -22.08 -57.60 -43.36
C ARG A 270 -22.51 -57.12 -41.97
N ILE A 271 -21.51 -57.00 -41.10
CA ILE A 271 -21.61 -56.38 -39.74
C ILE A 271 -20.66 -55.20 -39.74
N TYR A 272 -21.18 -54.02 -39.42
CA TYR A 272 -20.39 -52.76 -39.31
C TYR A 272 -20.23 -52.45 -37.82
N ASP A 273 -19.53 -51.36 -37.50
CA ASP A 273 -19.25 -50.92 -36.10
C ASP A 273 -20.25 -49.84 -35.68
N GLY A 274 -21.15 -50.18 -34.77
CA GLY A 274 -21.97 -49.22 -34.02
C GLY A 274 -21.16 -48.64 -32.87
N VAL A 275 -20.29 -47.68 -33.18
CA VAL A 275 -19.29 -47.11 -32.23
C VAL A 275 -20.05 -46.39 -31.10
N GLY A 276 -19.77 -46.79 -29.87
CA GLY A 276 -20.46 -46.31 -28.67
C GLY A 276 -19.47 -45.71 -27.70
N VAL A 277 -19.80 -44.55 -27.14
CA VAL A 277 -18.97 -43.85 -26.14
C VAL A 277 -19.77 -43.84 -24.83
N SER A 278 -19.09 -44.20 -23.75
CA SER A 278 -19.64 -44.15 -22.37
C SER A 278 -18.52 -43.63 -21.47
N ALA A 279 -18.81 -43.42 -20.19
CA ALA A 279 -17.82 -42.88 -19.25
C ALA A 279 -18.06 -43.48 -17.86
N LEU A 280 -16.97 -43.62 -17.10
CA LEU A 280 -17.03 -43.89 -15.65
C LEU A 280 -16.70 -42.57 -14.94
N VAL A 281 -17.55 -42.18 -14.00
CA VAL A 281 -17.43 -40.92 -13.22
C VAL A 281 -17.43 -41.30 -11.73
N ASP A 282 -16.46 -40.79 -10.98
CA ASP A 282 -16.46 -40.79 -9.49
C ASP A 282 -17.31 -39.60 -9.05
N THR A 283 -18.46 -39.86 -8.43
CA THR A 283 -19.43 -38.81 -8.07
C THR A 283 -18.82 -37.94 -6.95
N TRP A 284 -19.15 -36.64 -6.99
CA TRP A 284 -18.69 -35.58 -6.04
C TRP A 284 -18.73 -36.08 -4.59
N ASP A 285 -19.75 -36.86 -4.18
CA ASP A 285 -20.00 -37.26 -2.77
C ASP A 285 -19.99 -38.78 -2.59
N GLY A 286 -19.57 -39.56 -3.60
CA GLY A 286 -19.56 -41.03 -3.55
C GLY A 286 -20.94 -41.67 -3.72
N SER A 287 -22.01 -40.88 -3.86
CA SER A 287 -23.41 -41.40 -3.98
C SER A 287 -23.68 -41.89 -5.40
N GLY A 288 -24.77 -42.64 -5.55
CA GLY A 288 -25.29 -43.14 -6.83
C GLY A 288 -26.78 -43.45 -6.69
N PRO A 289 -27.55 -43.58 -7.79
CA PRO A 289 -28.96 -43.92 -7.68
C PRO A 289 -29.11 -45.42 -7.38
N ALA A 290 -30.24 -45.78 -6.78
CA ALA A 290 -30.58 -47.18 -6.41
C ALA A 290 -31.04 -47.92 -7.65
N THR A 291 -31.57 -47.22 -8.65
CA THR A 291 -32.09 -47.83 -9.90
C THR A 291 -31.26 -47.38 -11.10
N VAL A 292 -31.35 -48.12 -12.19
CA VAL A 292 -30.99 -47.59 -13.53
C VAL A 292 -31.86 -46.35 -13.77
N LEU A 293 -31.29 -45.33 -14.39
CA LEU A 293 -31.99 -44.14 -14.89
C LEU A 293 -31.76 -44.10 -16.39
N ARG A 294 -32.82 -43.94 -17.19
CA ARG A 294 -32.68 -43.95 -18.68
C ARG A 294 -33.81 -43.17 -19.33
N THR A 295 -33.56 -42.72 -20.55
CA THR A 295 -34.60 -42.30 -21.52
C THR A 295 -34.90 -43.52 -22.40
N SER A 296 -35.96 -43.46 -23.19
CA SER A 296 -36.18 -44.41 -24.31
C SER A 296 -35.07 -44.19 -25.35
N ASN A 297 -34.92 -45.12 -26.29
CA ASN A 297 -33.90 -45.04 -27.36
C ASN A 297 -34.17 -43.78 -28.18
N ARG A 298 -33.10 -43.10 -28.61
CA ARG A 298 -33.16 -41.76 -29.24
C ARG A 298 -32.51 -41.85 -30.63
N ALA A 299 -32.21 -40.69 -31.25
CA ALA A 299 -31.77 -40.57 -32.65
C ALA A 299 -30.73 -41.65 -32.95
N PHE A 300 -31.01 -42.50 -33.94
CA PHE A 300 -30.06 -43.47 -34.52
C PHE A 300 -29.57 -44.43 -33.43
N ALA A 301 -30.50 -44.85 -32.56
CA ALA A 301 -30.30 -45.88 -31.50
C ALA A 301 -29.18 -45.46 -30.53
C4 GQI A 302 -23.62 -37.46 -31.41
C GQI A 302 -29.05 -43.12 -28.13
C GQI A 302 -29.37 -43.66 -27.88
N GQI A 302 -28.62 -44.34 -30.20
N GQI A 302 -29.11 -44.21 -30.26
N2 GQI A 302 -24.21 -39.72 -30.58
C3 GQI A 302 -24.57 -38.65 -31.17
CA GQI A 302 -28.07 -43.28 -29.30
CA GQI A 302 -28.37 -43.77 -29.05
CB GQI A 302 -27.82 -42.01 -30.11
CB GQI A 302 -27.62 -42.48 -29.33
S1 GQI A 302 -26.42 -40.94 -29.64
S1 GQI A 302 -28.65 -40.99 -29.25
O1 GQI A 302 -25.18 -40.75 -30.72
O2 GQI A 302 -24.14 -36.43 -31.81
O3 GQI A 302 -22.42 -37.61 -31.18
O4 GQI A 302 -30.24 -43.53 -28.33
O4 GQI A 302 -30.54 -44.07 -28.10
N GLY A 303 -28.91 -43.08 -26.84
CA GLY A 303 -29.80 -42.96 -25.66
C GLY A 303 -29.02 -42.51 -24.44
N LEU A 304 -29.69 -41.90 -23.47
CA LEU A 304 -29.06 -41.47 -22.21
C LEU A 304 -29.44 -42.46 -21.10
N HIS A 305 -28.44 -42.94 -20.37
CA HIS A 305 -28.66 -43.77 -19.16
C HIS A 305 -27.49 -43.62 -18.20
N LEU A 306 -27.81 -43.85 -16.93
CA LEU A 306 -26.85 -43.97 -15.82
C LEU A 306 -27.08 -45.34 -15.19
N VAL A 307 -26.03 -46.17 -15.17
CA VAL A 307 -26.06 -47.52 -14.54
C VAL A 307 -25.27 -47.44 -13.24
N PRO A 308 -25.87 -47.79 -12.09
CA PRO A 308 -25.14 -47.78 -10.81
C PRO A 308 -23.92 -48.71 -10.84
N ARG A 309 -22.85 -48.32 -10.15
CA ARG A 309 -21.63 -49.14 -9.92
C ARG A 309 -21.28 -49.09 -8.43
N ALA A 310 -20.48 -50.04 -7.94
CA ALA A 310 -19.96 -50.08 -6.55
C ALA A 310 -18.82 -49.06 -6.42
N GLY A 311 -18.57 -48.58 -5.20
CA GLY A 311 -17.35 -47.83 -4.82
C GLY A 311 -17.37 -46.37 -5.28
N GLY A 312 -18.53 -45.71 -5.28
CA GLY A 312 -18.65 -44.26 -5.53
C GLY A 312 -18.45 -43.88 -6.99
N SER A 313 -18.60 -44.85 -7.91
CA SER A 313 -18.53 -44.65 -9.36
C SER A 313 -19.95 -44.78 -9.95
N VAL A 314 -20.22 -44.09 -11.06
CA VAL A 314 -21.43 -44.35 -11.91
C VAL A 314 -20.96 -44.52 -13.36
N TYR A 315 -21.72 -45.29 -14.12
CA TYR A 315 -21.57 -45.41 -15.59
C TYR A 315 -22.59 -44.49 -16.24
N ILE A 316 -22.15 -43.70 -17.21
CA ILE A 316 -23.05 -42.89 -18.08
C ILE A 316 -22.79 -43.30 -19.52
N GLY A 317 -23.87 -43.45 -20.28
CA GLY A 317 -23.80 -43.73 -21.72
C GLY A 317 -25.11 -43.31 -22.36
N ALA A 318 -25.24 -43.57 -23.66
CA ALA A 318 -24.18 -44.07 -24.51
C ALA A 318 -24.46 -43.55 -25.91
N THR A 319 -23.43 -43.12 -26.63
CA THR A 319 -23.58 -42.64 -28.01
C THR A 319 -23.63 -43.86 -28.93
N ASN A 320 -24.03 -43.66 -30.18
CA ASN A 320 -24.09 -44.72 -31.20
C ASN A 320 -23.97 -44.06 -32.57
N ALA A 321 -22.97 -44.47 -33.33
CA ALA A 321 -22.78 -43.99 -34.73
C ALA A 321 -22.20 -45.15 -35.52
N VAL A 322 -22.94 -45.58 -36.56
CA VAL A 322 -22.49 -46.70 -37.42
C VAL A 322 -21.36 -46.16 -38.27
N CYS A 323 -20.20 -46.80 -38.22
CA CYS A 323 -18.99 -46.48 -39.01
C CYS A 323 -18.67 -47.66 -39.94
N LEU A 324 -18.34 -47.37 -41.18
CA LEU A 324 -18.10 -48.37 -42.25
C LEU A 324 -16.73 -49.01 -42.02
N GLU A 325 -15.80 -48.27 -41.40
CA GLU A 325 -14.50 -48.78 -40.90
C GLU A 325 -14.51 -48.71 -39.38
N PRO A 326 -13.79 -49.60 -38.67
CA PRO A 326 -13.74 -49.55 -37.20
C PRO A 326 -12.99 -48.31 -36.69
N ARG A 327 -13.37 -47.86 -35.50
CA ARG A 327 -12.82 -46.67 -34.80
C ARG A 327 -12.72 -47.01 -33.32
N GLY A 328 -11.54 -46.83 -32.73
CA GLY A 328 -11.24 -47.27 -31.36
C GLY A 328 -11.23 -46.11 -30.37
N ALA A 329 -11.55 -44.89 -30.82
CA ALA A 329 -11.47 -43.65 -30.00
C ALA A 329 -12.74 -42.83 -30.14
N ALA A 330 -13.21 -42.25 -29.03
CA ALA A 330 -14.34 -41.30 -28.97
C ALA A 330 -13.96 -40.05 -29.76
N SER A 331 -14.91 -39.43 -30.44
CA SER A 331 -14.76 -38.06 -30.99
C SER A 331 -15.00 -37.05 -29.87
N ILE A 332 -14.57 -35.81 -30.08
CA ILE A 332 -14.91 -34.66 -29.18
C ILE A 332 -16.43 -34.57 -29.07
N ALA A 333 -17.15 -34.58 -30.20
CA ALA A 333 -18.62 -34.39 -30.27
C ALA A 333 -19.33 -35.41 -29.38
N GLU A 334 -18.92 -36.68 -29.45
CA GLU A 334 -19.54 -37.80 -28.69
C GLU A 334 -19.36 -37.56 -27.20
N THR A 335 -18.13 -37.23 -26.78
CA THR A 335 -17.79 -36.94 -25.36
C THR A 335 -18.65 -35.79 -24.85
N VAL A 336 -18.70 -34.67 -25.57
CA VAL A 336 -19.40 -33.44 -25.13
C VAL A 336 -20.90 -33.74 -25.02
N PHE A 337 -21.45 -34.44 -26.01
CA PHE A 337 -22.90 -34.75 -26.06
C PHE A 337 -23.26 -35.64 -24.86
N LEU A 338 -22.50 -36.71 -24.64
CA LEU A 338 -22.76 -37.64 -23.50
C LEU A 338 -22.72 -36.87 -22.18
N PHE A 339 -21.69 -36.05 -21.97
CA PHE A 339 -21.48 -35.33 -20.69
C PHE A 339 -22.57 -34.25 -20.51
N ASN A 340 -22.90 -33.53 -21.58
CA ASN A 340 -23.92 -32.45 -21.53
C ASN A 340 -25.28 -33.02 -21.15
N CYS A 341 -25.66 -34.16 -21.72
CA CYS A 341 -26.97 -34.80 -21.46
C CYS A 341 -27.04 -35.28 -20.01
N ALA A 342 -25.98 -35.93 -19.52
CA ALA A 342 -25.93 -36.53 -18.17
C ALA A 342 -26.02 -35.41 -17.12
N THR A 343 -25.27 -34.33 -17.27
CA THR A 343 -25.20 -33.23 -16.27
C THR A 343 -26.53 -32.47 -16.21
N HIS A 344 -27.21 -32.26 -17.35
CA HIS A 344 -28.46 -31.47 -17.41
C HIS A 344 -29.68 -32.34 -17.12
N GLN A 345 -29.76 -33.54 -17.70
CA GLN A 345 -30.99 -34.37 -17.68
C GLN A 345 -31.03 -35.29 -16.45
N LEU A 346 -29.89 -35.62 -15.84
CA LEU A 346 -29.82 -36.61 -14.72
C LEU A 346 -29.38 -35.95 -13.42
N HIS A 347 -28.15 -35.44 -13.33
CA HIS A 347 -27.61 -34.84 -12.08
C HIS A 347 -26.57 -33.78 -12.38
N ARG A 348 -26.84 -32.54 -11.97
CA ARG A 348 -25.91 -31.38 -12.10
C ARG A 348 -24.63 -31.61 -11.30
N GLY A 349 -24.69 -32.43 -10.24
CA GLY A 349 -23.51 -32.86 -9.45
C GLY A 349 -22.46 -33.55 -10.30
N LEU A 350 -22.84 -34.15 -11.42
CA LEU A 350 -21.86 -34.84 -12.32
C LEU A 350 -20.94 -33.80 -12.96
N ASN A 351 -21.36 -32.54 -13.02
CA ASN A 351 -20.58 -31.45 -13.67
C ASN A 351 -19.22 -31.28 -12.95
N GLY A 352 -19.24 -31.26 -11.62
CA GLY A 352 -18.04 -31.10 -10.77
C GLY A 352 -17.44 -32.43 -10.34
N SER A 353 -17.96 -33.54 -10.85
CA SER A 353 -17.48 -34.91 -10.55
C SER A 353 -16.28 -35.23 -11.44
N GLU A 354 -15.43 -36.15 -10.99
CA GLU A 354 -14.16 -36.51 -11.66
C GLU A 354 -14.42 -37.56 -12.75
N LEU A 355 -13.92 -37.29 -13.95
CA LEU A 355 -13.89 -38.26 -15.07
C LEU A 355 -12.79 -39.31 -14.79
N ARG A 356 -13.18 -40.56 -14.57
CA ARG A 356 -12.29 -41.73 -14.39
C ARG A 356 -11.81 -42.23 -15.76
N LYS A 357 -12.72 -42.41 -16.71
CA LYS A 357 -12.42 -43.12 -17.97
C LYS A 357 -13.49 -42.79 -19.03
N VAL A 358 -13.05 -42.53 -20.25
CA VAL A 358 -13.90 -42.50 -21.46
C VAL A 358 -13.75 -43.87 -22.14
N GLN A 359 -14.85 -44.57 -22.34
CA GLN A 359 -14.88 -45.96 -22.89
C GLN A 359 -15.45 -45.93 -24.31
N VAL A 360 -14.87 -46.72 -25.20
CA VAL A 360 -15.31 -46.86 -26.62
C VAL A 360 -15.38 -48.34 -26.95
N GLY A 361 -16.52 -48.77 -27.49
CA GLY A 361 -16.72 -50.13 -28.02
C GLY A 361 -17.59 -50.11 -29.26
N SER A 362 -17.55 -51.21 -30.01
CA SER A 362 -18.28 -51.37 -31.28
C SER A 362 -19.46 -52.32 -31.05
N ARG A 363 -20.67 -51.78 -30.98
CA ARG A 363 -21.91 -52.57 -31.14
C ARG A 363 -21.85 -53.23 -32.52
N PRO A 364 -21.90 -54.59 -32.62
CA PRO A 364 -21.93 -55.24 -33.93
C PRO A 364 -23.25 -54.89 -34.62
N ALA A 365 -23.20 -54.12 -35.70
CA ALA A 365 -24.39 -53.52 -36.37
C ALA A 365 -24.62 -54.25 -37.70
N PRO A 366 -25.55 -55.23 -37.74
CA PRO A 366 -25.78 -56.01 -38.95
C PRO A 366 -26.44 -55.16 -40.04
N ILE A 367 -26.03 -55.32 -41.30
CA ILE A 367 -26.47 -54.47 -42.43
C ILE A 367 -27.99 -54.56 -42.64
N ASP A 368 -28.64 -55.66 -42.24
CA ASP A 368 -30.11 -55.86 -42.44
C ASP A 368 -30.86 -55.69 -41.12
N GLY A 369 -30.17 -55.34 -40.04
CA GLY A 369 -30.80 -54.91 -38.76
C GLY A 369 -31.16 -56.07 -37.85
N PHE A 370 -30.70 -57.28 -38.13
CA PHE A 370 -31.05 -58.46 -37.29
C PHE A 370 -29.81 -59.31 -37.02
N PRO A 371 -29.79 -60.01 -35.85
CA PRO A 371 -28.63 -60.76 -35.44
C PRO A 371 -28.29 -61.92 -36.39
N LEU A 372 -27.06 -62.42 -36.25
CA LEU A 372 -26.52 -63.60 -36.96
C LEU A 372 -26.23 -64.67 -35.91
N ILE A 373 -27.17 -65.60 -35.71
CA ILE A 373 -27.11 -66.64 -34.65
C ILE A 373 -27.36 -68.02 -35.27
N GLY A 374 -26.38 -68.89 -35.21
CA GLY A 374 -26.57 -70.33 -35.47
C GLY A 374 -25.61 -70.87 -36.50
N GLY A 375 -26.10 -71.86 -37.28
CA GLY A 375 -25.29 -72.73 -38.13
C GLY A 375 -25.03 -72.08 -39.49
N THR A 376 -24.10 -72.67 -40.24
CA THR A 376 -23.52 -72.16 -41.51
C THR A 376 -23.59 -73.31 -42.53
N SER A 377 -23.32 -73.05 -43.81
CA SER A 377 -23.26 -74.08 -44.88
C SER A 377 -22.00 -74.93 -44.71
N VAL A 378 -21.00 -74.41 -43.99
CA VAL A 378 -19.74 -75.11 -43.59
C VAL A 378 -19.99 -75.88 -42.28
N GLU A 379 -19.76 -77.21 -42.31
CA GLU A 379 -19.97 -78.11 -41.16
C GLU A 379 -19.03 -77.71 -40.02
N GLY A 380 -19.58 -77.59 -38.81
CA GLY A 380 -18.87 -77.21 -37.58
C GLY A 380 -18.68 -75.71 -37.41
N LEU A 381 -19.06 -74.88 -38.39
CA LEU A 381 -18.89 -73.39 -38.34
C LEU A 381 -20.18 -72.75 -37.83
N TRP A 382 -20.10 -72.15 -36.64
CA TRP A 382 -21.23 -71.43 -35.99
C TRP A 382 -20.88 -69.94 -35.87
N MET A 383 -21.90 -69.11 -35.76
CA MET A 383 -21.76 -67.64 -35.66
C MET A 383 -22.72 -67.16 -34.57
N LEU A 384 -22.26 -66.25 -33.73
CA LEU A 384 -23.07 -65.60 -32.66
C LEU A 384 -22.64 -64.12 -32.63
N SER A 385 -23.35 -63.27 -33.37
CA SER A 385 -22.95 -61.86 -33.60
C SER A 385 -24.12 -61.01 -34.11
N GLY A 386 -23.84 -59.74 -34.39
CA GLY A 386 -24.80 -58.76 -34.93
C GLY A 386 -25.91 -58.42 -33.95
N THR A 387 -25.62 -58.41 -32.66
CA THR A 387 -26.62 -58.19 -31.58
C THR A 387 -26.82 -56.70 -31.27
N TYR A 388 -26.03 -55.81 -31.88
CA TYR A 388 -26.20 -54.33 -31.80
C TYR A 388 -26.29 -53.89 -30.32
N ARG A 389 -27.49 -53.51 -29.86
CA ARG A 389 -27.70 -52.82 -28.56
C ARG A 389 -27.90 -53.80 -27.40
N ASP A 390 -28.16 -55.09 -27.65
CA ASP A 390 -28.72 -55.96 -26.59
C ASP A 390 -28.18 -57.39 -26.63
N GLY A 391 -27.00 -57.63 -27.22
CA GLY A 391 -26.32 -58.93 -27.14
C GLY A 391 -26.05 -59.32 -25.69
N LEU A 392 -25.59 -58.37 -24.87
CA LEU A 392 -25.19 -58.63 -23.47
C LEU A 392 -26.44 -59.12 -22.72
N HIS A 393 -27.56 -58.42 -22.87
CA HIS A 393 -28.81 -58.78 -22.16
C HIS A 393 -29.26 -60.19 -22.60
N MET A 394 -29.17 -60.48 -23.89
CA MET A 394 -29.69 -61.74 -24.47
C MET A 394 -28.68 -62.88 -24.34
N SER A 395 -27.46 -62.61 -23.85
CA SER A 395 -26.31 -63.55 -23.86
C SER A 395 -26.71 -64.91 -23.28
N PRO A 396 -27.30 -65.04 -22.08
CA PRO A 396 -27.61 -66.36 -21.53
C PRO A 396 -28.51 -67.17 -22.47
N LEU A 397 -29.55 -66.54 -23.03
CA LEU A 397 -30.49 -67.18 -23.98
C LEU A 397 -29.77 -67.56 -25.27
N LEU A 398 -28.96 -66.65 -25.85
CA LEU A 398 -28.28 -66.89 -27.14
C LEU A 398 -27.26 -68.01 -27.00
N ALA A 399 -26.58 -68.07 -25.87
CA ALA A 399 -25.55 -69.10 -25.55
C ALA A 399 -26.23 -70.46 -25.49
N ARG A 400 -27.33 -70.56 -24.73
CA ARG A 400 -28.13 -71.81 -24.59
C ARG A 400 -28.64 -72.25 -25.96
N HIS A 401 -29.12 -71.31 -26.78
CA HIS A 401 -29.63 -71.62 -28.15
C HIS A 401 -28.52 -72.30 -28.97
N VAL A 402 -27.34 -71.67 -29.06
CA VAL A 402 -26.26 -72.16 -29.95
C VAL A 402 -25.74 -73.52 -29.46
N VAL A 403 -25.66 -73.71 -28.14
CA VAL A 403 -25.19 -74.98 -27.51
C VAL A 403 -26.19 -76.10 -27.82
N SER A 404 -27.49 -75.83 -27.68
CA SER A 404 -28.57 -76.77 -28.06
C SER A 404 -28.39 -77.18 -29.53
N LEU A 405 -28.19 -76.22 -30.44
CA LEU A 405 -27.99 -76.50 -31.89
C LEU A 405 -26.76 -77.37 -32.08
N MET A 406 -25.68 -77.10 -31.34
CA MET A 406 -24.39 -77.83 -31.48
C MET A 406 -24.53 -79.27 -30.98
N ASP A 407 -25.51 -79.53 -30.10
CA ASP A 407 -25.76 -80.85 -29.47
C ASP A 407 -26.89 -81.59 -30.21
N GLY A 408 -27.29 -81.09 -31.38
CA GLY A 408 -28.33 -81.72 -32.23
C GLY A 408 -29.75 -81.32 -31.84
N GLY A 409 -29.93 -80.35 -30.94
CA GLY A 409 -31.25 -79.84 -30.51
C GLY A 409 -31.77 -78.76 -31.44
N THR A 410 -32.90 -78.14 -31.10
CA THR A 410 -33.54 -77.05 -31.88
C THR A 410 -33.38 -75.69 -31.16
N GLY A 411 -32.87 -75.70 -29.92
CA GLY A 411 -32.67 -74.48 -29.12
C GLY A 411 -33.96 -73.74 -28.86
N VAL A 412 -33.96 -72.41 -29.04
CA VAL A 412 -35.10 -71.50 -28.75
C VAL A 412 -35.86 -71.24 -30.05
N ASP A 413 -37.19 -71.33 -30.01
CA ASP A 413 -38.07 -71.38 -31.22
C ASP A 413 -37.83 -70.18 -32.15
N GLY A 414 -37.97 -68.95 -31.63
CA GLY A 414 -38.03 -67.72 -32.43
C GLY A 414 -36.74 -67.34 -33.14
N LEU A 415 -35.62 -68.00 -32.83
CA LEU A 415 -34.25 -67.57 -33.27
C LEU A 415 -33.88 -68.18 -34.63
N ARG A 416 -34.73 -69.02 -35.22
CA ARG A 416 -34.44 -69.67 -36.53
C ARG A 416 -34.35 -68.60 -37.62
N GLU A 417 -35.23 -67.60 -37.56
CA GLU A 417 -35.32 -66.44 -38.49
C GLU A 417 -33.95 -65.74 -38.65
N PHE A 418 -33.08 -65.84 -37.64
CA PHE A 418 -31.81 -65.05 -37.55
C PHE A 418 -30.60 -65.92 -37.87
N ARG A 419 -30.80 -67.04 -38.59
CA ARG A 419 -29.74 -67.86 -39.25
C ARG A 419 -28.69 -66.92 -39.82
N PRO A 420 -27.38 -67.14 -39.58
CA PRO A 420 -26.35 -66.23 -40.07
C PRO A 420 -26.20 -66.24 -41.58
N GLU A 421 -26.52 -67.36 -42.22
CA GLU A 421 -26.33 -67.53 -43.69
C GLU A 421 -27.69 -67.37 -44.36
N ARG A 422 -27.90 -66.20 -44.97
CA ARG A 422 -29.24 -65.73 -45.41
C ARG A 422 -29.08 -64.61 -46.42
N ASP A 423 -30.09 -64.44 -47.26
CA ASP A 423 -30.37 -63.18 -48.01
C ASP A 423 -30.58 -62.09 -46.95
N LEU A 424 -30.20 -60.85 -47.26
CA LEU A 424 -30.52 -59.67 -46.43
C LEU A 424 -32.02 -59.65 -46.19
N ILE A 425 -32.44 -59.60 -44.93
CA ILE A 425 -33.84 -59.37 -44.51
C ILE A 425 -34.26 -57.94 -44.91
N SER A 426 -35.51 -57.78 -45.36
CA SER A 426 -36.18 -56.49 -45.64
C SER A 426 -37.38 -56.36 -44.71
N ALA A 427 -37.15 -55.95 -43.46
CA ALA A 427 -38.16 -55.91 -42.38
C ALA A 427 -39.05 -54.68 -42.51
N TRP A 428 -38.63 -53.67 -43.28
CA TRP A 428 -39.40 -52.40 -43.45
C TRP A 428 -39.42 -52.00 -44.92
N SER A 429 -40.49 -51.36 -45.36
CA SER A 429 -40.59 -50.70 -46.69
C SER A 429 -39.58 -49.55 -46.75
N ARG A 430 -39.10 -49.25 -47.96
CA ARG A 430 -38.26 -48.07 -48.27
C ARG A 430 -38.93 -46.81 -47.71
N GLU A 431 -40.25 -46.70 -47.86
CA GLU A 431 -41.07 -45.55 -47.41
C GLU A 431 -40.92 -45.40 -45.89
N GLU A 432 -41.10 -46.47 -45.11
CA GLU A 432 -40.99 -46.44 -43.63
C GLU A 432 -39.58 -45.94 -43.25
N ILE A 433 -38.54 -46.43 -43.92
CA ILE A 433 -37.12 -46.14 -43.57
C ILE A 433 -36.82 -44.67 -43.90
N LEU A 434 -37.34 -44.16 -45.01
CA LEU A 434 -37.12 -42.75 -45.44
C LEU A 434 -37.79 -41.79 -44.46
N ASP A 435 -39.02 -42.07 -44.02
CA ASP A 435 -39.69 -41.31 -42.94
C ASP A 435 -38.84 -41.37 -41.66
N ASP A 436 -38.34 -42.55 -41.31
CA ASP A 436 -37.60 -42.79 -40.05
C ASP A 436 -36.28 -42.00 -40.08
N VAL A 437 -35.52 -42.06 -41.17
CA VAL A 437 -34.16 -41.48 -41.25
C VAL A 437 -34.26 -39.94 -41.17
N VAL A 438 -35.31 -39.34 -41.73
CA VAL A 438 -35.53 -37.86 -41.71
C VAL A 438 -35.92 -37.46 -40.28
N ARG A 439 -36.81 -38.24 -39.67
CA ARG A 439 -37.28 -38.00 -38.29
C ARG A 439 -36.07 -38.06 -37.33
N HIS A 440 -35.24 -39.09 -37.45
CA HIS A 440 -34.06 -39.32 -36.59
C HIS A 440 -33.03 -38.20 -36.84
N THR A 441 -32.86 -37.78 -38.09
CA THR A 441 -31.96 -36.65 -38.45
C THR A 441 -32.42 -35.41 -37.70
N MET A 442 -33.71 -35.09 -37.76
CA MET A 442 -34.30 -33.93 -37.05
C MET A 442 -34.09 -34.09 -35.55
N ALA A 443 -34.22 -35.31 -35.04
CA ALA A 443 -34.05 -35.62 -33.59
C ALA A 443 -32.65 -35.26 -33.11
N THR A 444 -31.61 -35.39 -33.94
CA THR A 444 -30.21 -35.05 -33.54
C THR A 444 -30.17 -33.55 -33.17
N GLY A 445 -31.02 -32.74 -33.79
CA GLY A 445 -31.15 -31.30 -33.48
C GLY A 445 -31.82 -31.09 -32.14
N TYR A 446 -32.98 -31.69 -31.92
CA TYR A 446 -33.80 -31.48 -30.71
C TYR A 446 -33.08 -32.07 -29.49
N GLU A 447 -32.22 -33.07 -29.69
CA GLU A 447 -31.51 -33.77 -28.59
C GLU A 447 -30.29 -32.96 -28.13
N PHE A 448 -29.83 -32.00 -28.94
CA PHE A 448 -28.55 -31.29 -28.67
C PHE A 448 -28.61 -30.55 -27.33
N PRO A 449 -29.65 -29.76 -26.99
CA PRO A 449 -30.72 -29.35 -27.89
C PRO A 449 -30.32 -28.06 -28.61
N TRP A 450 -30.70 -27.90 -29.88
CA TRP A 450 -30.38 -26.68 -30.64
C TRP A 450 -31.31 -25.53 -30.21
N ARG A 451 -30.90 -24.31 -30.55
CA ARG A 451 -31.77 -23.11 -30.52
C ARG A 451 -31.61 -22.42 -31.87
N LEU A 452 -32.69 -22.32 -32.62
CA LEU A 452 -32.62 -21.74 -33.99
C LEU A 452 -33.95 -21.10 -34.35
N PRO A 453 -33.99 -20.29 -35.41
CA PRO A 453 -35.22 -19.62 -35.82
C PRO A 453 -36.28 -20.70 -36.10
N LEU A 454 -37.53 -20.40 -35.78
CA LEU A 454 -38.64 -21.38 -35.88
C LEU A 454 -38.91 -21.80 -37.33
N GLU A 455 -38.53 -21.03 -38.35
CA GLU A 455 -38.75 -21.45 -39.77
C GLU A 455 -37.82 -22.62 -40.13
N TRP A 456 -36.66 -22.72 -39.46
CA TRP A 456 -35.52 -23.55 -39.94
C TRP A 456 -35.84 -25.04 -39.86
N PRO A 457 -36.39 -25.57 -38.76
CA PRO A 457 -36.72 -27.00 -38.71
C PRO A 457 -37.65 -27.44 -39.85
N HIS A 458 -38.66 -26.63 -40.20
CA HIS A 458 -39.58 -26.93 -41.33
C HIS A 458 -38.78 -26.97 -42.64
N MET A 459 -37.89 -25.99 -42.88
CA MET A 459 -37.00 -25.99 -44.07
C MET A 459 -36.18 -27.29 -44.14
N MET A 460 -35.54 -27.67 -43.03
CA MET A 460 -34.64 -28.86 -43.00
C MET A 460 -35.47 -30.13 -43.26
N GLU A 461 -36.64 -30.27 -42.62
CA GLU A 461 -37.55 -31.43 -42.82
C GLU A 461 -37.74 -31.63 -44.33
N THR A 462 -38.13 -30.58 -45.07
CA THR A 462 -38.52 -30.73 -46.51
C THR A 462 -37.25 -30.97 -47.34
N PHE A 463 -36.11 -30.33 -47.02
CA PHE A 463 -34.89 -30.41 -47.87
C PHE A 463 -34.08 -31.70 -47.60
N LEU A 464 -34.39 -32.44 -46.54
CA LEU A 464 -33.72 -33.74 -46.21
C LEU A 464 -34.36 -34.90 -46.99
N GLN A 465 -35.64 -34.80 -47.33
CA GLN A 465 -36.42 -35.91 -47.95
C GLN A 465 -35.80 -36.34 -49.29
N GLY A 466 -35.61 -35.38 -50.19
CA GLY A 466 -35.07 -35.59 -51.55
C GLY A 466 -33.75 -36.37 -51.53
N PRO A 467 -32.68 -35.84 -50.89
CA PRO A 467 -31.38 -36.51 -50.87
C PRO A 467 -31.40 -37.95 -50.34
N PHE A 468 -32.17 -38.23 -49.29
CA PHE A 468 -32.26 -39.60 -48.70
C PHE A 468 -33.05 -40.51 -49.66
N ALA A 469 -34.11 -40.01 -50.29
CA ALA A 469 -34.90 -40.77 -51.32
C ALA A 469 -33.99 -41.13 -52.49
N GLU A 470 -33.16 -40.20 -52.94
CA GLU A 470 -32.20 -40.35 -54.06
C GLU A 470 -31.14 -41.41 -53.71
N LEU A 471 -30.62 -41.37 -52.48
CA LEU A 471 -29.58 -42.33 -52.02
C LEU A 471 -30.16 -43.75 -52.02
N ALA A 472 -31.34 -43.93 -51.44
CA ALA A 472 -32.03 -45.23 -51.30
C ALA A 472 -32.24 -45.86 -52.69
N ASP A 473 -32.67 -45.05 -53.67
CA ASP A 473 -32.96 -45.48 -55.05
C ASP A 473 -31.67 -45.89 -55.78
N ARG A 474 -30.60 -45.13 -55.54
CA ARG A 474 -29.27 -45.34 -56.18
C ARG A 474 -28.61 -46.61 -55.63
N LEU A 475 -28.86 -46.98 -54.37
CA LEU A 475 -28.09 -48.03 -53.66
C LEU A 475 -28.49 -49.42 -54.17
N SER A 476 -29.77 -49.65 -54.42
CA SER A 476 -30.32 -50.98 -54.80
C SER A 476 -31.79 -50.85 -55.19
N ASP A 477 -32.23 -51.72 -56.11
CA ASP A 477 -33.65 -51.85 -56.55
C ASP A 477 -34.44 -52.66 -55.51
N THR A 478 -33.76 -53.37 -54.60
CA THR A 478 -34.42 -54.39 -53.75
C THR A 478 -34.14 -54.11 -52.27
N TYR A 479 -32.88 -53.90 -51.87
CA TYR A 479 -32.49 -53.72 -50.45
C TYR A 479 -32.49 -52.24 -50.07
N THR A 480 -32.98 -51.94 -48.87
CA THR A 480 -32.88 -50.61 -48.22
C THR A 480 -32.19 -50.75 -46.86
N PRO A 481 -31.04 -50.06 -46.64
CA PRO A 481 -30.36 -50.10 -45.34
C PRO A 481 -31.26 -49.48 -44.27
N PRO A 482 -31.31 -50.02 -43.05
CA PRO A 482 -32.04 -49.36 -41.95
C PRO A 482 -31.47 -47.96 -41.69
N ALA A 483 -32.24 -47.11 -41.01
CA ALA A 483 -31.97 -45.65 -40.86
C ALA A 483 -30.55 -45.45 -40.29
N ASP A 484 -30.19 -46.16 -39.22
CA ASP A 484 -28.88 -46.05 -38.53
C ASP A 484 -27.75 -46.15 -39.55
N LEU A 485 -27.86 -47.11 -40.47
CA LEU A 485 -26.82 -47.39 -41.48
C LEU A 485 -26.96 -46.43 -42.66
N MET A 486 -28.19 -46.04 -43.00
CA MET A 486 -28.43 -45.15 -44.16
C MET A 486 -27.76 -43.79 -43.94
N THR A 487 -27.84 -43.22 -42.74
CA THR A 487 -27.20 -41.91 -42.44
C THR A 487 -25.68 -42.07 -42.54
N ALA A 488 -25.12 -43.19 -42.10
CA ALA A 488 -23.67 -43.46 -42.21
C ALA A 488 -23.28 -43.49 -43.69
N ILE A 489 -24.09 -44.16 -44.52
CA ILE A 489 -23.81 -44.28 -45.97
C ILE A 489 -23.94 -42.90 -46.60
N MET A 490 -24.97 -42.13 -46.24
CA MET A 490 -25.21 -40.76 -46.78
C MET A 490 -23.94 -39.90 -46.63
N PHE A 491 -23.23 -40.01 -45.51
CA PHE A 491 -22.09 -39.11 -45.16
C PHE A 491 -20.76 -39.84 -45.27
N SER A 492 -20.72 -40.96 -46.01
CA SER A 492 -19.48 -41.70 -46.37
C SER A 492 -18.94 -41.16 -47.69
N GLU A 493 -17.75 -41.59 -48.12
CA GLU A 493 -17.14 -41.20 -49.42
C GLU A 493 -17.91 -41.83 -50.59
N ARG A 494 -17.85 -41.24 -51.78
CA ARG A 494 -18.46 -41.78 -53.03
C ARG A 494 -17.98 -43.21 -53.30
N GLU A 495 -16.69 -43.48 -53.08
CA GLU A 495 -16.06 -44.81 -53.32
C GLU A 495 -16.76 -45.84 -52.44
N GLN A 496 -17.03 -45.50 -51.17
CA GLN A 496 -17.64 -46.39 -50.16
C GLN A 496 -19.11 -46.66 -50.52
N GLN A 497 -19.81 -45.66 -51.05
CA GLN A 497 -21.20 -45.80 -51.55
C GLN A 497 -21.24 -46.75 -52.75
N ASP A 498 -20.33 -46.56 -53.70
CA ASP A 498 -20.24 -47.37 -54.95
C ASP A 498 -19.94 -48.83 -54.57
N GLU A 499 -19.02 -49.05 -53.63
CA GLU A 499 -18.68 -50.39 -53.09
C GLU A 499 -19.94 -51.05 -52.51
N LEU A 500 -20.79 -50.29 -51.81
CA LEU A 500 -22.06 -50.81 -51.22
C LEU A 500 -23.05 -51.15 -52.35
N ILE A 501 -23.09 -50.36 -53.44
CA ILE A 501 -23.98 -50.63 -54.61
C ILE A 501 -23.59 -51.99 -55.20
N ALA A 502 -22.28 -52.25 -55.36
CA ALA A 502 -21.69 -53.51 -55.86
C ALA A 502 -22.05 -54.64 -54.89
N TYR A 503 -21.83 -54.47 -53.58
CA TYR A 503 -22.15 -55.48 -52.53
C TYR A 503 -23.62 -55.88 -52.66
N TYR A 504 -24.54 -54.91 -52.64
CA TYR A 504 -26.00 -55.15 -52.69
C TYR A 504 -26.37 -55.91 -53.97
N ALA A 505 -25.76 -55.55 -55.10
CA ALA A 505 -25.97 -56.18 -56.42
C ALA A 505 -25.48 -57.64 -56.38
N ASP A 506 -24.26 -57.87 -55.87
CA ASP A 506 -23.65 -59.23 -55.76
C ASP A 506 -24.49 -60.11 -54.83
N VAL A 507 -25.12 -59.54 -53.80
CA VAL A 507 -25.98 -60.30 -52.84
C VAL A 507 -27.27 -60.70 -53.58
N HIS A 508 -27.84 -59.79 -54.40
CA HIS A 508 -29.06 -60.05 -55.20
C HIS A 508 -28.81 -61.22 -56.16
N ARG A 509 -27.68 -61.19 -56.88
CA ARG A 509 -27.29 -62.24 -57.87
C ARG A 509 -27.15 -63.59 -57.15
N GLU A 510 -26.64 -63.61 -55.92
CA GLU A 510 -26.38 -64.85 -55.14
C GLU A 510 -27.71 -65.50 -54.70
N TRP A 511 -28.76 -64.71 -54.43
CA TRP A 511 -29.96 -65.17 -53.68
C TRP A 511 -31.24 -65.16 -54.55
N HIS A 512 -31.37 -64.25 -55.51
CA HIS A 512 -32.47 -64.22 -56.53
C HIS A 512 -32.12 -65.24 -57.61
N THR B 32 30.81 -32.72 -2.82
CA THR B 32 29.75 -33.25 -1.94
C THR B 32 28.43 -33.35 -2.77
N ASP B 33 27.59 -34.33 -2.40
CA ASP B 33 26.47 -34.85 -3.22
C ASP B 33 25.36 -33.80 -3.33
N VAL B 34 24.75 -33.71 -4.51
CA VAL B 34 23.53 -32.88 -4.77
C VAL B 34 22.34 -33.84 -5.03
N ILE B 35 21.22 -33.61 -4.36
CA ILE B 35 19.93 -34.28 -4.62
C ILE B 35 18.93 -33.23 -5.14
N VAL B 36 18.39 -33.44 -6.35
CA VAL B 36 17.23 -32.69 -6.89
C VAL B 36 15.97 -33.51 -6.59
N VAL B 37 15.05 -32.95 -5.81
CA VAL B 37 13.72 -33.57 -5.50
C VAL B 37 12.72 -33.05 -6.54
N GLY B 38 12.37 -33.89 -7.53
CA GLY B 38 11.34 -33.60 -8.54
C GLY B 38 11.86 -33.81 -9.95
N ASN B 39 11.02 -34.36 -10.81
CA ASN B 39 11.42 -34.80 -12.17
C ASN B 39 10.52 -34.13 -13.21
N GLY B 40 10.04 -32.93 -12.90
CA GLY B 40 9.41 -32.04 -13.90
C GLY B 40 10.46 -31.33 -14.72
N VAL B 41 10.05 -30.34 -15.51
CA VAL B 41 11.00 -29.52 -16.34
C VAL B 41 11.97 -28.78 -15.42
N LEU B 42 11.54 -28.29 -14.26
CA LEU B 42 12.41 -27.45 -13.39
C LEU B 42 13.50 -28.33 -12.77
N GLY B 43 13.11 -29.42 -12.10
CA GLY B 43 14.04 -30.39 -11.50
C GLY B 43 15.07 -30.87 -12.50
N LEU B 44 14.62 -31.36 -13.65
CA LEU B 44 15.51 -31.94 -14.69
C LEU B 44 16.39 -30.84 -15.30
N SER B 45 15.87 -29.63 -15.46
CA SER B 45 16.62 -28.51 -16.09
C SER B 45 17.76 -28.08 -15.14
N VAL B 46 17.49 -27.95 -13.85
CA VAL B 46 18.52 -27.59 -12.83
C VAL B 46 19.48 -28.78 -12.70
N GLY B 47 18.96 -30.01 -12.72
CA GLY B 47 19.75 -31.26 -12.70
C GLY B 47 20.77 -31.28 -13.84
N VAL B 48 20.32 -31.01 -15.06
CA VAL B 48 21.19 -30.99 -16.27
C VAL B 48 22.28 -29.93 -16.07
N GLU B 49 21.93 -28.74 -15.57
CA GLU B 49 22.85 -27.58 -15.47
C GLU B 49 23.88 -27.81 -14.36
N ILE B 50 23.46 -28.38 -13.22
CA ILE B 50 24.38 -28.77 -12.12
C ILE B 50 25.38 -29.80 -12.65
N ALA B 51 24.89 -30.91 -13.21
CA ALA B 51 25.72 -32.03 -13.74
C ALA B 51 26.73 -31.50 -14.76
N ARG B 52 26.33 -30.58 -15.64
CA ARG B 52 27.15 -30.06 -16.77
C ARG B 52 28.26 -29.14 -16.25
N THR B 53 27.99 -28.30 -15.25
CA THR B 53 28.90 -27.21 -14.80
C THR B 53 29.71 -27.64 -13.55
N ARG B 54 29.36 -28.77 -12.93
CA ARG B 54 30.08 -29.31 -11.73
C ARG B 54 30.36 -30.80 -11.94
N PRO B 55 31.28 -31.18 -12.86
CA PRO B 55 31.53 -32.60 -13.16
C PRO B 55 32.15 -33.37 -12.00
N ASP B 56 32.72 -32.64 -11.02
CA ASP B 56 33.32 -33.15 -9.76
C ASP B 56 32.26 -33.86 -8.89
N VAL B 57 31.04 -33.30 -8.77
CA VAL B 57 30.03 -33.72 -7.75
C VAL B 57 29.04 -34.73 -8.35
N ARG B 58 28.49 -35.59 -7.48
CA ARG B 58 27.42 -36.56 -7.80
C ARG B 58 26.05 -35.88 -7.62
N VAL B 59 25.29 -35.75 -8.71
CA VAL B 59 23.91 -35.19 -8.68
C VAL B 59 22.91 -36.33 -8.92
N THR B 60 22.02 -36.56 -7.96
CA THR B 60 20.94 -37.56 -7.97
C THR B 60 19.59 -36.85 -8.09
N LEU B 61 18.70 -37.30 -8.99
CA LEU B 61 17.38 -36.69 -9.22
C LEU B 61 16.29 -37.71 -8.88
N LEU B 62 15.38 -37.34 -7.97
CA LEU B 62 14.27 -38.17 -7.44
C LEU B 62 12.99 -37.88 -8.22
N GLY B 63 11.99 -38.76 -8.11
CA GLY B 63 10.69 -38.69 -8.81
C GLY B 63 10.47 -39.90 -9.71
N LYS B 64 9.19 -40.29 -9.90
CA LYS B 64 8.78 -41.54 -10.56
C LYS B 64 8.34 -41.26 -12.00
N PRO B 65 8.32 -42.26 -12.90
CA PRO B 65 7.82 -42.08 -14.27
C PRO B 65 6.34 -41.69 -14.35
N ALA B 66 5.52 -42.08 -13.37
CA ALA B 66 4.09 -41.73 -13.25
C ALA B 66 3.90 -40.20 -13.28
N ARG B 67 4.85 -39.44 -12.73
CA ARG B 67 4.77 -37.95 -12.61
C ARG B 67 3.38 -37.56 -12.12
N GLN B 68 2.99 -38.03 -10.93
CA GLN B 68 1.66 -37.75 -10.33
C GLN B 68 1.51 -36.24 -10.12
N TYR B 69 0.40 -35.68 -10.59
CA TYR B 69 0.01 -34.24 -10.53
C TYR B 69 0.95 -33.38 -11.39
N GLY B 70 1.79 -34.00 -12.22
CA GLY B 70 2.86 -33.33 -12.98
C GLY B 70 2.30 -32.32 -13.96
N ALA B 71 2.70 -31.05 -13.81
CA ALA B 71 2.33 -29.93 -14.71
C ALA B 71 2.95 -30.15 -16.11
N THR B 72 4.24 -30.46 -16.14
CA THR B 72 5.06 -30.50 -17.39
C THR B 72 4.42 -31.43 -18.42
N PRO B 73 4.12 -32.72 -18.11
CA PRO B 73 3.60 -33.63 -19.14
C PRO B 73 2.21 -33.21 -19.65
N ALA B 74 1.45 -32.44 -18.86
CA ALA B 74 0.12 -31.92 -19.23
C ALA B 74 0.23 -30.63 -20.06
N ALA B 75 1.43 -30.09 -20.23
CA ALA B 75 1.67 -28.79 -20.92
C ALA B 75 1.86 -29.04 -22.42
N GLY B 76 1.59 -28.02 -23.23
CA GLY B 76 1.60 -28.11 -24.70
C GLY B 76 3.00 -28.39 -25.26
N ALA B 77 3.93 -27.44 -25.09
CA ALA B 77 3.76 -26.24 -24.28
C ALA B 77 4.21 -25.01 -25.08
N MET B 78 3.57 -23.88 -24.82
CA MET B 78 3.96 -22.57 -25.43
C MET B 78 5.20 -22.01 -24.73
N LEU B 79 6.15 -21.48 -25.50
CA LEU B 79 7.24 -20.63 -24.94
C LEU B 79 6.69 -19.21 -24.81
N GLY B 80 5.82 -19.02 -23.82
CA GLY B 80 4.97 -17.82 -23.66
C GLY B 80 5.72 -16.68 -22.97
N ALA B 81 5.88 -15.57 -23.69
CA ALA B 81 6.44 -14.29 -23.22
C ALA B 81 5.43 -13.17 -23.45
N PHE B 82 5.25 -12.74 -24.71
CA PHE B 82 4.27 -11.70 -25.09
C PHE B 82 2.84 -12.25 -25.00
N GLY B 83 2.62 -13.51 -25.40
CA GLY B 83 1.31 -14.19 -25.30
C GLY B 83 0.76 -14.20 -23.89
N GLU B 84 1.64 -14.15 -22.87
CA GLU B 84 1.25 -14.21 -21.42
C GLU B 84 0.93 -12.81 -20.89
N VAL B 85 1.14 -11.75 -21.67
CA VAL B 85 0.90 -10.34 -21.22
C VAL B 85 -0.60 -10.15 -20.95
N THR B 86 -0.94 -9.67 -19.76
CA THR B 86 -2.28 -9.12 -19.39
C THR B 86 -2.10 -7.68 -18.90
N ALA B 87 -3.12 -6.83 -19.11
CA ALA B 87 -3.19 -5.45 -18.56
C ALA B 87 -2.89 -5.49 -17.05
N HIS B 88 -3.47 -6.43 -16.31
CA HIS B 88 -3.33 -6.58 -14.83
C HIS B 88 -1.86 -6.85 -14.44
N ALA B 89 -1.17 -7.72 -15.18
CA ALA B 89 0.25 -8.09 -14.92
C ALA B 89 1.13 -6.85 -15.08
N LEU B 90 0.96 -6.10 -16.18
CA LEU B 90 1.81 -4.93 -16.56
C LEU B 90 1.39 -3.64 -15.84
N ALA B 91 0.55 -3.74 -14.79
CA ALA B 91 0.12 -2.59 -13.96
C ALA B 91 0.81 -2.65 -12.59
N SER B 92 1.44 -3.78 -12.24
CA SER B 92 2.22 -3.98 -10.99
C SER B 92 3.71 -4.07 -11.32
N GLU B 93 4.55 -3.55 -10.42
CA GLU B 93 6.04 -3.60 -10.52
C GLU B 93 6.45 -5.07 -10.69
N HIS B 94 5.96 -5.94 -9.79
CA HIS B 94 6.29 -7.38 -9.73
C HIS B 94 5.92 -8.07 -11.06
N GLY B 95 4.79 -7.71 -11.66
CA GLY B 95 4.33 -8.24 -12.96
C GLY B 95 5.22 -7.84 -14.12
N ARG B 96 5.72 -6.60 -14.14
CA ARG B 96 6.59 -6.09 -15.23
C ARG B 96 7.97 -6.78 -15.18
N LYS B 97 8.44 -7.14 -13.98
CA LYS B 97 9.69 -7.90 -13.76
C LYS B 97 9.57 -9.30 -14.36
N LYS B 98 8.52 -10.05 -13.97
CA LYS B 98 8.19 -11.40 -14.49
C LYS B 98 8.19 -11.37 -16.02
N HIS B 99 7.54 -10.37 -16.62
CA HIS B 99 7.48 -10.23 -18.09
C HIS B 99 8.91 -10.13 -18.64
N ALA B 100 9.74 -9.27 -18.05
CA ALA B 100 11.13 -9.01 -18.50
C ALA B 100 11.92 -10.33 -18.51
N LEU B 101 11.81 -11.10 -17.43
CA LEU B 101 12.47 -12.43 -17.27
C LEU B 101 12.04 -13.40 -18.38
N ALA B 102 10.74 -13.42 -18.70
CA ALA B 102 10.15 -14.27 -19.76
C ALA B 102 10.78 -13.91 -21.11
N VAL B 103 11.01 -12.64 -21.36
CA VAL B 103 11.65 -12.13 -22.62
C VAL B 103 13.10 -12.63 -22.64
N GLN B 104 13.81 -12.54 -21.50
CA GLN B 104 15.21 -13.01 -21.35
C GLN B 104 15.26 -14.52 -21.59
N ALA B 105 14.36 -15.28 -20.98
CA ALA B 105 14.27 -16.76 -21.10
C ALA B 105 14.15 -17.15 -22.58
N GLN B 106 13.36 -16.42 -23.36
CA GLN B 106 13.11 -16.70 -24.80
C GLN B 106 14.43 -16.81 -25.56
N ARG B 107 15.40 -15.94 -25.25
CA ARG B 107 16.69 -15.85 -25.98
C ARG B 107 17.54 -17.09 -25.74
N LEU B 108 17.36 -17.79 -24.62
CA LEU B 108 18.16 -18.99 -24.24
C LEU B 108 17.67 -20.25 -24.99
N TRP B 109 16.45 -20.26 -25.52
CA TRP B 109 15.78 -21.53 -25.96
C TRP B 109 16.49 -22.15 -27.16
N PRO B 110 16.85 -21.40 -28.23
CA PRO B 110 17.51 -22.02 -29.39
C PRO B 110 18.76 -22.83 -29.04
N GLU B 111 19.66 -22.31 -28.20
CA GLU B 111 20.93 -22.99 -27.83
C GLU B 111 20.64 -24.12 -26.83
N TRP B 112 19.64 -23.94 -25.96
CA TRP B 112 19.22 -24.92 -24.93
C TRP B 112 18.71 -26.19 -25.63
N ILE B 113 17.88 -26.03 -26.65
CA ILE B 113 17.30 -27.13 -27.47
C ILE B 113 18.44 -27.84 -28.22
N GLU B 114 19.28 -27.07 -28.91
CA GLU B 114 20.47 -27.58 -29.65
C GLU B 114 21.29 -28.50 -28.73
N SER B 115 21.55 -28.05 -27.50
CA SER B 115 22.41 -28.75 -26.51
C SER B 115 21.69 -29.98 -25.94
N LEU B 116 20.35 -30.02 -25.99
CA LEU B 116 19.56 -31.17 -25.48
C LEU B 116 19.38 -32.21 -26.60
N GLU B 117 19.14 -31.76 -27.83
CA GLU B 117 18.99 -32.66 -29.01
C GLU B 117 20.35 -33.29 -29.38
N ALA B 118 21.46 -32.61 -29.06
CA ALA B 118 22.84 -33.05 -29.36
C ALA B 118 23.15 -34.41 -28.70
N THR B 119 22.52 -34.71 -27.55
CA THR B 119 22.73 -35.94 -26.76
C THR B 119 21.88 -37.09 -27.29
N GLY B 120 21.09 -36.87 -28.35
CA GLY B 120 20.19 -37.88 -28.94
C GLY B 120 20.43 -38.06 -30.42
N THR B 121 19.51 -38.75 -31.09
CA THR B 121 19.58 -39.05 -32.55
C THR B 121 18.26 -38.63 -33.21
N ALA B 122 18.23 -38.66 -34.56
CA ALA B 122 17.07 -38.27 -35.40
C ALA B 122 15.76 -38.85 -34.83
N ALA B 123 15.77 -40.13 -34.43
CA ALA B 123 14.56 -40.93 -34.11
C ALA B 123 13.94 -40.50 -32.76
N ASP B 124 14.66 -39.70 -31.95
CA ASP B 124 14.15 -39.18 -30.65
C ASP B 124 13.14 -38.03 -30.90
N GLY B 125 13.13 -37.46 -32.10
CA GLY B 125 12.14 -36.43 -32.51
C GLY B 125 12.58 -35.02 -32.12
N ARG B 126 11.86 -34.02 -32.61
CA ARG B 126 12.22 -32.58 -32.45
C ARG B 126 11.51 -32.02 -31.22
N ILE B 127 12.25 -31.30 -30.36
CA ILE B 127 11.69 -30.59 -29.18
C ILE B 127 10.79 -29.45 -29.65
N LYS B 128 11.25 -28.65 -30.62
CA LYS B 128 10.51 -27.46 -31.13
C LYS B 128 9.41 -27.95 -32.08
N THR B 129 8.17 -27.49 -31.88
CA THR B 129 7.01 -27.83 -32.76
C THR B 129 6.52 -26.60 -33.54
N ALA B 130 6.88 -25.38 -33.13
CA ALA B 130 6.57 -24.14 -33.89
C ALA B 130 7.52 -23.00 -33.50
N ASP B 131 7.74 -22.06 -34.41
CA ASP B 131 8.59 -20.87 -34.19
C ASP B 131 7.73 -19.66 -33.83
N ASP B 132 6.49 -19.61 -34.32
CA ASP B 132 5.63 -18.40 -34.24
C ASP B 132 4.30 -18.72 -33.54
N THR B 133 3.64 -17.69 -33.02
CA THR B 133 2.35 -17.73 -32.33
C THR B 133 1.41 -16.73 -33.00
N VAL B 134 0.14 -17.12 -33.22
CA VAL B 134 -0.92 -16.15 -33.60
C VAL B 134 -1.85 -16.00 -32.40
N VAL B 135 -2.00 -14.77 -31.90
CA VAL B 135 -2.98 -14.41 -30.84
C VAL B 135 -4.27 -13.97 -31.54
N LEU B 136 -5.38 -14.60 -31.18
CA LEU B 136 -6.72 -14.39 -31.79
C LEU B 136 -7.59 -13.61 -30.80
N LEU B 137 -8.32 -12.62 -31.30
CA LEU B 137 -9.36 -11.91 -30.51
C LEU B 137 -10.73 -12.25 -31.09
N ASN B 138 -11.57 -12.90 -30.28
CA ASN B 138 -12.99 -13.22 -30.60
C ASN B 138 -13.86 -12.63 -29.48
N THR B 139 -15.18 -12.76 -29.58
CA THR B 139 -16.12 -12.16 -28.59
C THR B 139 -16.65 -13.23 -27.64
N VAL B 140 -15.99 -14.39 -27.55
CA VAL B 140 -16.43 -15.47 -26.61
C VAL B 140 -15.68 -15.27 -25.28
N GLY B 141 -15.89 -14.13 -24.66
CA GLY B 141 -15.25 -13.76 -23.38
C GLY B 141 -15.64 -12.37 -22.95
N HIS B 142 -15.09 -11.91 -21.84
CA HIS B 142 -15.37 -10.58 -21.27
C HIS B 142 -14.55 -9.55 -22.02
N SER B 143 -15.16 -8.45 -22.46
CA SER B 143 -14.46 -7.26 -23.03
C SER B 143 -13.43 -6.74 -22.01
N ALA B 144 -13.75 -6.78 -20.72
CA ALA B 144 -12.91 -6.23 -19.62
C ALA B 144 -11.60 -7.02 -19.49
N LEU B 145 -11.54 -8.28 -19.94
CA LEU B 145 -10.29 -9.08 -19.97
C LEU B 145 -9.73 -9.06 -21.39
N ASP B 146 -10.47 -9.61 -22.36
CA ASP B 146 -9.93 -9.94 -23.70
C ASP B 146 -9.56 -8.65 -24.46
N ASP B 147 -10.39 -7.60 -24.41
CA ASP B 147 -10.09 -6.33 -25.16
C ASP B 147 -8.86 -5.67 -24.50
N ALA B 148 -8.86 -5.56 -23.17
CA ALA B 148 -7.75 -4.93 -22.41
C ALA B 148 -6.45 -5.70 -22.65
N ASN B 149 -6.51 -7.04 -22.65
CA ASN B 149 -5.31 -7.91 -22.72
C ASN B 149 -4.75 -7.90 -24.16
N PHE B 150 -5.61 -7.84 -25.16
CA PHE B 150 -5.14 -7.77 -26.58
C PHE B 150 -4.34 -6.48 -26.77
N ALA B 151 -4.86 -5.35 -26.26
CA ALA B 151 -4.22 -4.01 -26.31
C ALA B 151 -2.89 -4.05 -25.57
N ALA B 152 -2.83 -4.67 -24.39
CA ALA B 152 -1.62 -4.80 -23.54
C ALA B 152 -0.55 -5.63 -24.25
N VAL B 153 -0.93 -6.68 -24.99
CA VAL B 153 0.02 -7.55 -25.74
C VAL B 153 0.64 -6.71 -26.86
N LEU B 154 -0.22 -6.02 -27.63
CA LEU B 154 0.17 -5.13 -28.75
C LEU B 154 1.17 -4.09 -28.22
N THR B 155 0.85 -3.48 -27.07
CA THR B 155 1.67 -2.43 -26.42
C THR B 155 3.03 -3.02 -26.05
N ALA B 156 3.06 -4.14 -25.33
CA ALA B 156 4.29 -4.78 -24.79
C ALA B 156 5.22 -5.18 -25.94
N LEU B 157 4.66 -5.64 -27.08
CA LEU B 157 5.43 -5.98 -28.30
C LEU B 157 6.09 -4.72 -28.87
N LYS B 158 5.34 -3.62 -28.95
CA LYS B 158 5.81 -2.31 -29.46
C LYS B 158 6.94 -1.79 -28.56
N GLU B 159 6.73 -1.76 -27.24
CA GLU B 159 7.73 -1.31 -26.22
C GLU B 159 9.06 -2.06 -26.40
N ALA B 160 9.01 -3.39 -26.57
CA ALA B 160 10.21 -4.27 -26.64
C ALA B 160 10.80 -4.29 -28.06
N ASN B 161 10.18 -3.62 -29.02
CA ASN B 161 10.61 -3.61 -30.45
C ASN B 161 10.69 -5.06 -30.97
N ALA B 162 9.79 -5.92 -30.49
CA ALA B 162 9.71 -7.35 -30.86
C ALA B 162 9.07 -7.48 -32.24
N PRO B 163 9.56 -8.40 -33.09
CA PRO B 163 8.98 -8.58 -34.43
C PRO B 163 7.59 -9.23 -34.34
N HIS B 164 6.60 -8.59 -34.97
CA HIS B 164 5.17 -8.95 -34.91
C HIS B 164 4.43 -8.15 -35.98
N GLU B 165 3.24 -8.58 -36.38
CA GLU B 165 2.30 -7.67 -37.08
C GLU B 165 0.85 -8.12 -36.84
N GLU B 166 -0.04 -7.15 -36.75
CA GLU B 166 -1.50 -7.38 -36.82
C GLU B 166 -1.81 -7.80 -38.24
N ILE B 167 -2.42 -8.97 -38.42
CA ILE B 167 -2.71 -9.56 -39.76
C ILE B 167 -4.21 -9.69 -39.92
N ALA B 168 -4.66 -9.79 -41.16
CA ALA B 168 -6.07 -10.09 -41.52
C ALA B 168 -6.36 -11.51 -41.00
N VAL B 169 -7.53 -11.71 -40.42
CA VAL B 169 -7.94 -13.04 -39.87
C VAL B 169 -7.99 -14.06 -41.01
N GLU B 170 -8.37 -13.63 -42.22
CA GLU B 170 -8.47 -14.49 -43.44
C GLU B 170 -7.08 -15.04 -43.80
N SER B 171 -6.00 -14.41 -43.36
CA SER B 171 -4.61 -14.83 -43.65
C SER B 171 -4.07 -15.79 -42.56
N VAL B 172 -4.81 -16.05 -41.48
CA VAL B 172 -4.38 -17.07 -40.46
C VAL B 172 -4.63 -18.45 -41.07
N ASP B 173 -3.58 -19.27 -41.14
CA ASP B 173 -3.66 -20.60 -41.82
C ASP B 173 -4.36 -21.60 -40.89
N TRP B 174 -5.14 -22.49 -41.51
CA TRP B 174 -5.65 -23.75 -40.94
C TRP B 174 -7.00 -23.53 -40.25
N ILE B 175 -7.15 -22.49 -39.42
CA ILE B 175 -8.33 -22.30 -38.53
C ILE B 175 -9.61 -22.36 -39.36
N ASP B 176 -10.65 -22.95 -38.79
CA ASP B 176 -12.00 -23.05 -39.41
C ASP B 176 -13.03 -22.89 -38.30
N PRO B 177 -13.12 -21.69 -37.70
CA PRO B 177 -14.01 -21.47 -36.56
C PRO B 177 -15.48 -21.44 -36.99
N ASP B 178 -16.37 -21.75 -36.06
CA ASP B 178 -17.80 -21.36 -36.10
C ASP B 178 -17.86 -19.85 -36.33
N PRO B 179 -18.55 -19.36 -37.39
CA PRO B 179 -18.67 -17.92 -37.61
C PRO B 179 -19.07 -17.10 -36.38
N ASN B 180 -19.96 -17.63 -35.52
CA ASN B 180 -20.43 -16.91 -34.31
C ASN B 180 -19.34 -16.88 -33.23
N SER B 181 -18.25 -17.65 -33.38
CA SER B 181 -17.14 -17.73 -32.40
C SER B 181 -15.82 -17.27 -33.03
N ARG B 182 -15.88 -16.69 -34.23
CA ARG B 182 -14.66 -16.46 -35.06
C ARG B 182 -13.90 -15.26 -34.52
N PRO B 183 -12.58 -15.17 -34.78
CA PRO B 183 -11.81 -13.99 -34.43
C PRO B 183 -12.04 -12.89 -35.48
N LEU B 184 -11.98 -11.63 -35.06
CA LEU B 184 -12.09 -10.45 -35.97
C LEU B 184 -10.75 -9.71 -36.02
N ARG B 185 -9.83 -10.02 -35.11
CA ARG B 185 -8.46 -9.48 -35.09
C ARG B 185 -7.47 -10.60 -34.77
N ALA B 186 -6.27 -10.53 -35.34
CA ALA B 186 -5.22 -11.55 -35.20
C ALA B 186 -3.85 -10.87 -35.19
N LEU B 187 -2.95 -11.43 -34.40
CA LEU B 187 -1.62 -10.89 -34.06
C LEU B 187 -0.59 -12.01 -34.25
N HIS B 188 0.27 -11.89 -35.25
CA HIS B 188 1.41 -12.79 -35.55
C HIS B 188 2.62 -12.35 -34.71
N ILE B 189 3.07 -13.19 -33.77
CA ILE B 189 4.30 -12.94 -32.96
C ILE B 189 5.41 -13.87 -33.48
N GLU B 190 6.50 -13.27 -33.96
CA GLU B 190 7.63 -13.98 -34.60
C GLU B 190 8.61 -14.42 -33.50
N GLY B 191 9.07 -15.67 -33.53
CA GLY B 191 10.08 -16.19 -32.59
C GLY B 191 9.49 -16.52 -31.23
N GLU B 192 8.18 -16.54 -31.10
CA GLU B 192 7.44 -17.03 -29.90
C GLU B 192 6.74 -18.33 -30.32
N GLY B 193 7.22 -19.46 -29.84
CA GLY B 193 6.86 -20.77 -30.39
C GLY B 193 6.41 -21.75 -29.32
N SER B 194 6.61 -23.04 -29.58
CA SER B 194 6.18 -24.15 -28.71
C SER B 194 7.19 -25.30 -28.77
N VAL B 195 7.17 -26.11 -27.72
CA VAL B 195 7.93 -27.38 -27.62
C VAL B 195 6.94 -28.51 -27.32
N ASP B 196 7.25 -29.71 -27.76
CA ASP B 196 6.59 -30.96 -27.28
C ASP B 196 7.13 -31.25 -25.89
N SER B 197 6.32 -31.09 -24.85
CA SER B 197 6.73 -31.23 -23.44
C SER B 197 7.23 -32.65 -23.17
N GLY B 198 6.69 -33.65 -23.87
CA GLY B 198 7.05 -35.07 -23.70
C GLY B 198 8.44 -35.34 -24.25
N ILE B 199 8.73 -34.84 -25.45
CA ILE B 199 10.06 -34.96 -26.11
C ILE B 199 11.09 -34.14 -25.29
N LEU B 200 10.68 -32.98 -24.75
CA LEU B 200 11.54 -32.12 -23.90
C LEU B 200 11.96 -32.94 -22.65
N LEU B 201 11.01 -33.57 -21.97
CA LEU B 201 11.28 -34.37 -20.74
C LEU B 201 12.25 -35.52 -21.07
N ALA B 202 12.03 -36.24 -22.18
CA ALA B 202 12.87 -37.38 -22.61
C ALA B 202 14.30 -36.87 -22.88
N ALA B 203 14.41 -35.69 -23.53
CA ALA B 203 15.69 -35.06 -23.90
C ALA B 203 16.43 -34.57 -22.66
N LEU B 204 15.69 -34.09 -21.65
CA LEU B 204 16.27 -33.62 -20.38
C LEU B 204 16.83 -34.83 -19.61
N GLU B 205 16.05 -35.91 -19.52
CA GLU B 205 16.46 -37.17 -18.85
C GLU B 205 17.74 -37.71 -19.50
N ARG B 206 17.71 -37.83 -20.83
CA ARG B 206 18.84 -38.30 -21.65
C ARG B 206 20.07 -37.40 -21.41
N SER B 207 19.89 -36.08 -21.42
CA SER B 207 20.97 -35.07 -21.28
C SER B 207 21.54 -35.11 -19.86
N PHE B 208 20.70 -35.42 -18.88
CA PHE B 208 21.08 -35.52 -17.45
C PHE B 208 22.05 -36.71 -17.28
N LEU B 209 21.67 -37.87 -17.81
CA LEU B 209 22.48 -39.12 -17.77
C LEU B 209 23.82 -38.89 -18.50
N GLN B 210 23.78 -38.25 -19.67
CA GLN B 210 24.97 -37.94 -20.52
C GLN B 210 25.99 -37.11 -19.71
N ALA B 211 25.51 -36.22 -18.83
CA ALA B 211 26.35 -35.29 -18.05
C ALA B 211 26.73 -35.90 -16.70
N GLY B 212 26.37 -37.16 -16.44
CA GLY B 212 26.80 -37.92 -15.25
C GLY B 212 25.78 -37.91 -14.12
N GLY B 213 24.58 -37.38 -14.36
CA GLY B 213 23.48 -37.45 -13.39
C GLY B 213 22.99 -38.87 -13.18
N ARG B 214 22.47 -39.19 -11.99
CA ARG B 214 21.87 -40.51 -11.70
C ARG B 214 20.39 -40.30 -11.35
N LEU B 215 19.50 -41.02 -12.05
CA LEU B 215 18.02 -41.00 -11.83
C LEU B 215 17.66 -42.11 -10.86
N HIS B 216 17.10 -41.77 -9.69
CA HIS B 216 16.61 -42.72 -8.68
C HIS B 216 15.08 -42.60 -8.62
N PRO B 217 14.32 -43.55 -9.21
CA PRO B 217 12.88 -43.40 -9.38
C PRO B 217 12.08 -43.69 -8.11
N VAL B 218 12.30 -42.87 -7.07
CA VAL B 218 11.53 -42.88 -5.80
C VAL B 218 11.20 -41.42 -5.44
N ASP B 219 10.30 -41.23 -4.49
CA ASP B 219 9.87 -39.89 -4.00
C ASP B 219 10.56 -39.61 -2.66
N ALA B 220 10.95 -38.36 -2.43
CA ALA B 220 11.38 -37.86 -1.10
C ALA B 220 10.16 -37.85 -0.18
N THR B 221 10.31 -38.34 1.05
CA THR B 221 9.28 -38.30 2.12
C THR B 221 9.60 -37.16 3.11
N GLU B 222 10.87 -36.82 3.29
CA GLU B 222 11.35 -35.93 4.37
C GLU B 222 12.75 -35.40 4.03
N ILE B 223 12.98 -34.11 4.22
CA ILE B 223 14.33 -33.47 4.20
C ILE B 223 14.86 -33.49 5.63
N ARG B 224 16.06 -34.03 5.84
CA ARG B 224 16.73 -34.05 7.18
C ARG B 224 17.76 -32.92 7.23
N ALA B 225 17.67 -32.09 8.26
CA ALA B 225 18.61 -30.99 8.57
C ALA B 225 18.87 -30.99 10.08
N SER B 226 20.09 -30.64 10.48
CA SER B 226 20.47 -30.41 11.89
C SER B 226 21.53 -29.29 11.92
N HIS B 227 21.55 -28.52 13.01
CA HIS B 227 22.46 -27.36 13.21
C HIS B 227 22.44 -26.51 11.93
N GLY B 228 21.24 -26.24 11.40
CA GLY B 228 20.95 -25.32 10.28
C GLY B 228 21.65 -25.70 8.98
N ARG B 229 21.77 -27.00 8.68
CA ARG B 229 22.42 -27.51 7.44
C ARG B 229 21.66 -28.76 6.96
N VAL B 230 21.57 -28.97 5.64
CA VAL B 230 20.94 -30.19 5.04
C VAL B 230 21.90 -31.37 5.21
N GLU B 231 21.38 -32.51 5.67
CA GLU B 231 22.09 -33.81 5.76
C GLU B 231 21.73 -34.67 4.55
N GLY B 232 20.45 -34.66 4.15
CA GLY B 232 19.97 -35.36 2.95
C GLY B 232 18.48 -35.60 2.97
N VAL B 233 18.05 -36.73 2.41
CA VAL B 233 16.62 -36.99 2.04
C VAL B 233 16.26 -38.44 2.37
N VAL B 234 15.23 -38.64 3.19
CA VAL B 234 14.54 -39.95 3.39
C VAL B 234 13.57 -40.14 2.22
N THR B 235 13.65 -41.29 1.53
CA THR B 235 12.83 -41.65 0.35
C THR B 235 11.69 -42.58 0.78
N ASP B 236 10.66 -42.74 -0.06
CA ASP B 236 9.40 -43.45 0.29
C ASP B 236 9.60 -44.99 0.27
N ASP B 237 10.79 -45.47 -0.10
CA ASP B 237 11.17 -46.90 -0.01
C ASP B 237 11.86 -47.20 1.33
N GLY B 238 12.03 -46.20 2.20
CA GLY B 238 12.61 -46.35 3.56
C GLY B 238 14.08 -45.95 3.63
N ASP B 239 14.76 -45.82 2.49
CA ASP B 239 16.22 -45.56 2.39
C ASP B 239 16.51 -44.12 2.84
N PHE B 240 17.78 -43.78 3.09
CA PHE B 240 18.27 -42.41 3.37
C PHE B 240 19.42 -42.08 2.42
N LEU B 241 19.33 -40.95 1.72
CA LEU B 241 20.37 -40.45 0.77
C LEU B 241 21.03 -39.22 1.36
N PRO B 242 22.36 -39.25 1.60
CA PRO B 242 23.06 -38.09 2.16
C PRO B 242 23.44 -37.09 1.07
N ALA B 243 23.48 -35.80 1.41
CA ALA B 243 23.84 -34.70 0.49
C ALA B 243 24.13 -33.42 1.26
N GLY B 244 25.01 -32.58 0.71
CA GLY B 244 25.29 -31.21 1.19
C GLY B 244 24.47 -30.17 0.44
N HIS B 245 23.77 -30.58 -0.62
CA HIS B 245 22.85 -29.73 -1.42
C HIS B 245 21.57 -30.52 -1.75
N VAL B 246 20.42 -29.96 -1.39
CA VAL B 246 19.07 -30.47 -1.76
C VAL B 246 18.30 -29.33 -2.45
N VAL B 247 17.95 -29.52 -3.72
CA VAL B 247 17.13 -28.59 -4.54
C VAL B 247 15.72 -29.17 -4.65
N VAL B 248 14.74 -28.49 -4.06
CA VAL B 248 13.31 -28.92 -4.11
C VAL B 248 12.66 -28.27 -5.33
N ALA B 249 12.30 -29.10 -6.32
CA ALA B 249 11.51 -28.74 -7.50
C ALA B 249 10.42 -29.81 -7.69
N ALA B 250 9.61 -30.01 -6.66
CA ALA B 250 8.56 -31.05 -6.57
C ALA B 250 7.21 -30.46 -6.98
N GLY B 251 7.21 -29.46 -7.86
CA GLY B 251 5.98 -28.75 -8.27
C GLY B 251 5.15 -28.35 -7.06
N ALA B 252 3.85 -28.61 -7.12
CA ALA B 252 2.86 -28.19 -6.10
C ALA B 252 3.14 -28.79 -4.73
N ARG B 253 4.02 -29.79 -4.62
CA ARG B 253 4.33 -30.48 -3.33
C ARG B 253 5.56 -29.85 -2.65
N SER B 254 6.22 -28.89 -3.30
CA SER B 254 7.53 -28.31 -2.91
C SER B 254 7.48 -27.69 -1.49
N GLN B 255 6.48 -26.86 -1.20
CA GLN B 255 6.40 -26.15 0.10
C GLN B 255 6.02 -27.14 1.20
N ARG B 256 5.06 -28.03 0.95
CA ARG B 256 4.60 -29.05 1.94
C ARG B 256 5.81 -29.86 2.42
N LEU B 257 6.80 -30.07 1.55
CA LEU B 257 8.01 -30.88 1.83
C LEU B 257 8.99 -30.10 2.74
N VAL B 258 9.19 -28.80 2.47
CA VAL B 258 10.17 -27.93 3.19
C VAL B 258 9.55 -27.42 4.50
N ALA B 259 8.22 -27.33 4.60
CA ALA B 259 7.48 -26.70 5.72
C ALA B 259 7.55 -27.55 7.00
N ALA B 260 7.89 -28.83 6.90
CA ALA B 260 8.02 -29.76 8.03
C ALA B 260 9.26 -29.42 8.88
N LEU B 261 10.26 -28.76 8.28
CA LEU B 261 11.49 -28.27 8.97
C LEU B 261 11.13 -27.15 9.94
N PRO B 262 11.91 -26.94 11.03
CA PRO B 262 11.53 -26.01 12.12
C PRO B 262 11.35 -24.56 11.66
N GLY B 263 10.20 -23.95 11.98
CA GLY B 263 9.90 -22.52 11.72
C GLY B 263 9.38 -22.27 10.31
N LEU B 264 9.77 -23.12 9.34
CA LEU B 264 9.63 -22.86 7.88
C LEU B 264 8.16 -22.94 7.41
N ALA B 265 7.26 -23.46 8.25
CA ALA B 265 5.81 -23.57 7.94
C ALA B 265 5.24 -22.19 7.63
N HIS B 266 5.79 -21.13 8.24
CA HIS B 266 5.26 -19.74 8.12
C HIS B 266 6.32 -18.82 7.47
N ARG B 267 7.38 -19.39 6.88
CA ARG B 267 8.50 -18.62 6.26
C ARG B 267 8.61 -18.93 4.77
N ILE B 268 8.17 -20.12 4.34
CA ILE B 268 8.03 -20.49 2.90
C ILE B 268 6.57 -20.32 2.51
N PRO B 269 6.22 -19.40 1.57
CA PRO B 269 4.84 -19.24 1.14
C PRO B 269 4.25 -20.56 0.60
N ARG B 270 3.03 -20.86 1.02
CA ARG B 270 2.26 -22.04 0.57
C ARG B 270 2.16 -22.05 -0.96
N ILE B 271 2.19 -23.26 -1.52
CA ILE B 271 1.94 -23.53 -2.97
C ILE B 271 0.74 -24.47 -3.05
N TYR B 272 -0.28 -24.06 -3.79
CA TYR B 272 -1.52 -24.85 -4.02
C TYR B 272 -1.46 -25.41 -5.44
N ASP B 273 -2.48 -26.20 -5.81
CA ASP B 273 -2.59 -26.88 -7.13
C ASP B 273 -3.47 -26.06 -8.08
N GLY B 274 -2.86 -25.47 -9.09
CA GLY B 274 -3.56 -24.93 -10.27
C GLY B 274 -3.87 -26.05 -11.25
N VAL B 275 -4.93 -26.81 -10.96
CA VAL B 275 -5.29 -28.05 -11.72
C VAL B 275 -5.65 -27.66 -13.15
N GLY B 276 -4.97 -28.26 -14.11
CA GLY B 276 -5.04 -27.90 -15.54
C GLY B 276 -5.44 -29.10 -16.37
N VAL B 277 -6.41 -28.92 -17.27
CA VAL B 277 -6.90 -29.99 -18.16
C VAL B 277 -6.54 -29.62 -19.59
N SER B 278 -5.94 -30.55 -20.30
CA SER B 278 -5.59 -30.44 -21.73
C SER B 278 -5.92 -31.77 -22.39
N ALA B 279 -5.77 -31.85 -23.71
CA ALA B 279 -6.12 -33.05 -24.48
C ALA B 279 -5.19 -33.16 -25.68
N LEU B 280 -4.93 -34.41 -26.08
CA LEU B 280 -4.32 -34.74 -27.39
C LEU B 280 -5.45 -35.23 -28.29
N VAL B 281 -5.52 -34.67 -29.49
CA VAL B 281 -6.53 -35.02 -30.52
C VAL B 281 -5.78 -35.42 -31.79
N ASP B 282 -6.13 -36.57 -32.37
CA ASP B 282 -5.74 -36.98 -33.75
C ASP B 282 -6.72 -36.31 -34.71
N THR B 283 -6.23 -35.37 -35.52
CA THR B 283 -7.08 -34.54 -36.40
C THR B 283 -7.67 -35.43 -37.50
N TRP B 284 -8.91 -35.13 -37.90
CA TRP B 284 -9.70 -35.82 -38.95
C TRP B 284 -8.83 -36.15 -40.18
N ASP B 285 -7.90 -35.27 -40.59
CA ASP B 285 -7.13 -35.40 -41.87
C ASP B 285 -5.61 -35.45 -41.60
N GLY B 286 -5.17 -35.58 -40.35
CA GLY B 286 -3.73 -35.59 -39.99
C GLY B 286 -3.08 -34.21 -40.01
N SER B 287 -3.80 -33.14 -40.37
CA SER B 287 -3.24 -31.77 -40.48
C SER B 287 -3.12 -31.12 -39.09
N GLY B 288 -2.38 -30.02 -39.01
CA GLY B 288 -2.21 -29.16 -37.84
C GLY B 288 -1.78 -27.77 -38.29
N PRO B 289 -1.90 -26.73 -37.43
CA PRO B 289 -1.47 -25.40 -37.82
C PRO B 289 0.06 -25.31 -37.75
N ALA B 290 0.64 -24.38 -38.52
CA ALA B 290 2.08 -24.14 -38.61
C ALA B 290 2.53 -23.34 -37.39
N THR B 291 1.63 -22.58 -36.77
CA THR B 291 1.94 -21.73 -35.59
C THR B 291 1.15 -22.21 -34.39
N VAL B 292 1.59 -21.81 -33.19
CA VAL B 292 0.70 -21.79 -31.99
C VAL B 292 -0.50 -20.91 -32.34
N LEU B 293 -1.68 -21.30 -31.88
CA LEU B 293 -2.92 -20.49 -31.91
C LEU B 293 -3.36 -20.30 -30.47
N ARG B 294 -3.61 -19.06 -30.04
CA ARG B 294 -4.00 -18.80 -28.64
C ARG B 294 -4.85 -17.54 -28.53
N THR B 295 -5.62 -17.48 -27.45
CA THR B 295 -6.21 -16.23 -26.92
C THR B 295 -5.24 -15.69 -25.87
N SER B 296 -5.44 -14.45 -25.43
CA SER B 296 -4.82 -13.91 -24.19
C SER B 296 -5.36 -14.71 -23.01
N ASN B 297 -4.72 -14.59 -21.84
CA ASN B 297 -5.15 -15.28 -20.60
C ASN B 297 -6.56 -14.80 -20.25
N ARG B 298 -7.39 -15.71 -19.74
CA ARG B 298 -8.84 -15.51 -19.55
C ARG B 298 -9.20 -15.73 -18.08
N ALA B 299 -10.48 -15.89 -17.75
CA ALA B 299 -11.00 -15.94 -16.36
C ALA B 299 -10.11 -16.84 -15.51
N PHE B 300 -9.54 -16.30 -14.44
CA PHE B 300 -8.79 -17.05 -13.39
C PHE B 300 -7.62 -17.78 -14.04
N ALA B 301 -6.94 -17.11 -14.98
CA ALA B 301 -5.73 -17.58 -15.68
C ALA B 301 -5.96 -18.95 -16.36
C4 GQI B 302 -14.34 -24.08 -16.27
C GQI B 302 -7.66 -19.89 -19.14
C GQI B 302 -6.79 -19.63 -19.31
N GQI B 302 -6.96 -19.65 -16.82
N GQI B 302 -7.10 -19.13 -16.93
N2 GQI B 302 -11.90 -23.82 -16.35
C3 GQI B 302 -13.04 -23.26 -16.26
CA GQI B 302 -7.78 -20.49 -17.73
CA GQI B 302 -7.12 -20.22 -17.93
CB GQI B 302 -9.21 -20.60 -17.17
CB GQI B 302 -8.46 -20.93 -17.87
S1 GQI B 302 -10.16 -22.11 -17.52
S1 GQI B 302 -9.84 -19.97 -18.52
O1 GQI B 302 -10.85 -22.86 -16.22
O2 GQI B 302 -14.28 -25.32 -16.20
O3 GQI B 302 -15.39 -23.43 -16.34
O4 GQI B 302 -7.30 -18.67 -19.21
O4 GQI B 302 -6.26 -18.48 -19.35
N GLY B 303 -7.25 -20.27 -20.32
CA GLY B 303 -6.90 -19.74 -21.69
C GLY B 303 -7.08 -20.81 -22.72
N LEU B 304 -7.40 -20.43 -23.96
CA LEU B 304 -7.55 -21.38 -25.08
C LEU B 304 -6.31 -21.33 -25.97
N HIS B 305 -5.72 -22.47 -26.25
CA HIS B 305 -4.59 -22.58 -27.20
C HIS B 305 -4.54 -23.97 -27.83
N LEU B 306 -3.98 -24.01 -29.02
CA LEU B 306 -3.62 -25.24 -29.76
C LEU B 306 -2.13 -25.16 -30.04
N VAL B 307 -1.38 -26.16 -29.56
CA VAL B 307 0.09 -26.30 -29.78
C VAL B 307 0.28 -27.41 -30.82
N PRO B 308 0.96 -27.14 -31.95
CA PRO B 308 1.26 -28.18 -32.93
C PRO B 308 2.04 -29.36 -32.32
N ARG B 309 1.76 -30.58 -32.80
CA ARG B 309 2.52 -31.81 -32.49
C ARG B 309 2.83 -32.52 -33.82
N ALA B 310 3.83 -33.40 -33.83
CA ALA B 310 4.18 -34.27 -34.97
C ALA B 310 3.17 -35.42 -35.06
N GLY B 311 3.01 -36.00 -36.25
CA GLY B 311 2.30 -37.28 -36.47
C GLY B 311 0.79 -37.17 -36.44
N GLY B 312 0.22 -36.06 -36.90
CA GLY B 312 -1.23 -35.91 -37.08
C GLY B 312 -1.99 -35.71 -35.76
N SER B 313 -1.29 -35.31 -34.71
CA SER B 313 -1.86 -34.98 -33.38
C SER B 313 -1.79 -33.45 -33.18
N VAL B 314 -2.71 -32.89 -32.41
CA VAL B 314 -2.61 -31.50 -31.86
C VAL B 314 -2.85 -31.56 -30.36
N TYR B 315 -2.25 -30.62 -29.64
CA TYR B 315 -2.52 -30.37 -28.20
C TYR B 315 -3.51 -29.21 -28.12
N ILE B 316 -4.54 -29.37 -27.32
CA ILE B 316 -5.49 -28.28 -26.97
C ILE B 316 -5.47 -28.14 -25.45
N GLY B 317 -5.46 -26.90 -24.99
CA GLY B 317 -5.57 -26.57 -23.56
C GLY B 317 -6.06 -25.14 -23.43
N ALA B 318 -6.14 -24.65 -22.19
CA ALA B 318 -5.94 -25.43 -20.99
C ALA B 318 -6.79 -24.79 -19.89
N THR B 319 -7.47 -25.59 -19.09
CA THR B 319 -8.28 -25.10 -17.96
C THR B 319 -7.33 -24.79 -16.80
N ASN B 320 -7.83 -24.10 -15.79
CA ASN B 320 -7.06 -23.75 -14.58
C ASN B 320 -8.05 -23.53 -13.44
N ALA B 321 -7.91 -24.28 -12.36
CA ALA B 321 -8.69 -24.08 -11.12
C ALA B 321 -7.75 -24.33 -9.95
N VAL B 322 -7.58 -23.33 -9.08
CA VAL B 322 -6.79 -23.50 -7.85
C VAL B 322 -7.63 -24.37 -6.92
N CYS B 323 -7.08 -25.49 -6.47
CA CYS B 323 -7.68 -26.43 -5.49
C CYS B 323 -6.78 -26.46 -4.25
N LEU B 324 -7.39 -26.45 -3.07
CA LEU B 324 -6.67 -26.38 -1.77
C LEU B 324 -6.07 -27.75 -1.46
N GLU B 325 -6.69 -28.82 -1.96
CA GLU B 325 -6.13 -30.19 -1.97
C GLU B 325 -5.82 -30.59 -3.41
N PRO B 326 -4.82 -31.46 -3.68
CA PRO B 326 -4.55 -31.91 -5.04
C PRO B 326 -5.66 -32.79 -5.61
N ARG B 327 -5.81 -32.76 -6.94
CA ARG B 327 -6.82 -33.54 -7.72
C ARG B 327 -6.12 -34.03 -8.98
N GLY B 328 -6.22 -35.34 -9.26
CA GLY B 328 -5.46 -35.99 -10.34
C GLY B 328 -6.30 -36.27 -11.56
N ALA B 329 -7.58 -35.86 -11.56
CA ALA B 329 -8.56 -36.19 -12.62
C ALA B 329 -9.32 -34.92 -13.05
N ALA B 330 -9.56 -34.80 -14.35
CA ALA B 330 -10.40 -33.74 -14.96
C ALA B 330 -11.82 -33.91 -14.45
N SER B 331 -12.53 -32.80 -14.24
CA SER B 331 -14.00 -32.81 -14.06
C SER B 331 -14.67 -32.88 -15.44
N ILE B 332 -15.94 -33.26 -15.46
CA ILE B 332 -16.79 -33.20 -16.69
C ILE B 332 -16.76 -31.76 -17.21
N ALA B 333 -17.00 -30.77 -16.34
CA ALA B 333 -17.11 -29.33 -16.71
C ALA B 333 -15.85 -28.88 -17.46
N GLU B 334 -14.67 -29.25 -16.95
CA GLU B 334 -13.36 -28.84 -17.53
C GLU B 334 -13.23 -29.42 -18.93
N THR B 335 -13.52 -30.71 -19.09
CA THR B 335 -13.44 -31.44 -20.38
C THR B 335 -14.37 -30.76 -21.41
N VAL B 336 -15.63 -30.53 -21.04
CA VAL B 336 -16.66 -30.00 -21.96
C VAL B 336 -16.25 -28.58 -22.38
N PHE B 337 -15.79 -27.77 -21.41
CA PHE B 337 -15.42 -26.35 -21.67
C PHE B 337 -14.23 -26.32 -22.63
N LEU B 338 -13.18 -27.10 -22.35
CA LEU B 338 -11.97 -27.14 -23.23
C LEU B 338 -12.39 -27.54 -24.66
N PHE B 339 -13.18 -28.59 -24.80
CA PHE B 339 -13.56 -29.15 -26.12
C PHE B 339 -14.49 -28.17 -26.86
N ASN B 340 -15.44 -27.57 -26.15
CA ASN B 340 -16.41 -26.61 -26.75
C ASN B 340 -15.67 -25.40 -27.30
N CYS B 341 -14.70 -24.87 -26.57
CA CYS B 341 -13.93 -23.66 -26.97
C CYS B 341 -13.09 -23.98 -28.20
N ALA B 342 -12.40 -25.13 -28.20
CA ALA B 342 -11.48 -25.52 -29.29
C ALA B 342 -12.26 -25.72 -30.60
N THR B 343 -13.40 -26.42 -30.54
CA THR B 343 -14.20 -26.76 -31.75
C THR B 343 -14.83 -25.51 -32.35
N HIS B 344 -15.27 -24.55 -31.54
CA HIS B 344 -15.98 -23.32 -32.01
C HIS B 344 -14.98 -22.23 -32.38
N GLN B 345 -13.96 -22.00 -31.54
CA GLN B 345 -13.08 -20.80 -31.66
C GLN B 345 -11.88 -21.08 -32.56
N LEU B 346 -11.46 -22.35 -32.73
CA LEU B 346 -10.24 -22.71 -33.49
C LEU B 346 -10.59 -23.48 -34.77
N HIS B 347 -11.14 -24.69 -34.66
CA HIS B 347 -11.40 -25.55 -35.84
C HIS B 347 -12.58 -26.49 -35.58
N ARG B 348 -13.65 -26.35 -36.37
CA ARG B 348 -14.86 -27.21 -36.30
C ARG B 348 -14.51 -28.66 -36.65
N GLY B 349 -13.45 -28.89 -37.42
CA GLY B 349 -12.92 -30.22 -37.74
C GLY B 349 -12.53 -31.02 -36.51
N LEU B 350 -12.21 -30.35 -35.40
CA LEU B 350 -11.83 -31.04 -34.14
C LEU B 350 -13.05 -31.76 -33.57
N ASN B 351 -14.27 -31.36 -33.96
CA ASN B 351 -15.52 -31.94 -33.41
C ASN B 351 -15.59 -33.44 -33.76
N GLY B 352 -15.27 -33.79 -35.01
CA GLY B 352 -15.29 -35.18 -35.52
C GLY B 352 -13.94 -35.86 -35.39
N SER B 353 -12.96 -35.20 -34.79
CA SER B 353 -11.58 -35.74 -34.60
C SER B 353 -11.54 -36.63 -33.35
N GLU B 354 -10.59 -37.54 -33.31
CA GLU B 354 -10.48 -38.58 -32.25
C GLU B 354 -9.72 -38.03 -31.04
N LEU B 355 -10.33 -38.17 -29.87
CA LEU B 355 -9.69 -37.91 -28.55
C LEU B 355 -8.69 -39.02 -28.26
N ARG B 356 -7.39 -38.70 -28.24
CA ARG B 356 -6.30 -39.63 -27.85
C ARG B 356 -6.21 -39.72 -26.32
N LYS B 357 -6.21 -38.57 -25.64
CA LYS B 357 -5.89 -38.51 -24.18
C LYS B 357 -6.40 -37.21 -23.58
N VAL B 358 -7.00 -37.29 -22.40
CA VAL B 358 -7.27 -36.14 -21.50
C VAL B 358 -6.14 -36.10 -20.47
N GLN B 359 -5.43 -34.98 -20.37
CA GLN B 359 -4.26 -34.79 -19.50
C GLN B 359 -4.64 -33.85 -18.35
N VAL B 360 -4.14 -34.16 -17.15
CA VAL B 360 -4.34 -33.35 -15.92
C VAL B 360 -2.98 -33.18 -15.25
N GLY B 361 -2.64 -31.94 -14.91
CA GLY B 361 -1.45 -31.60 -14.11
C GLY B 361 -1.73 -30.43 -13.20
N SER B 362 -0.87 -30.23 -12.20
CA SER B 362 -0.97 -29.17 -11.19
C SER B 362 0.08 -28.10 -11.49
N ARG B 363 -0.36 -26.96 -12.01
CA ARG B 363 0.45 -25.72 -12.00
C ARG B 363 0.73 -25.39 -10.54
N PRO B 364 2.01 -25.29 -10.11
CA PRO B 364 2.32 -24.88 -8.74
C PRO B 364 1.87 -23.42 -8.54
N ALA B 365 0.85 -23.20 -7.72
CA ALA B 365 0.17 -21.89 -7.56
C ALA B 365 0.56 -21.29 -6.21
N PRO B 366 1.52 -20.35 -6.18
CA PRO B 366 1.99 -19.77 -4.92
C PRO B 366 0.92 -18.86 -4.32
N ILE B 367 0.74 -18.90 -2.99
CA ILE B 367 -0.34 -18.17 -2.27
C ILE B 367 -0.22 -16.65 -2.47
N ASP B 368 0.97 -16.12 -2.74
CA ASP B 368 1.17 -14.65 -2.92
C ASP B 368 1.40 -14.30 -4.39
N GLY B 369 1.27 -15.28 -5.30
CA GLY B 369 1.21 -15.05 -6.75
C GLY B 369 2.57 -14.93 -7.42
N PHE B 370 3.67 -15.25 -6.71
CA PHE B 370 5.02 -15.13 -7.29
C PHE B 370 5.86 -16.35 -6.98
N PRO B 371 6.83 -16.68 -7.87
CA PRO B 371 7.60 -17.90 -7.76
C PRO B 371 8.45 -17.94 -6.49
N LEU B 372 8.92 -19.14 -6.15
CA LEU B 372 9.85 -19.44 -5.03
C LEU B 372 11.12 -19.99 -5.66
N ILE B 373 12.11 -19.13 -5.89
CA ILE B 373 13.39 -19.47 -6.58
C ILE B 373 14.57 -19.02 -5.72
N GLY B 374 15.39 -19.97 -5.27
CA GLY B 374 16.72 -19.68 -4.72
C GLY B 374 16.94 -20.28 -3.36
N GLY B 375 17.70 -19.57 -2.52
CA GLY B 375 18.29 -20.09 -1.28
C GLY B 375 17.32 -20.00 -0.12
N THR B 376 17.65 -20.67 0.97
CA THR B 376 16.84 -20.88 2.19
C THR B 376 17.73 -20.48 3.39
N SER B 377 17.16 -20.39 4.59
CA SER B 377 17.89 -20.12 5.86
C SER B 377 18.69 -21.36 6.26
N VAL B 378 18.31 -22.53 5.75
CA VAL B 378 19.04 -23.83 5.89
C VAL B 378 20.11 -23.93 4.79
N GLU B 379 21.37 -24.10 5.20
CA GLU B 379 22.53 -24.19 4.28
C GLU B 379 22.38 -25.44 3.40
N GLY B 380 22.57 -25.28 2.09
CA GLY B 380 22.46 -26.36 1.10
C GLY B 380 21.03 -26.62 0.62
N LEU B 381 20.01 -25.99 1.24
CA LEU B 381 18.58 -26.18 0.84
C LEU B 381 18.16 -25.09 -0.15
N TRP B 382 17.88 -25.50 -1.39
CA TRP B 382 17.41 -24.61 -2.48
C TRP B 382 15.99 -25.03 -2.88
N MET B 383 15.25 -24.10 -3.46
CA MET B 383 13.85 -24.30 -3.88
C MET B 383 13.68 -23.69 -5.28
N LEU B 384 12.98 -24.40 -6.16
CA LEU B 384 12.71 -23.94 -7.55
C LEU B 384 11.28 -24.36 -7.88
N SER B 385 10.29 -23.50 -7.62
CA SER B 385 8.86 -23.85 -7.66
C SER B 385 7.96 -22.60 -7.72
N GLY B 386 6.65 -22.81 -7.67
CA GLY B 386 5.61 -21.77 -7.67
C GLY B 386 5.58 -20.98 -8.97
N THR B 387 5.88 -21.61 -10.10
CA THR B 387 6.00 -20.93 -11.42
C THR B 387 4.64 -20.86 -12.15
N TYR B 388 3.59 -21.47 -11.60
CA TYR B 388 2.19 -21.38 -12.10
C TYR B 388 2.15 -21.70 -13.61
N ARG B 389 1.98 -20.69 -14.47
CA ARG B 389 1.66 -20.87 -15.92
C ARG B 389 2.93 -20.93 -16.78
N ASP B 390 4.12 -20.60 -16.27
CA ASP B 390 5.27 -20.35 -17.18
C ASP B 390 6.61 -20.83 -16.61
N GLY B 391 6.61 -21.80 -15.70
CA GLY B 391 7.87 -22.45 -15.25
C GLY B 391 8.61 -23.10 -16.41
N LEU B 392 7.87 -23.79 -17.29
CA LEU B 392 8.47 -24.53 -18.43
C LEU B 392 9.21 -23.54 -19.33
N HIS B 393 8.56 -22.43 -19.67
CA HIS B 393 9.16 -21.40 -20.55
C HIS B 393 10.42 -20.83 -19.89
N MET B 394 10.37 -20.57 -18.59
CA MET B 394 11.46 -19.88 -17.86
C MET B 394 12.54 -20.87 -17.41
N SER B 395 12.34 -22.18 -17.61
CA SER B 395 13.20 -23.26 -17.05
C SER B 395 14.68 -23.01 -17.35
N PRO B 396 15.14 -22.77 -18.59
CA PRO B 396 16.56 -22.59 -18.84
C PRO B 396 17.15 -21.44 -18.00
N LEU B 397 16.45 -20.31 -17.93
CA LEU B 397 16.87 -19.12 -17.16
C LEU B 397 16.86 -19.44 -15.66
N LEU B 398 15.81 -20.09 -15.15
CA LEU B 398 15.67 -20.38 -13.69
C LEU B 398 16.76 -21.37 -13.24
N ALA B 399 17.09 -22.33 -14.10
CA ALA B 399 18.12 -23.35 -13.85
C ALA B 399 19.49 -22.67 -13.73
N ARG B 400 19.82 -21.81 -14.71
CA ARG B 400 21.08 -21.03 -14.75
C ARG B 400 21.17 -20.14 -13.49
N HIS B 401 20.06 -19.50 -13.10
CA HIS B 401 20.01 -18.63 -11.90
C HIS B 401 20.41 -19.44 -10.67
N VAL B 402 19.75 -20.57 -10.41
CA VAL B 402 19.96 -21.36 -9.16
C VAL B 402 21.38 -21.93 -9.13
N VAL B 403 21.92 -22.35 -10.28
CA VAL B 403 23.29 -22.91 -10.40
C VAL B 403 24.31 -21.80 -10.08
N SER B 404 24.12 -20.61 -10.63
CA SER B 404 24.96 -19.42 -10.30
C SER B 404 24.95 -19.18 -8.79
N LEU B 405 23.78 -19.17 -8.15
CA LEU B 405 23.65 -18.96 -6.68
C LEU B 405 24.40 -20.07 -5.94
N MET B 406 24.31 -21.33 -6.42
CA MET B 406 24.93 -22.51 -5.75
C MET B 406 26.46 -22.43 -5.86
N ASP B 407 26.97 -21.70 -6.85
CA ASP B 407 28.42 -21.57 -7.16
C ASP B 407 28.96 -20.26 -6.58
N GLY B 408 28.19 -19.57 -5.74
CA GLY B 408 28.59 -18.33 -5.06
C GLY B 408 28.36 -17.07 -5.91
N GLY B 409 27.67 -17.19 -7.05
CA GLY B 409 27.34 -16.05 -7.94
C GLY B 409 26.07 -15.35 -7.50
N THR B 410 25.60 -14.37 -8.28
CA THR B 410 24.35 -13.60 -8.04
C THR B 410 23.25 -14.01 -9.03
N GLY B 411 23.58 -14.83 -10.03
CA GLY B 411 22.63 -15.30 -11.05
C GLY B 411 22.04 -14.16 -11.85
N VAL B 412 20.72 -14.19 -12.06
CA VAL B 412 19.95 -13.21 -12.89
C VAL B 412 19.37 -12.14 -11.97
N ASP B 413 19.50 -10.87 -12.36
CA ASP B 413 19.31 -9.69 -11.47
C ASP B 413 17.91 -9.70 -10.84
N GLY B 414 16.86 -9.73 -11.67
CA GLY B 414 15.46 -9.49 -11.26
C GLY B 414 14.87 -10.57 -10.36
N LEU B 415 15.54 -11.72 -10.19
CA LEU B 415 14.96 -12.92 -9.51
C LEU B 415 15.20 -12.90 -8.00
N ARG B 416 15.91 -11.90 -7.46
CA ARG B 416 16.21 -11.81 -6.01
C ARG B 416 14.90 -11.62 -5.24
N GLU B 417 13.99 -10.81 -5.78
CA GLU B 417 12.64 -10.49 -5.24
C GLU B 417 11.86 -11.78 -4.91
N PHE B 418 12.16 -12.90 -5.59
CA PHE B 418 11.35 -14.15 -5.54
C PHE B 418 12.07 -15.22 -4.71
N ARG B 419 12.97 -14.80 -3.81
CA ARG B 419 13.55 -15.64 -2.72
C ARG B 419 12.45 -16.53 -2.14
N PRO B 420 12.65 -17.84 -1.96
CA PRO B 420 11.59 -18.71 -1.44
C PRO B 420 11.22 -18.42 0.02
N GLU B 421 12.17 -17.92 0.80
CA GLU B 421 11.98 -17.66 2.26
C GLU B 421 11.74 -16.17 2.42
N ARG B 422 10.48 -15.80 2.66
CA ARG B 422 9.97 -14.41 2.58
C ARG B 422 8.63 -14.33 3.29
N ASP B 423 8.30 -13.14 3.76
CA ASP B 423 6.91 -12.71 4.05
C ASP B 423 6.14 -12.81 2.74
N LEU B 424 4.84 -13.12 2.82
CA LEU B 424 3.93 -13.07 1.65
C LEU B 424 4.04 -11.69 1.01
N ILE B 425 4.33 -11.65 -0.29
CA ILE B 425 4.29 -10.42 -1.13
C ILE B 425 2.84 -9.91 -1.22
N SER B 426 2.66 -8.59 -1.19
CA SER B 426 1.40 -7.87 -1.44
C SER B 426 1.58 -6.99 -2.69
N ALA B 427 1.44 -7.58 -3.88
CA ALA B 427 1.74 -6.92 -5.17
C ALA B 427 0.58 -6.01 -5.59
N TRP B 428 -0.61 -6.21 -5.01
CA TRP B 428 -1.83 -5.43 -5.37
C TRP B 428 -2.57 -5.03 -4.09
N SER B 429 -3.26 -3.89 -4.14
CA SER B 429 -4.20 -3.45 -3.08
C SER B 429 -5.39 -4.42 -3.04
N ARG B 430 -6.01 -4.54 -1.86
CA ARG B 430 -7.27 -5.30 -1.64
C ARG B 430 -8.32 -4.84 -2.67
N GLU B 431 -8.38 -3.53 -2.92
CA GLU B 431 -9.34 -2.88 -3.86
C GLU B 431 -9.11 -3.46 -5.26
N GLU B 432 -7.88 -3.48 -5.75
CA GLU B 432 -7.53 -4.00 -7.11
C GLU B 432 -8.00 -5.46 -7.20
N ILE B 433 -7.76 -6.26 -6.17
CA ILE B 433 -8.03 -7.73 -6.19
C ILE B 433 -9.54 -7.97 -6.17
N LEU B 434 -10.30 -7.16 -5.42
CA LEU B 434 -11.78 -7.28 -5.32
C LEU B 434 -12.42 -6.92 -6.67
N ASP B 435 -11.96 -5.86 -7.33
CA ASP B 435 -12.38 -5.54 -8.73
C ASP B 435 -12.05 -6.70 -9.66
N ASP B 436 -10.84 -7.26 -9.53
CA ASP B 436 -10.33 -8.32 -10.44
C ASP B 436 -11.17 -9.60 -10.26
N VAL B 437 -11.43 -10.02 -9.02
CA VAL B 437 -12.12 -11.32 -8.73
C VAL B 437 -13.56 -11.27 -9.26
N VAL B 438 -14.22 -10.11 -9.17
CA VAL B 438 -15.62 -9.92 -9.63
C VAL B 438 -15.62 -9.95 -11.17
N ARG B 439 -14.67 -9.25 -11.77
CA ARG B 439 -14.49 -9.18 -13.24
C ARG B 439 -14.28 -10.60 -13.79
N HIS B 440 -13.36 -11.36 -13.19
CA HIS B 440 -13.00 -12.73 -13.62
C HIS B 440 -14.20 -13.65 -13.41
N THR B 441 -14.93 -13.49 -12.30
CA THR B 441 -16.17 -14.27 -12.03
C THR B 441 -17.16 -14.04 -13.17
N MET B 442 -17.41 -12.79 -13.54
CA MET B 442 -18.32 -12.43 -14.66
C MET B 442 -17.78 -13.03 -15.96
N ALA B 443 -16.47 -13.03 -16.15
CA ALA B 443 -15.81 -13.56 -17.36
C ALA B 443 -16.13 -15.06 -17.55
N THR B 444 -16.27 -15.84 -16.47
CA THR B 444 -16.60 -17.29 -16.57
C THR B 444 -17.94 -17.45 -17.29
N GLY B 445 -18.84 -16.46 -17.14
CA GLY B 445 -20.13 -16.44 -17.83
C GLY B 445 -19.97 -16.16 -19.32
N TYR B 446 -19.26 -15.09 -19.66
CA TYR B 446 -19.11 -14.62 -21.06
C TYR B 446 -18.27 -15.63 -21.86
N GLU B 447 -17.42 -16.40 -21.19
CA GLU B 447 -16.50 -17.36 -21.85
C GLU B 447 -17.24 -18.67 -22.18
N PHE B 448 -18.38 -18.92 -21.56
CA PHE B 448 -19.08 -20.22 -21.66
C PHE B 448 -19.45 -20.52 -23.13
N PRO B 449 -20.08 -19.62 -23.91
CA PRO B 449 -20.64 -18.36 -23.45
C PRO B 449 -22.08 -18.54 -23.01
N TRP B 450 -22.54 -17.85 -21.96
CA TRP B 450 -23.94 -17.98 -21.48
C TRP B 450 -24.88 -17.21 -22.41
N ARG B 451 -26.17 -17.53 -22.32
CA ARG B 451 -27.26 -16.70 -22.87
C ARG B 451 -28.27 -16.52 -21.74
N LEU B 452 -28.51 -15.28 -21.33
CA LEU B 452 -29.42 -15.01 -20.19
C LEU B 452 -30.04 -13.63 -20.37
N PRO B 453 -31.10 -13.31 -19.60
CA PRO B 453 -31.75 -12.01 -19.72
C PRO B 453 -30.71 -10.92 -19.44
N LEU B 454 -30.83 -9.78 -20.13
CA LEU B 454 -29.82 -8.70 -20.04
C LEU B 454 -29.80 -8.05 -18.64
N GLU B 455 -30.83 -8.16 -17.81
CA GLU B 455 -30.78 -7.57 -16.44
C GLU B 455 -29.81 -8.38 -15.56
N TRP B 456 -29.62 -9.66 -15.85
CA TRP B 456 -28.99 -10.62 -14.91
C TRP B 456 -27.51 -10.31 -14.68
N PRO B 457 -26.69 -10.05 -15.71
CA PRO B 457 -25.28 -9.73 -15.49
C PRO B 457 -25.09 -8.52 -14.56
N HIS B 458 -25.90 -7.47 -14.71
CA HIS B 458 -25.85 -6.28 -13.81
C HIS B 458 -26.19 -6.70 -12.37
N MET B 459 -27.23 -7.51 -12.17
CA MET B 459 -27.60 -8.04 -10.82
C MET B 459 -26.40 -8.80 -10.23
N MET B 460 -25.78 -9.71 -10.99
CA MET B 460 -24.68 -10.56 -10.47
C MET B 460 -23.47 -9.67 -10.14
N GLU B 461 -23.11 -8.71 -11.00
CA GLU B 461 -22.00 -7.75 -10.74
C GLU B 461 -22.18 -7.16 -9.33
N THR B 462 -23.36 -6.61 -9.02
CA THR B 462 -23.57 -5.87 -7.74
C THR B 462 -23.63 -6.87 -6.57
N PHE B 463 -24.22 -8.05 -6.74
CA PHE B 463 -24.42 -9.02 -5.63
C PHE B 463 -23.16 -9.86 -5.35
N LEU B 464 -22.13 -9.80 -6.21
CA LEU B 464 -20.84 -10.51 -6.00
C LEU B 464 -19.90 -9.65 -5.15
N GLN B 465 -20.00 -8.33 -5.20
CA GLN B 465 -19.04 -7.38 -4.55
C GLN B 465 -19.02 -7.61 -3.03
N GLY B 466 -20.18 -7.55 -2.38
CA GLY B 466 -20.34 -7.71 -0.93
C GLY B 466 -19.67 -8.97 -0.40
N PRO B 467 -20.08 -10.17 -0.84
CA PRO B 467 -19.50 -11.43 -0.34
C PRO B 467 -17.97 -11.53 -0.47
N PHE B 468 -17.39 -11.08 -1.59
CA PHE B 468 -15.92 -11.12 -1.81
C PHE B 468 -15.23 -10.10 -0.89
N ALA B 469 -15.81 -8.90 -0.71
CA ALA B 469 -15.30 -7.86 0.21
C ALA B 469 -15.28 -8.39 1.64
N GLU B 470 -16.35 -9.09 2.05
CA GLU B 470 -16.54 -9.70 3.38
C GLU B 470 -15.49 -10.80 3.61
N LEU B 471 -15.24 -11.63 2.60
CA LEU B 471 -14.26 -12.75 2.70
C LEU B 471 -12.86 -12.17 2.90
N ALA B 472 -12.47 -11.19 2.08
CA ALA B 472 -11.14 -10.54 2.10
C ALA B 472 -10.87 -9.95 3.49
N ASP B 473 -11.87 -9.28 4.08
CA ASP B 473 -11.78 -8.62 5.40
C ASP B 473 -11.65 -9.65 6.52
N ARG B 474 -12.38 -10.75 6.41
CA ARG B 474 -12.42 -11.85 7.40
C ARG B 474 -11.09 -12.63 7.40
N LEU B 475 -10.40 -12.71 6.25
CA LEU B 475 -9.25 -13.64 6.07
C LEU B 475 -8.01 -13.09 6.80
N SER B 476 -7.78 -11.79 6.75
CA SER B 476 -6.56 -11.13 7.28
C SER B 476 -6.71 -9.61 7.21
N ASP B 477 -6.08 -8.90 8.16
CA ASP B 477 -5.99 -7.42 8.21
C ASP B 477 -4.91 -6.93 7.24
N THR B 478 -4.03 -7.81 6.77
CA THR B 478 -2.78 -7.41 6.07
C THR B 478 -2.70 -8.10 4.70
N TYR B 479 -2.87 -9.42 4.62
CA TYR B 479 -2.70 -10.20 3.36
C TYR B 479 -4.05 -10.31 2.62
N THR B 480 -4.00 -10.17 1.29
CA THR B 480 -5.12 -10.48 0.38
C THR B 480 -4.70 -11.52 -0.64
N PRO B 481 -5.37 -12.69 -0.71
CA PRO B 481 -5.05 -13.70 -1.72
C PRO B 481 -5.35 -13.15 -3.10
N PRO B 482 -4.53 -13.45 -4.14
CA PRO B 482 -4.84 -13.03 -5.50
C PRO B 482 -6.16 -13.68 -5.95
N ALA B 483 -6.78 -13.13 -7.00
CA ALA B 483 -8.15 -13.48 -7.45
C ALA B 483 -8.29 -15.00 -7.64
N ASP B 484 -7.35 -15.63 -8.35
CA ASP B 484 -7.36 -17.08 -8.68
C ASP B 484 -7.57 -17.88 -7.40
N LEU B 485 -6.87 -17.51 -6.33
CA LEU B 485 -6.91 -18.23 -5.05
C LEU B 485 -8.12 -17.79 -4.24
N MET B 486 -8.51 -16.52 -4.34
CA MET B 486 -9.66 -15.98 -3.55
C MET B 486 -10.95 -16.72 -3.93
N THR B 487 -11.20 -16.97 -5.21
CA THR B 487 -12.42 -17.69 -5.67
C THR B 487 -12.39 -19.12 -5.12
N ALA B 488 -11.22 -19.76 -5.09
CA ALA B 488 -11.08 -21.13 -4.54
C ALA B 488 -11.43 -21.09 -3.05
N ILE B 489 -10.93 -20.09 -2.32
CA ILE B 489 -11.20 -19.95 -0.86
C ILE B 489 -12.70 -19.67 -0.67
N MET B 490 -13.29 -18.79 -1.49
CA MET B 490 -14.73 -18.43 -1.41
C MET B 490 -15.60 -19.69 -1.42
N PHE B 491 -15.26 -20.70 -2.24
CA PHE B 491 -16.10 -21.89 -2.49
C PHE B 491 -15.49 -23.13 -1.82
N SER B 492 -14.60 -22.95 -0.85
CA SER B 492 -14.04 -24.03 0.01
C SER B 492 -14.93 -24.20 1.25
N GLU B 493 -14.68 -25.21 2.08
CA GLU B 493 -15.42 -25.44 3.36
C GLU B 493 -15.05 -24.36 4.39
N ARG B 494 -15.93 -24.11 5.36
CA ARG B 494 -15.67 -23.17 6.50
C ARG B 494 -14.38 -23.55 7.25
N GLU B 495 -14.13 -24.84 7.46
CA GLU B 495 -12.93 -25.34 8.18
C GLU B 495 -11.68 -24.90 7.42
N GLN B 496 -11.69 -25.00 6.09
CA GLN B 496 -10.54 -24.67 5.21
C GLN B 496 -10.29 -23.16 5.22
N GLN B 497 -11.36 -22.35 5.28
CA GLN B 497 -11.28 -20.87 5.40
C GLN B 497 -10.65 -20.49 6.75
N ASP B 498 -11.11 -21.12 7.84
CA ASP B 498 -10.63 -20.85 9.22
C ASP B 498 -9.14 -21.21 9.32
N GLU B 499 -8.75 -22.36 8.74
CA GLU B 499 -7.34 -22.81 8.68
C GLU B 499 -6.50 -21.74 7.97
N LEU B 500 -7.01 -21.13 6.88
CA LEU B 500 -6.30 -20.05 6.15
C LEU B 500 -6.19 -18.78 7.01
N ILE B 501 -7.22 -18.46 7.81
CA ILE B 501 -7.20 -17.28 8.72
C ILE B 501 -6.05 -17.48 9.74
N ALA B 502 -5.92 -18.69 10.29
CA ALA B 502 -4.85 -19.09 11.23
C ALA B 502 -3.49 -18.99 10.53
N TYR B 503 -3.35 -19.57 9.34
CA TYR B 503 -2.09 -19.53 8.53
C TYR B 503 -1.65 -18.07 8.34
N TYR B 504 -2.53 -17.22 7.84
CA TYR B 504 -2.24 -15.79 7.54
C TYR B 504 -1.81 -15.07 8.83
N ALA B 505 -2.49 -15.35 9.95
CA ALA B 505 -2.19 -14.76 11.28
C ALA B 505 -0.80 -15.22 11.75
N ASP B 506 -0.50 -16.53 11.68
CA ASP B 506 0.81 -17.12 12.07
C ASP B 506 1.94 -16.53 11.21
N VAL B 507 1.68 -16.24 9.93
CA VAL B 507 2.69 -15.65 9.01
C VAL B 507 2.96 -14.20 9.45
N HIS B 508 1.92 -13.46 9.81
CA HIS B 508 2.03 -12.05 10.29
C HIS B 508 2.90 -12.00 11.55
N ARG B 509 2.64 -12.89 12.53
CA ARG B 509 3.39 -12.97 13.81
C ARG B 509 4.86 -13.28 13.52
N GLU B 510 5.17 -14.10 12.52
CA GLU B 510 6.55 -14.53 12.18
C GLU B 510 7.34 -13.37 11.58
N TRP B 511 6.70 -12.46 10.84
CA TRP B 511 7.40 -11.49 9.93
C TRP B 511 7.24 -10.03 10.38
N HIS B 512 6.11 -9.65 11.00
CA HIS B 512 5.90 -8.32 11.66
C HIS B 512 6.63 -8.34 13.00
N ASP C 33 -49.70 21.32 -67.80
CA ASP C 33 -49.95 20.81 -66.41
C ASP C 33 -49.10 19.56 -66.16
N VAL C 34 -48.46 19.51 -64.99
CA VAL C 34 -47.72 18.32 -64.50
C VAL C 34 -48.48 17.70 -63.32
N ILE C 35 -48.69 16.39 -63.36
CA ILE C 35 -49.24 15.60 -62.21
C ILE C 35 -48.17 14.65 -61.72
N VAL C 36 -47.78 14.75 -60.45
CA VAL C 36 -46.93 13.75 -59.74
C VAL C 36 -47.87 12.81 -58.99
N VAL C 37 -47.84 11.52 -59.32
CA VAL C 37 -48.62 10.46 -58.62
C VAL C 37 -47.72 9.87 -57.54
N GLY C 38 -47.98 10.22 -56.27
CA GLY C 38 -47.27 9.68 -55.09
C GLY C 38 -46.71 10.77 -54.21
N ASN C 39 -46.82 10.61 -52.88
CA ASN C 39 -46.46 11.65 -51.89
C ASN C 39 -45.40 11.12 -50.93
N GLY C 40 -44.56 10.19 -51.38
CA GLY C 40 -43.36 9.77 -50.64
C GLY C 40 -42.24 10.78 -50.85
N VAL C 41 -41.02 10.44 -50.44
CA VAL C 41 -39.83 11.31 -50.66
C VAL C 41 -39.61 11.56 -52.17
N LEU C 42 -39.82 10.54 -53.02
CA LEU C 42 -39.50 10.66 -54.47
C LEU C 42 -40.51 11.62 -55.13
N GLY C 43 -41.81 11.35 -54.97
CA GLY C 43 -42.87 12.20 -55.52
C GLY C 43 -42.69 13.66 -55.10
N LEU C 44 -42.55 13.90 -53.79
CA LEU C 44 -42.43 15.28 -53.24
C LEU C 44 -41.13 15.93 -53.71
N SER C 45 -40.05 15.16 -53.84
CA SER C 45 -38.72 15.69 -54.24
C SER C 45 -38.79 16.15 -55.70
N VAL C 46 -39.37 15.34 -56.58
CA VAL C 46 -39.53 15.70 -58.02
C VAL C 46 -40.54 16.85 -58.12
N GLY C 47 -41.61 16.81 -57.31
CA GLY C 47 -42.62 17.87 -57.20
C GLY C 47 -41.97 19.22 -56.88
N VAL C 48 -41.14 19.25 -55.85
CA VAL C 48 -40.41 20.47 -55.41
C VAL C 48 -39.56 20.98 -56.56
N GLU C 49 -38.84 20.09 -57.26
CA GLU C 49 -37.84 20.48 -58.30
C GLU C 49 -38.56 20.99 -59.56
N ILE C 50 -39.66 20.35 -59.95
CA ILE C 50 -40.51 20.81 -61.09
C ILE C 50 -41.04 22.22 -60.76
N ALA C 51 -41.73 22.36 -59.63
CA ALA C 51 -42.35 23.63 -59.17
C ALA C 51 -41.32 24.76 -59.14
N ARG C 52 -40.11 24.48 -58.67
CA ARG C 52 -39.03 25.50 -58.47
C ARG C 52 -38.45 25.96 -59.81
N THR C 53 -38.25 25.05 -60.77
CA THR C 53 -37.50 25.30 -62.03
C THR C 53 -38.44 25.62 -63.19
N ARG C 54 -39.76 25.41 -63.02
CA ARG C 54 -40.79 25.71 -64.06
C ARG C 54 -41.93 26.50 -63.42
N PRO C 55 -41.74 27.79 -63.03
CA PRO C 55 -42.79 28.55 -62.35
C PRO C 55 -44.00 28.86 -63.26
N ASP C 56 -43.81 28.72 -64.57
CA ASP C 56 -44.84 28.87 -65.65
C ASP C 56 -45.96 27.82 -65.48
N VAL C 57 -45.62 26.56 -65.17
CA VAL C 57 -46.56 25.40 -65.25
C VAL C 57 -47.20 25.11 -63.88
N ARG C 58 -48.42 24.54 -63.91
CA ARG C 58 -49.16 24.03 -62.73
C ARG C 58 -48.72 22.60 -62.44
N VAL C 59 -48.12 22.37 -61.26
CA VAL C 59 -47.72 21.01 -60.79
C VAL C 59 -48.65 20.61 -59.64
N THR C 60 -49.38 19.51 -59.84
CA THR C 60 -50.31 18.91 -58.85
C THR C 60 -49.72 17.58 -58.36
N LEU C 61 -49.70 17.36 -57.03
CA LEU C 61 -49.16 16.12 -56.43
C LEU C 61 -50.29 15.36 -55.72
N LEU C 62 -50.50 14.09 -56.09
CA LEU C 62 -51.55 13.18 -55.55
C LEU C 62 -50.99 12.33 -54.41
N GLY C 63 -51.87 11.72 -53.61
CA GLY C 63 -51.53 10.87 -52.44
C GLY C 63 -52.12 11.40 -51.14
N LYS C 64 -52.43 10.50 -50.20
CA LYS C 64 -53.19 10.78 -48.95
C LYS C 64 -52.23 10.85 -47.76
N PRO C 65 -52.62 11.53 -46.66
CA PRO C 65 -51.76 11.63 -45.47
C PRO C 65 -51.45 10.29 -44.78
N ALA C 66 -52.33 9.31 -44.92
CA ALA C 66 -52.17 7.93 -44.37
C ALA C 66 -50.87 7.30 -44.90
N ARG C 67 -50.46 7.62 -46.13
CA ARG C 67 -49.25 7.04 -46.79
C ARG C 67 -49.23 5.51 -46.56
N GLN C 68 -50.26 4.81 -47.02
CA GLN C 68 -50.42 3.35 -46.84
C GLN C 68 -49.24 2.61 -47.51
N TYR C 69 -48.60 1.71 -46.77
CA TYR C 69 -47.43 0.89 -47.17
C TYR C 69 -46.19 1.76 -47.40
N GLY C 70 -46.24 3.04 -46.99
CA GLY C 70 -45.21 4.04 -47.32
C GLY C 70 -43.87 3.67 -46.70
N ALA C 71 -42.84 3.55 -47.54
CA ALA C 71 -41.43 3.30 -47.15
C ALA C 71 -40.88 4.50 -46.37
N THR C 72 -41.07 5.71 -46.89
CA THR C 72 -40.44 6.96 -46.38
C THR C 72 -40.72 7.13 -44.89
N PRO C 73 -41.99 7.13 -44.41
CA PRO C 73 -42.28 7.40 -43.00
C PRO C 73 -41.73 6.30 -42.07
N ALA C 74 -41.50 5.09 -42.58
CA ALA C 74 -40.94 3.94 -41.79
C ALA C 74 -39.41 4.00 -41.80
N ALA C 75 -38.80 4.93 -42.55
CA ALA C 75 -37.33 5.03 -42.71
C ALA C 75 -36.76 5.89 -41.58
N GLY C 76 -35.49 5.67 -41.26
CA GLY C 76 -34.79 6.33 -40.13
C GLY C 76 -34.66 7.83 -40.32
N ALA C 77 -33.90 8.26 -41.34
CA ALA C 77 -33.34 7.42 -42.38
C ALA C 77 -31.85 7.73 -42.54
N MET C 78 -31.06 6.71 -42.88
CA MET C 78 -29.62 6.88 -43.21
C MET C 78 -29.47 7.46 -44.62
N LEU C 79 -28.57 8.41 -44.80
CA LEU C 79 -28.09 8.83 -46.16
C LEU C 79 -27.00 7.84 -46.59
N GLY C 80 -27.43 6.63 -46.93
CA GLY C 80 -26.57 5.44 -47.11
C GLY C 80 -25.95 5.43 -48.49
N ALA C 81 -24.62 5.51 -48.54
CA ALA C 81 -23.78 5.44 -49.76
C ALA C 81 -22.74 4.34 -49.55
N PHE C 82 -21.75 4.59 -48.70
CA PHE C 82 -20.67 3.63 -48.36
C PHE C 82 -21.22 2.55 -47.44
N GLY C 83 -22.09 2.90 -46.50
CA GLY C 83 -22.74 1.97 -45.57
C GLY C 83 -23.52 0.88 -46.31
N GLU C 84 -23.98 1.15 -47.54
CA GLU C 84 -24.79 0.22 -48.36
C GLU C 84 -23.89 -0.71 -49.19
N VAL C 85 -22.58 -0.51 -49.19
CA VAL C 85 -21.63 -1.30 -50.01
C VAL C 85 -21.64 -2.76 -49.51
N THR C 86 -21.86 -3.70 -50.43
CA THR C 86 -21.59 -5.15 -50.25
C THR C 86 -20.59 -5.61 -51.32
N ALA C 87 -19.75 -6.61 -51.00
CA ALA C 87 -18.87 -7.31 -51.96
C ALA C 87 -19.68 -7.72 -53.20
N HIS C 88 -20.87 -8.30 -53.02
CA HIS C 88 -21.75 -8.80 -54.10
C HIS C 88 -22.18 -7.68 -55.05
N ALA C 89 -22.55 -6.50 -54.51
CA ALA C 89 -22.98 -5.33 -55.30
C ALA C 89 -21.83 -4.86 -56.20
N LEU C 90 -20.63 -4.72 -55.64
CA LEU C 90 -19.42 -4.16 -56.32
C LEU C 90 -18.69 -5.23 -57.18
N ALA C 91 -19.32 -6.37 -57.44
CA ALA C 91 -18.78 -7.46 -58.29
C ALA C 91 -19.54 -7.49 -59.63
N SER C 92 -20.68 -6.79 -59.74
CA SER C 92 -21.46 -6.63 -61.00
C SER C 92 -21.31 -5.20 -61.52
N GLU C 93 -21.30 -5.04 -62.85
CA GLU C 93 -21.25 -3.73 -63.54
C GLU C 93 -22.39 -2.85 -63.02
N HIS C 94 -23.61 -3.39 -63.02
CA HIS C 94 -24.87 -2.69 -62.64
C HIS C 94 -24.78 -2.22 -61.18
N GLY C 95 -24.21 -3.03 -60.30
CA GLY C 95 -24.00 -2.70 -58.87
C GLY C 95 -23.00 -1.56 -58.68
N ARG C 96 -21.92 -1.51 -59.46
CA ARG C 96 -20.89 -0.44 -59.35
C ARG C 96 -21.48 0.90 -59.82
N LYS C 97 -22.40 0.88 -60.78
CA LYS C 97 -23.13 2.08 -61.27
C LYS C 97 -24.03 2.65 -60.16
N LYS C 98 -24.88 1.81 -59.57
CA LYS C 98 -25.76 2.14 -58.42
C LYS C 98 -24.93 2.80 -57.32
N HIS C 99 -23.78 2.20 -56.98
CA HIS C 99 -22.88 2.75 -55.93
C HIS C 99 -22.47 4.16 -56.32
N ALA C 100 -22.02 4.36 -57.56
CA ALA C 100 -21.52 5.65 -58.10
C ALA C 100 -22.60 6.71 -57.95
N LEU C 101 -23.84 6.40 -58.32
CA LEU C 101 -25.03 7.31 -58.18
C LEU C 101 -25.24 7.70 -56.71
N ALA C 102 -25.13 6.75 -55.79
CA ALA C 102 -25.30 6.96 -54.33
C ALA C 102 -24.24 7.95 -53.84
N VAL C 103 -23.01 7.84 -54.36
CA VAL C 103 -21.88 8.76 -54.02
C VAL C 103 -22.21 10.15 -54.55
N GLN C 104 -22.74 10.24 -55.78
CA GLN C 104 -23.14 11.52 -56.43
C GLN C 104 -24.26 12.15 -55.61
N ALA C 105 -25.27 11.37 -55.24
CA ALA C 105 -26.43 11.82 -54.44
C ALA C 105 -25.94 12.46 -53.12
N GLN C 106 -24.95 11.86 -52.48
CA GLN C 106 -24.40 12.33 -51.17
C GLN C 106 -23.98 13.79 -51.27
N ARG C 107 -23.37 14.20 -52.38
CA ARG C 107 -22.81 15.56 -52.58
C ARG C 107 -23.92 16.60 -52.64
N LEU C 108 -25.14 16.22 -53.05
CA LEU C 108 -26.29 17.14 -53.21
C LEU C 108 -26.95 17.44 -51.86
N TRP C 109 -26.76 16.62 -50.83
CA TRP C 109 -27.62 16.63 -49.61
C TRP C 109 -27.44 17.92 -48.80
N PRO C 110 -26.20 18.41 -48.53
CA PRO C 110 -26.03 19.64 -47.76
C PRO C 110 -26.82 20.84 -48.31
N GLU C 111 -26.76 21.09 -49.63
CA GLU C 111 -27.45 22.25 -50.28
C GLU C 111 -28.95 21.97 -50.38
N TRP C 112 -29.35 20.71 -50.57
CA TRP C 112 -30.77 20.26 -50.68
C TRP C 112 -31.49 20.54 -49.37
N ILE C 113 -30.86 20.20 -48.24
CA ILE C 113 -31.39 20.43 -46.87
C ILE C 113 -31.47 21.93 -46.62
N GLU C 114 -30.40 22.67 -46.88
CA GLU C 114 -30.33 24.15 -46.75
C GLU C 114 -31.53 24.77 -47.48
N SER C 115 -31.80 24.34 -48.70
CA SER C 115 -32.87 24.90 -49.58
C SER C 115 -34.26 24.48 -49.07
N LEU C 116 -34.37 23.38 -48.32
CA LEU C 116 -35.67 22.91 -47.76
C LEU C 116 -35.93 23.56 -46.41
N GLU C 117 -34.90 23.70 -45.57
CA GLU C 117 -34.98 24.36 -44.24
C GLU C 117 -35.18 25.87 -44.42
N ALA C 118 -34.74 26.45 -45.53
CA ALA C 118 -34.83 27.89 -45.86
C ALA C 118 -36.30 28.34 -45.94
N THR C 119 -37.22 27.45 -46.30
CA THR C 119 -38.67 27.74 -46.44
C THR C 119 -39.38 27.62 -45.09
N GLY C 120 -38.66 27.29 -44.02
CA GLY C 120 -39.21 27.09 -42.66
C GLY C 120 -38.49 27.94 -41.63
N THR C 121 -38.72 27.68 -40.34
CA THR C 121 -38.09 28.37 -39.20
C THR C 121 -37.51 27.33 -38.23
N ALA C 122 -36.74 27.78 -37.24
CA ALA C 122 -36.10 26.96 -36.18
C ALA C 122 -37.09 25.93 -35.61
N ALA C 123 -38.34 26.33 -35.36
CA ALA C 123 -39.36 25.56 -34.62
C ALA C 123 -39.92 24.38 -35.44
N ASP C 124 -39.64 24.33 -36.75
CA ASP C 124 -40.04 23.20 -37.64
C ASP C 124 -39.15 21.97 -37.41
N GLY C 125 -38.01 22.15 -36.73
CA GLY C 125 -37.08 21.07 -36.39
C GLY C 125 -36.02 20.94 -37.47
N ARG C 126 -34.96 20.20 -37.17
CA ARG C 126 -33.81 19.98 -38.09
C ARG C 126 -34.06 18.69 -38.87
N ILE C 127 -33.85 18.75 -40.19
CA ILE C 127 -33.94 17.55 -41.09
C ILE C 127 -32.78 16.61 -40.75
N LYS C 128 -31.57 17.14 -40.60
CA LYS C 128 -30.34 16.37 -40.30
C LYS C 128 -30.34 15.97 -38.82
N THR C 129 -30.14 14.70 -38.51
CA THR C 129 -30.03 14.17 -37.11
C THR C 129 -28.60 13.69 -36.80
N ALA C 130 -27.76 13.46 -37.81
CA ALA C 130 -26.33 13.15 -37.64
C ALA C 130 -25.56 13.43 -38.92
N ASP C 131 -24.27 13.73 -38.78
CA ASP C 131 -23.36 14.05 -39.91
C ASP C 131 -22.58 12.79 -40.32
N ASP C 132 -22.29 11.93 -39.35
CA ASP C 132 -21.35 10.81 -39.47
C ASP C 132 -22.04 9.48 -39.15
N THR C 133 -21.46 8.39 -39.64
CA THR C 133 -21.92 6.99 -39.44
C THR C 133 -20.74 6.19 -38.89
N VAL C 134 -20.98 5.34 -37.90
CA VAL C 134 -20.00 4.31 -37.49
C VAL C 134 -20.54 2.94 -37.94
N VAL C 135 -19.77 2.24 -38.78
CA VAL C 135 -20.05 0.84 -39.20
C VAL C 135 -19.34 -0.07 -38.20
N LEU C 136 -20.09 -0.98 -37.58
CA LEU C 136 -19.62 -1.92 -36.53
C LEU C 136 -19.49 -3.31 -37.14
N LEU C 137 -18.39 -4.00 -36.83
CA LEU C 137 -18.21 -5.42 -37.18
C LEU C 137 -18.22 -6.24 -35.89
N ASN C 138 -19.21 -7.12 -35.75
CA ASN C 138 -19.37 -8.09 -34.65
C ASN C 138 -19.48 -9.48 -35.28
N THR C 139 -19.59 -10.53 -34.46
CA THR C 139 -19.61 -11.93 -34.96
C THR C 139 -21.03 -12.49 -34.93
N VAL C 140 -22.05 -11.63 -34.85
CA VAL C 140 -23.47 -12.10 -34.82
C VAL C 140 -23.97 -12.10 -36.28
N GLY C 141 -23.32 -12.91 -37.11
CA GLY C 141 -23.65 -13.03 -38.54
C GLY C 141 -22.69 -13.96 -39.24
N HIS C 142 -22.88 -14.11 -40.55
CA HIS C 142 -22.04 -14.98 -41.39
C HIS C 142 -20.76 -14.24 -41.71
N SER C 143 -19.60 -14.89 -41.56
CA SER C 143 -18.29 -14.36 -42.02
C SER C 143 -18.35 -14.07 -43.53
N ALA C 144 -19.06 -14.89 -44.31
CA ALA C 144 -19.15 -14.81 -45.78
C ALA C 144 -19.89 -13.54 -46.21
N LEU C 145 -20.73 -12.96 -45.36
CA LEU C 145 -21.35 -11.63 -45.62
C LEU C 145 -20.57 -10.54 -44.89
N ASP C 146 -20.55 -10.58 -43.57
CA ASP C 146 -20.10 -9.44 -42.72
C ASP C 146 -18.60 -9.17 -42.92
N ASP C 147 -17.74 -10.19 -42.97
CA ASP C 147 -16.27 -9.99 -43.15
C ASP C 147 -16.02 -9.45 -44.57
N ALA C 148 -16.64 -10.04 -45.58
CA ALA C 148 -16.48 -9.65 -46.99
C ALA C 148 -16.98 -8.20 -47.18
N ASN C 149 -18.12 -7.86 -46.56
CA ASN C 149 -18.79 -6.55 -46.76
C ASN C 149 -18.02 -5.46 -46.03
N PHE C 150 -17.44 -5.75 -44.87
CA PHE C 150 -16.62 -4.76 -44.13
C PHE C 150 -15.41 -4.36 -44.97
N ALA C 151 -14.74 -5.35 -45.56
CA ALA C 151 -13.56 -5.18 -46.45
C ALA C 151 -13.97 -4.36 -47.68
N ALA C 152 -15.12 -4.67 -48.29
CA ALA C 152 -15.67 -3.98 -49.48
C ALA C 152 -15.99 -2.51 -49.16
N VAL C 153 -16.50 -2.22 -47.98
CA VAL C 153 -16.83 -0.82 -47.54
C VAL C 153 -15.52 -0.04 -47.43
N LEU C 154 -14.55 -0.61 -46.74
CA LEU C 154 -13.19 -0.03 -46.52
C LEU C 154 -12.58 0.29 -47.89
N THR C 155 -12.67 -0.66 -48.82
CA THR C 155 -12.11 -0.54 -50.19
C THR C 155 -12.81 0.63 -50.92
N ALA C 156 -14.14 0.61 -50.96
CA ALA C 156 -14.98 1.59 -51.70
C ALA C 156 -14.74 3.01 -51.18
N LEU C 157 -14.52 3.16 -49.87
CA LEU C 157 -14.18 4.46 -49.23
C LEU C 157 -12.83 4.96 -49.74
N LYS C 158 -11.84 4.06 -49.79
CA LYS C 158 -10.46 4.35 -50.26
C LYS C 158 -10.52 4.79 -51.74
N GLU C 159 -11.18 4.00 -52.60
CA GLU C 159 -11.36 4.27 -54.05
C GLU C 159 -11.94 5.67 -54.30
N ALA C 160 -12.97 6.05 -53.54
CA ALA C 160 -13.72 7.32 -53.74
C ALA C 160 -13.05 8.47 -52.99
N ASN C 161 -11.92 8.23 -52.30
CA ASN C 161 -11.17 9.27 -51.55
C ASN C 161 -12.10 9.93 -50.52
N ALA C 162 -13.03 9.16 -49.95
CA ALA C 162 -13.99 9.63 -48.93
C ALA C 162 -13.28 9.71 -47.58
N PRO C 163 -13.55 10.76 -46.77
CA PRO C 163 -12.94 10.88 -45.45
C PRO C 163 -13.55 9.85 -44.48
N HIS C 164 -12.69 9.08 -43.82
CA HIS C 164 -13.07 7.94 -42.93
C HIS C 164 -11.83 7.52 -42.15
N GLU C 165 -12.00 6.80 -41.04
CA GLU C 165 -10.88 6.05 -40.45
C GLU C 165 -11.44 4.86 -39.65
N GLU C 166 -10.68 3.77 -39.65
CA GLU C 166 -10.89 2.63 -38.71
C GLU C 166 -10.50 3.15 -37.33
N ILE C 167 -11.42 3.07 -36.37
CA ILE C 167 -11.23 3.60 -35.00
C ILE C 167 -11.27 2.44 -34.01
N ALA C 168 -10.72 2.66 -32.82
CA ALA C 168 -10.82 1.72 -31.69
C ALA C 168 -12.31 1.63 -31.32
N VAL C 169 -12.79 0.42 -31.02
CA VAL C 169 -14.20 0.20 -30.63
C VAL C 169 -14.46 0.94 -29.30
N GLU C 170 -13.47 1.03 -28.43
CA GLU C 170 -13.55 1.74 -27.11
C GLU C 170 -13.81 3.25 -27.32
N SER C 171 -13.51 3.78 -28.50
CA SER C 171 -13.71 5.22 -28.84
C SER C 171 -15.09 5.47 -29.46
N VAL C 172 -15.89 4.43 -29.76
CA VAL C 172 -17.28 4.62 -30.26
C VAL C 172 -18.13 5.07 -29.07
N ASP C 173 -18.77 6.23 -29.19
CA ASP C 173 -19.51 6.84 -28.04
C ASP C 173 -20.88 6.15 -27.94
N TRP C 174 -21.34 5.99 -26.69
CA TRP C 174 -22.73 5.67 -26.30
C TRP C 174 -22.95 4.16 -26.23
N ILE C 175 -22.49 3.38 -27.23
CA ILE C 175 -22.84 1.92 -27.35
C ILE C 175 -22.50 1.20 -26.04
N ASP C 176 -23.34 0.24 -25.67
CA ASP C 176 -23.13 -0.61 -24.47
C ASP C 176 -23.60 -2.02 -24.82
N PRO C 177 -22.91 -2.70 -25.75
CA PRO C 177 -23.34 -4.02 -26.20
C PRO C 177 -23.11 -5.09 -25.13
N ASP C 178 -23.87 -6.18 -25.21
CA ASP C 178 -23.55 -7.48 -24.59
C ASP C 178 -22.14 -7.87 -25.04
N PRO C 179 -21.19 -8.12 -24.12
CA PRO C 179 -19.84 -8.53 -24.54
C PRO C 179 -19.79 -9.66 -25.59
N ASN C 180 -20.70 -10.62 -25.53
CA ASN C 180 -20.72 -11.76 -26.49
C ASN C 180 -21.24 -11.31 -27.86
N SER C 181 -21.81 -10.10 -27.97
CA SER C 181 -22.36 -9.53 -29.23
C SER C 181 -21.61 -8.27 -29.65
N ARG C 182 -20.49 -7.96 -28.99
CA ARG C 182 -19.82 -6.65 -29.12
C ARG C 182 -19.06 -6.58 -30.44
N PRO C 183 -18.81 -5.36 -30.96
CA PRO C 183 -17.97 -5.19 -32.14
C PRO C 183 -16.49 -5.26 -31.72
N LEU C 184 -15.63 -5.76 -32.61
CA LEU C 184 -14.16 -5.80 -32.41
C LEU C 184 -13.47 -4.86 -33.40
N ARG C 185 -14.19 -4.39 -34.42
CA ARG C 185 -13.71 -3.37 -35.39
C ARG C 185 -14.81 -2.35 -35.64
N ALA C 186 -14.43 -1.10 -35.88
CA ALA C 186 -15.36 0.02 -36.09
C ALA C 186 -14.77 0.98 -37.11
N LEU C 187 -15.64 1.52 -37.95
CA LEU C 187 -15.32 2.36 -39.13
C LEU C 187 -16.15 3.65 -39.04
N HIS C 188 -15.48 4.78 -38.80
CA HIS C 188 -16.06 6.13 -38.77
C HIS C 188 -16.09 6.68 -40.20
N ILE C 189 -17.28 6.91 -40.75
CA ILE C 189 -17.47 7.54 -42.10
C ILE C 189 -17.95 8.97 -41.89
N GLU C 190 -17.16 9.94 -42.37
CA GLU C 190 -17.40 11.39 -42.18
C GLU C 190 -18.30 11.88 -43.31
N GLY C 191 -19.35 12.63 -42.98
CA GLY C 191 -20.27 13.23 -43.97
C GLY C 191 -21.27 12.22 -44.53
N GLU C 192 -21.37 11.04 -43.91
CA GLU C 192 -22.44 10.04 -44.18
C GLU C 192 -23.32 10.03 -42.94
N GLY C 193 -24.53 10.58 -43.05
CA GLY C 193 -25.37 10.91 -41.89
C GLY C 193 -26.77 10.36 -42.03
N SER C 194 -27.69 11.03 -41.35
CA SER C 194 -29.10 10.64 -41.26
C SER C 194 -29.99 11.89 -41.26
N VAL C 195 -31.23 11.68 -41.67
CA VAL C 195 -32.33 12.67 -41.62
C VAL C 195 -33.48 12.06 -40.81
N ASP C 196 -34.25 12.91 -40.13
CA ASP C 196 -35.59 12.55 -39.62
C ASP C 196 -36.53 12.52 -40.82
N SER C 197 -36.99 11.34 -41.24
CA SER C 197 -37.83 11.17 -42.45
C SER C 197 -39.14 11.96 -42.32
N GLY C 198 -39.66 12.11 -41.10
CA GLY C 198 -40.92 12.82 -40.83
C GLY C 198 -40.76 14.32 -41.03
N ILE C 199 -39.69 14.90 -40.49
CA ILE C 199 -39.34 16.34 -40.66
C ILE C 199 -38.99 16.59 -42.13
N LEU C 200 -38.34 15.64 -42.80
CA LEU C 200 -37.99 15.74 -44.26
C LEU C 200 -39.30 15.85 -45.06
N LEU C 201 -40.27 14.98 -44.80
CA LEU C 201 -41.57 14.97 -45.52
C LEU C 201 -42.29 16.31 -45.31
N ALA C 202 -42.33 16.81 -44.07
CA ALA C 202 -42.98 18.09 -43.70
C ALA C 202 -42.30 19.24 -44.45
N ALA C 203 -40.96 19.22 -44.53
CA ALA C 203 -40.13 20.27 -45.18
C ALA C 203 -40.34 20.22 -46.70
N LEU C 204 -40.51 19.01 -47.27
CA LEU C 204 -40.77 18.84 -48.72
C LEU C 204 -42.16 19.40 -49.05
N GLU C 205 -43.18 19.05 -48.26
CA GLU C 205 -44.57 19.55 -48.42
C GLU C 205 -44.57 21.08 -48.34
N ARG C 206 -43.96 21.64 -47.30
CA ARG C 206 -43.82 23.10 -47.07
C ARG C 206 -43.14 23.74 -48.29
N SER C 207 -42.02 23.16 -48.76
CA SER C 207 -41.21 23.71 -49.87
C SER C 207 -41.98 23.63 -51.19
N PHE C 208 -42.80 22.59 -51.35
CA PHE C 208 -43.65 22.37 -52.56
C PHE C 208 -44.68 23.50 -52.67
N LEU C 209 -45.40 23.75 -51.57
CA LEU C 209 -46.45 24.80 -51.48
C LEU C 209 -45.80 26.17 -51.72
N GLN C 210 -44.65 26.44 -51.10
CA GLN C 210 -43.88 27.72 -51.23
C GLN C 210 -43.56 28.00 -52.69
N ALA C 211 -43.30 26.96 -53.50
CA ALA C 211 -42.88 27.09 -54.91
C ALA C 211 -44.11 27.03 -55.84
N GLY C 212 -45.33 27.00 -55.28
CA GLY C 212 -46.58 27.12 -56.06
C GLY C 212 -47.22 25.79 -56.37
N GLY C 213 -46.70 24.68 -55.84
CA GLY C 213 -47.29 23.34 -56.04
C GLY C 213 -48.64 23.25 -55.37
N ARG C 214 -49.55 22.42 -55.89
CA ARG C 214 -50.88 22.19 -55.28
C ARG C 214 -50.96 20.71 -54.89
N LEU C 215 -51.30 20.45 -53.62
CA LEU C 215 -51.51 19.10 -53.03
C LEU C 215 -52.98 18.74 -53.15
N HIS C 216 -53.31 17.68 -53.89
CA HIS C 216 -54.68 17.12 -54.00
C HIS C 216 -54.70 15.76 -53.30
N PRO C 217 -55.25 15.66 -52.06
CA PRO C 217 -55.10 14.45 -51.24
C PRO C 217 -56.06 13.32 -51.67
N VAL C 218 -55.88 12.82 -52.89
CA VAL C 218 -56.59 11.63 -53.45
C VAL C 218 -55.54 10.76 -54.15
N ASP C 219 -55.92 9.52 -54.48
CA ASP C 219 -55.04 8.53 -55.16
C ASP C 219 -55.43 8.48 -56.65
N ALA C 220 -54.44 8.34 -57.52
CA ALA C 220 -54.65 7.99 -58.95
C ALA C 220 -55.16 6.56 -59.02
N THR C 221 -56.20 6.31 -59.83
CA THR C 221 -56.77 4.98 -60.13
C THR C 221 -56.27 4.48 -61.49
N GLU C 222 -55.99 5.39 -62.43
CA GLU C 222 -55.73 5.06 -63.85
C GLU C 222 -55.03 6.23 -64.53
N ILE C 223 -54.00 5.95 -65.32
CA ILE C 223 -53.34 6.93 -66.24
C ILE C 223 -54.04 6.79 -67.60
N ARG C 224 -54.53 7.88 -68.16
CA ARG C 224 -55.18 7.88 -69.51
C ARG C 224 -54.16 8.39 -70.54
N ALA C 225 -53.99 7.62 -71.61
CA ALA C 225 -53.18 7.94 -72.79
C ALA C 225 -53.94 7.50 -74.04
N SER C 226 -53.77 8.23 -75.14
CA SER C 226 -54.27 7.87 -76.49
C SER C 226 -53.27 8.38 -77.53
N HIS C 227 -53.14 7.65 -78.64
CA HIS C 227 -52.18 7.94 -79.75
C HIS C 227 -50.81 8.23 -79.13
N GLY C 228 -50.39 7.39 -78.18
CA GLY C 228 -49.05 7.36 -77.55
C GLY C 228 -48.68 8.65 -76.82
N ARG C 229 -49.65 9.32 -76.17
CA ARG C 229 -49.44 10.57 -75.41
C ARG C 229 -50.29 10.55 -74.14
N VAL C 230 -49.79 11.10 -73.03
CA VAL C 230 -50.55 11.20 -71.74
C VAL C 230 -51.59 12.31 -71.86
N GLU C 231 -52.83 12.02 -71.44
CA GLU C 231 -53.96 12.97 -71.35
C GLU C 231 -54.09 13.44 -69.90
N GLY C 232 -53.94 12.52 -68.94
CA GLY C 232 -53.99 12.85 -67.50
C GLY C 232 -54.29 11.63 -66.63
N VAL C 233 -55.02 11.84 -65.54
CA VAL C 233 -55.15 10.86 -64.41
C VAL C 233 -56.58 10.86 -63.88
N VAL C 234 -57.22 9.68 -63.87
CA VAL C 234 -58.50 9.43 -63.14
C VAL C 234 -58.13 9.16 -61.67
N THR C 235 -58.77 9.86 -60.74
CA THR C 235 -58.54 9.76 -59.27
C THR C 235 -59.64 8.89 -58.64
N ASP C 236 -59.43 8.43 -57.40
CA ASP C 236 -60.29 7.41 -56.71
C ASP C 236 -61.59 8.03 -56.20
N ASP C 237 -61.77 9.36 -56.36
CA ASP C 237 -63.04 10.07 -56.04
C ASP C 237 -63.91 10.18 -57.31
N GLY C 238 -63.46 9.65 -58.45
CA GLY C 238 -64.22 9.61 -59.72
C GLY C 238 -63.81 10.71 -60.70
N ASP C 239 -63.11 11.75 -60.23
CA ASP C 239 -62.75 12.96 -61.01
C ASP C 239 -61.70 12.58 -62.08
N PHE C 240 -61.47 13.46 -63.06
CA PHE C 240 -60.39 13.35 -64.08
C PHE C 240 -59.56 14.64 -64.11
N LEU C 241 -58.23 14.51 -63.99
CA LEU C 241 -57.27 15.65 -64.00
C LEU C 241 -56.46 15.60 -65.29
N PRO C 242 -56.53 16.63 -66.15
CA PRO C 242 -55.77 16.63 -67.40
C PRO C 242 -54.34 17.11 -67.19
N ALA C 243 -53.40 16.62 -68.01
CA ALA C 243 -51.96 16.99 -67.93
C ALA C 243 -51.22 16.52 -69.19
N GLY C 244 -50.15 17.25 -69.55
CA GLY C 244 -49.20 16.88 -70.61
C GLY C 244 -47.98 16.15 -70.06
N HIS C 245 -47.84 16.09 -68.72
CA HIS C 245 -46.79 15.35 -68.00
C HIS C 245 -47.38 14.65 -66.78
N VAL C 246 -47.14 13.33 -66.67
CA VAL C 246 -47.49 12.49 -65.48
C VAL C 246 -46.21 11.77 -65.02
N VAL C 247 -45.76 12.07 -63.79
CA VAL C 247 -44.60 11.41 -63.12
C VAL C 247 -45.16 10.42 -62.09
N VAL C 248 -44.93 9.12 -62.30
CA VAL C 248 -45.38 8.05 -61.37
C VAL C 248 -44.25 7.80 -60.37
N ALA C 249 -44.50 8.13 -59.10
CA ALA C 249 -43.63 7.84 -57.94
C ALA C 249 -44.52 7.32 -56.81
N ALA C 250 -45.26 6.25 -57.10
CA ALA C 250 -46.28 5.65 -56.21
C ALA C 250 -45.68 4.47 -55.43
N GLY C 251 -44.38 4.52 -55.16
CA GLY C 251 -43.64 3.42 -54.51
C GLY C 251 -43.97 2.08 -55.14
N ALA C 252 -44.26 1.07 -54.32
CA ALA C 252 -44.44 -0.34 -54.74
C ALA C 252 -45.64 -0.49 -55.68
N ARG C 253 -46.50 0.54 -55.81
CA ARG C 253 -47.72 0.46 -56.66
C ARG C 253 -47.44 1.02 -58.08
N SER C 254 -46.25 1.57 -58.32
CA SER C 254 -45.86 2.33 -59.54
C SER C 254 -46.03 1.50 -60.81
N GLN C 255 -45.51 0.26 -60.85
CA GLN C 255 -45.58 -0.61 -62.08
C GLN C 255 -47.01 -1.05 -62.32
N ARG C 256 -47.73 -1.48 -61.27
CA ARG C 256 -49.14 -1.96 -61.39
C ARG C 256 -49.97 -0.87 -62.06
N LEU C 257 -49.64 0.41 -61.81
CA LEU C 257 -50.39 1.59 -62.32
C LEU C 257 -50.11 1.81 -63.82
N VAL C 258 -48.85 1.68 -64.24
CA VAL C 258 -48.40 1.94 -65.64
C VAL C 258 -48.67 0.72 -66.53
N ALA C 259 -48.75 -0.49 -65.97
CA ALA C 259 -48.82 -1.78 -66.71
C ALA C 259 -50.19 -1.97 -67.38
N ALA C 260 -51.22 -1.23 -66.94
CA ALA C 260 -52.59 -1.28 -67.48
C ALA C 260 -52.63 -0.68 -68.90
N LEU C 261 -51.68 0.20 -69.24
CA LEU C 261 -51.53 0.81 -70.59
C LEU C 261 -51.12 -0.25 -71.61
N PRO C 262 -51.45 -0.07 -72.91
CA PRO C 262 -51.22 -1.11 -73.93
C PRO C 262 -49.75 -1.54 -74.08
N GLY C 263 -49.48 -2.85 -74.02
CA GLY C 263 -48.14 -3.44 -74.25
C GLY C 263 -47.28 -3.44 -73.00
N LEU C 264 -47.46 -2.46 -72.11
CA LEU C 264 -46.52 -2.09 -71.02
C LEU C 264 -46.48 -3.14 -69.91
N ALA C 265 -47.43 -4.08 -69.86
CA ALA C 265 -47.51 -5.15 -68.85
C ALA C 265 -46.20 -5.96 -68.84
N HIS C 266 -45.56 -6.12 -70.01
CA HIS C 266 -44.32 -6.94 -70.14
C HIS C 266 -43.13 -6.09 -70.59
N ARG C 267 -43.24 -4.76 -70.49
CA ARG C 267 -42.18 -3.80 -70.89
C ARG C 267 -41.68 -2.99 -69.69
N ILE C 268 -42.51 -2.81 -68.66
CA ILE C 268 -42.11 -2.23 -67.35
C ILE C 268 -41.86 -3.37 -66.36
N PRO C 269 -40.62 -3.56 -65.86
CA PRO C 269 -40.34 -4.60 -64.88
C PRO C 269 -41.23 -4.48 -63.63
N ARG C 270 -41.79 -5.61 -63.18
CA ARG C 270 -42.61 -5.68 -61.95
C ARG C 270 -41.83 -5.14 -60.76
N ILE C 271 -42.57 -4.50 -59.85
CA ILE C 271 -42.09 -4.05 -58.52
C ILE C 271 -42.94 -4.77 -57.46
N TYR C 272 -42.29 -5.43 -56.51
CA TYR C 272 -42.91 -6.12 -55.35
C TYR C 272 -42.69 -5.26 -54.10
N ASP C 273 -43.23 -5.71 -52.96
CA ASP C 273 -43.14 -5.02 -51.64
C ASP C 273 -41.99 -5.60 -50.80
N GLY C 274 -40.93 -4.83 -50.64
CA GLY C 274 -39.83 -5.12 -49.68
C GLY C 274 -40.22 -4.66 -48.29
N VAL C 275 -41.07 -5.45 -47.61
CA VAL C 275 -41.73 -5.05 -46.33
C VAL C 275 -40.67 -4.89 -45.25
N GLY C 276 -40.63 -3.71 -44.63
CA GLY C 276 -39.59 -3.30 -43.68
C GLY C 276 -40.18 -2.93 -42.36
N VAL C 277 -39.59 -3.43 -41.28
CA VAL C 277 -40.06 -3.15 -39.89
C VAL C 277 -38.94 -2.37 -39.21
N SER C 278 -39.34 -1.29 -38.55
CA SER C 278 -38.47 -0.42 -37.73
C SER C 278 -39.25 -0.06 -36.47
N ALA C 279 -38.61 0.61 -35.53
CA ALA C 279 -39.23 0.95 -34.24
C ALA C 279 -38.69 2.29 -33.74
N LEU C 280 -39.54 3.05 -33.06
CA LEU C 280 -39.15 4.26 -32.30
C LEU C 280 -39.15 3.85 -30.83
N VAL C 281 -38.06 4.15 -30.14
CA VAL C 281 -37.82 3.79 -28.73
C VAL C 281 -37.47 5.10 -28.00
N ASP C 282 -38.13 5.37 -26.87
CA ASP C 282 -37.72 6.40 -25.88
C ASP C 282 -36.66 5.76 -24.99
N THR C 283 -35.42 6.25 -25.05
CA THR C 283 -34.28 5.66 -24.32
C THR C 283 -34.48 5.89 -22.82
N TRP C 284 -34.07 4.92 -22.01
CA TRP C 284 -34.15 4.89 -20.53
C TRP C 284 -33.79 6.24 -19.91
N ASP C 285 -32.78 6.96 -20.45
CA ASP C 285 -32.22 8.20 -19.84
C ASP C 285 -32.33 9.41 -20.79
N GLY C 286 -33.07 9.29 -21.90
CA GLY C 286 -33.22 10.36 -22.90
C GLY C 286 -32.00 10.54 -23.80
N SER C 287 -30.93 9.77 -23.62
CA SER C 287 -29.68 9.90 -24.42
C SER C 287 -29.83 9.24 -25.79
N GLY C 288 -28.89 9.53 -26.69
CA GLY C 288 -28.79 8.93 -28.04
C GLY C 288 -27.36 9.06 -28.54
N PRO C 289 -26.94 8.28 -29.56
CA PRO C 289 -25.58 8.41 -30.09
C PRO C 289 -25.48 9.65 -30.97
N ALA C 290 -24.26 10.16 -31.10
CA ALA C 290 -23.93 11.37 -31.90
C ALA C 290 -23.91 11.00 -33.38
N THR C 291 -23.65 9.73 -33.71
CA THR C 291 -23.56 9.24 -35.10
C THR C 291 -24.65 8.20 -35.36
N VAL C 292 -24.93 7.94 -36.63
CA VAL C 292 -25.59 6.67 -37.05
C VAL C 292 -24.69 5.53 -36.57
N LEU C 293 -25.31 4.44 -36.11
CA LEU C 293 -24.64 3.16 -35.78
C LEU C 293 -25.26 2.11 -36.68
N ARG C 294 -24.44 1.33 -37.40
CA ARG C 294 -24.97 0.32 -38.33
C ARG C 294 -23.96 -0.82 -38.52
N THR C 295 -24.49 -1.97 -38.96
CA THR C 295 -23.71 -3.05 -39.59
C THR C 295 -23.79 -2.85 -41.09
N SER C 296 -22.99 -3.59 -41.87
CA SER C 296 -23.17 -3.74 -43.33
C SER C 296 -24.50 -4.46 -43.56
N ASN C 297 -25.00 -4.45 -44.80
CA ASN C 297 -26.24 -5.16 -45.19
C ASN C 297 -26.06 -6.66 -44.91
N ARG C 298 -27.12 -7.30 -44.42
CA ARG C 298 -27.10 -8.69 -43.92
C ARG C 298 -28.08 -9.54 -44.72
N ALA C 299 -28.40 -10.75 -44.25
CA ALA C 299 -29.18 -11.77 -44.99
C ALA C 299 -30.39 -11.11 -45.66
N PHE C 300 -30.47 -11.21 -46.98
CA PHE C 300 -31.65 -10.81 -47.79
C PHE C 300 -31.94 -9.32 -47.58
N ALA C 301 -30.88 -8.51 -47.51
CA ALA C 301 -30.94 -7.03 -47.51
C ALA C 301 -31.59 -6.51 -46.22
N CYS C 302 -31.67 -7.33 -45.17
N CYS C 302 -31.67 -7.33 -45.17
CA CYS C 302 -31.91 -6.88 -43.78
CA CYS C 302 -31.92 -6.89 -43.78
C CYS C 302 -30.64 -6.17 -43.31
C CYS C 302 -30.64 -6.17 -43.31
N GLY C 303 -30.67 -5.59 -42.11
CA GLY C 303 -29.49 -4.93 -41.52
C GLY C 303 -29.86 -4.31 -40.19
N LEU C 304 -28.88 -4.11 -39.32
CA LEU C 304 -29.08 -3.44 -38.03
C LEU C 304 -28.56 -2.02 -38.10
N HIS C 305 -29.37 -1.05 -37.69
CA HIS C 305 -28.93 0.35 -37.52
C HIS C 305 -29.78 1.06 -36.48
N LEU C 306 -29.17 2.07 -35.87
CA LEU C 306 -29.79 3.04 -34.97
C LEU C 306 -29.53 4.44 -35.54
N VAL C 307 -30.60 5.17 -35.85
CA VAL C 307 -30.54 6.57 -36.37
C VAL C 307 -30.94 7.49 -35.24
N PRO C 308 -30.09 8.46 -34.84
CA PRO C 308 -30.46 9.42 -33.80
C PRO C 308 -31.73 10.21 -34.18
N ARG C 309 -32.53 10.56 -33.18
CA ARG C 309 -33.71 11.46 -33.27
C ARG C 309 -33.63 12.49 -32.14
N ALA C 310 -34.32 13.62 -32.28
CA ALA C 310 -34.45 14.66 -31.23
C ALA C 310 -35.44 14.18 -30.15
N GLY C 311 -35.30 14.70 -28.92
CA GLY C 311 -36.28 14.56 -27.83
C GLY C 311 -36.28 13.20 -27.14
N GLY C 312 -35.10 12.58 -27.01
CA GLY C 312 -34.93 11.34 -26.21
C GLY C 312 -35.48 10.10 -26.88
N SER C 313 -35.69 10.15 -28.20
CA SER C 313 -36.13 9.01 -29.03
C SER C 313 -34.94 8.52 -29.87
N VAL C 314 -34.91 7.22 -30.21
CA VAL C 314 -34.01 6.67 -31.25
C VAL C 314 -34.86 5.85 -32.22
N TYR C 315 -34.42 5.79 -33.47
CA TYR C 315 -34.93 4.89 -34.51
C TYR C 315 -34.04 3.66 -34.56
N ILE C 316 -34.64 2.47 -34.55
CA ILE C 316 -33.92 1.19 -34.77
C ILE C 316 -34.60 0.53 -35.97
N GLY C 317 -33.79 -0.04 -36.85
CA GLY C 317 -34.26 -0.84 -37.98
C GLY C 317 -33.13 -1.76 -38.43
N ALA C 318 -33.36 -2.50 -39.50
CA ALA C 318 -34.64 -2.60 -40.18
C ALA C 318 -34.71 -3.97 -40.83
N THR C 319 -35.85 -4.64 -40.73
CA THR C 319 -36.04 -5.96 -41.37
C THR C 319 -36.37 -5.73 -42.84
N ASN C 320 -36.32 -6.79 -43.64
CA ASN C 320 -36.65 -6.75 -45.07
C ASN C 320 -37.10 -8.15 -45.49
N ALA C 321 -38.29 -8.24 -46.05
CA ALA C 321 -38.81 -9.46 -46.69
C ALA C 321 -39.56 -9.05 -47.94
N VAL C 322 -39.13 -9.56 -49.09
CA VAL C 322 -39.89 -9.39 -50.37
C VAL C 322 -41.15 -10.25 -50.23
N CYS C 323 -42.31 -9.62 -50.36
CA CYS C 323 -43.65 -10.26 -50.31
C CYS C 323 -44.32 -10.03 -51.67
N LEU C 324 -44.95 -11.10 -52.19
CA LEU C 324 -45.55 -11.12 -53.55
C LEU C 324 -46.87 -10.33 -53.51
N GLU C 325 -47.54 -10.30 -52.35
CA GLU C 325 -48.67 -9.39 -52.05
C GLU C 325 -48.22 -8.39 -50.99
N PRO C 326 -48.80 -7.16 -50.94
CA PRO C 326 -48.46 -6.20 -49.89
C PRO C 326 -48.95 -6.66 -48.51
N ARG C 327 -48.23 -6.22 -47.47
CA ARG C 327 -48.50 -6.53 -46.03
C ARG C 327 -48.28 -5.23 -45.26
N GLY C 328 -49.24 -4.86 -44.41
CA GLY C 328 -49.25 -3.56 -43.71
C GLY C 328 -48.85 -3.68 -42.25
N ALA C 329 -48.49 -4.89 -41.79
CA ALA C 329 -48.22 -5.17 -40.36
C ALA C 329 -46.92 -5.99 -40.22
N ALA C 330 -46.13 -5.66 -39.20
CA ALA C 330 -44.94 -6.44 -38.77
C ALA C 330 -45.40 -7.81 -38.31
N SER C 331 -44.60 -8.84 -38.56
CA SER C 331 -44.76 -10.17 -37.94
C SER C 331 -44.14 -10.14 -36.54
N ILE C 332 -44.49 -11.12 -35.69
CA ILE C 332 -43.85 -11.34 -34.37
C ILE C 332 -42.34 -11.52 -34.61
N ALA C 333 -41.96 -12.39 -35.55
CA ALA C 333 -40.55 -12.76 -35.83
C ALA C 333 -39.72 -11.51 -36.13
N GLU C 334 -40.25 -10.61 -36.96
CA GLU C 334 -39.56 -9.38 -37.41
C GLU C 334 -39.30 -8.48 -36.19
N THR C 335 -40.32 -8.27 -35.38
CA THR C 335 -40.25 -7.44 -34.15
C THR C 335 -39.17 -8.00 -33.21
N VAL C 336 -39.23 -9.30 -32.92
CA VAL C 336 -38.33 -9.95 -31.93
C VAL C 336 -36.89 -9.85 -32.45
N PHE C 337 -36.68 -10.12 -33.74
CA PHE C 337 -35.34 -10.12 -34.36
C PHE C 337 -34.76 -8.70 -34.27
N LEU C 338 -35.53 -7.70 -34.70
CA LEU C 338 -35.06 -6.27 -34.64
C LEU C 338 -34.67 -5.90 -33.20
N PHE C 339 -35.52 -6.20 -32.23
CA PHE C 339 -35.31 -5.81 -30.81
C PHE C 339 -34.13 -6.59 -30.22
N ASN C 340 -34.02 -7.89 -30.51
CA ASN C 340 -32.93 -8.74 -29.98
C ASN C 340 -31.58 -8.23 -30.48
N CYS C 341 -31.47 -7.87 -31.76
CA CYS C 341 -30.20 -7.40 -32.37
C CYS C 341 -29.81 -6.06 -31.74
N ALA C 342 -30.75 -5.13 -31.62
CA ALA C 342 -30.51 -3.76 -31.11
C ALA C 342 -30.03 -3.82 -29.65
N THR C 343 -30.69 -4.60 -28.80
CA THR C 343 -30.38 -4.66 -27.35
C THR C 343 -29.01 -5.31 -27.12
N HIS C 344 -28.63 -6.32 -27.91
CA HIS C 344 -27.36 -7.07 -27.72
C HIS C 344 -26.20 -6.38 -28.45
N GLN C 345 -26.41 -5.95 -29.69
CA GLN C 345 -25.30 -5.50 -30.58
C GLN C 345 -25.05 -4.00 -30.42
N LEU C 346 -26.01 -3.20 -29.95
CA LEU C 346 -25.89 -1.71 -29.88
C LEU C 346 -25.89 -1.22 -28.43
N HIS C 347 -26.99 -1.40 -27.70
CA HIS C 347 -27.11 -0.87 -26.31
C HIS C 347 -28.09 -1.71 -25.48
N ARG C 348 -27.59 -2.32 -24.41
CA ARG C 348 -28.39 -3.13 -23.45
C ARG C 348 -29.44 -2.26 -22.75
N GLY C 349 -29.18 -0.95 -22.63
CA GLY C 349 -30.15 0.02 -22.10
C GLY C 349 -31.46 0.05 -22.87
N LEU C 350 -31.46 -0.35 -24.15
CA LEU C 350 -32.70 -0.38 -24.96
C LEU C 350 -33.65 -1.46 -24.44
N ASN C 351 -33.13 -2.44 -23.70
CA ASN C 351 -33.94 -3.58 -23.17
C ASN C 351 -35.03 -3.04 -22.23
N GLY C 352 -34.67 -2.12 -21.32
CA GLY C 352 -35.59 -1.50 -20.35
C GLY C 352 -36.20 -0.20 -20.86
N SER C 353 -35.93 0.17 -22.11
CA SER C 353 -36.45 1.41 -22.74
C SER C 353 -37.87 1.16 -23.27
N GLU C 354 -38.66 2.22 -23.40
CA GLU C 354 -40.09 2.15 -23.78
C GLU C 354 -40.22 2.13 -25.30
N LEU C 355 -40.98 1.16 -25.81
CA LEU C 355 -41.41 1.06 -27.23
C LEU C 355 -42.49 2.12 -27.48
N ARG C 356 -42.18 3.12 -28.31
CA ARG C 356 -43.11 4.19 -28.77
C ARG C 356 -43.98 3.65 -29.91
N LYS C 357 -43.36 3.02 -30.91
CA LYS C 357 -44.05 2.67 -32.18
C LYS C 357 -43.29 1.59 -32.93
N VAL C 358 -44.01 0.61 -33.45
CA VAL C 358 -43.52 -0.35 -34.49
C VAL C 358 -44.00 0.19 -35.83
N GLN C 359 -43.08 0.44 -36.76
CA GLN C 359 -43.35 1.06 -38.09
C GLN C 359 -43.19 -0.01 -39.16
N VAL C 360 -44.07 0.01 -40.16
CA VAL C 360 -44.04 -0.88 -41.34
C VAL C 360 -44.18 -0.04 -42.60
N GLY C 361 -43.26 -0.23 -43.55
CA GLY C 361 -43.27 0.37 -44.90
C GLY C 361 -42.83 -0.64 -45.93
N SER C 362 -43.17 -0.38 -47.20
CA SER C 362 -42.83 -1.27 -48.35
C SER C 362 -41.73 -0.61 -49.16
N ARG C 363 -40.51 -1.14 -49.06
CA ARG C 363 -39.44 -0.85 -50.04
C ARG C 363 -39.93 -1.33 -51.40
N PRO C 364 -40.03 -0.46 -52.43
CA PRO C 364 -40.35 -0.93 -53.79
C PRO C 364 -39.20 -1.82 -54.30
N ALA C 365 -39.45 -3.11 -54.46
CA ALA C 365 -38.45 -4.15 -54.77
C ALA C 365 -38.59 -4.57 -56.24
N PRO C 366 -37.77 -4.04 -57.16
CA PRO C 366 -37.88 -4.36 -58.58
C PRO C 366 -37.45 -5.81 -58.86
N ILE C 367 -38.15 -6.51 -59.74
CA ILE C 367 -37.94 -7.96 -59.99
C ILE C 367 -36.52 -8.23 -60.53
N ASP C 368 -35.87 -7.27 -61.18
CA ASP C 368 -34.51 -7.46 -61.75
C ASP C 368 -33.45 -6.74 -60.90
N GLY C 369 -33.85 -6.17 -59.76
CA GLY C 369 -32.93 -5.69 -58.70
C GLY C 369 -32.43 -4.27 -58.95
N PHE C 370 -32.99 -3.54 -59.92
CA PHE C 370 -32.51 -2.18 -60.25
C PHE C 370 -33.68 -1.22 -60.44
N PRO C 371 -33.45 0.08 -60.16
CA PRO C 371 -34.53 1.06 -60.15
C PRO C 371 -35.14 1.26 -61.55
N LEU C 372 -36.32 1.89 -61.56
CA LEU C 372 -37.08 2.30 -62.77
C LEU C 372 -37.15 3.83 -62.75
N ILE C 373 -36.23 4.49 -63.46
CA ILE C 373 -36.08 5.97 -63.45
C ILE C 373 -36.04 6.48 -64.89
N GLY C 374 -37.02 7.30 -65.25
CA GLY C 374 -36.94 8.12 -66.46
C GLY C 374 -38.13 7.97 -67.38
N GLY C 375 -37.88 8.05 -68.68
CA GLY C 375 -38.88 8.16 -69.74
C GLY C 375 -39.46 6.83 -70.14
N THR C 376 -40.57 6.91 -70.87
CA THR C 376 -41.43 5.78 -71.29
C THR C 376 -41.62 5.92 -72.81
N SER C 377 -42.19 4.91 -73.47
CA SER C 377 -42.54 4.94 -74.92
C SER C 377 -43.75 5.87 -75.14
N VAL C 378 -44.53 6.12 -74.09
CA VAL C 378 -45.64 7.11 -74.05
C VAL C 378 -45.07 8.50 -73.71
N GLU C 379 -45.30 9.47 -74.59
CA GLU C 379 -44.81 10.88 -74.44
C GLU C 379 -45.48 11.49 -73.21
N GLY C 380 -44.68 12.13 -72.35
CA GLY C 380 -45.16 12.79 -71.12
C GLY C 380 -45.25 11.84 -69.93
N LEU C 381 -45.06 10.52 -70.12
CA LEU C 381 -45.15 9.52 -69.02
C LEU C 381 -43.75 9.23 -68.47
N TRP C 382 -43.52 9.62 -67.22
CA TRP C 382 -42.24 9.39 -66.51
C TRP C 382 -42.50 8.48 -65.30
N MET C 383 -41.46 7.78 -64.87
CA MET C 383 -41.54 6.82 -63.75
C MET C 383 -40.33 7.05 -62.84
N LEU C 384 -40.55 7.01 -61.53
CA LEU C 384 -39.50 7.19 -60.51
C LEU C 384 -39.79 6.23 -59.36
N SER C 385 -39.23 5.01 -59.42
CA SER C 385 -39.61 3.90 -58.50
C SER C 385 -38.58 2.78 -58.48
N GLY C 386 -38.87 1.74 -57.69
CA GLY C 386 -38.05 0.51 -57.59
C GLY C 386 -36.70 0.77 -56.94
N THR C 387 -36.65 1.70 -55.99
CA THR C 387 -35.40 2.18 -55.35
C THR C 387 -35.04 1.32 -54.13
N TYR C 388 -35.90 0.38 -53.72
CA TYR C 388 -35.60 -0.62 -52.67
C TYR C 388 -35.09 0.08 -51.40
N ARG C 389 -33.81 0.00 -51.09
CA ARG C 389 -33.23 0.41 -49.78
C ARG C 389 -32.81 1.89 -49.76
N ASP C 390 -32.72 2.57 -50.91
CA ASP C 390 -31.96 3.85 -50.96
C ASP C 390 -32.61 4.87 -51.93
N GLY C 391 -33.90 4.80 -52.17
CA GLY C 391 -34.65 5.85 -52.89
C GLY C 391 -34.56 7.19 -52.17
N LEU C 392 -34.71 7.17 -50.85
CA LEU C 392 -34.71 8.39 -50.00
C LEU C 392 -33.34 9.07 -50.16
N HIS C 393 -32.27 8.31 -50.06
CA HIS C 393 -30.90 8.85 -50.16
C HIS C 393 -30.69 9.45 -51.56
N MET C 394 -31.17 8.79 -52.59
CA MET C 394 -30.92 9.19 -54.00
C MET C 394 -31.93 10.23 -54.47
N SER C 395 -32.94 10.56 -53.66
CA SER C 395 -34.09 11.42 -54.05
C SER C 395 -33.63 12.73 -54.74
N PRO C 396 -32.73 13.55 -54.14
CA PRO C 396 -32.34 14.81 -54.79
C PRO C 396 -31.78 14.58 -56.20
N LEU C 397 -30.91 13.58 -56.37
CA LEU C 397 -30.29 13.23 -57.66
C LEU C 397 -31.35 12.73 -58.63
N LEU C 398 -32.24 11.84 -58.20
CA LEU C 398 -33.26 11.22 -59.09
C LEU C 398 -34.25 12.29 -59.57
N ALA C 399 -34.59 13.23 -58.69
CA ALA C 399 -35.50 14.35 -59.00
C ALA C 399 -34.87 15.24 -60.09
N ARG C 400 -33.60 15.64 -59.89
CA ARG C 400 -32.82 16.46 -60.85
C ARG C 400 -32.73 15.73 -62.20
N HIS C 401 -32.49 14.42 -62.18
CA HIS C 401 -32.38 13.60 -63.43
C HIS C 401 -33.68 13.71 -64.21
N VAL C 402 -34.83 13.42 -63.59
CA VAL C 402 -36.13 13.35 -64.30
C VAL C 402 -36.52 14.75 -64.82
N VAL C 403 -36.23 15.80 -64.06
CA VAL C 403 -36.53 17.22 -64.44
C VAL C 403 -35.69 17.58 -65.67
N SER C 404 -34.39 17.26 -65.67
CA SER C 404 -33.51 17.46 -66.84
C SER C 404 -34.11 16.77 -68.07
N LEU C 405 -34.53 15.50 -67.95
CA LEU C 405 -35.13 14.74 -69.07
C LEU C 405 -36.41 15.43 -69.54
N MET C 406 -37.22 15.94 -68.62
CA MET C 406 -38.53 16.58 -68.94
C MET C 406 -38.30 17.91 -69.67
N ASP C 407 -37.13 18.52 -69.49
CA ASP C 407 -36.76 19.85 -70.05
C ASP C 407 -35.93 19.66 -71.33
N GLY C 408 -35.85 18.43 -71.86
CA GLY C 408 -35.14 18.09 -73.10
C GLY C 408 -33.66 17.83 -72.89
N GLY C 409 -33.19 17.73 -71.64
CA GLY C 409 -31.78 17.42 -71.29
C GLY C 409 -31.53 15.92 -71.27
N THR C 410 -30.32 15.51 -70.87
CA THR C 410 -29.90 14.08 -70.74
C THR C 410 -29.80 13.68 -69.25
N GLY C 411 -29.94 14.64 -68.34
CA GLY C 411 -29.85 14.41 -66.89
C GLY C 411 -28.51 13.88 -66.46
N VAL C 412 -28.50 12.86 -65.60
CA VAL C 412 -27.28 12.27 -64.97
C VAL C 412 -26.85 11.06 -65.80
N ASP C 413 -25.54 10.96 -66.08
CA ASP C 413 -24.96 10.02 -67.08
C ASP C 413 -25.36 8.58 -66.76
N GLY C 414 -25.05 8.10 -65.55
CA GLY C 414 -25.09 6.66 -65.20
C GLY C 414 -26.50 6.07 -65.12
N LEU C 415 -27.55 6.91 -65.18
CA LEU C 415 -28.96 6.48 -64.92
C LEU C 415 -29.64 5.95 -66.19
N ARG C 416 -28.98 5.95 -67.35
CA ARG C 416 -29.57 5.47 -68.63
C ARG C 416 -29.90 3.98 -68.50
N GLU C 417 -29.02 3.19 -67.88
CA GLU C 417 -29.20 1.71 -67.78
C GLU C 417 -30.50 1.37 -67.04
N PHE C 418 -31.05 2.32 -66.25
CA PHE C 418 -32.20 2.07 -65.34
C PHE C 418 -33.49 2.69 -65.91
N ARG C 419 -33.54 2.93 -67.24
CA ARG C 419 -34.77 3.25 -68.01
C ARG C 419 -35.89 2.37 -67.49
N PRO C 420 -37.10 2.91 -67.21
CA PRO C 420 -38.19 2.09 -66.68
C PRO C 420 -38.74 1.08 -67.70
N GLU C 421 -38.63 1.39 -68.99
CA GLU C 421 -39.14 0.52 -70.08
C GLU C 421 -37.94 -0.24 -70.66
N ARG C 422 -37.83 -1.52 -70.31
CA ARG C 422 -36.62 -2.34 -70.55
C ARG C 422 -36.99 -3.83 -70.42
N ASP C 423 -36.20 -4.66 -71.10
CA ASP C 423 -36.07 -6.10 -70.77
C ASP C 423 -35.54 -6.18 -69.35
N LEU C 424 -35.92 -7.23 -68.60
CA LEU C 424 -35.33 -7.52 -67.27
C LEU C 424 -33.81 -7.58 -67.43
N ILE C 425 -33.10 -6.81 -66.61
CA ILE C 425 -31.62 -6.87 -66.47
C ILE C 425 -31.24 -8.24 -65.87
N SER C 426 -30.11 -8.79 -66.34
CA SER C 426 -29.41 -9.98 -65.80
C SER C 426 -28.02 -9.55 -65.32
N ALA C 427 -27.94 -8.99 -64.11
CA ALA C 427 -26.72 -8.34 -63.58
C ALA C 427 -25.73 -9.39 -63.06
N TRP C 428 -26.20 -10.61 -62.82
CA TRP C 428 -25.37 -11.73 -62.30
C TRP C 428 -25.71 -13.00 -63.06
N SER C 429 -24.74 -13.91 -63.19
CA SER C 429 -24.94 -15.31 -63.65
C SER C 429 -25.85 -16.05 -62.66
N ARG C 430 -26.60 -17.03 -63.14
CA ARG C 430 -27.41 -17.97 -62.33
C ARG C 430 -26.52 -18.58 -61.23
N GLU C 431 -25.28 -18.91 -61.57
CA GLU C 431 -24.28 -19.51 -60.64
C GLU C 431 -24.03 -18.55 -59.47
N GLU C 432 -23.74 -17.28 -59.74
CA GLU C 432 -23.49 -16.25 -58.70
C GLU C 432 -24.70 -16.15 -57.77
N ILE C 433 -25.91 -16.15 -58.33
CA ILE C 433 -27.17 -15.94 -57.55
C ILE C 433 -27.43 -17.16 -56.68
N LEU C 434 -27.16 -18.38 -57.19
CA LEU C 434 -27.36 -19.64 -56.43
C LEU C 434 -26.39 -19.71 -55.26
N ASP C 435 -25.12 -19.35 -55.45
CA ASP C 435 -24.13 -19.20 -54.34
C ASP C 435 -24.65 -18.16 -53.33
N ASP C 436 -25.16 -17.03 -53.81
CA ASP C 436 -25.58 -15.89 -52.95
C ASP C 436 -26.80 -16.32 -52.10
N VAL C 437 -27.81 -16.96 -52.71
CA VAL C 437 -29.09 -17.29 -52.01
C VAL C 437 -28.81 -18.32 -50.91
N VAL C 438 -27.89 -19.26 -51.14
CA VAL C 438 -27.53 -20.31 -50.14
C VAL C 438 -26.76 -19.64 -48.99
N ARG C 439 -25.83 -18.75 -49.33
CA ARG C 439 -25.00 -18.00 -48.35
C ARG C 439 -25.92 -17.15 -47.46
N HIS C 440 -26.87 -16.43 -48.05
CA HIS C 440 -27.82 -15.55 -47.32
C HIS C 440 -28.74 -16.42 -46.46
N THR C 441 -29.18 -17.56 -46.97
CA THR C 441 -30.02 -18.52 -46.20
C THR C 441 -29.24 -18.95 -44.94
N MET C 442 -27.98 -19.34 -45.10
CA MET C 442 -27.11 -19.75 -43.97
C MET C 442 -26.94 -18.56 -43.02
N ALA C 443 -26.82 -17.34 -43.55
CA ALA C 443 -26.64 -16.10 -42.76
C ALA C 443 -27.82 -15.88 -41.82
N THR C 444 -29.06 -16.25 -42.19
CA THR C 444 -30.25 -16.09 -41.33
C THR C 444 -30.04 -16.88 -40.04
N GLY C 445 -29.28 -17.98 -40.10
CA GLY C 445 -28.91 -18.80 -38.94
C GLY C 445 -27.91 -18.08 -38.06
N TYR C 446 -26.80 -17.63 -38.63
CA TYR C 446 -25.68 -17.01 -37.88
C TYR C 446 -26.11 -15.66 -37.31
N GLU C 447 -27.11 -15.01 -37.90
CA GLU C 447 -27.57 -13.66 -37.47
C GLU C 447 -28.54 -13.80 -36.29
N PHE C 448 -29.08 -14.99 -36.03
CA PHE C 448 -30.15 -15.17 -35.02
C PHE C 448 -29.65 -14.78 -33.63
N PRO C 449 -28.47 -15.21 -33.13
CA PRO C 449 -27.65 -16.25 -33.72
C PRO C 449 -28.07 -17.63 -33.21
N TRP C 450 -28.03 -18.66 -34.04
CA TRP C 450 -28.42 -20.03 -33.62
C TRP C 450 -27.31 -20.67 -32.78
N ARG C 451 -27.68 -21.73 -32.06
CA ARG C 451 -26.72 -22.68 -31.45
C ARG C 451 -27.15 -24.07 -31.89
N LEU C 452 -26.29 -24.78 -32.61
CA LEU C 452 -26.64 -26.12 -33.11
C LEU C 452 -25.38 -26.97 -33.26
N PRO C 453 -25.53 -28.30 -33.41
CA PRO C 453 -24.38 -29.17 -33.57
C PRO C 453 -23.56 -28.71 -34.77
N LEU C 454 -22.25 -28.82 -34.70
CA LEU C 454 -21.34 -28.30 -35.75
C LEU C 454 -21.51 -29.06 -37.07
N GLU C 455 -22.03 -30.29 -37.10
CA GLU C 455 -22.25 -31.00 -38.40
C GLU C 455 -23.38 -30.34 -39.19
N TRP C 456 -24.33 -29.68 -38.51
CA TRP C 456 -25.63 -29.28 -39.12
C TRP C 456 -25.44 -28.20 -40.19
N PRO C 457 -24.67 -27.13 -39.95
CA PRO C 457 -24.45 -26.11 -40.98
C PRO C 457 -23.90 -26.69 -42.28
N HIS C 458 -22.95 -27.62 -42.21
CA HIS C 458 -22.37 -28.30 -43.41
C HIS C 458 -23.49 -29.07 -44.13
N MET C 459 -24.32 -29.84 -43.40
CA MET C 459 -25.47 -30.57 -43.99
C MET C 459 -26.38 -29.59 -44.73
N MET C 460 -26.76 -28.48 -44.08
CA MET C 460 -27.73 -27.51 -44.66
C MET C 460 -27.12 -26.88 -45.92
N GLU C 461 -25.84 -26.47 -45.87
CA GLU C 461 -25.13 -25.89 -47.04
C GLU C 461 -25.37 -26.81 -48.25
N THR C 462 -25.07 -28.11 -48.12
CA THR C 462 -25.09 -29.03 -49.30
C THR C 462 -26.56 -29.31 -49.70
N PHE C 463 -27.49 -29.42 -48.76
CA PHE C 463 -28.91 -29.81 -49.06
C PHE C 463 -29.75 -28.62 -49.54
N LEU C 464 -29.25 -27.39 -49.43
CA LEU C 464 -29.94 -26.16 -49.92
C LEU C 464 -29.66 -25.94 -51.40
N GLN C 465 -28.50 -26.38 -51.90
CA GLN C 465 -28.03 -26.11 -53.29
C GLN C 465 -29.02 -26.68 -54.31
N GLY C 466 -29.35 -27.98 -54.20
CA GLY C 466 -30.24 -28.70 -55.11
C GLY C 466 -31.58 -27.98 -55.31
N PRO C 467 -32.39 -27.81 -54.25
CA PRO C 467 -33.70 -27.17 -54.38
C PRO C 467 -33.70 -25.78 -55.04
N PHE C 468 -32.72 -24.92 -54.70
CA PHE C 468 -32.60 -23.56 -55.28
C PHE C 468 -32.18 -23.66 -56.75
N ALA C 469 -31.26 -24.57 -57.10
CA ALA C 469 -30.82 -24.83 -58.49
C ALA C 469 -32.02 -25.28 -59.34
N GLU C 470 -32.85 -26.17 -58.78
CA GLU C 470 -34.06 -26.72 -59.43
C GLU C 470 -35.09 -25.60 -59.67
N LEU C 471 -35.28 -24.72 -58.68
CA LEU C 471 -36.26 -23.60 -58.78
C LEU C 471 -35.82 -22.65 -59.91
N ALA C 472 -34.54 -22.25 -59.91
CA ALA C 472 -33.96 -21.31 -60.89
C ALA C 472 -34.15 -21.85 -62.32
N ASP C 473 -33.91 -23.14 -62.53
CA ASP C 473 -34.01 -23.83 -63.85
C ASP C 473 -35.47 -23.89 -64.30
N ARG C 474 -36.39 -24.16 -63.37
CA ARG C 474 -37.84 -24.29 -63.61
C ARG C 474 -38.45 -22.92 -63.98
N LEU C 475 -37.92 -21.82 -63.44
CA LEU C 475 -38.57 -20.48 -63.51
C LEU C 475 -38.43 -19.89 -64.93
N SER C 476 -37.27 -20.06 -65.57
CA SER C 476 -36.95 -19.46 -66.88
C SER C 476 -35.60 -19.99 -67.39
N ASP C 477 -35.44 -20.08 -68.71
CA ASP C 477 -34.17 -20.43 -69.40
C ASP C 477 -33.21 -19.23 -69.43
N THR C 478 -33.72 -18.02 -69.17
CA THR C 478 -32.95 -16.77 -69.45
C THR C 478 -32.87 -15.90 -68.18
N TYR C 479 -33.99 -15.64 -67.50
CA TYR C 479 -34.02 -14.76 -66.30
C TYR C 479 -33.81 -15.57 -65.01
N THR C 480 -33.03 -15.01 -64.09
CA THR C 480 -32.86 -15.51 -62.70
C THR C 480 -33.19 -14.39 -61.72
N PRO C 481 -34.18 -14.58 -60.82
CA PRO C 481 -34.51 -13.57 -59.81
C PRO C 481 -33.33 -13.38 -58.87
N PRO C 482 -33.04 -12.14 -58.42
CA PRO C 482 -32.01 -11.93 -57.40
C PRO C 482 -32.37 -12.69 -56.11
N ALA C 483 -31.38 -12.93 -55.24
CA ALA C 483 -31.51 -13.78 -54.04
C ALA C 483 -32.71 -13.38 -53.18
N ASP C 484 -32.86 -12.08 -52.88
CA ASP C 484 -33.94 -11.53 -52.03
C ASP C 484 -35.29 -12.03 -52.54
N LEU C 485 -35.50 -12.01 -53.85
CA LEU C 485 -36.78 -12.39 -54.49
C LEU C 485 -36.84 -13.91 -54.63
N MET C 486 -35.71 -14.57 -54.88
CA MET C 486 -35.68 -16.03 -55.11
C MET C 486 -36.16 -16.77 -53.85
N THR C 487 -35.73 -16.35 -52.66
CA THR C 487 -36.14 -17.00 -51.40
C THR C 487 -37.64 -16.79 -51.21
N ALA C 488 -38.18 -15.61 -51.55
CA ALA C 488 -39.63 -15.34 -51.45
C ALA C 488 -40.37 -16.31 -52.38
N ILE C 489 -39.87 -16.47 -53.61
CA ILE C 489 -40.50 -17.38 -54.61
C ILE C 489 -40.40 -18.82 -54.11
N MET C 490 -39.24 -19.24 -53.57
CA MET C 490 -39.01 -20.61 -53.04
C MET C 490 -40.12 -20.98 -52.03
N PHE C 491 -40.55 -20.06 -51.18
CA PHE C 491 -41.47 -20.32 -50.05
C PHE C 491 -42.86 -19.74 -50.32
N SER C 492 -43.18 -19.45 -51.58
CA SER C 492 -44.53 -19.02 -52.05
C SER C 492 -45.32 -20.26 -52.46
N GLU C 493 -46.62 -20.10 -52.78
CA GLU C 493 -47.50 -21.21 -53.25
C GLU C 493 -47.10 -21.61 -54.67
N ARG C 494 -47.41 -22.85 -55.07
CA ARG C 494 -47.18 -23.37 -56.45
C ARG C 494 -47.84 -22.47 -57.50
N GLU C 495 -49.06 -21.96 -57.23
CA GLU C 495 -49.81 -21.08 -58.16
C GLU C 495 -48.99 -19.81 -58.43
N GLN C 496 -48.38 -19.24 -57.38
CA GLN C 496 -47.59 -17.98 -57.46
C GLN C 496 -46.30 -18.21 -58.25
N GLN C 497 -45.69 -19.39 -58.09
CA GLN C 497 -44.48 -19.82 -58.86
C GLN C 497 -44.83 -19.95 -60.35
N ASP C 498 -45.95 -20.63 -60.65
CA ASP C 498 -46.43 -20.86 -62.04
C ASP C 498 -46.73 -19.53 -62.71
N GLU C 499 -47.38 -18.61 -62.00
CA GLU C 499 -47.68 -17.24 -62.48
C GLU C 499 -46.37 -16.53 -62.84
N LEU C 500 -45.30 -16.70 -62.05
CA LEU C 500 -43.97 -16.10 -62.33
C LEU C 500 -43.34 -16.75 -63.58
N ILE C 501 -43.52 -18.06 -63.78
CA ILE C 501 -42.98 -18.77 -64.97
C ILE C 501 -43.64 -18.17 -66.23
N ALA C 502 -44.96 -17.94 -66.20
CA ALA C 502 -45.75 -17.30 -67.28
C ALA C 502 -45.24 -15.86 -67.50
N TYR C 503 -45.11 -15.06 -66.44
CA TYR C 503 -44.61 -13.66 -66.52
C TYR C 503 -43.26 -13.63 -67.24
N TYR C 504 -42.30 -14.43 -66.76
CA TYR C 504 -40.92 -14.49 -67.31
C TYR C 504 -40.96 -14.86 -68.79
N ALA C 505 -41.81 -15.83 -69.16
CA ALA C 505 -41.99 -16.32 -70.55
C ALA C 505 -42.57 -15.19 -71.43
N ASP C 506 -43.63 -14.52 -70.96
CA ASP C 506 -44.29 -13.38 -71.67
C ASP C 506 -43.28 -12.24 -71.88
N VAL C 507 -42.37 -12.00 -70.92
CA VAL C 507 -41.34 -10.92 -71.03
C VAL C 507 -40.32 -11.32 -72.09
N HIS C 508 -39.93 -12.59 -72.14
CA HIS C 508 -38.96 -13.12 -73.14
C HIS C 508 -39.53 -12.92 -74.55
N ARG C 509 -40.79 -13.29 -74.77
CA ARG C 509 -41.49 -13.18 -76.08
C ARG C 509 -41.55 -11.71 -76.51
N GLU C 510 -41.72 -10.78 -75.57
CA GLU C 510 -41.86 -9.33 -75.84
C GLU C 510 -40.52 -8.74 -76.31
N TRP C 511 -39.38 -9.24 -75.82
CA TRP C 511 -38.06 -8.57 -75.93
C TRP C 511 -37.05 -9.33 -76.80
N HIS C 512 -37.18 -10.66 -76.93
CA HIS C 512 -36.19 -11.53 -77.62
C HIS C 512 -36.77 -12.01 -78.95
N VAL D 34 -75.32 9.29 -6.58
CA VAL D 34 -74.14 8.38 -6.49
C VAL D 34 -73.15 8.76 -7.61
N ILE D 35 -71.87 8.92 -7.26
CA ILE D 35 -70.77 9.11 -8.23
C ILE D 35 -69.84 7.90 -8.14
N VAL D 36 -69.65 7.17 -9.25
CA VAL D 36 -68.61 6.13 -9.42
C VAL D 36 -67.40 6.80 -10.08
N VAL D 37 -66.26 6.81 -9.39
CA VAL D 37 -64.96 7.33 -9.93
C VAL D 37 -64.21 6.14 -10.55
N GLY D 38 -64.20 6.05 -11.88
CA GLY D 38 -63.44 5.05 -12.65
C GLY D 38 -64.31 4.32 -13.64
N ASN D 39 -63.80 4.05 -14.85
CA ASN D 39 -64.58 3.48 -15.97
C ASN D 39 -63.93 2.18 -16.45
N GLY D 40 -63.26 1.47 -15.55
CA GLY D 40 -62.80 0.09 -15.79
C GLY D 40 -63.95 -0.88 -15.61
N VAL D 41 -63.65 -2.18 -15.59
CA VAL D 41 -64.68 -3.24 -15.37
C VAL D 41 -65.33 -3.04 -13.99
N LEU D 42 -64.58 -2.66 -12.96
CA LEU D 42 -65.12 -2.59 -11.58
C LEU D 42 -66.09 -1.41 -11.48
N GLY D 43 -65.66 -0.21 -11.86
CA GLY D 43 -66.49 1.01 -11.87
C GLY D 43 -67.79 0.79 -12.63
N LEU D 44 -67.69 0.30 -13.87
CA LEU D 44 -68.87 0.11 -14.76
C LEU D 44 -69.76 -1.01 -14.21
N SER D 45 -69.19 -2.05 -13.61
CA SER D 45 -69.95 -3.21 -13.09
C SER D 45 -70.77 -2.75 -11.88
N VAL D 46 -70.18 -1.99 -10.97
CA VAL D 46 -70.89 -1.45 -9.78
C VAL D 46 -71.91 -0.40 -10.26
N GLY D 47 -71.52 0.42 -11.25
CA GLY D 47 -72.40 1.41 -11.90
C GLY D 47 -73.66 0.77 -12.44
N VAL D 48 -73.51 -0.31 -13.21
CA VAL D 48 -74.64 -1.06 -13.81
C VAL D 48 -75.55 -1.57 -12.68
N GLU D 49 -74.96 -2.13 -11.62
CA GLU D 49 -75.72 -2.81 -10.53
C GLU D 49 -76.46 -1.77 -9.68
N ILE D 50 -75.84 -0.63 -9.38
CA ILE D 50 -76.48 0.50 -8.66
C ILE D 50 -77.67 0.99 -9.48
N ALA D 51 -77.44 1.37 -10.75
CA ALA D 51 -78.47 1.92 -11.67
C ALA D 51 -79.66 0.96 -11.77
N ARG D 52 -79.40 -0.35 -11.86
CA ARG D 52 -80.44 -1.39 -12.08
C ARG D 52 -81.30 -1.59 -10.82
N THR D 53 -80.70 -1.58 -9.63
CA THR D 53 -81.36 -1.97 -8.36
C THR D 53 -81.86 -0.75 -7.58
N ARG D 54 -81.47 0.47 -7.98
CA ARG D 54 -81.89 1.74 -7.32
C ARG D 54 -82.35 2.73 -8.39
N PRO D 55 -83.53 2.52 -9.05
CA PRO D 55 -83.98 3.39 -10.12
C PRO D 55 -84.34 4.81 -9.63
N ASP D 56 -84.54 4.96 -8.31
CA ASP D 56 -84.81 6.24 -7.59
C ASP D 56 -83.65 7.23 -7.73
N VAL D 57 -82.39 6.76 -7.63
CA VAL D 57 -81.18 7.63 -7.46
C VAL D 57 -80.51 7.88 -8.82
N ARG D 58 -79.85 9.04 -8.94
CA ARG D 58 -79.01 9.43 -10.09
C ARG D 58 -77.59 8.91 -9.87
N VAL D 59 -77.12 8.01 -10.74
CA VAL D 59 -75.73 7.45 -10.70
C VAL D 59 -74.94 8.01 -11.88
N THR D 60 -73.86 8.73 -11.57
CA THR D 60 -72.93 9.34 -12.54
C THR D 60 -71.59 8.60 -12.47
N LEU D 61 -71.03 8.22 -13.62
CA LEU D 61 -69.73 7.48 -13.70
C LEU D 61 -68.70 8.34 -14.42
N LEU D 62 -67.56 8.59 -13.77
CA LEU D 62 -66.43 9.44 -14.26
C LEU D 62 -65.37 8.55 -14.92
N GLY D 63 -64.47 9.17 -15.70
CA GLY D 63 -63.40 8.50 -16.48
C GLY D 63 -63.51 8.74 -17.97
N LYS D 64 -62.39 8.76 -18.68
CA LYS D 64 -62.27 9.19 -20.10
C LYS D 64 -62.19 7.96 -21.01
N PRO D 65 -62.52 8.10 -22.33
CA PRO D 65 -62.42 6.97 -23.26
C PRO D 65 -60.98 6.45 -23.46
N ALA D 66 -59.97 7.31 -23.26
CA ALA D 66 -58.52 6.97 -23.35
C ALA D 66 -58.19 5.81 -22.39
N ARG D 67 -58.87 5.74 -21.24
CA ARG D 67 -58.62 4.73 -20.18
C ARG D 67 -57.11 4.62 -19.96
N GLN D 68 -56.48 5.72 -19.55
CA GLN D 68 -55.02 5.80 -19.31
C GLN D 68 -54.64 4.82 -18.18
N TYR D 69 -53.63 3.99 -18.43
CA TYR D 69 -53.08 2.94 -17.51
C TYR D 69 -54.11 1.83 -17.27
N GLY D 70 -55.20 1.80 -18.04
CA GLY D 70 -56.35 0.90 -17.81
C GLY D 70 -55.97 -0.56 -17.94
N ALA D 71 -56.17 -1.34 -16.87
CA ALA D 71 -55.96 -2.80 -16.83
C ALA D 71 -56.95 -3.51 -17.75
N THR D 72 -58.23 -3.17 -17.65
CA THR D 72 -59.35 -3.90 -18.31
C THR D 72 -59.12 -4.00 -19.81
N PRO D 73 -58.87 -2.89 -20.56
CA PRO D 73 -58.73 -2.98 -22.02
C PRO D 73 -57.50 -3.79 -22.46
N ALA D 74 -56.48 -3.91 -21.59
CA ALA D 74 -55.24 -4.68 -21.85
C ALA D 74 -55.45 -6.16 -21.50
N ALA D 75 -56.59 -6.53 -20.92
CA ALA D 75 -56.86 -7.91 -20.43
C ALA D 75 -57.45 -8.75 -21.57
N GLY D 76 -57.28 -10.06 -21.50
CA GLY D 76 -57.69 -11.01 -22.56
C GLY D 76 -59.20 -11.05 -22.77
N ALA D 77 -59.95 -11.51 -21.75
CA ALA D 77 -59.44 -11.84 -20.43
C ALA D 77 -59.94 -13.23 -20.02
N MET D 78 -59.14 -13.94 -19.23
CA MET D 78 -59.52 -15.26 -18.66
C MET D 78 -60.46 -15.04 -17.47
N LEU D 79 -61.51 -15.85 -17.37
CA LEU D 79 -62.32 -15.94 -16.13
C LEU D 79 -61.61 -16.92 -15.19
N GLY D 80 -60.50 -16.45 -14.61
CA GLY D 80 -59.50 -17.28 -13.91
C GLY D 80 -59.91 -17.55 -12.48
N ALA D 81 -60.11 -18.82 -12.15
CA ALA D 81 -60.42 -19.35 -10.81
C ALA D 81 -59.39 -20.42 -10.46
N PHE D 82 -59.51 -21.60 -11.06
CA PHE D 82 -58.56 -22.73 -10.85
C PHE D 82 -57.23 -22.44 -11.54
N GLY D 83 -57.25 -21.82 -12.73
CA GLY D 83 -56.04 -21.43 -13.48
C GLY D 83 -55.13 -20.52 -12.66
N GLU D 84 -55.70 -19.76 -11.72
CA GLU D 84 -54.95 -18.77 -10.88
C GLU D 84 -54.36 -19.45 -9.63
N VAL D 85 -54.65 -20.72 -9.39
CA VAL D 85 -54.18 -21.44 -8.18
C VAL D 85 -52.66 -21.57 -8.24
N THR D 86 -51.96 -21.14 -7.17
CA THR D 86 -50.54 -21.45 -6.89
C THR D 86 -50.45 -22.14 -5.53
N ALA D 87 -49.46 -23.02 -5.35
CA ALA D 87 -49.12 -23.64 -4.04
C ALA D 87 -49.00 -22.56 -2.98
N HIS D 88 -48.30 -21.46 -3.27
CA HIS D 88 -48.02 -20.33 -2.34
C HIS D 88 -49.33 -19.65 -1.87
N ALA D 89 -50.29 -19.43 -2.79
CA ALA D 89 -51.60 -18.80 -2.49
C ALA D 89 -52.37 -19.70 -1.51
N LEU D 90 -52.47 -21.00 -1.79
CA LEU D 90 -53.28 -22.00 -1.04
C LEU D 90 -52.56 -22.50 0.23
N ALA D 91 -51.48 -21.84 0.65
CA ALA D 91 -50.73 -22.15 1.89
C ALA D 91 -51.01 -21.09 2.96
N SER D 92 -51.62 -19.95 2.59
CA SER D 92 -52.05 -18.87 3.51
C SER D 92 -53.58 -18.87 3.62
N GLU D 93 -54.10 -18.52 4.80
CA GLU D 93 -55.55 -18.39 5.08
C GLU D 93 -56.15 -17.40 4.07
N HIS D 94 -55.51 -16.23 3.94
CA HIS D 94 -55.96 -15.09 3.09
C HIS D 94 -56.03 -15.54 1.62
N GLY D 95 -55.07 -16.34 1.17
CA GLY D 95 -55.02 -16.90 -0.20
C GLY D 95 -56.15 -17.89 -0.48
N ARG D 96 -56.51 -18.73 0.49
CA ARG D 96 -57.60 -19.75 0.33
C ARG D 96 -58.96 -19.05 0.25
N LYS D 97 -59.12 -17.90 0.92
CA LYS D 97 -60.35 -17.06 0.88
C LYS D 97 -60.53 -16.47 -0.53
N LYS D 98 -59.49 -15.80 -1.04
CA LYS D 98 -59.43 -15.22 -2.42
C LYS D 98 -59.86 -16.30 -3.42
N HIS D 99 -59.29 -17.50 -3.31
CA HIS D 99 -59.62 -18.62 -4.22
C HIS D 99 -61.13 -18.91 -4.15
N ALA D 100 -61.67 -19.03 -2.94
CA ALA D 100 -63.11 -19.35 -2.70
C ALA D 100 -64.00 -18.32 -3.40
N LEU D 101 -63.67 -17.03 -3.25
CA LEU D 101 -64.41 -15.90 -3.89
C LEU D 101 -64.39 -16.05 -5.42
N ALA D 102 -63.23 -16.42 -5.99
CA ALA D 102 -63.04 -16.61 -7.45
C ALA D 102 -63.97 -17.73 -7.94
N VAL D 103 -64.11 -18.80 -7.14
CA VAL D 103 -65.01 -19.94 -7.46
C VAL D 103 -66.47 -19.44 -7.44
N GLN D 104 -66.83 -18.63 -6.44
CA GLN D 104 -68.19 -18.04 -6.31
C GLN D 104 -68.46 -17.13 -7.51
N ALA D 105 -67.50 -16.27 -7.86
CA ALA D 105 -67.62 -15.32 -8.99
C ALA D 105 -67.93 -16.08 -10.29
N GLN D 106 -67.30 -17.23 -10.51
CA GLN D 106 -67.45 -18.05 -11.75
C GLN D 106 -68.94 -18.35 -12.00
N ARG D 107 -69.70 -18.65 -10.93
CA ARG D 107 -71.12 -19.10 -11.02
C ARG D 107 -72.00 -17.95 -11.52
N LEU D 108 -71.61 -16.68 -11.28
CA LEU D 108 -72.41 -15.49 -11.65
C LEU D 108 -72.29 -15.16 -13.15
N TRP D 109 -71.24 -15.64 -13.83
CA TRP D 109 -70.85 -15.10 -15.17
C TRP D 109 -71.91 -15.41 -16.24
N PRO D 110 -72.44 -16.64 -16.36
CA PRO D 110 -73.41 -16.93 -17.42
C PRO D 110 -74.62 -15.99 -17.43
N GLU D 111 -75.24 -15.70 -16.27
CA GLU D 111 -76.44 -14.82 -16.18
C GLU D 111 -76.03 -13.36 -16.33
N TRP D 112 -74.84 -12.99 -15.85
CA TRP D 112 -74.28 -11.61 -15.94
C TRP D 112 -74.09 -11.23 -17.42
N ILE D 113 -73.53 -12.13 -18.21
CA ILE D 113 -73.30 -11.95 -19.68
C ILE D 113 -74.66 -11.85 -20.38
N GLU D 114 -75.56 -12.80 -20.11
CA GLU D 114 -76.95 -12.82 -20.66
C GLU D 114 -77.60 -11.45 -20.45
N SER D 115 -77.50 -10.91 -19.24
CA SER D 115 -78.15 -9.63 -18.83
C SER D 115 -77.46 -8.44 -19.48
N LEU D 116 -76.19 -8.56 -19.89
CA LEU D 116 -75.44 -7.45 -20.54
C LEU D 116 -75.65 -7.50 -22.05
N GLU D 117 -75.67 -8.70 -22.64
CA GLU D 117 -75.91 -8.91 -24.10
C GLU D 117 -77.38 -8.58 -24.44
N ALA D 118 -78.30 -8.74 -23.47
CA ALA D 118 -79.76 -8.50 -23.63
C ALA D 118 -80.03 -7.04 -24.03
N THR D 119 -79.18 -6.10 -23.61
CA THR D 119 -79.34 -4.63 -23.88
C THR D 119 -78.78 -4.27 -25.26
N GLY D 120 -78.25 -5.25 -26.01
CA GLY D 120 -77.63 -5.03 -27.33
C GLY D 120 -78.23 -5.94 -28.39
N THR D 121 -77.58 -6.03 -29.55
CA THR D 121 -78.02 -6.83 -30.72
C THR D 121 -76.86 -7.71 -31.20
N ALA D 122 -77.14 -8.64 -32.12
CA ALA D 122 -76.16 -9.58 -32.72
C ALA D 122 -74.86 -8.86 -33.11
N ALA D 123 -74.97 -7.66 -33.72
CA ALA D 123 -73.85 -6.93 -34.36
C ALA D 123 -72.87 -6.34 -33.32
N ASP D 124 -73.25 -6.31 -32.04
CA ASP D 124 -72.38 -5.81 -30.93
C ASP D 124 -71.32 -6.88 -30.57
N GLY D 125 -71.50 -8.12 -31.02
CA GLY D 125 -70.53 -9.21 -30.82
C GLY D 125 -70.76 -9.96 -29.52
N ARG D 126 -70.10 -11.10 -29.34
CA ARG D 126 -70.29 -11.99 -28.16
C ARG D 126 -69.24 -11.63 -27.09
N ILE D 127 -69.67 -11.49 -25.84
CA ILE D 127 -68.78 -11.25 -24.67
C ILE D 127 -67.92 -12.51 -24.44
N LYS D 128 -68.53 -13.69 -24.44
CA LYS D 128 -67.83 -14.98 -24.17
C LYS D 128 -67.05 -15.39 -25.42
N THR D 129 -65.76 -15.71 -25.29
CA THR D 129 -64.90 -16.20 -26.42
C THR D 129 -64.51 -17.67 -26.23
N ALA D 130 -64.63 -18.23 -25.02
CA ALA D 130 -64.38 -19.68 -24.76
C ALA D 130 -65.07 -20.13 -23.47
N ASP D 131 -65.42 -21.41 -23.40
CA ASP D 131 -66.07 -22.03 -22.21
C ASP D 131 -65.03 -22.72 -21.34
N ASP D 132 -63.97 -23.24 -21.95
CA ASP D 132 -62.99 -24.15 -21.29
C ASP D 132 -61.56 -23.59 -21.37
N THR D 133 -60.69 -24.06 -20.49
CA THR D 133 -59.27 -23.68 -20.38
C THR D 133 -58.44 -24.97 -20.39
N VAL D 134 -57.33 -25.00 -21.12
CA VAL D 134 -56.31 -26.07 -20.99
C VAL D 134 -55.07 -25.45 -20.32
N VAL D 135 -54.68 -26.00 -19.16
CA VAL D 135 -53.42 -25.64 -18.46
C VAL D 135 -52.33 -26.58 -18.97
N LEU D 136 -51.23 -26.02 -19.46
CA LEU D 136 -50.07 -26.76 -20.04
C LEU D 136 -48.91 -26.75 -19.05
N LEU D 137 -48.24 -27.88 -18.87
CA LEU D 137 -46.99 -27.96 -18.10
C LEU D 137 -45.85 -28.29 -19.08
N ASN D 138 -44.90 -27.37 -19.20
CA ASN D 138 -43.64 -27.53 -19.99
C ASN D 138 -42.46 -27.26 -19.04
N THR D 139 -41.23 -27.39 -19.53
CA THR D 139 -40.01 -27.24 -18.69
C THR D 139 -39.36 -25.88 -18.94
N VAL D 140 -40.09 -24.92 -19.50
CA VAL D 140 -39.54 -23.55 -19.74
C VAL D 140 -39.89 -22.69 -18.51
N GLY D 141 -39.38 -23.11 -17.36
CA GLY D 141 -39.61 -22.41 -16.08
C GLY D 141 -38.98 -23.15 -14.93
N HIS D 142 -39.16 -22.65 -13.72
CA HIS D 142 -38.62 -23.25 -12.48
C HIS D 142 -39.52 -24.41 -12.08
N SER D 143 -38.95 -25.58 -11.76
CA SER D 143 -39.67 -26.73 -11.16
C SER D 143 -40.35 -26.29 -9.85
N ALA D 144 -39.71 -25.41 -9.08
CA ALA D 144 -40.17 -24.95 -7.75
C ALA D 144 -41.47 -24.13 -7.87
N LEU D 145 -41.74 -23.53 -9.04
CA LEU D 145 -43.02 -22.84 -9.30
C LEU D 145 -43.95 -23.77 -10.10
N ASP D 146 -43.54 -24.13 -11.32
CA ASP D 146 -44.44 -24.78 -12.32
C ASP D 146 -44.88 -26.17 -11.83
N ASP D 147 -43.97 -26.99 -11.30
CA ASP D 147 -44.34 -28.36 -10.83
C ASP D 147 -45.26 -28.25 -9.61
N ALA D 148 -44.91 -27.41 -8.65
CA ALA D 148 -45.70 -27.19 -7.42
C ALA D 148 -47.09 -26.65 -7.77
N ASN D 149 -47.17 -25.70 -8.71
CA ASN D 149 -48.43 -24.99 -9.06
C ASN D 149 -49.34 -25.92 -9.88
N PHE D 150 -48.78 -26.78 -10.72
CA PHE D 150 -49.59 -27.75 -11.51
C PHE D 150 -50.29 -28.70 -10.53
N ALA D 151 -49.55 -29.21 -9.54
CA ALA D 151 -50.04 -30.13 -8.49
C ALA D 151 -51.13 -29.43 -7.68
N ALA D 152 -50.93 -28.16 -7.30
CA ALA D 152 -51.87 -27.35 -6.52
C ALA D 152 -53.17 -27.11 -7.30
N VAL D 153 -53.10 -26.90 -8.61
CA VAL D 153 -54.30 -26.69 -9.48
C VAL D 153 -55.11 -27.98 -9.49
N LEU D 154 -54.43 -29.10 -9.75
CA LEU D 154 -55.03 -30.46 -9.79
C LEU D 154 -55.75 -30.72 -8.45
N THR D 155 -55.08 -30.41 -7.34
CA THR D 155 -55.61 -30.61 -5.97
C THR D 155 -56.86 -29.74 -5.78
N ALA D 156 -56.78 -28.44 -6.07
CA ALA D 156 -57.87 -27.46 -5.84
C ALA D 156 -59.12 -27.85 -6.66
N LEU D 157 -58.93 -28.37 -7.88
CA LEU D 157 -60.02 -28.86 -8.75
C LEU D 157 -60.71 -30.07 -8.10
N LYS D 158 -59.91 -31.00 -7.58
CA LYS D 158 -60.39 -32.23 -6.89
C LYS D 158 -61.21 -31.83 -5.65
N GLU D 159 -60.64 -30.97 -4.79
CA GLU D 159 -61.29 -30.46 -3.54
C GLU D 159 -62.66 -29.86 -3.84
N ALA D 160 -62.77 -29.04 -4.90
CA ALA D 160 -64.00 -28.29 -5.25
C ALA D 160 -64.95 -29.15 -6.09
N ASN D 161 -64.59 -30.40 -6.41
CA ASN D 161 -65.41 -31.32 -7.23
C ASN D 161 -65.72 -30.66 -8.58
N ALA D 162 -64.78 -29.86 -9.11
CA ALA D 162 -64.92 -29.14 -10.39
C ALA D 162 -64.70 -30.11 -11.54
N PRO D 163 -65.47 -30.01 -12.64
CA PRO D 163 -65.28 -30.91 -13.79
C PRO D 163 -63.98 -30.55 -14.54
N HIS D 164 -63.14 -31.54 -14.75
CA HIS D 164 -61.77 -31.41 -15.33
C HIS D 164 -61.27 -32.81 -15.64
N GLU D 165 -60.26 -32.92 -16.51
CA GLU D 165 -59.44 -34.17 -16.56
C GLU D 165 -58.05 -33.84 -17.09
N GLU D 166 -57.05 -34.56 -16.58
CA GLU D 166 -55.70 -34.60 -17.16
C GLU D 166 -55.81 -35.35 -18.48
N ILE D 167 -55.40 -34.72 -19.58
CA ILE D 167 -55.54 -35.26 -20.95
C ILE D 167 -54.15 -35.47 -21.54
N ALA D 168 -54.05 -36.32 -22.56
CA ALA D 168 -52.83 -36.50 -23.36
C ALA D 168 -52.57 -35.17 -24.07
N VAL D 169 -51.30 -34.77 -24.13
CA VAL D 169 -50.88 -33.49 -24.79
C VAL D 169 -51.22 -33.58 -26.29
N GLU D 170 -51.15 -34.78 -26.88
CA GLU D 170 -51.46 -35.03 -28.32
C GLU D 170 -52.93 -34.73 -28.61
N SER D 171 -53.80 -34.71 -27.59
CA SER D 171 -55.26 -34.45 -27.74
C SER D 171 -55.56 -32.95 -27.56
N VAL D 172 -54.60 -32.10 -27.20
CA VAL D 172 -54.83 -30.62 -27.13
C VAL D 172 -54.87 -30.10 -28.56
N ASP D 173 -55.97 -29.45 -28.94
CA ASP D 173 -56.20 -29.02 -30.35
C ASP D 173 -55.44 -27.72 -30.58
N TRP D 174 -54.92 -27.57 -31.80
CA TRP D 174 -54.44 -26.29 -32.39
C TRP D 174 -52.94 -26.10 -32.11
N ILE D 175 -52.49 -26.29 -30.86
CA ILE D 175 -51.10 -25.93 -30.43
C ILE D 175 -50.09 -26.59 -31.36
N ASP D 176 -48.99 -25.89 -31.64
CA ASP D 176 -47.87 -26.39 -32.47
C ASP D 176 -46.57 -25.87 -31.86
N PRO D 177 -46.22 -26.33 -30.64
CA PRO D 177 -45.03 -25.82 -29.95
C PRO D 177 -43.75 -26.32 -30.60
N ASP D 178 -42.66 -25.57 -30.40
CA ASP D 178 -41.27 -26.08 -30.56
C ASP D 178 -41.13 -27.33 -29.69
N PRO D 179 -40.74 -28.50 -30.24
CA PRO D 179 -40.55 -29.69 -29.41
C PRO D 179 -39.74 -29.49 -28.13
N ASN D 180 -38.73 -28.63 -28.14
CA ASN D 180 -37.87 -28.39 -26.95
C ASN D 180 -38.60 -27.52 -25.93
N SER D 181 -39.75 -26.94 -26.28
CA SER D 181 -40.57 -26.06 -25.38
C SER D 181 -41.96 -26.67 -25.16
N ARG D 182 -42.18 -27.92 -25.57
CA ARG D 182 -43.54 -28.51 -25.66
C ARG D 182 -44.00 -28.90 -24.27
N PRO D 183 -45.33 -29.00 -24.04
CA PRO D 183 -45.86 -29.52 -22.79
C PRO D 183 -45.78 -31.04 -22.79
N LEU D 184 -45.60 -31.63 -21.61
CA LEU D 184 -45.62 -33.12 -21.42
C LEU D 184 -46.85 -33.53 -20.61
N ARG D 185 -47.53 -32.57 -19.99
CA ARG D 185 -48.81 -32.80 -19.26
C ARG D 185 -49.76 -31.64 -19.58
N ALA D 186 -51.05 -31.93 -19.62
CA ALA D 186 -52.13 -30.97 -19.96
C ALA D 186 -53.37 -31.28 -19.13
N LEU D 187 -54.08 -30.23 -18.76
CA LEU D 187 -55.21 -30.22 -17.82
C LEU D 187 -56.37 -29.44 -18.47
N HIS D 188 -57.44 -30.13 -18.84
CA HIS D 188 -58.70 -29.56 -19.38
C HIS D 188 -59.59 -29.16 -18.20
N ILE D 189 -59.87 -27.86 -18.03
CA ILE D 189 -60.83 -27.34 -17.00
C ILE D 189 -62.12 -26.90 -17.71
N GLU D 190 -63.23 -27.54 -17.36
CA GLU D 190 -64.56 -27.34 -17.99
C GLU D 190 -65.26 -26.17 -17.29
N GLY D 191 -65.82 -25.23 -18.05
CA GLY D 191 -66.59 -24.08 -17.50
C GLY D 191 -65.70 -22.99 -16.95
N GLU D 192 -64.40 -23.05 -17.23
CA GLU D 192 -63.44 -21.94 -16.95
C GLU D 192 -63.01 -21.39 -18.31
N GLY D 193 -63.47 -20.19 -18.64
CA GLY D 193 -63.38 -19.66 -20.01
C GLY D 193 -62.80 -18.26 -20.05
N SER D 194 -63.24 -17.49 -21.04
CA SER D 194 -62.70 -16.14 -21.35
C SER D 194 -63.80 -15.26 -21.91
N VAL D 195 -63.60 -13.95 -21.76
CA VAL D 195 -64.44 -12.88 -22.37
C VAL D 195 -63.52 -11.97 -23.20
N ASP D 196 -64.07 -11.35 -24.25
CA ASP D 196 -63.45 -10.21 -24.93
C ASP D 196 -63.65 -8.98 -24.04
N SER D 197 -62.58 -8.48 -23.42
CA SER D 197 -62.63 -7.37 -22.44
C SER D 197 -63.18 -6.09 -23.12
N GLY D 198 -62.93 -5.92 -24.42
CA GLY D 198 -63.39 -4.74 -25.19
C GLY D 198 -64.89 -4.76 -25.39
N ILE D 199 -65.43 -5.92 -25.79
CA ILE D 199 -66.89 -6.12 -25.98
C ILE D 199 -67.57 -6.06 -24.60
N LEU D 200 -66.93 -6.55 -23.54
CA LEU D 200 -67.44 -6.48 -22.14
C LEU D 200 -67.61 -5.00 -21.75
N LEU D 201 -66.57 -4.18 -21.98
CA LEU D 201 -66.60 -2.73 -21.62
C LEU D 201 -67.74 -2.03 -22.39
N ALA D 202 -67.88 -2.30 -23.68
CA ALA D 202 -68.91 -1.71 -24.56
C ALA D 202 -70.30 -2.11 -24.03
N ALA D 203 -70.46 -3.37 -23.63
CA ALA D 203 -71.73 -3.96 -23.12
C ALA D 203 -72.06 -3.36 -21.76
N LEU D 204 -71.06 -3.09 -20.94
CA LEU D 204 -71.25 -2.47 -19.59
C LEU D 204 -71.70 -1.02 -19.77
N GLU D 205 -71.02 -0.27 -20.65
CA GLU D 205 -71.39 1.14 -20.97
C GLU D 205 -72.83 1.20 -21.48
N ARG D 206 -73.15 0.37 -22.47
CA ARG D 206 -74.50 0.27 -23.08
C ARG D 206 -75.52 -0.07 -21.99
N SER D 207 -75.24 -1.06 -21.13
CA SER D 207 -76.17 -1.54 -20.07
C SER D 207 -76.36 -0.46 -19.00
N PHE D 208 -75.31 0.33 -18.74
CA PHE D 208 -75.33 1.43 -17.74
C PHE D 208 -76.32 2.51 -18.21
N LEU D 209 -76.17 2.95 -19.47
CA LEU D 209 -77.04 3.98 -20.10
C LEU D 209 -78.49 3.49 -20.13
N GLN D 210 -78.70 2.22 -20.52
CA GLN D 210 -80.05 1.57 -20.60
C GLN D 210 -80.75 1.62 -19.24
N ALA D 211 -80.00 1.54 -18.14
CA ALA D 211 -80.55 1.50 -16.77
C ALA D 211 -80.61 2.90 -16.15
N GLY D 212 -80.30 3.95 -16.94
CA GLY D 212 -80.48 5.36 -16.54
C GLY D 212 -79.20 6.00 -16.01
N GLY D 213 -78.07 5.31 -16.07
CA GLY D 213 -76.77 5.87 -15.65
C GLY D 213 -76.34 7.00 -16.57
N ARG D 214 -75.58 7.97 -16.08
CA ARG D 214 -75.04 9.08 -16.91
C ARG D 214 -73.51 8.99 -16.88
N LEU D 215 -72.88 8.94 -18.07
CA LEU D 215 -71.41 8.93 -18.27
C LEU D 215 -70.92 10.36 -18.44
N HIS D 216 -70.07 10.84 -17.54
CA HIS D 216 -69.42 12.17 -17.61
C HIS D 216 -67.93 11.96 -17.87
N PRO D 217 -67.45 12.17 -19.12
CA PRO D 217 -66.08 11.78 -19.50
C PRO D 217 -65.01 12.77 -19.01
N VAL D 218 -64.89 12.89 -17.69
CA VAL D 218 -63.82 13.68 -17.00
C VAL D 218 -63.28 12.83 -15.85
N ASP D 219 -62.13 13.23 -15.30
CA ASP D 219 -61.46 12.54 -14.17
C ASP D 219 -61.74 13.31 -12.88
N ALA D 220 -61.94 12.60 -11.78
CA ALA D 220 -61.96 13.16 -10.42
C ALA D 220 -60.55 13.64 -10.07
N THR D 221 -60.43 14.84 -9.52
CA THR D 221 -59.16 15.43 -9.02
C THR D 221 -59.08 15.31 -7.49
N GLU D 222 -60.24 15.33 -6.81
CA GLU D 222 -60.33 15.46 -5.33
C GLU D 222 -61.71 14.99 -4.86
N ILE D 223 -61.74 14.18 -3.79
CA ILE D 223 -62.99 13.81 -3.06
C ILE D 223 -63.18 14.84 -1.93
N ARG D 224 -64.35 15.48 -1.86
CA ARG D 224 -64.66 16.48 -0.79
C ARG D 224 -65.52 15.80 0.27
N ALA D 225 -65.09 15.91 1.53
CA ALA D 225 -65.77 15.41 2.73
C ALA D 225 -65.58 16.46 3.84
N SER D 226 -66.60 16.61 4.70
CA SER D 226 -66.54 17.44 5.93
C SER D 226 -67.42 16.78 7.00
N HIS D 227 -67.05 16.94 8.27
CA HIS D 227 -67.72 16.32 9.44
C HIS D 227 -67.96 14.83 9.13
N GLY D 228 -66.93 14.15 8.59
CA GLY D 228 -66.88 12.70 8.36
C GLY D 228 -67.96 12.18 7.41
N ARG D 229 -68.32 12.95 6.38
CA ARG D 229 -69.35 12.58 5.37
C ARG D 229 -68.92 13.07 3.99
N VAL D 230 -69.21 12.32 2.93
CA VAL D 230 -68.90 12.69 1.52
C VAL D 230 -69.87 13.79 1.07
N VAL D 233 -67.33 15.44 -5.51
CA VAL D 233 -66.10 15.21 -6.32
C VAL D 233 -65.80 16.46 -7.17
N VAL D 234 -64.61 17.03 -6.99
CA VAL D 234 -64.03 18.06 -7.91
C VAL D 234 -63.41 17.31 -9.11
N THR D 235 -63.78 17.69 -10.32
CA THR D 235 -63.33 17.07 -11.60
C THR D 235 -62.22 17.92 -12.22
N ASP D 236 -61.47 17.36 -13.18
CA ASP D 236 -60.23 17.98 -13.75
C ASP D 236 -60.56 19.11 -14.73
N ASP D 237 -61.85 19.35 -15.00
CA ASP D 237 -62.33 20.50 -15.82
C ASP D 237 -62.66 21.70 -14.91
N GLY D 238 -62.51 21.57 -13.58
CA GLY D 238 -62.71 22.65 -12.60
C GLY D 238 -64.07 22.58 -11.90
N ASP D 239 -65.02 21.80 -12.44
CA ASP D 239 -66.42 21.70 -11.95
C ASP D 239 -66.44 20.98 -10.60
N PHE D 240 -67.57 21.04 -9.87
CA PHE D 240 -67.82 20.27 -8.63
C PHE D 240 -69.16 19.52 -8.77
N LEU D 241 -69.15 18.21 -8.50
CA LEU D 241 -70.36 17.33 -8.57
C LEU D 241 -70.72 16.89 -7.15
N PRO D 242 -71.92 17.24 -6.65
CA PRO D 242 -72.33 16.83 -5.30
C PRO D 242 -72.90 15.40 -5.29
N ALA D 243 -72.74 14.69 -4.18
CA ALA D 243 -73.27 13.32 -4.00
C ALA D 243 -73.23 12.89 -2.53
N GLY D 244 -74.15 12.00 -2.14
CA GLY D 244 -74.20 11.35 -0.82
C GLY D 244 -73.51 10.00 -0.82
N HIS D 245 -73.11 9.50 -2.01
CA HIS D 245 -72.32 8.26 -2.19
C HIS D 245 -71.26 8.48 -3.26
N VAL D 246 -69.99 8.17 -2.93
CA VAL D 246 -68.84 8.14 -3.87
C VAL D 246 -68.18 6.76 -3.79
N VAL D 247 -68.19 6.02 -4.91
CA VAL D 247 -67.52 4.69 -5.05
C VAL D 247 -66.24 4.90 -5.87
N VAL D 248 -65.08 4.68 -5.25
CA VAL D 248 -63.75 4.83 -5.91
C VAL D 248 -63.38 3.45 -6.50
N ALA D 249 -63.34 3.38 -7.83
CA ALA D 249 -62.85 2.22 -8.61
C ALA D 249 -61.96 2.74 -9.73
N ALA D 250 -60.93 3.51 -9.35
CA ALA D 250 -60.02 4.24 -10.25
C ALA D 250 -58.75 3.41 -10.50
N GLY D 251 -58.87 2.09 -10.44
CA GLY D 251 -57.73 1.18 -10.57
C GLY D 251 -56.58 1.61 -9.68
N ALA D 252 -55.37 1.64 -10.24
CA ALA D 252 -54.10 1.91 -9.53
C ALA D 252 -54.08 3.31 -8.90
N ARG D 253 -55.02 4.20 -9.25
CA ARG D 253 -55.05 5.60 -8.73
C ARG D 253 -55.98 5.70 -7.51
N SER D 254 -56.68 4.61 -7.14
CA SER D 254 -57.79 4.60 -6.14
C SER D 254 -57.31 5.10 -4.76
N GLN D 255 -56.20 4.57 -4.24
CA GLN D 255 -55.70 4.92 -2.88
C GLN D 255 -55.16 6.35 -2.88
N ARG D 256 -54.40 6.74 -3.91
CA ARG D 256 -53.80 8.10 -4.02
C ARG D 256 -54.93 9.14 -3.92
N LEU D 257 -56.12 8.81 -4.41
CA LEU D 257 -57.30 9.72 -4.45
C LEU D 257 -57.93 9.85 -3.05
N VAL D 258 -58.06 8.74 -2.32
CA VAL D 258 -58.73 8.68 -0.99
C VAL D 258 -57.76 9.15 0.12
N ALA D 259 -56.45 9.02 -0.09
CA ALA D 259 -55.39 9.23 0.93
C ALA D 259 -55.23 10.72 1.27
N ALA D 260 -55.70 11.63 0.42
CA ALA D 260 -55.64 13.10 0.62
C ALA D 260 -56.59 13.52 1.76
N LEU D 261 -57.63 12.73 2.04
CA LEU D 261 -58.60 12.97 3.15
C LEU D 261 -57.90 12.76 4.49
N PRO D 262 -58.36 13.43 5.59
CA PRO D 262 -57.64 13.42 6.86
C PRO D 262 -57.44 12.03 7.49
N GLY D 263 -56.20 11.68 7.85
CA GLY D 263 -55.84 10.44 8.56
C GLY D 263 -55.67 9.25 7.63
N LEU D 264 -56.36 9.25 6.48
CA LEU D 264 -56.55 8.07 5.59
C LEU D 264 -55.25 7.69 4.86
N ALA D 265 -54.24 8.57 4.84
CA ALA D 265 -52.93 8.32 4.20
C ALA D 265 -52.31 7.03 4.74
N HIS D 266 -52.54 6.72 6.02
CA HIS D 266 -51.90 5.56 6.70
C HIS D 266 -52.96 4.54 7.16
N ARG D 267 -54.19 4.66 6.65
CA ARG D 267 -55.33 3.77 7.03
C ARG D 267 -55.84 2.99 5.81
N ILE D 268 -55.66 3.54 4.60
CA ILE D 268 -55.93 2.82 3.31
C ILE D 268 -54.61 2.29 2.77
N PRO D 269 -54.42 0.97 2.65
CA PRO D 269 -53.19 0.41 2.08
C PRO D 269 -52.90 0.96 0.67
N ARG D 270 -51.64 1.35 0.44
CA ARG D 270 -51.16 1.83 -0.88
C ARG D 270 -51.46 0.80 -1.96
N ILE D 271 -51.76 1.30 -3.15
CA ILE D 271 -51.91 0.52 -4.41
C ILE D 271 -50.86 1.04 -5.40
N TYR D 272 -50.03 0.15 -5.93
CA TYR D 272 -49.01 0.46 -6.97
C TYR D 272 -49.51 -0.05 -8.32
N ASP D 273 -48.72 0.16 -9.38
CA ASP D 273 -49.04 -0.26 -10.78
C ASP D 273 -48.37 -1.59 -11.11
N GLY D 274 -49.16 -2.65 -11.24
CA GLY D 274 -48.72 -3.94 -11.80
C GLY D 274 -48.76 -3.90 -13.31
N VAL D 275 -47.75 -3.26 -13.93
CA VAL D 275 -47.74 -2.94 -15.38
C VAL D 275 -47.71 -4.23 -16.17
N GLY D 276 -48.68 -4.40 -17.07
CA GLY D 276 -48.93 -5.64 -17.82
C GLY D 276 -48.89 -5.39 -19.31
N VAL D 277 -48.18 -6.23 -20.04
CA VAL D 277 -48.06 -6.13 -21.52
C VAL D 277 -48.71 -7.37 -22.11
N SER D 278 -49.55 -7.15 -23.11
CA SER D 278 -50.24 -8.19 -23.90
C SER D 278 -50.23 -7.74 -25.36
N ALA D 279 -50.71 -8.59 -26.26
CA ALA D 279 -50.68 -8.30 -27.71
C ALA D 279 -51.89 -8.94 -28.38
N LEU D 280 -52.37 -8.29 -29.44
CA LEU D 280 -53.37 -8.85 -30.37
C LEU D 280 -52.62 -9.22 -31.64
N VAL D 281 -52.80 -10.46 -32.09
CA VAL D 281 -52.13 -11.05 -33.27
C VAL D 281 -53.21 -11.57 -34.21
N ASP D 282 -53.14 -11.21 -35.50
CA ASP D 282 -53.91 -11.86 -36.59
C ASP D 282 -53.14 -13.11 -37.00
N THR D 283 -53.72 -14.29 -36.77
CA THR D 283 -53.05 -15.58 -37.02
C THR D 283 -52.85 -15.76 -38.54
N TRP D 284 -51.73 -16.39 -38.91
CA TRP D 284 -51.30 -16.68 -40.30
C TRP D 284 -52.48 -17.19 -41.16
N ASP D 285 -53.40 -18.01 -40.62
CA ASP D 285 -54.47 -18.69 -41.40
C ASP D 285 -55.87 -18.33 -40.87
N GLY D 286 -55.99 -17.34 -39.98
CA GLY D 286 -57.28 -16.93 -39.38
C GLY D 286 -57.78 -17.88 -38.31
N SER D 287 -57.08 -18.97 -38.01
CA SER D 287 -57.51 -19.99 -37.00
C SER D 287 -57.21 -19.49 -35.58
N GLY D 288 -57.78 -20.16 -34.60
CA GLY D 288 -57.57 -19.92 -33.15
C GLY D 288 -57.93 -21.17 -32.37
N PRO D 289 -57.48 -21.32 -31.11
CA PRO D 289 -57.87 -22.50 -30.34
C PRO D 289 -59.31 -22.33 -29.83
N ALA D 290 -59.98 -23.44 -29.55
CA ALA D 290 -61.37 -23.49 -29.06
C ALA D 290 -61.38 -23.14 -27.57
N THR D 291 -60.26 -23.37 -26.87
CA THR D 291 -60.14 -23.12 -25.41
C THR D 291 -59.11 -22.03 -25.14
N VAL D 292 -59.18 -21.43 -23.96
CA VAL D 292 -58.02 -20.73 -23.36
C VAL D 292 -56.87 -21.73 -23.29
N LEU D 293 -55.65 -21.26 -23.57
CA LEU D 293 -54.39 -22.01 -23.36
C LEU D 293 -53.56 -21.20 -22.37
N ARG D 294 -53.05 -21.83 -21.31
CA ARG D 294 -52.30 -21.10 -20.28
C ARG D 294 -51.35 -22.03 -19.54
N THR D 295 -50.32 -21.43 -18.94
CA THR D 295 -49.50 -22.03 -17.88
C THR D 295 -50.09 -21.57 -16.54
N SER D 296 -49.63 -22.15 -15.44
CA SER D 296 -49.86 -21.61 -14.08
C SER D 296 -49.13 -20.28 -13.98
N ASN D 297 -49.42 -19.50 -12.95
CA ASN D 297 -48.75 -18.19 -12.69
C ASN D 297 -47.26 -18.45 -12.49
N ARG D 298 -46.42 -17.55 -13.01
CA ARG D 298 -44.94 -17.72 -13.09
C ARG D 298 -44.26 -16.57 -12.35
N ALA D 299 -42.95 -16.39 -12.54
CA ALA D 299 -42.10 -15.46 -11.76
C ALA D 299 -42.81 -14.11 -11.60
N PHE D 300 -43.04 -13.70 -10.36
CA PHE D 300 -43.55 -12.36 -9.99
C PHE D 300 -44.91 -12.12 -10.65
N ALA D 301 -45.75 -13.15 -10.68
CA ALA D 301 -47.18 -13.08 -11.11
C ALA D 301 -47.30 -12.77 -12.61
N CYS D 302 -46.23 -12.98 -13.38
N CYS D 302 -46.23 -12.98 -13.38
CA CYS D 302 -46.27 -13.09 -14.86
CA CYS D 302 -46.28 -13.09 -14.85
C CYS D 302 -46.96 -14.42 -15.19
C CYS D 302 -46.95 -14.43 -15.19
N GLY D 303 -47.23 -14.68 -16.47
CA GLY D 303 -47.82 -15.95 -16.92
C GLY D 303 -48.01 -15.94 -18.41
N LEU D 304 -48.02 -17.10 -19.04
CA LEU D 304 -48.29 -17.22 -20.49
C LEU D 304 -49.71 -17.71 -20.71
N HIS D 305 -50.46 -17.01 -21.56
CA HIS D 305 -51.80 -17.46 -21.99
C HIS D 305 -52.13 -16.90 -23.37
N LEU D 306 -52.98 -17.63 -24.07
CA LEU D 306 -53.65 -17.22 -25.31
C LEU D 306 -55.16 -17.31 -25.07
N VAL D 307 -55.86 -16.19 -25.24
CA VAL D 307 -57.34 -16.09 -25.12
C VAL D 307 -57.92 -15.97 -26.51
N PRO D 308 -58.82 -16.87 -26.95
CA PRO D 308 -59.44 -16.77 -28.27
C PRO D 308 -60.19 -15.44 -28.44
N ARG D 309 -60.21 -14.92 -29.67
CA ARG D 309 -61.00 -13.73 -30.09
C ARG D 309 -61.70 -14.08 -31.42
N ALA D 310 -62.76 -13.33 -31.77
CA ALA D 310 -63.47 -13.46 -33.06
C ALA D 310 -62.63 -12.82 -34.17
N GLY D 311 -62.83 -13.25 -35.42
CA GLY D 311 -62.35 -12.57 -36.63
C GLY D 311 -60.87 -12.80 -36.92
N GLY D 312 -60.34 -13.99 -36.61
CA GLY D 312 -58.97 -14.40 -36.99
C GLY D 312 -57.90 -13.72 -36.15
N SER D 313 -58.27 -13.17 -34.98
CA SER D 313 -57.35 -12.56 -33.99
C SER D 313 -57.20 -13.49 -32.79
N VAL D 314 -56.06 -13.45 -32.11
CA VAL D 314 -55.85 -14.05 -30.76
C VAL D 314 -55.24 -13.00 -29.85
N TYR D 315 -55.52 -13.11 -28.56
CA TYR D 315 -54.87 -12.35 -27.47
C TYR D 315 -53.77 -13.23 -26.89
N ILE D 316 -52.58 -12.66 -26.72
CA ILE D 316 -51.47 -13.31 -25.98
C ILE D 316 -51.06 -12.37 -24.85
N GLY D 317 -50.83 -12.93 -23.68
CA GLY D 317 -50.31 -12.21 -22.52
C GLY D 317 -49.66 -13.19 -21.57
N ALA D 318 -49.20 -12.70 -20.42
CA ALA D 318 -49.16 -11.28 -20.09
C ALA D 318 -48.01 -11.08 -19.13
N THR D 319 -47.23 -10.01 -19.30
CA THR D 319 -46.10 -9.70 -18.40
C THR D 319 -46.68 -9.01 -17.16
N ASN D 320 -45.87 -8.88 -16.12
CA ASN D 320 -46.26 -8.20 -14.86
C ASN D 320 -44.98 -7.70 -14.19
N ALA D 321 -44.92 -6.41 -13.93
CA ALA D 321 -43.84 -5.77 -13.14
C ALA D 321 -44.48 -4.70 -12.28
N VAL D 322 -44.32 -4.80 -10.97
CA VAL D 322 -44.77 -3.74 -10.03
C VAL D 322 -43.82 -2.56 -10.21
N CYS D 323 -44.36 -1.40 -10.54
CA CYS D 323 -43.62 -0.12 -10.71
C CYS D 323 -44.15 0.87 -9.67
N LEU D 324 -43.24 1.60 -9.02
CA LEU D 324 -43.57 2.52 -7.90
C LEU D 324 -44.18 3.80 -8.49
N GLU D 325 -43.81 4.14 -9.72
CA GLU D 325 -44.45 5.20 -10.54
C GLU D 325 -45.17 4.53 -11.71
N PRO D 326 -46.27 5.11 -12.23
CA PRO D 326 -46.96 4.53 -13.38
C PRO D 326 -46.13 4.62 -14.68
N ARG D 327 -46.37 3.69 -15.59
CA ARG D 327 -45.68 3.56 -16.90
C ARG D 327 -46.74 3.14 -17.92
N GLY D 328 -46.83 3.86 -19.04
CA GLY D 328 -47.89 3.70 -20.03
C GLY D 328 -47.44 2.96 -21.27
N ALA D 329 -46.18 2.49 -21.31
CA ALA D 329 -45.56 1.87 -22.50
C ALA D 329 -44.84 0.58 -22.12
N ALA D 330 -44.95 -0.44 -22.98
CA ALA D 330 -44.20 -1.72 -22.88
C ALA D 330 -42.72 -1.41 -23.04
N SER D 331 -41.86 -2.13 -22.33
CA SER D 331 -40.40 -2.17 -22.61
C SER D 331 -40.14 -3.14 -23.76
N ILE D 332 -38.98 -3.02 -24.40
CA ILE D 332 -38.48 -3.99 -25.40
C ILE D 332 -38.49 -5.39 -24.75
N ALA D 333 -37.92 -5.53 -23.55
CA ALA D 333 -37.74 -6.82 -22.85
C ALA D 333 -39.09 -7.53 -22.69
N GLU D 334 -40.13 -6.79 -22.28
CA GLU D 334 -41.49 -7.32 -22.03
C GLU D 334 -42.07 -7.87 -23.34
N THR D 335 -41.97 -7.09 -24.41
CA THR D 335 -42.47 -7.46 -25.75
C THR D 335 -41.77 -8.75 -26.21
N VAL D 336 -40.45 -8.80 -26.15
CA VAL D 336 -39.64 -9.95 -26.67
C VAL D 336 -40.00 -11.19 -25.86
N PHE D 337 -40.08 -11.06 -24.54
CA PHE D 337 -40.35 -12.19 -23.63
C PHE D 337 -41.75 -12.75 -23.95
N LEU D 338 -42.77 -11.89 -24.02
CA LEU D 338 -44.15 -12.33 -24.32
C LEU D 338 -44.18 -13.07 -25.66
N PHE D 339 -43.56 -12.51 -26.70
CA PHE D 339 -43.61 -13.07 -28.08
C PHE D 339 -42.81 -14.38 -28.13
N ASN D 340 -41.64 -14.43 -27.49
CA ASN D 340 -40.77 -15.63 -27.49
C ASN D 340 -41.50 -16.80 -26.83
N CYS D 341 -42.18 -16.57 -25.72
CA CYS D 341 -42.89 -17.64 -24.97
C CYS D 341 -44.05 -18.16 -25.80
N ALA D 342 -44.84 -17.27 -26.41
CA ALA D 342 -46.05 -17.63 -27.18
C ALA D 342 -45.65 -18.47 -28.41
N THR D 343 -44.62 -18.05 -29.15
CA THR D 343 -44.19 -18.72 -30.41
C THR D 343 -43.62 -20.11 -30.11
N HIS D 344 -42.88 -20.28 -29.01
CA HIS D 344 -42.20 -21.56 -28.67
C HIS D 344 -43.15 -22.50 -27.91
N GLN D 345 -43.88 -21.98 -26.93
CA GLN D 345 -44.63 -22.84 -25.95
C GLN D 345 -46.05 -23.11 -26.46
N LEU D 346 -46.62 -22.27 -27.34
CA LEU D 346 -48.04 -22.40 -27.77
C LEU D 346 -48.14 -22.75 -29.26
N HIS D 347 -47.70 -21.86 -30.16
CA HIS D 347 -47.83 -22.09 -31.63
C HIS D 347 -46.73 -21.36 -32.40
N ARG D 348 -45.90 -22.11 -33.11
CA ARG D 348 -44.80 -21.58 -33.97
C ARG D 348 -45.38 -20.75 -35.13
N GLY D 349 -46.63 -21.00 -35.53
CA GLY D 349 -47.37 -20.20 -36.53
C GLY D 349 -47.51 -18.74 -36.12
N LEU D 350 -47.44 -18.42 -34.83
CA LEU D 350 -47.53 -17.01 -34.36
C LEU D 350 -46.28 -16.23 -34.79
N ASN D 351 -45.19 -16.94 -35.10
CA ASN D 351 -43.90 -16.30 -35.48
C ASN D 351 -44.10 -15.48 -36.78
N GLY D 352 -44.77 -16.05 -37.77
CA GLY D 352 -45.04 -15.43 -39.08
C GLY D 352 -46.37 -14.68 -39.10
N SER D 353 -47.08 -14.61 -37.98
CA SER D 353 -48.38 -13.93 -37.86
C SER D 353 -48.17 -12.44 -37.64
N GLU D 354 -49.17 -11.63 -37.99
CA GLU D 354 -49.08 -10.14 -37.97
C GLU D 354 -49.44 -9.63 -36.58
N LEU D 355 -48.57 -8.78 -36.03
CA LEU D 355 -48.81 -8.00 -34.79
C LEU D 355 -49.81 -6.87 -35.10
N ARG D 356 -51.01 -6.95 -34.53
CA ARG D 356 -52.08 -5.92 -34.62
C ARG D 356 -51.80 -4.80 -33.61
N LYS D 357 -51.49 -5.16 -32.36
CA LYS D 357 -51.43 -4.17 -31.26
C LYS D 357 -50.64 -4.72 -30.07
N VAL D 358 -49.77 -3.91 -29.50
CA VAL D 358 -49.15 -4.13 -28.16
C VAL D 358 -49.96 -3.31 -27.17
N GLN D 359 -50.48 -3.96 -26.14
CA GLN D 359 -51.39 -3.35 -25.13
C GLN D 359 -50.64 -3.24 -23.79
N VAL D 360 -50.83 -2.14 -23.08
CA VAL D 360 -50.25 -1.89 -21.73
C VAL D 360 -51.35 -1.39 -20.80
N GLY D 361 -51.48 -2.03 -19.64
CA GLY D 361 -52.40 -1.66 -18.56
C GLY D 361 -51.75 -1.87 -17.20
N SER D 362 -52.28 -1.22 -16.17
CA SER D 362 -51.77 -1.28 -14.78
C SER D 362 -52.72 -2.12 -13.94
N ARG D 363 -52.32 -3.35 -13.62
CA ARG D 363 -52.96 -4.14 -12.55
C ARG D 363 -52.81 -3.35 -11.25
N PRO D 364 -53.91 -2.97 -10.55
CA PRO D 364 -53.81 -2.32 -9.24
C PRO D 364 -53.20 -3.32 -8.25
N ALA D 365 -51.97 -3.05 -7.79
CA ALA D 365 -51.15 -3.96 -6.96
C ALA D 365 -51.12 -3.45 -5.52
N PRO D 366 -51.96 -4.03 -4.62
CA PRO D 366 -52.01 -3.56 -3.24
C PRO D 366 -50.74 -3.94 -2.48
N ILE D 367 -50.23 -3.04 -1.64
CA ILE D 367 -48.92 -3.21 -0.93
C ILE D 367 -48.93 -4.45 -0.03
N ASP D 368 -50.10 -4.90 0.46
CA ASP D 368 -50.19 -6.07 1.37
C ASP D 368 -50.74 -7.30 0.63
N GLY D 369 -50.97 -7.19 -0.68
CA GLY D 369 -51.25 -8.34 -1.56
C GLY D 369 -52.72 -8.73 -1.61
N PHE D 370 -53.62 -7.92 -1.04
CA PHE D 370 -55.07 -8.27 -1.01
C PHE D 370 -55.92 -7.06 -1.38
N PRO D 371 -57.13 -7.32 -1.95
CA PRO D 371 -57.96 -6.25 -2.48
C PRO D 371 -58.45 -5.29 -1.40
N LEU D 372 -58.93 -4.12 -1.84
CA LEU D 372 -59.58 -3.08 -1.01
C LEU D 372 -61.02 -2.95 -1.49
N ILE D 373 -61.94 -3.63 -0.81
CA ILE D 373 -63.38 -3.73 -1.19
C ILE D 373 -64.24 -3.36 0.02
N GLY D 374 -65.03 -2.29 -0.11
CA GLY D 374 -66.14 -2.02 0.81
C GLY D 374 -66.10 -0.63 1.41
N GLY D 375 -66.55 -0.52 2.66
CA GLY D 375 -66.84 0.75 3.33
C GLY D 375 -65.62 1.36 3.96
N THR D 376 -65.75 2.63 4.35
CA THR D 376 -64.68 3.51 4.86
C THR D 376 -65.19 4.11 6.18
N SER D 377 -64.31 4.78 6.95
CA SER D 377 -64.67 5.50 8.19
C SER D 377 -65.47 6.77 7.85
N VAL D 378 -65.35 7.26 6.61
CA VAL D 378 -66.14 8.38 6.04
C VAL D 378 -67.45 7.83 5.47
N GLU D 379 -68.58 8.35 5.95
CA GLU D 379 -69.94 7.91 5.54
C GLU D 379 -70.14 8.24 4.06
N GLY D 380 -70.62 7.27 3.28
CA GLY D 380 -70.88 7.40 1.84
C GLY D 380 -69.65 7.13 0.97
N LEU D 381 -68.47 6.95 1.57
CA LEU D 381 -67.21 6.69 0.81
C LEU D 381 -66.95 5.18 0.72
N TRP D 382 -67.02 4.64 -0.49
CA TRP D 382 -66.76 3.21 -0.78
C TRP D 382 -65.53 3.10 -1.70
N MET D 383 -64.88 1.95 -1.65
CA MET D 383 -63.65 1.68 -2.44
C MET D 383 -63.78 0.28 -3.04
N LEU D 384 -63.38 0.15 -4.31
CA LEU D 384 -63.43 -1.13 -5.05
C LEU D 384 -62.17 -1.20 -5.93
N SER D 385 -61.06 -1.76 -5.42
CA SER D 385 -59.73 -1.67 -6.05
C SER D 385 -58.75 -2.71 -5.49
N GLY D 386 -57.51 -2.66 -5.98
CA GLY D 386 -56.39 -3.53 -5.55
C GLY D 386 -56.62 -4.99 -5.91
N THR D 387 -57.28 -5.26 -7.04
CA THR D 387 -57.67 -6.63 -7.46
C THR D 387 -56.56 -7.31 -8.25
N TYR D 388 -55.47 -6.60 -8.58
CA TYR D 388 -54.26 -7.18 -9.21
C TYR D 388 -54.63 -7.98 -10.47
N ARG D 389 -54.60 -9.32 -10.42
CA ARG D 389 -54.70 -10.20 -11.61
C ARG D 389 -56.15 -10.56 -11.95
N ASP D 390 -57.12 -10.35 -11.05
CA ASP D 390 -58.44 -11.03 -11.19
C ASP D 390 -59.62 -10.17 -10.74
N GLY D 391 -59.49 -8.83 -10.78
CA GLY D 391 -60.64 -7.92 -10.58
C GLY D 391 -61.73 -8.16 -11.61
N LEU D 392 -61.34 -8.34 -12.88
CA LEU D 392 -62.28 -8.51 -14.01
C LEU D 392 -63.10 -9.78 -13.74
N HIS D 393 -62.45 -10.88 -13.38
CA HIS D 393 -63.14 -12.17 -13.13
C HIS D 393 -64.12 -11.99 -11.97
N MET D 394 -63.71 -11.29 -10.92
CA MET D 394 -64.50 -11.19 -9.67
C MET D 394 -65.52 -10.05 -9.77
N SER D 395 -65.52 -9.26 -10.85
CA SER D 395 -66.31 -8.01 -10.98
C SER D 395 -67.78 -8.23 -10.63
N PRO D 396 -68.51 -9.22 -11.20
CA PRO D 396 -69.94 -9.37 -10.88
C PRO D 396 -70.17 -9.57 -9.38
N LEU D 397 -69.36 -10.40 -8.74
CA LEU D 397 -69.44 -10.70 -7.28
C LEU D 397 -69.09 -9.44 -6.48
N LEU D 398 -68.02 -8.71 -6.84
CA LEU D 398 -67.54 -7.53 -6.07
C LEU D 398 -68.57 -6.41 -6.17
N ALA D 399 -69.21 -6.26 -7.35
CA ALA D 399 -70.24 -5.25 -7.61
C ALA D 399 -71.46 -5.52 -6.71
N ARG D 400 -71.94 -6.77 -6.71
CA ARG D 400 -73.08 -7.23 -5.87
C ARG D 400 -72.75 -7.00 -4.39
N HIS D 401 -71.52 -7.32 -3.96
CA HIS D 401 -71.09 -7.13 -2.56
C HIS D 401 -71.24 -5.67 -2.16
N VAL D 402 -70.66 -4.74 -2.93
CA VAL D 402 -70.61 -3.29 -2.55
C VAL D 402 -72.03 -2.71 -2.57
N VAL D 403 -72.87 -3.14 -3.51
CA VAL D 403 -74.29 -2.67 -3.64
C VAL D 403 -75.07 -3.14 -2.41
N SER D 404 -74.93 -4.41 -2.01
CA SER D 404 -75.54 -4.96 -0.78
C SER D 404 -75.12 -4.10 0.42
N LEU D 405 -73.83 -3.79 0.57
CA LEU D 405 -73.31 -2.96 1.69
C LEU D 405 -73.96 -1.57 1.64
N MET D 406 -74.11 -0.99 0.44
CA MET D 406 -74.66 0.37 0.24
C MET D 406 -76.15 0.42 0.60
N ASP D 407 -76.83 -0.74 0.53
CA ASP D 407 -78.29 -0.89 0.77
C ASP D 407 -78.54 -1.38 2.21
N GLY D 408 -77.51 -1.38 3.07
CA GLY D 408 -77.59 -1.78 4.48
C GLY D 408 -77.47 -3.27 4.70
N GLY D 409 -77.10 -4.05 3.67
CA GLY D 409 -76.89 -5.51 3.75
C GLY D 409 -75.48 -5.86 4.22
N THR D 410 -75.13 -7.15 4.23
CA THR D 410 -73.79 -7.67 4.62
C THR D 410 -73.02 -8.16 3.39
N GLY D 411 -73.67 -8.23 2.22
CA GLY D 411 -73.06 -8.68 0.96
C GLY D 411 -72.58 -10.12 1.05
N VAL D 412 -71.36 -10.38 0.55
CA VAL D 412 -70.76 -11.74 0.44
C VAL D 412 -69.86 -11.96 1.66
N ASP D 413 -69.98 -13.15 2.28
CA ASP D 413 -69.43 -13.47 3.63
C ASP D 413 -67.91 -13.21 3.67
N GLY D 414 -67.15 -13.85 2.79
CA GLY D 414 -65.68 -13.93 2.87
C GLY D 414 -64.95 -12.62 2.61
N LEU D 415 -65.65 -11.56 2.16
CA LEU D 415 -65.02 -10.29 1.68
C LEU D 415 -64.76 -9.31 2.84
N ARG D 416 -65.16 -9.64 4.08
CA ARG D 416 -64.97 -8.75 5.25
C ARG D 416 -63.48 -8.51 5.50
N GLU D 417 -62.64 -9.54 5.34
CA GLU D 417 -61.18 -9.43 5.65
C GLU D 417 -60.52 -8.38 4.73
N PHE D 418 -61.16 -8.02 3.61
CA PHE D 418 -60.57 -7.14 2.56
C PHE D 418 -61.17 -5.73 2.61
N ARG D 419 -61.75 -5.34 3.76
CA ARG D 419 -62.11 -3.94 4.12
C ARG D 419 -61.01 -3.01 3.62
N PRO D 420 -61.32 -1.89 2.92
CA PRO D 420 -60.29 -1.00 2.42
C PRO D 420 -59.53 -0.26 3.52
N GLU D 421 -60.18 -0.03 4.67
CA GLU D 421 -59.59 0.73 5.80
C GLU D 421 -59.11 -0.30 6.83
N ARG D 422 -57.80 -0.53 6.89
CA ARG D 422 -57.19 -1.66 7.62
C ARG D 422 -55.70 -1.39 7.84
N ASP D 423 -55.14 -2.00 8.88
CA ASP D 423 -53.69 -2.26 9.02
C ASP D 423 -53.29 -3.14 7.83
N LEU D 424 -52.06 -2.98 7.34
CA LEU D 424 -51.47 -3.89 6.33
C LEU D 424 -51.60 -5.33 6.84
N ILE D 425 -52.20 -6.21 6.04
CA ILE D 425 -52.26 -7.67 6.28
C ILE D 425 -50.84 -8.24 6.17
N SER D 426 -50.51 -9.21 7.03
CA SER D 426 -49.28 -10.04 7.01
C SER D 426 -49.69 -11.50 6.80
N ALA D 427 -49.96 -11.88 5.54
CA ALA D 427 -50.51 -13.20 5.17
C ALA D 427 -49.41 -14.27 5.20
N TRP D 428 -48.14 -13.86 5.18
CA TRP D 428 -46.97 -14.79 5.17
C TRP D 428 -45.91 -14.27 6.14
N SER D 429 -45.13 -15.18 6.73
CA SER D 429 -43.91 -14.87 7.51
C SER D 429 -42.86 -14.24 6.58
N ARG D 430 -42.00 -13.40 7.14
CA ARG D 430 -40.80 -12.84 6.47
C ARG D 430 -39.99 -13.97 5.81
N GLU D 431 -39.86 -15.10 6.52
CA GLU D 431 -39.09 -16.28 6.07
C GLU D 431 -39.71 -16.81 4.77
N GLU D 432 -41.03 -17.02 4.74
CA GLU D 432 -41.76 -17.53 3.54
C GLU D 432 -41.50 -16.58 2.37
N ILE D 433 -41.56 -15.27 2.60
CA ILE D 433 -41.48 -14.25 1.51
C ILE D 433 -40.04 -14.22 0.98
N LEU D 434 -39.03 -14.36 1.84
CA LEU D 434 -37.61 -14.35 1.43
C LEU D 434 -37.29 -15.59 0.60
N ASP D 435 -37.78 -16.78 0.99
CA ASP D 435 -37.70 -18.01 0.14
C ASP D 435 -38.40 -17.76 -1.20
N ASP D 436 -39.58 -17.15 -1.19
CA ASP D 436 -40.42 -16.95 -2.39
C ASP D 436 -39.70 -15.98 -3.35
N VAL D 437 -39.17 -14.85 -2.87
CA VAL D 437 -38.58 -13.79 -3.73
C VAL D 437 -37.32 -14.33 -4.41
N VAL D 438 -36.54 -15.18 -3.73
CA VAL D 438 -35.30 -15.78 -4.29
C VAL D 438 -35.70 -16.81 -5.35
N ARG D 439 -36.71 -17.63 -5.04
CA ARG D 439 -37.24 -18.67 -5.96
C ARG D 439 -37.75 -17.98 -7.24
N HIS D 440 -38.54 -16.92 -7.11
CA HIS D 440 -39.14 -16.18 -8.24
C HIS D 440 -38.02 -15.50 -9.05
N THR D 441 -37.01 -14.96 -8.38
CA THR D 441 -35.83 -14.34 -9.03
C THR D 441 -35.15 -15.40 -9.91
N MET D 442 -34.89 -16.58 -9.36
CA MET D 442 -34.27 -17.71 -10.10
C MET D 442 -35.19 -18.09 -11.27
N ALA D 443 -36.50 -18.08 -11.07
CA ALA D 443 -37.51 -18.46 -12.08
C ALA D 443 -37.40 -17.54 -13.30
N THR D 444 -37.07 -16.25 -13.16
CA THR D 444 -36.92 -15.32 -14.31
C THR D 444 -35.84 -15.86 -15.26
N GLY D 445 -34.85 -16.57 -14.70
CA GLY D 445 -33.78 -17.23 -15.47
C GLY D 445 -34.31 -18.44 -16.23
N TYR D 446 -34.97 -19.35 -15.54
CA TYR D 446 -35.44 -20.63 -16.11
C TYR D 446 -36.57 -20.37 -17.13
N GLU D 447 -37.28 -19.26 -17.00
CA GLU D 447 -38.43 -18.92 -17.89
C GLU D 447 -37.92 -18.29 -19.19
N PHE D 448 -36.67 -17.83 -19.24
CA PHE D 448 -36.16 -17.06 -20.40
C PHE D 448 -36.21 -17.89 -21.68
N PRO D 449 -35.74 -19.15 -21.74
CA PRO D 449 -34.96 -19.80 -20.69
C PRO D 449 -33.47 -19.53 -20.91
N TRP D 450 -32.69 -19.35 -19.84
CA TRP D 450 -31.24 -19.07 -19.96
C TRP D 450 -30.48 -20.35 -20.29
N ARG D 451 -29.25 -20.19 -20.77
CA ARG D 451 -28.25 -21.29 -20.84
C ARG D 451 -26.98 -20.75 -20.19
N LEU D 452 -26.53 -21.38 -19.11
CA LEU D 452 -25.34 -20.89 -18.39
C LEU D 452 -24.63 -22.06 -17.71
N PRO D 453 -23.39 -21.86 -17.25
CA PRO D 453 -22.63 -22.92 -16.61
C PRO D 453 -23.42 -23.43 -15.40
N LEU D 454 -23.35 -24.72 -15.12
CA LEU D 454 -24.18 -25.32 -14.05
C LEU D 454 -23.78 -24.83 -12.65
N GLU D 455 -22.58 -24.29 -12.43
CA GLU D 455 -22.24 -23.75 -11.07
C GLU D 455 -22.99 -22.45 -10.82
N TRP D 456 -23.40 -21.72 -11.85
CA TRP D 456 -23.87 -20.32 -11.72
C TRP D 456 -25.20 -20.23 -10.97
N PRO D 457 -26.22 -21.05 -11.29
CA PRO D 457 -27.49 -21.00 -10.56
C PRO D 457 -27.30 -21.19 -9.03
N HIS D 458 -26.44 -22.12 -8.62
CA HIS D 458 -26.12 -22.36 -7.19
C HIS D 458 -25.48 -21.10 -6.59
N MET D 459 -24.52 -20.48 -7.27
CA MET D 459 -23.90 -19.20 -6.82
C MET D 459 -24.98 -18.14 -6.63
N MET D 460 -25.86 -17.95 -7.61
CA MET D 460 -26.88 -16.86 -7.57
C MET D 460 -27.85 -17.15 -6.41
N GLU D 461 -28.32 -18.39 -6.25
CA GLU D 461 -29.22 -18.80 -5.13
C GLU D 461 -28.63 -18.27 -3.82
N THR D 462 -27.36 -18.57 -3.52
CA THR D 462 -26.75 -18.25 -2.20
C THR D 462 -26.50 -16.75 -2.09
N PHE D 463 -26.11 -16.06 -3.18
CA PHE D 463 -25.72 -14.62 -3.12
C PHE D 463 -26.94 -13.70 -3.20
N LEU D 464 -28.13 -14.22 -3.50
CA LEU D 464 -29.39 -13.42 -3.52
C LEU D 464 -30.00 -13.35 -2.11
N GLN D 465 -29.79 -14.36 -1.26
CA GLN D 465 -30.44 -14.50 0.07
C GLN D 465 -30.08 -13.30 0.95
N GLY D 466 -28.79 -13.02 1.12
CA GLY D 466 -28.27 -11.93 1.98
C GLY D 466 -28.92 -10.59 1.66
N PRO D 467 -28.75 -10.06 0.43
CA PRO D 467 -29.32 -8.75 0.07
C PRO D 467 -30.84 -8.61 0.29
N PHE D 468 -31.63 -9.63 -0.03
CA PHE D 468 -33.11 -9.59 0.17
C PHE D 468 -33.44 -9.64 1.66
N ALA D 469 -32.71 -10.45 2.46
CA ALA D 469 -32.86 -10.54 3.94
C ALA D 469 -32.56 -9.18 4.56
N GLU D 470 -31.51 -8.51 4.09
CA GLU D 470 -31.04 -7.17 4.54
C GLU D 470 -32.10 -6.12 4.21
N LEU D 471 -32.69 -6.17 3.02
CA LEU D 471 -33.72 -5.20 2.57
C LEU D 471 -34.95 -5.34 3.47
N ALA D 472 -35.44 -6.56 3.67
CA ALA D 472 -36.64 -6.89 4.48
C ALA D 472 -36.48 -6.34 5.91
N ASP D 473 -35.30 -6.53 6.50
CA ASP D 473 -34.98 -6.10 7.89
C ASP D 473 -34.92 -4.58 7.97
N ARG D 474 -34.35 -3.93 6.96
CA ARG D 474 -34.18 -2.46 6.87
C ARG D 474 -35.54 -1.77 6.70
N LEU D 475 -36.51 -2.41 6.02
CA LEU D 475 -37.77 -1.76 5.58
C LEU D 475 -38.70 -1.54 6.77
N SER D 476 -38.79 -2.49 7.69
CA SER D 476 -39.75 -2.49 8.83
C SER D 476 -39.46 -3.68 9.76
N ASP D 477 -39.74 -3.50 11.05
CA ASP D 477 -39.64 -4.55 12.10
C ASP D 477 -40.87 -5.46 12.04
N THR D 478 -41.94 -5.06 11.35
CA THR D 478 -43.27 -5.72 11.47
C THR D 478 -43.78 -6.12 10.08
N TYR D 479 -43.78 -5.21 9.09
CA TYR D 479 -44.34 -5.47 7.74
C TYR D 479 -43.26 -5.99 6.79
N THR D 480 -43.62 -6.97 5.97
CA THR D 480 -42.81 -7.48 4.85
C THR D 480 -43.61 -7.39 3.56
N PRO D 481 -43.11 -6.64 2.54
CA PRO D 481 -43.80 -6.57 1.24
C PRO D 481 -43.81 -7.95 0.58
N PRO D 482 -44.90 -8.35 -0.10
CA PRO D 482 -44.90 -9.60 -0.86
C PRO D 482 -43.82 -9.56 -1.95
N ALA D 483 -43.43 -10.73 -2.46
CA ALA D 483 -42.28 -10.93 -3.37
C ALA D 483 -42.35 -9.96 -4.56
N ASP D 484 -43.51 -9.88 -5.22
CA ASP D 484 -43.74 -9.05 -6.43
C ASP D 484 -43.28 -7.62 -6.15
N LEU D 485 -43.63 -7.09 -4.99
CA LEU D 485 -43.34 -5.70 -4.61
C LEU D 485 -41.90 -5.61 -4.08
N MET D 486 -41.43 -6.64 -3.38
CA MET D 486 -40.09 -6.63 -2.76
C MET D 486 -39.01 -6.48 -3.85
N THR D 487 -39.14 -7.19 -4.97
CA THR D 487 -38.14 -7.11 -6.07
C THR D 487 -38.18 -5.70 -6.66
N ALA D 488 -39.36 -5.09 -6.79
CA ALA D 488 -39.48 -3.70 -7.30
C ALA D 488 -38.76 -2.76 -6.34
N ILE D 489 -38.95 -2.93 -5.04
CA ILE D 489 -38.29 -2.08 -4.01
C ILE D 489 -36.78 -2.31 -4.08
N MET D 490 -36.33 -3.56 -4.18
CA MET D 490 -34.88 -3.93 -4.25
C MET D 490 -34.18 -3.11 -5.36
N PHE D 491 -34.83 -2.90 -6.50
CA PHE D 491 -34.20 -2.29 -7.71
C PHE D 491 -34.73 -0.86 -7.93
N SER D 492 -35.32 -0.24 -6.91
CA SER D 492 -35.75 1.18 -6.91
C SER D 492 -34.59 2.05 -6.39
N GLU D 493 -34.72 3.38 -6.45
CA GLU D 493 -33.72 4.35 -5.92
C GLU D 493 -33.73 4.31 -4.37
N ARG D 494 -32.61 4.69 -3.74
CA ARG D 494 -32.48 4.82 -2.26
C ARG D 494 -33.58 5.72 -1.69
N GLU D 495 -33.91 6.83 -2.37
CA GLU D 495 -34.94 7.81 -1.91
C GLU D 495 -36.29 7.08 -1.80
N GLN D 496 -36.61 6.25 -2.80
CA GLN D 496 -37.90 5.51 -2.88
C GLN D 496 -37.99 4.45 -1.77
N GLN D 497 -36.86 3.80 -1.46
CA GLN D 497 -36.74 2.82 -0.35
C GLN D 497 -36.97 3.53 1.00
N ASP D 498 -36.31 4.68 1.20
CA ASP D 498 -36.40 5.47 2.45
C ASP D 498 -37.84 5.94 2.66
N GLU D 499 -38.48 6.41 1.59
CA GLU D 499 -39.90 6.85 1.61
C GLU D 499 -40.78 5.66 2.07
N LEU D 500 -40.50 4.44 1.62
CA LEU D 500 -41.26 3.22 2.02
C LEU D 500 -41.00 2.90 3.51
N ILE D 501 -39.78 3.12 3.99
CA ILE D 501 -39.43 2.87 5.43
C ILE D 501 -40.28 3.82 6.29
N ALA D 502 -40.40 5.09 5.89
CA ALA D 502 -41.23 6.13 6.55
C ALA D 502 -42.71 5.71 6.50
N TYR D 503 -43.23 5.34 5.32
CA TYR D 503 -44.63 4.89 5.14
C TYR D 503 -44.94 3.75 6.11
N TYR D 504 -44.12 2.68 6.11
CA TYR D 504 -44.32 1.47 6.95
C TYR D 504 -44.32 1.87 8.43
N ALA D 505 -43.42 2.77 8.83
CA ALA D 505 -43.29 3.27 10.23
C ALA D 505 -44.55 4.04 10.61
N ASP D 506 -45.01 4.97 9.76
CA ASP D 506 -46.21 5.81 9.99
C ASP D 506 -47.46 4.90 10.09
N VAL D 507 -47.51 3.80 9.33
CA VAL D 507 -48.66 2.84 9.36
C VAL D 507 -48.63 2.10 10.71
N HIS D 508 -47.46 1.70 11.19
CA HIS D 508 -47.29 1.01 12.49
C HIS D 508 -47.80 1.92 13.62
N ARG D 509 -47.39 3.19 13.63
CA ARG D 509 -47.79 4.18 14.67
C ARG D 509 -49.31 4.36 14.65
N GLU D 510 -49.95 4.32 13.47
CA GLU D 510 -51.40 4.55 13.30
C GLU D 510 -52.21 3.37 13.87
N TRP D 511 -51.68 2.13 13.82
CA TRP D 511 -52.49 0.89 14.02
C TRP D 511 -52.06 0.11 15.27
N HIS D 512 -50.81 0.23 15.73
CA HIS D 512 -50.24 -0.57 16.85
C HIS D 512 -50.09 0.32 18.09
N THR E 32 -33.77 37.42 32.62
CA THR E 32 -32.92 38.21 33.56
C THR E 32 -31.47 38.24 33.04
N ASP E 33 -30.62 39.07 33.66
CA ASP E 33 -29.27 39.37 33.09
C ASP E 33 -28.26 38.34 33.58
N VAL E 34 -27.46 37.81 32.64
CA VAL E 34 -26.25 37.00 32.93
C VAL E 34 -25.02 37.82 32.54
N ILE E 35 -24.04 37.89 33.44
CA ILE E 35 -22.70 38.49 33.19
C ILE E 35 -21.66 37.37 33.26
N VAL E 36 -20.91 37.15 32.17
CA VAL E 36 -19.69 36.29 32.13
C VAL E 36 -18.49 37.20 32.34
N VAL E 37 -17.73 36.99 33.42
CA VAL E 37 -16.45 37.72 33.72
C VAL E 37 -15.31 36.89 33.13
N GLY E 38 -14.75 37.32 31.99
CA GLY E 38 -13.57 36.75 31.36
C GLY E 38 -13.82 36.45 29.89
N ASN E 39 -12.82 36.70 29.04
CA ASN E 39 -12.97 36.62 27.57
C ASN E 39 -11.93 35.65 27.01
N GLY E 40 -11.53 34.65 27.80
CA GLY E 40 -10.76 33.50 27.31
C GLY E 40 -11.68 32.51 26.64
N VAL E 41 -11.16 31.32 26.32
CA VAL E 41 -11.96 30.23 25.68
C VAL E 41 -13.12 29.83 26.59
N LEU E 42 -12.93 29.77 27.90
CA LEU E 42 -13.98 29.26 28.82
C LEU E 42 -15.13 30.28 28.89
N GLY E 43 -14.82 31.54 29.20
CA GLY E 43 -15.82 32.63 29.25
C GLY E 43 -16.64 32.71 27.96
N LEU E 44 -15.96 32.77 26.81
CA LEU E 44 -16.63 32.93 25.50
C LEU E 44 -17.40 31.67 25.15
N SER E 45 -16.91 30.49 25.53
CA SER E 45 -17.56 29.19 25.20
C SER E 45 -18.88 29.10 25.99
N VAL E 46 -18.86 29.44 27.28
CA VAL E 46 -20.09 29.42 28.11
C VAL E 46 -21.01 30.55 27.62
N GLY E 47 -20.45 31.72 27.28
CA GLY E 47 -21.18 32.87 26.71
C GLY E 47 -21.96 32.46 25.47
N VAL E 48 -21.30 31.80 24.52
CA VAL E 48 -21.92 31.32 23.25
C VAL E 48 -23.06 30.37 23.59
N GLU E 49 -22.85 29.44 24.53
CA GLU E 49 -23.82 28.34 24.82
C GLU E 49 -25.02 28.91 25.56
N ILE E 50 -24.82 29.85 26.50
CA ILE E 50 -25.94 30.54 27.21
C ILE E 50 -26.77 31.29 26.16
N ALA E 51 -26.15 32.17 25.38
CA ALA E 51 -26.82 33.03 24.37
C ALA E 51 -27.65 32.17 23.40
N ARG E 52 -27.10 31.02 22.97
CA ARG E 52 -27.72 30.14 21.95
C ARG E 52 -28.94 29.40 22.52
N THR E 53 -28.88 28.92 23.77
CA THR E 53 -29.87 27.98 24.36
C THR E 53 -30.88 28.73 25.25
N ARG E 54 -30.65 30.01 25.56
CA ARG E 54 -31.52 30.84 26.42
C ARG E 54 -31.76 32.18 25.73
N PRO E 55 -32.58 32.25 24.65
CA PRO E 55 -32.86 33.50 23.95
C PRO E 55 -33.64 34.53 24.80
N ASP E 56 -34.26 34.07 25.88
CA ASP E 56 -35.00 34.86 26.90
C ASP E 56 -34.06 35.84 27.63
N VAL E 57 -32.84 35.42 27.99
CA VAL E 57 -31.94 36.16 28.92
C VAL E 57 -30.94 37.02 28.14
N ARG E 58 -30.56 38.16 28.72
CA ARG E 58 -29.50 39.07 28.20
C ARG E 58 -28.16 38.62 28.79
N VAL E 59 -27.21 38.19 27.95
CA VAL E 59 -25.86 37.74 28.39
C VAL E 59 -24.81 38.77 27.95
N THR E 60 -24.12 39.35 28.93
CA THR E 60 -23.02 40.33 28.75
C THR E 60 -21.70 39.66 29.14
N LEU E 61 -20.65 39.79 28.31
CA LEU E 61 -19.31 39.20 28.56
C LEU E 61 -18.27 40.31 28.72
N LEU E 62 -17.56 40.31 29.85
CA LEU E 62 -16.54 41.32 30.24
C LEU E 62 -15.14 40.81 29.86
N GLY E 63 -14.15 41.72 29.84
CA GLY E 63 -12.75 41.45 29.42
C GLY E 63 -12.33 42.27 28.22
N LYS E 64 -11.04 42.62 28.12
CA LYS E 64 -10.49 43.58 27.14
C LYS E 64 -9.81 42.83 25.99
N PRO E 65 -9.60 43.45 24.81
CA PRO E 65 -8.88 42.82 23.71
C PRO E 65 -7.40 42.49 24.03
N ALA E 66 -6.77 43.23 24.95
CA ALA E 66 -5.38 43.01 25.43
C ALA E 66 -5.23 41.58 25.99
N ARG E 67 -6.30 41.03 26.59
CA ARG E 67 -6.30 39.67 27.22
C ARG E 67 -5.03 39.53 28.07
N GLN E 68 -4.88 40.40 29.08
CA GLN E 68 -3.71 40.40 29.99
C GLN E 68 -3.64 39.07 30.74
N TYR E 69 -2.46 38.43 30.72
CA TYR E 69 -2.15 37.13 31.37
C TYR E 69 -2.91 35.98 30.69
N GLY E 70 -3.57 36.24 29.55
CA GLY E 70 -4.49 35.28 28.91
C GLY E 70 -3.78 34.02 28.46
N ALA E 71 -4.21 32.87 28.95
CA ALA E 71 -3.71 31.52 28.55
C ALA E 71 -4.06 31.23 27.10
N THR E 72 -5.33 31.44 26.73
CA THR E 72 -5.91 31.02 25.43
C THR E 72 -5.09 31.58 24.26
N PRO E 73 -4.82 32.91 24.17
CA PRO E 73 -4.11 33.45 23.01
C PRO E 73 -2.66 32.94 22.89
N ALA E 74 -2.06 32.51 24.02
CA ALA E 74 -0.69 31.95 24.08
C ALA E 74 -0.68 30.46 23.75
N ALA E 75 -1.86 29.84 23.58
CA ALA E 75 -1.99 28.38 23.35
C ALA E 75 -1.89 28.07 21.86
N GLY E 76 -1.48 26.85 21.51
CA GLY E 76 -1.22 26.44 20.12
C GLY E 76 -2.49 26.43 19.26
N ALA E 77 -3.45 25.56 19.58
CA ALA E 77 -3.45 24.71 20.77
C ALA E 77 -3.76 23.27 20.37
N MET E 78 -3.19 22.31 21.10
CA MET E 78 -3.46 20.86 20.92
C MET E 78 -4.81 20.51 21.56
N LEU E 79 -5.62 19.71 20.87
CA LEU E 79 -6.80 19.07 21.48
C LEU E 79 -6.33 17.80 22.21
N GLY E 80 -5.67 18.01 23.36
CA GLY E 80 -4.91 16.98 24.08
C GLY E 80 -5.80 16.11 24.95
N ALA E 81 -5.83 14.81 24.65
CA ALA E 81 -6.49 13.74 25.42
C ALA E 81 -5.47 12.64 25.77
N PHE E 82 -5.07 11.82 24.80
CA PHE E 82 -4.05 10.76 24.98
C PHE E 82 -2.65 11.38 25.13
N GLY E 83 -2.34 12.44 24.37
CA GLY E 83 -1.05 13.16 24.45
C GLY E 83 -0.77 13.67 25.85
N GLU E 84 -1.82 13.94 26.65
CA GLU E 84 -1.70 14.51 28.03
C GLU E 84 -1.52 13.40 29.07
N VAL E 85 -1.60 12.13 28.68
CA VAL E 85 -1.47 10.97 29.61
C VAL E 85 -0.04 10.96 30.18
N THR E 86 0.08 10.93 31.51
CA THR E 86 1.32 10.61 32.26
C THR E 86 1.02 9.43 33.20
N ALA E 87 2.03 8.60 33.48
CA ALA E 87 1.97 7.53 34.49
C ALA E 87 1.41 8.09 35.82
N HIS E 88 1.88 9.26 36.27
CA HIS E 88 1.48 9.92 37.56
C HIS E 88 -0.03 10.24 37.56
N ALA E 89 -0.56 10.77 36.46
CA ALA E 89 -1.99 11.14 36.31
C ALA E 89 -2.87 9.88 36.45
N LEU E 90 -2.53 8.81 35.72
CA LEU E 90 -3.32 7.55 35.64
C LEU E 90 -3.07 6.62 36.84
N ALA E 91 -2.42 7.11 37.90
CA ALA E 91 -2.17 6.35 39.15
C ALA E 91 -3.09 6.86 40.27
N SER E 92 -3.74 8.01 40.08
CA SER E 92 -4.72 8.59 41.04
C SER E 92 -6.13 8.49 40.44
N GLU E 93 -7.12 8.29 41.32
CA GLU E 93 -8.57 8.22 40.94
C GLU E 93 -8.93 9.52 40.20
N HIS E 94 -8.58 10.67 40.79
CA HIS E 94 -8.89 12.03 40.28
C HIS E 94 -8.29 12.23 38.88
N GLY E 95 -7.07 11.72 38.64
CA GLY E 95 -6.38 11.77 37.34
C GLY E 95 -7.07 10.94 36.26
N ARG E 96 -7.59 9.76 36.60
CA ARG E 96 -8.26 8.84 35.63
C ARG E 96 -9.61 9.45 35.20
N LYS E 97 -10.27 10.21 36.10
CA LYS E 97 -11.54 10.93 35.81
C LYS E 97 -11.28 12.02 34.77
N LYS E 98 -10.31 12.90 35.05
CA LYS E 98 -9.85 14.00 34.14
C LYS E 98 -9.58 13.42 32.76
N HIS E 99 -8.86 12.30 32.67
CA HIS E 99 -8.55 11.64 31.37
C HIS E 99 -9.86 11.31 30.65
N ALA E 100 -10.80 10.69 31.35
CA ALA E 100 -12.10 10.23 30.79
C ALA E 100 -12.84 11.44 30.17
N LEU E 101 -12.89 12.55 30.91
CA LEU E 101 -13.55 13.81 30.49
C LEU E 101 -12.88 14.35 29.21
N ALA E 102 -11.54 14.30 29.13
CA ALA E 102 -10.76 14.76 27.96
C ALA E 102 -11.14 13.94 26.73
N VAL E 103 -11.36 12.64 26.91
CA VAL E 103 -11.78 11.72 25.80
C VAL E 103 -13.20 12.12 25.36
N GLN E 104 -14.09 12.42 26.31
CA GLN E 104 -15.48 12.86 26.04
C GLN E 104 -15.45 14.19 25.28
N ALA E 105 -14.64 15.15 25.74
CA ALA E 105 -14.51 16.48 25.12
C ALA E 105 -14.11 16.34 23.65
N GLN E 106 -13.21 15.42 23.33
CA GLN E 106 -12.68 15.21 21.95
C GLN E 106 -13.85 15.00 20.96
N ARG E 107 -14.88 14.25 21.39
CA ARG E 107 -16.02 13.86 20.51
C ARG E 107 -16.88 15.08 20.16
N LEU E 108 -16.88 16.12 20.99
CA LEU E 108 -17.70 17.35 20.78
C LEU E 108 -17.07 18.28 19.73
N TRP E 109 -15.76 18.17 19.46
CA TRP E 109 -15.01 19.23 18.74
C TRP E 109 -15.47 19.39 17.29
N PRO E 110 -15.64 18.30 16.49
CA PRO E 110 -16.04 18.44 15.08
C PRO E 110 -17.33 19.27 14.90
N GLU E 111 -18.38 19.02 15.68
CA GLU E 111 -19.68 19.73 15.55
C GLU E 111 -19.57 21.14 16.13
N TRP E 112 -18.76 21.33 17.18
CA TRP E 112 -18.53 22.63 17.85
C TRP E 112 -17.86 23.60 16.87
N ILE E 113 -16.86 23.13 16.14
CA ILE E 113 -16.10 23.91 15.12
C ILE E 113 -17.06 24.26 13.97
N GLU E 114 -17.78 23.26 13.44
CA GLU E 114 -18.79 23.41 12.36
C GLU E 114 -19.75 24.55 12.75
N SER E 115 -20.27 24.54 13.98
CA SER E 115 -21.29 25.50 14.48
C SER E 115 -20.66 26.89 14.69
N LEU E 116 -19.34 26.98 14.88
CA LEU E 116 -18.65 28.28 15.08
C LEU E 116 -18.24 28.87 13.72
N GLU E 117 -17.77 28.02 12.80
CA GLU E 117 -17.38 28.44 11.43
C GLU E 117 -18.62 28.82 10.61
N ALA E 118 -19.79 28.26 10.94
CA ALA E 118 -21.09 28.49 10.25
C ALA E 118 -21.48 29.97 10.33
N THR E 119 -21.09 30.68 11.39
CA THR E 119 -21.43 32.11 11.62
C THR E 119 -20.46 33.05 10.87
N GLY E 120 -19.49 32.48 10.15
CA GLY E 120 -18.47 33.25 9.41
C GLY E 120 -18.41 32.85 7.95
N THR E 121 -17.35 33.26 7.26
CA THR E 121 -17.11 32.99 5.81
C THR E 121 -15.69 32.43 5.63
N ALA E 122 -15.38 31.97 4.41
CA ALA E 122 -14.07 31.39 4.02
C ALA E 122 -12.91 32.27 4.53
N ALA E 123 -13.01 33.59 4.44
CA ALA E 123 -11.93 34.56 4.68
C ALA E 123 -11.57 34.68 6.18
N ASP E 124 -12.43 34.17 7.06
CA ASP E 124 -12.21 34.17 8.54
C ASP E 124 -11.20 33.09 8.93
N GLY E 125 -10.92 32.13 8.04
CA GLY E 125 -9.89 31.08 8.23
C GLY E 125 -10.45 29.86 8.94
N ARG E 126 -9.67 28.77 8.95
CA ARG E 126 -10.10 27.47 9.52
C ARG E 126 -9.65 27.39 10.99
N ILE E 127 -10.55 26.96 11.87
CA ILE E 127 -10.25 26.73 13.32
C ILE E 127 -9.31 25.53 13.44
N LYS E 128 -9.59 24.44 12.74
CA LYS E 128 -8.80 23.18 12.82
C LYS E 128 -7.53 23.36 11.98
N THR E 129 -6.35 23.06 12.55
CA THR E 129 -5.05 23.12 11.84
C THR E 129 -4.45 21.71 11.63
N ALA E 130 -4.91 20.69 12.36
CA ALA E 130 -4.47 19.28 12.16
C ALA E 130 -5.48 18.30 12.74
N ASP E 131 -5.54 17.09 12.18
CA ASP E 131 -6.45 16.01 12.65
C ASP E 131 -5.69 15.04 13.56
N ASP E 132 -4.39 14.86 13.33
CA ASP E 132 -3.57 13.80 13.98
C ASP E 132 -2.38 14.42 14.75
N THR E 133 -1.86 13.65 15.70
CA THR E 133 -0.70 14.01 16.56
C THR E 133 0.33 12.88 16.45
N VAL E 134 1.61 13.22 16.33
CA VAL E 134 2.71 12.23 16.51
C VAL E 134 3.42 12.54 17.84
N VAL E 135 3.44 11.57 18.75
CA VAL E 135 4.21 11.65 20.02
C VAL E 135 5.60 11.07 19.75
N LEU E 136 6.64 11.83 20.06
CA LEU E 136 8.07 11.47 19.84
C LEU E 136 8.72 11.11 21.17
N LEU E 137 9.51 10.05 21.18
CA LEU E 137 10.37 9.70 22.34
C LEU E 137 11.82 9.90 21.94
N ASN E 138 12.51 10.84 22.61
CA ASN E 138 13.97 11.09 22.46
C ASN E 138 14.61 10.97 23.84
N THR E 139 15.93 11.13 23.94
CA THR E 139 16.67 10.95 25.22
C THR E 139 17.03 12.31 25.83
N VAL E 140 16.38 13.39 25.42
CA VAL E 140 16.64 14.74 25.98
C VAL E 140 15.65 14.97 27.14
N GLY E 141 15.74 14.11 28.15
CA GLY E 141 14.88 14.16 29.33
C GLY E 141 15.17 13.03 30.28
N HIS E 142 14.42 12.95 31.38
CA HIS E 142 14.57 11.90 32.41
C HIS E 142 13.87 10.65 31.91
N SER E 143 14.52 9.48 31.99
CA SER E 143 13.91 8.15 31.74
C SER E 143 12.70 7.95 32.67
N ALA E 144 12.79 8.44 33.90
CA ALA E 144 11.74 8.26 34.95
C ALA E 144 10.44 8.98 34.57
N LEU E 145 10.50 10.02 33.73
CA LEU E 145 9.30 10.69 33.18
C LEU E 145 9.01 10.18 31.78
N ASP E 146 9.92 10.40 30.83
CA ASP E 146 9.65 10.21 29.38
C ASP E 146 9.41 8.73 29.06
N ASP E 147 10.19 7.80 29.60
CA ASP E 147 10.01 6.34 29.31
C ASP E 147 8.68 5.89 29.92
N ALA E 148 8.42 6.24 31.17
CA ALA E 148 7.19 5.86 31.91
C ALA E 148 5.96 6.45 31.17
N ASN E 149 6.04 7.70 30.73
CA ASN E 149 4.88 8.44 30.14
C ASN E 149 4.61 7.92 28.73
N PHE E 150 5.63 7.54 27.97
CA PHE E 150 5.43 6.97 26.61
C PHE E 150 4.64 5.66 26.74
N ALA E 151 5.04 4.81 27.70
CA ALA E 151 4.40 3.51 27.99
C ALA E 151 2.95 3.73 28.44
N ALA E 152 2.71 4.73 29.30
CA ALA E 152 1.37 5.09 29.82
C ALA E 152 0.45 5.57 28.68
N VAL E 153 0.98 6.32 27.72
CA VAL E 153 0.19 6.83 26.55
C VAL E 153 -0.23 5.62 25.70
N LEU E 154 0.74 4.76 25.38
CA LEU E 154 0.55 3.52 24.59
C LEU E 154 -0.54 2.67 25.26
N THR E 155 -0.46 2.51 26.58
CA THR E 155 -1.40 1.72 27.41
C THR E 155 -2.80 2.35 27.31
N ALA E 156 -2.92 3.65 27.58
CA ALA E 156 -4.22 4.37 27.63
C ALA E 156 -4.92 4.31 26.27
N LEU E 157 -4.16 4.37 25.18
CA LEU E 157 -4.68 4.23 23.79
C LEU E 157 -5.26 2.82 23.58
N LYS E 158 -4.53 1.81 24.03
CA LYS E 158 -4.93 0.37 23.94
C LYS E 158 -6.21 0.15 24.74
N GLU E 159 -6.25 0.60 26.01
CA GLU E 159 -7.42 0.47 26.93
C GLU E 159 -8.68 1.06 26.26
N ALA E 160 -8.58 2.24 25.64
CA ALA E 160 -9.71 2.99 25.08
C ALA E 160 -10.03 2.50 23.65
N ASN E 161 -9.27 1.55 23.11
CA ASN E 161 -9.43 1.04 21.73
C ASN E 161 -9.38 2.21 20.72
N ALA E 162 -8.56 3.21 21.02
CA ALA E 162 -8.38 4.43 20.19
C ALA E 162 -7.49 4.09 19.00
N PRO E 163 -7.79 4.64 17.79
CA PRO E 163 -6.98 4.35 16.60
C PRO E 163 -5.61 5.05 16.70
N HIS E 164 -4.54 4.29 16.53
CA HIS E 164 -3.13 4.72 16.71
C HIS E 164 -2.22 3.65 16.15
N GLU E 165 -0.96 3.97 15.85
CA GLU E 165 0.07 2.92 15.68
C GLU E 165 1.45 3.50 15.99
N GLU E 166 2.30 2.65 16.59
CA GLU E 166 3.74 2.93 16.72
C GLU E 166 4.32 2.84 15.30
N ILE E 167 4.97 3.90 14.85
CA ILE E 167 5.51 4.01 13.46
C ILE E 167 7.03 4.13 13.54
N ALA E 168 7.70 3.81 12.44
CA ALA E 168 9.15 4.04 12.25
C ALA E 168 9.36 5.57 12.30
N VAL E 169 10.41 6.01 12.98
CA VAL E 169 10.74 7.46 13.09
C VAL E 169 11.04 8.02 11.70
N GLU E 170 11.62 7.21 10.81
CA GLU E 170 11.96 7.58 9.40
C GLU E 170 10.69 7.91 8.62
N SER E 171 9.52 7.44 9.06
CA SER E 171 8.22 7.68 8.39
C SER E 171 7.52 8.93 8.94
N VAL E 172 8.05 9.59 9.98
CA VAL E 172 7.47 10.87 10.48
C VAL E 172 7.86 11.97 9.49
N ASP E 173 6.86 12.67 8.94
CA ASP E 173 7.09 13.67 7.87
C ASP E 173 7.60 14.97 8.50
N TRP E 174 8.49 15.65 7.79
CA TRP E 174 8.88 17.07 7.96
C TRP E 174 10.07 17.18 8.94
N ILE E 175 10.04 16.50 10.09
CA ILE E 175 11.02 16.69 11.20
C ILE E 175 12.44 16.53 10.64
N ASP E 176 13.37 17.34 11.16
CA ASP E 176 14.81 17.28 10.80
C ASP E 176 15.61 17.55 12.07
N PRO E 177 15.54 16.63 13.07
CA PRO E 177 16.22 16.85 14.34
C PRO E 177 17.74 16.72 14.21
N ASP E 178 18.47 17.36 15.12
CA ASP E 178 19.89 17.04 15.43
C ASP E 178 19.95 15.55 15.76
N PRO E 179 20.78 14.75 15.07
CA PRO E 179 20.91 13.33 15.40
C PRO E 179 21.08 13.00 16.89
N ASN E 180 21.80 13.84 17.66
CA ASN E 180 22.02 13.58 19.11
C ASN E 180 20.76 13.89 19.91
N SER E 181 19.74 14.51 19.31
CA SER E 181 18.46 14.88 19.98
C SER E 181 17.27 14.17 19.31
N ARG E 182 17.53 13.22 18.42
CA ARG E 182 16.49 12.65 17.52
C ARG E 182 15.62 11.67 18.31
N PRO E 183 14.37 11.44 17.86
CA PRO E 183 13.53 10.41 18.46
C PRO E 183 13.94 9.03 17.92
N LEU E 184 13.77 8.00 18.74
CA LEU E 184 14.04 6.59 18.34
C LEU E 184 12.74 5.78 18.31
N ARG E 185 11.66 6.35 18.87
CA ARG E 185 10.30 5.77 18.81
C ARG E 185 9.30 6.90 18.54
N ALA E 186 8.22 6.59 17.82
CA ALA E 186 7.18 7.56 17.42
C ALA E 186 5.83 6.86 17.41
N LEU E 187 4.80 7.62 17.80
CA LEU E 187 3.42 7.17 18.05
C LEU E 187 2.46 8.11 17.30
N HIS E 188 1.80 7.61 16.26
CA HIS E 188 0.74 8.31 15.48
C HIS E 188 -0.60 8.11 16.19
N ILE E 189 -1.21 9.19 16.69
CA ILE E 189 -2.57 9.18 17.28
C ILE E 189 -3.55 9.81 16.30
N GLU E 190 -4.54 9.04 15.87
CA GLU E 190 -5.54 9.44 14.83
C GLU E 190 -6.70 10.17 15.52
N GLY E 191 -7.12 11.32 14.98
CA GLY E 191 -8.27 12.08 15.50
C GLY E 191 -7.94 12.89 16.73
N GLU E 192 -6.66 13.01 17.07
CA GLU E 192 -6.17 13.94 18.13
C GLU E 192 -5.37 15.04 17.42
N GLY E 193 -5.91 16.24 17.38
CA GLY E 193 -5.41 17.31 16.49
C GLY E 193 -5.20 18.62 17.21
N SER E 194 -5.38 19.72 16.50
CA SER E 194 -5.08 21.09 16.99
C SER E 194 -6.03 22.11 16.36
N VAL E 195 -6.18 23.23 17.04
CA VAL E 195 -6.92 24.43 16.56
C VAL E 195 -5.98 25.63 16.62
N ASP E 196 -6.18 26.60 15.74
CA ASP E 196 -5.60 27.96 15.87
C ASP E 196 -6.40 28.68 16.96
N SER E 197 -5.79 28.92 18.12
CA SER E 197 -6.46 29.51 19.29
C SER E 197 -6.96 30.92 18.96
N GLY E 198 -6.27 31.64 18.07
CA GLY E 198 -6.63 33.02 17.68
C GLY E 198 -7.89 33.04 16.82
N ILE E 199 -7.97 32.14 15.84
CA ILE E 199 -9.15 31.98 14.96
C ILE E 199 -10.32 31.45 15.80
N LEU E 200 -10.05 30.56 16.77
CA LEU E 200 -11.09 30.04 17.71
C LEU E 200 -11.69 31.21 18.49
N LEU E 201 -10.86 32.07 19.07
CA LEU E 201 -11.34 33.25 19.87
C LEU E 201 -12.19 34.17 18.99
N ALA E 202 -11.74 34.47 17.77
CA ALA E 202 -12.44 35.36 16.81
C ALA E 202 -13.80 34.74 16.46
N ALA E 203 -13.84 33.42 16.26
CA ALA E 203 -15.05 32.63 15.88
C ALA E 203 -16.02 32.60 17.07
N LEU E 204 -15.50 32.52 18.30
CA LEU E 204 -16.34 32.51 19.53
C LEU E 204 -16.98 33.90 19.69
N GLU E 205 -16.18 34.97 19.56
CA GLU E 205 -16.68 36.37 19.65
C GLU E 205 -17.77 36.61 18.60
N ARG E 206 -17.49 36.25 17.35
CA ARG E 206 -18.44 36.38 16.21
C ARG E 206 -19.71 35.60 16.52
N SER E 207 -19.60 34.35 16.99
CA SER E 207 -20.73 33.44 17.26
C SER E 207 -21.56 33.96 18.45
N PHE E 208 -20.90 34.60 19.41
CA PHE E 208 -21.54 35.19 20.61
C PHE E 208 -22.45 36.34 20.18
N LEU E 209 -21.92 37.27 19.37
CA LEU E 209 -22.66 38.45 18.84
C LEU E 209 -23.84 37.97 17.99
N GLN E 210 -23.62 36.98 17.12
CA GLN E 210 -24.65 36.39 16.21
C GLN E 210 -25.84 35.85 17.03
N ALA E 211 -25.59 35.33 18.23
CA ALA E 211 -26.62 34.71 19.10
C ALA E 211 -27.19 35.74 20.08
N GLY E 212 -26.82 37.01 19.96
CA GLY E 212 -27.43 38.12 20.72
C GLY E 212 -26.64 38.53 21.96
N GLY E 213 -25.44 37.95 22.16
CA GLY E 213 -24.56 38.33 23.29
C GLY E 213 -24.05 39.74 23.11
N ARG E 214 -23.75 40.44 24.22
CA ARG E 214 -23.15 41.80 24.15
C ARG E 214 -21.77 41.75 24.81
N LEU E 215 -20.73 42.20 24.08
CA LEU E 215 -19.33 42.32 24.56
C LEU E 215 -19.12 43.71 25.14
N HIS E 216 -18.81 43.81 26.43
CA HIS E 216 -18.47 45.08 27.12
C HIS E 216 -16.99 45.03 27.48
N PRO E 217 -16.10 45.73 26.73
CA PRO E 217 -14.66 45.58 26.88
C PRO E 217 -14.09 46.34 28.11
N VAL E 218 -14.52 45.91 29.30
CA VAL E 218 -13.99 46.39 30.61
C VAL E 218 -13.77 45.16 31.50
N ASP E 219 -13.04 45.34 32.60
CA ASP E 219 -12.73 44.29 33.59
C ASP E 219 -13.64 44.48 34.81
N ALA E 220 -14.09 43.37 35.40
CA ALA E 220 -14.75 43.36 36.73
C ALA E 220 -13.70 43.73 37.78
N THR E 221 -14.05 44.61 38.71
CA THR E 221 -13.24 45.00 39.89
C THR E 221 -13.74 44.27 41.13
N GLU E 222 -15.04 43.98 41.20
CA GLU E 222 -15.73 43.49 42.44
C GLU E 222 -17.06 42.83 42.05
N ILE E 223 -17.34 41.66 42.63
CA ILE E 223 -18.69 41.02 42.59
C ILE E 223 -19.48 41.51 43.80
N ARG E 224 -20.68 42.06 43.59
CA ARG E 224 -21.54 42.55 44.71
C ARG E 224 -22.62 41.49 44.98
N ALA E 225 -22.72 41.10 46.25
CA ALA E 225 -23.72 40.16 46.80
C ALA E 225 -24.24 40.70 48.13
N SER E 226 -25.51 40.48 48.42
CA SER E 226 -26.14 40.76 49.73
C SER E 226 -27.21 39.70 49.99
N HIS E 227 -27.42 39.36 51.26
CA HIS E 227 -28.33 38.27 51.71
C HIS E 227 -28.07 37.04 50.84
N GLY E 228 -26.79 36.70 50.62
CA GLY E 228 -26.32 35.47 49.95
C GLY E 228 -26.79 35.31 48.51
N ARG E 229 -26.90 36.41 47.76
CA ARG E 229 -27.36 36.41 46.34
C ARG E 229 -26.54 37.44 45.55
N VAL E 230 -26.23 37.15 44.28
CA VAL E 230 -25.48 38.07 43.37
C VAL E 230 -26.41 39.20 42.96
N GLU E 231 -25.93 40.44 43.05
CA GLU E 231 -26.61 41.67 42.56
C GLU E 231 -26.02 42.04 41.21
N GLY E 232 -24.69 41.93 41.05
CA GLY E 232 -23.99 42.17 39.79
C GLY E 232 -22.50 42.45 40.00
N VAL E 233 -21.94 43.33 39.18
CA VAL E 233 -20.48 43.49 38.99
C VAL E 233 -20.13 44.98 38.85
N VAL E 234 -19.25 45.48 39.73
CA VAL E 234 -18.57 46.80 39.57
C VAL E 234 -17.41 46.61 38.59
N THR E 235 -17.34 47.43 37.55
CA THR E 235 -16.32 47.38 36.46
C THR E 235 -15.24 48.44 36.74
N ASP E 236 -14.08 48.33 36.07
CA ASP E 236 -12.87 49.15 36.35
C ASP E 236 -13.00 50.57 35.77
N ASP E 237 -14.11 50.87 35.08
CA ASP E 237 -14.45 52.23 34.58
C ASP E 237 -15.34 52.96 35.61
N GLY E 238 -15.69 52.32 36.73
CA GLY E 238 -16.47 52.92 37.84
C GLY E 238 -17.95 52.54 37.79
N ASP E 239 -18.44 52.00 36.67
CA ASP E 239 -19.87 51.67 36.43
C ASP E 239 -20.27 50.47 37.31
N PHE E 240 -21.57 50.20 37.43
CA PHE E 240 -22.14 48.98 38.07
C PHE E 240 -23.12 48.32 37.11
N LEU E 241 -22.96 47.01 36.87
CA LEU E 241 -23.82 46.19 35.97
C LEU E 241 -24.63 45.22 36.82
N PRO E 242 -25.98 45.30 36.81
CA PRO E 242 -26.81 44.40 37.60
C PRO E 242 -27.04 43.06 36.88
N ALA E 243 -27.20 41.98 37.63
CA ALA E 243 -27.44 40.63 37.08
C ALA E 243 -27.90 39.67 38.19
N GLY E 244 -28.70 38.67 37.81
CA GLY E 244 -29.10 37.55 38.68
C GLY E 244 -28.20 36.34 38.51
N HIS E 245 -27.30 36.37 37.53
CA HIS E 245 -26.29 35.31 37.26
C HIS E 245 -24.95 35.97 36.90
N VAL E 246 -23.88 35.59 37.61
CA VAL E 246 -22.47 35.98 37.32
C VAL E 246 -21.64 34.70 37.21
N VAL E 247 -21.06 34.43 36.04
CA VAL E 247 -20.13 33.30 35.76
C VAL E 247 -18.70 33.85 35.71
N VAL E 248 -17.85 33.46 36.66
CA VAL E 248 -16.42 33.87 36.73
C VAL E 248 -15.60 32.85 35.94
N ALA E 249 -15.03 33.29 34.82
CA ALA E 249 -14.08 32.55 33.97
C ALA E 249 -12.94 33.51 33.62
N ALA E 250 -12.32 34.10 34.65
CA ALA E 250 -11.27 35.14 34.55
C ALA E 250 -9.88 34.50 34.61
N GLY E 251 -9.76 33.25 34.16
CA GLY E 251 -8.51 32.48 34.26
C GLY E 251 -7.91 32.58 35.65
N ALA E 252 -6.60 32.85 35.72
CA ALA E 252 -5.80 32.87 36.97
C ALA E 252 -6.32 33.91 37.96
N ARG E 253 -7.19 34.84 37.56
CA ARG E 253 -7.71 35.93 38.44
C ARG E 253 -9.04 35.52 39.09
N SER E 254 -9.59 34.36 38.73
CA SER E 254 -10.97 33.91 39.08
C SER E 254 -11.17 33.86 40.60
N GLN E 255 -10.26 33.20 41.33
CA GLN E 255 -10.42 33.01 42.80
C GLN E 255 -10.20 34.35 43.52
N ARG E 256 -9.18 35.13 43.13
CA ARG E 256 -8.88 36.44 43.76
C ARG E 256 -10.14 37.33 43.69
N LEU E 257 -10.95 37.18 42.65
CA LEU E 257 -12.17 38.00 42.42
C LEU E 257 -13.31 37.56 43.36
N VAL E 258 -13.50 36.25 43.54
CA VAL E 258 -14.59 35.64 44.35
C VAL E 258 -14.23 35.67 45.85
N ALA E 259 -12.95 35.68 46.20
CA ALA E 259 -12.42 35.52 47.58
C ALA E 259 -12.69 36.74 48.44
N ALA E 260 -12.97 37.90 47.83
CA ALA E 260 -13.29 39.16 48.54
C ALA E 260 -14.67 39.07 49.23
N LEU E 261 -15.56 38.19 48.74
CA LEU E 261 -16.91 37.93 49.34
C LEU E 261 -16.75 37.24 50.69
N PRO E 262 -17.73 37.37 51.62
CA PRO E 262 -17.58 36.88 52.99
C PRO E 262 -17.33 35.37 53.10
N GLY E 263 -16.28 34.96 53.84
CA GLY E 263 -15.95 33.56 54.13
C GLY E 263 -15.16 32.88 53.03
N LEU E 264 -15.34 33.32 51.77
CA LEU E 264 -14.95 32.59 50.54
C LEU E 264 -13.42 32.55 50.34
N ALA E 265 -12.67 33.36 51.08
CA ALA E 265 -11.19 33.41 51.00
C ALA E 265 -10.61 32.02 51.30
N HIS E 266 -11.28 31.23 52.15
CA HIS E 266 -10.79 29.91 52.62
C HIS E 266 -11.75 28.79 52.18
N ARG E 267 -12.67 29.07 51.25
CA ARG E 267 -13.69 28.10 50.77
C ARG E 267 -13.56 27.86 49.27
N ILE E 268 -13.01 28.82 48.52
CA ILE E 268 -12.62 28.66 47.08
C ILE E 268 -11.12 28.41 47.05
N PRO E 269 -10.65 27.24 46.57
CA PRO E 269 -9.22 26.98 46.48
C PRO E 269 -8.51 28.06 45.63
N ARG E 270 -7.36 28.54 46.13
CA ARG E 270 -6.51 29.51 45.42
C ARG E 270 -6.15 28.97 44.03
N ILE E 271 -6.08 29.90 43.07
CA ILE E 271 -5.60 29.66 41.69
C ILE E 271 -4.38 30.57 41.51
N TYR E 272 -3.25 29.95 41.15
CA TYR E 272 -1.98 30.67 40.87
C TYR E 272 -1.80 30.72 39.35
N ASP E 273 -0.73 31.36 38.91
CA ASP E 273 -0.38 31.55 37.48
C ASP E 273 0.63 30.49 37.03
N GLY E 274 0.19 29.54 36.21
CA GLY E 274 1.07 28.63 35.48
C GLY E 274 1.60 29.32 34.23
N VAL E 275 2.61 30.19 34.40
CA VAL E 275 3.11 31.09 33.34
C VAL E 275 3.72 30.25 32.22
N GLY E 276 3.24 30.43 31.00
CA GLY E 276 3.57 29.62 29.83
C GLY E 276 4.13 30.49 28.73
N VAL E 277 5.24 30.06 28.13
CA VAL E 277 5.91 30.79 27.03
C VAL E 277 5.84 29.91 25.80
N SER E 278 5.42 30.51 24.70
CA SER E 278 5.33 29.87 23.37
C SER E 278 5.81 30.91 22.35
N ALA E 279 5.91 30.51 21.08
CA ALA E 279 6.42 31.40 20.03
C ALA E 279 5.73 31.07 18.70
N LEU E 280 5.56 32.11 17.88
CA LEU E 280 5.18 31.96 16.47
C LEU E 280 6.43 32.19 15.63
N VAL E 281 6.72 31.25 14.74
CA VAL E 281 7.91 31.26 13.87
C VAL E 281 7.42 31.15 12.42
N ASP E 282 7.90 32.04 11.55
CA ASP E 282 7.78 31.93 10.07
C ASP E 282 8.91 31.01 9.61
N THR E 283 8.57 29.83 9.11
CA THR E 283 9.57 28.79 8.73
C THR E 283 10.37 29.28 7.52
N TRP E 284 11.65 28.92 7.49
CA TRP E 284 12.65 29.26 6.43
C TRP E 284 12.05 29.12 5.02
N ASP E 285 11.20 28.11 4.76
CA ASP E 285 10.69 27.77 3.40
C ASP E 285 9.16 27.82 3.35
N GLY E 286 8.48 28.34 4.37
CA GLY E 286 7.00 28.41 4.42
C GLY E 286 6.34 27.07 4.75
N SER E 287 7.10 25.97 4.91
CA SER E 287 6.56 24.61 5.17
C SER E 287 6.16 24.46 6.64
N GLY E 288 5.39 23.42 6.94
CA GLY E 288 4.97 23.02 8.28
C GLY E 288 4.61 21.53 8.29
N PRO E 289 4.54 20.86 9.46
CA PRO E 289 4.16 19.46 9.48
C PRO E 289 2.65 19.32 9.31
N ALA E 290 2.20 18.17 8.83
CA ALA E 290 0.78 17.85 8.59
C ALA E 290 0.11 17.52 9.92
N THR E 291 0.87 17.05 10.91
CA THR E 291 0.36 16.64 12.24
C THR E 291 0.92 17.55 13.33
N VAL E 292 0.27 17.56 14.48
CA VAL E 292 0.91 18.00 15.75
C VAL E 292 2.14 17.11 15.95
N LEU E 293 3.22 17.70 16.45
CA LEU E 293 4.43 16.98 16.92
C LEU E 293 4.60 17.33 18.39
N ARG E 294 4.77 16.34 19.26
CA ARG E 294 4.88 16.58 20.72
C ARG E 294 5.67 15.46 21.39
N THR E 295 6.22 15.80 22.56
CA THR E 295 6.68 14.83 23.58
C THR E 295 5.52 14.65 24.55
N SER E 296 5.61 13.65 25.43
CA SER E 296 4.77 13.54 26.64
C SER E 296 5.10 14.73 27.56
N ASN E 297 4.25 14.97 28.56
CA ASN E 297 4.44 16.08 29.54
C ASN E 297 5.75 15.82 30.28
N ARG E 298 6.50 16.90 30.58
CA ARG E 298 7.88 16.84 31.11
C ARG E 298 7.92 17.58 32.46
N ALA E 299 9.13 17.88 32.95
CA ALA E 299 9.37 18.42 34.31
C ALA E 299 8.37 19.53 34.61
N PHE E 300 7.59 19.37 35.67
CA PHE E 300 6.70 20.41 36.23
C PHE E 300 5.69 20.87 35.16
N ALA E 301 5.17 19.91 34.38
CA ALA E 301 4.06 20.10 33.42
C ALA E 301 4.48 21.00 32.25
N CYS E 302 5.78 21.18 32.03
N CYS E 302 5.78 21.19 32.03
CA CYS E 302 6.34 21.72 30.76
CA CYS E 302 6.39 21.70 30.77
C CYS E 302 6.17 20.63 29.70
C CYS E 302 6.16 20.64 29.69
N GLY E 303 6.52 20.94 28.45
CA GLY E 303 6.49 19.95 27.35
C GLY E 303 6.84 20.60 26.03
N LEU E 304 7.35 19.83 25.08
CA LEU E 304 7.71 20.34 23.74
C LEU E 304 6.64 19.93 22.73
N HIS E 305 6.13 20.89 21.97
CA HIS E 305 5.21 20.61 20.85
C HIS E 305 5.31 21.71 19.79
N LEU E 306 4.98 21.30 18.57
CA LEU E 306 4.80 22.17 17.40
C LEU E 306 3.38 21.94 16.87
N VAL E 307 2.58 23.01 16.84
CA VAL E 307 1.20 22.98 16.31
C VAL E 307 1.20 23.66 14.95
N PRO E 308 0.76 22.99 13.87
CA PRO E 308 0.69 23.61 12.55
C PRO E 308 -0.20 24.86 12.55
N ARG E 309 0.16 25.85 11.74
CA ARG E 309 -0.64 27.09 11.47
C ARG E 309 -0.69 27.32 9.96
N ALA E 310 -1.66 28.09 9.49
CA ALA E 310 -1.79 28.52 8.08
C ALA E 310 -0.76 29.62 7.78
N GLY E 311 -0.36 29.75 6.51
CA GLY E 311 0.40 30.91 6.00
C GLY E 311 1.87 30.88 6.34
N GLY E 312 2.51 29.70 6.41
CA GLY E 312 3.97 29.57 6.55
C GLY E 312 4.46 29.88 7.96
N SER E 313 3.57 29.83 8.94
CA SER E 313 3.88 30.00 10.38
C SER E 313 3.75 28.63 11.08
N VAL E 314 4.50 28.43 12.16
CA VAL E 314 4.28 27.30 13.12
C VAL E 314 4.23 27.88 14.53
N TYR E 315 3.51 27.20 15.41
CA TYR E 315 3.49 27.45 16.86
C TYR E 315 4.46 26.45 17.52
N ILE E 316 5.32 26.96 18.39
CA ILE E 316 6.16 26.09 19.26
C ILE E 316 5.87 26.47 20.70
N GLY E 317 5.76 25.47 21.56
CA GLY E 317 5.59 25.65 23.00
C GLY E 317 6.02 24.37 23.71
N ALA E 318 5.86 24.34 25.04
CA ALA E 318 5.46 25.49 25.84
C ALA E 318 6.09 25.30 27.22
N THR E 319 6.61 26.37 27.80
CA THR E 319 7.20 26.30 29.16
C THR E 319 6.05 26.37 30.17
N ASN E 320 6.34 26.06 31.43
CA ASN E 320 5.36 26.14 32.52
C ASN E 320 6.12 26.36 33.83
N ALA E 321 5.80 27.43 34.54
CA ALA E 321 6.32 27.71 35.88
C ALA E 321 5.21 28.33 36.70
N VAL E 322 4.86 27.69 37.82
CA VAL E 322 3.86 28.25 38.76
C VAL E 322 4.53 29.43 39.46
N CYS E 323 3.92 30.61 39.37
CA CYS E 323 4.36 31.87 40.02
C CYS E 323 3.27 32.30 41.00
N LEU E 324 3.68 32.72 42.19
CA LEU E 324 2.77 33.09 43.31
C LEU E 324 2.17 34.46 43.04
N GLU E 325 2.89 35.32 42.30
CA GLU E 325 2.39 36.60 41.74
C GLU E 325 2.34 36.47 40.23
N PRO E 326 1.42 37.19 39.54
CA PRO E 326 1.35 37.14 38.09
C PRO E 326 2.55 37.77 37.39
N ARG E 327 2.87 37.28 36.20
CA ARG E 327 4.03 37.71 35.39
C ARG E 327 3.58 37.71 33.93
N GLY E 328 3.77 38.84 33.25
CA GLY E 328 3.22 39.07 31.89
C GLY E 328 4.27 38.94 30.81
N ALA E 329 5.51 38.61 31.17
CA ALA E 329 6.67 38.58 30.26
C ALA E 329 7.47 37.28 30.45
N ALA E 330 7.94 36.71 29.34
CA ALA E 330 8.84 35.55 29.29
C ALA E 330 10.16 35.95 29.96
N SER E 331 10.80 35.03 30.66
CA SER E 331 12.20 35.17 31.11
C SER E 331 13.12 34.80 29.94
N ILE E 332 14.39 35.21 30.01
CA ILE E 332 15.46 34.77 29.07
C ILE E 332 15.49 33.24 29.07
N ALA E 333 15.54 32.62 30.27
CA ALA E 333 15.71 31.16 30.43
C ALA E 333 14.60 30.41 29.68
N GLU E 334 13.36 30.86 29.81
CA GLU E 334 12.16 30.22 29.19
C GLU E 334 12.29 30.28 27.67
N THR E 335 12.62 31.46 27.14
CA THR E 335 12.80 31.68 25.68
C THR E 335 13.89 30.75 25.14
N VAL E 336 15.05 30.72 25.77
CA VAL E 336 16.23 29.94 25.31
C VAL E 336 15.88 28.45 25.33
N PHE E 337 15.25 27.99 26.42
CA PHE E 337 14.91 26.56 26.62
C PHE E 337 13.91 26.15 25.52
N LEU E 338 12.85 26.93 25.31
CA LEU E 338 11.82 26.61 24.28
C LEU E 338 12.49 26.51 22.90
N PHE E 339 13.32 27.49 22.55
CA PHE E 339 13.94 27.58 21.21
C PHE E 339 14.97 26.46 21.04
N ASN E 340 15.76 26.18 22.06
CA ASN E 340 16.81 25.13 22.01
C ASN E 340 16.18 23.77 21.78
N CYS E 341 15.07 23.47 22.47
CA CYS E 341 14.38 22.16 22.37
C CYS E 341 13.79 22.00 20.96
N ALA E 342 13.13 23.04 20.45
CA ALA E 342 12.43 23.02 19.14
C ALA E 342 13.44 22.80 18.02
N THR E 343 14.57 23.52 18.03
CA THR E 343 15.58 23.49 16.95
C THR E 343 16.29 22.13 16.93
N HIS E 344 16.57 21.53 18.10
CA HIS E 344 17.33 20.26 18.19
C HIS E 344 16.39 19.06 18.07
N GLN E 345 15.24 19.06 18.74
CA GLN E 345 14.38 17.86 18.88
C GLN E 345 13.37 17.76 17.73
N LEU E 346 13.01 18.86 17.07
CA LEU E 346 11.94 18.88 16.02
C LEU E 346 12.51 19.20 14.64
N HIS E 347 13.07 20.39 14.42
CA HIS E 347 13.57 20.81 13.09
C HIS E 347 14.69 21.84 13.22
N ARG E 348 15.88 21.49 12.74
CA ARG E 348 17.07 22.38 12.71
C ARG E 348 16.83 23.61 11.84
N GLY E 349 15.93 23.51 10.85
CA GLY E 349 15.49 24.64 10.00
C GLY E 349 14.88 25.78 10.81
N LEU E 350 14.35 25.51 12.00
CA LEU E 350 13.76 26.57 12.86
C LEU E 350 14.86 27.51 13.35
N ASN E 351 16.12 27.05 13.35
CA ASN E 351 17.26 27.84 13.88
C ASN E 351 17.41 29.14 13.05
N GLY E 352 17.34 29.03 11.72
CA GLY E 352 17.49 30.16 10.80
C GLY E 352 16.15 30.75 10.40
N SER E 353 15.05 30.30 11.01
CA SER E 353 13.68 30.82 10.76
C SER E 353 13.45 32.09 11.57
N GLU E 354 12.53 32.93 11.13
CA GLU E 354 12.25 34.26 11.73
C GLU E 354 11.28 34.11 12.89
N LEU E 355 11.64 34.69 14.03
CA LEU E 355 10.78 34.83 15.22
C LEU E 355 9.75 35.93 14.94
N ARG E 356 8.47 35.57 14.84
CA ARG E 356 7.32 36.49 14.67
C ARG E 356 6.94 37.08 16.03
N LYS E 357 6.81 36.25 17.06
CA LYS E 357 6.21 36.67 18.34
C LYS E 357 6.58 35.67 19.45
N VAL E 358 6.96 36.21 20.61
CA VAL E 358 7.05 35.45 21.89
C VAL E 358 5.76 35.72 22.64
N GLN E 359 5.04 34.64 23.00
CA GLN E 359 3.70 34.73 23.64
C GLN E 359 3.83 34.27 25.09
N VAL E 360 3.14 34.97 25.98
CA VAL E 360 3.09 34.64 27.44
C VAL E 360 1.62 34.66 27.87
N GLY E 361 1.21 33.57 28.52
CA GLY E 361 -0.11 33.43 29.14
C GLY E 361 -0.02 32.66 30.44
N SER E 362 -1.03 32.81 31.29
CA SER E 362 -1.09 32.19 32.64
C SER E 362 -2.09 31.05 32.61
N ARG E 363 -1.59 29.80 32.60
CA ARG E 363 -2.41 28.61 32.90
C ARG E 363 -2.94 28.79 34.32
N PRO E 364 -4.29 28.80 34.52
CA PRO E 364 -4.84 28.88 35.88
C PRO E 364 -4.48 27.59 36.63
N ALA E 365 -3.63 27.69 37.65
CA ALA E 365 -3.03 26.55 38.37
C ALA E 365 -3.68 26.45 39.75
N PRO E 366 -4.67 25.55 39.94
CA PRO E 366 -5.36 25.43 41.22
C PRO E 366 -4.43 24.81 42.29
N ILE E 367 -4.50 25.31 43.52
CA ILE E 367 -3.56 24.93 44.62
C ILE E 367 -3.67 23.43 44.93
N ASP E 368 -4.81 22.79 44.67
CA ASP E 368 -5.03 21.35 44.99
C ASP E 368 -5.01 20.50 43.72
N GLY E 369 -4.71 21.11 42.56
CA GLY E 369 -4.41 20.38 41.31
C GLY E 369 -5.64 19.99 40.52
N PHE E 370 -6.82 20.50 40.85
CA PHE E 370 -8.08 20.14 40.14
C PHE E 370 -8.90 21.38 39.84
N PRO E 371 -9.69 21.34 38.74
CA PRO E 371 -10.45 22.51 38.29
C PRO E 371 -11.50 22.95 39.30
N LEU E 372 -11.98 24.19 39.10
CA LEU E 372 -13.08 24.83 39.86
C LEU E 372 -14.22 25.08 38.87
N ILE E 373 -15.19 24.16 38.82
CA ILE E 373 -16.31 24.17 37.83
C ILE E 373 -17.64 24.01 38.58
N GLY E 374 -18.49 25.04 38.51
CA GLY E 374 -19.90 24.91 38.89
C GLY E 374 -20.35 25.96 39.88
N GLY E 375 -21.27 25.58 40.76
CA GLY E 375 -22.06 26.49 41.62
C GLY E 375 -21.29 26.82 42.88
N THR E 376 -21.77 27.83 43.61
CA THR E 376 -21.16 28.47 44.79
C THR E 376 -22.23 28.50 45.90
N SER E 377 -21.88 28.85 47.13
CA SER E 377 -22.83 29.03 48.26
C SER E 377 -23.65 30.30 48.07
N VAL E 378 -23.16 31.23 47.24
CA VAL E 378 -23.87 32.46 46.80
C VAL E 378 -24.73 32.13 45.59
N GLU E 379 -26.04 32.39 45.68
CA GLU E 379 -27.03 32.11 44.61
C GLU E 379 -26.71 32.96 43.39
N GLY E 380 -26.68 32.35 42.21
CA GLY E 380 -26.37 32.99 40.92
C GLY E 380 -24.89 33.12 40.63
N LEU E 381 -24.00 32.78 41.58
CA LEU E 381 -22.53 32.88 41.40
C LEU E 381 -21.96 31.53 40.94
N TRP E 382 -21.45 31.49 39.72
CA TRP E 382 -20.83 30.31 39.09
C TRP E 382 -19.34 30.60 38.83
N MET E 383 -18.54 29.55 38.74
CA MET E 383 -17.08 29.62 38.52
C MET E 383 -16.70 28.57 37.47
N LEU E 384 -15.84 28.94 36.53
CA LEU E 384 -15.32 28.04 35.48
C LEU E 384 -13.84 28.39 35.28
N SER E 385 -12.94 27.71 36.00
CA SER E 385 -11.51 28.07 36.10
C SER E 385 -10.66 26.90 36.62
N GLY E 386 -9.36 27.16 36.81
CA GLY E 386 -8.37 26.22 37.34
C GLY E 386 -8.14 25.03 36.44
N THR E 387 -8.21 25.22 35.11
CA THR E 387 -8.11 24.13 34.11
C THR E 387 -6.65 23.86 33.70
N TYR E 388 -5.70 24.66 34.18
CA TYR E 388 -4.24 24.43 33.99
C TYR E 388 -3.90 24.21 32.51
N ARG E 389 -3.61 22.97 32.10
CA ARG E 389 -3.04 22.64 30.77
C ARG E 389 -4.13 22.40 29.70
N ASP E 390 -5.40 22.20 30.08
CA ASP E 390 -6.36 21.59 29.13
C ASP E 390 -7.77 22.16 29.25
N GLY E 391 -7.94 23.39 29.77
CA GLY E 391 -9.23 24.11 29.74
C GLY E 391 -9.72 24.26 28.29
N LEU E 392 -8.82 24.64 27.37
CA LEU E 392 -9.18 24.93 25.97
C LEU E 392 -9.74 23.64 25.35
N HIS E 393 -9.07 22.52 25.53
CA HIS E 393 -9.52 21.23 24.96
C HIS E 393 -10.90 20.87 25.52
N MET E 394 -11.09 21.07 26.83
CA MET E 394 -12.32 20.63 27.51
C MET E 394 -13.43 21.68 27.40
N SER E 395 -13.16 22.85 26.81
CA SER E 395 -14.07 24.03 26.80
C SER E 395 -15.48 23.65 26.36
N PRO E 396 -15.71 22.97 25.21
CA PRO E 396 -17.08 22.67 24.78
C PRO E 396 -17.84 21.85 25.85
N LEU E 397 -17.19 20.84 26.43
CA LEU E 397 -17.78 19.98 27.49
C LEU E 397 -18.03 20.81 28.76
N LEU E 398 -17.07 21.62 29.21
CA LEU E 398 -17.19 22.40 30.47
C LEU E 398 -18.30 23.45 30.33
N ALA E 399 -18.42 24.05 29.15
CA ALA E 399 -19.43 25.09 28.84
C ALA E 399 -20.82 24.45 28.92
N ARG E 400 -21.01 23.30 28.26
CA ARG E 400 -22.29 22.53 28.28
C ARG E 400 -22.63 22.14 29.72
N HIS E 401 -21.65 21.69 30.50
CA HIS E 401 -21.86 21.31 31.92
C HIS E 401 -22.44 22.50 32.70
N VAL E 402 -21.77 23.65 32.66
CA VAL E 402 -22.16 24.83 33.50
C VAL E 402 -23.54 25.36 33.07
N VAL E 403 -23.83 25.34 31.77
CA VAL E 403 -25.14 25.81 31.19
C VAL E 403 -26.25 24.86 31.68
N SER E 404 -26.03 23.55 31.61
CA SER E 404 -26.97 22.54 32.15
C SER E 404 -27.25 22.85 33.63
N LEU E 405 -26.22 23.08 34.44
CA LEU E 405 -26.37 23.40 35.89
C LEU E 405 -27.20 24.68 36.05
N MET E 406 -26.96 25.68 35.20
CA MET E 406 -27.63 27.01 35.29
C MET E 406 -29.12 26.89 34.91
N ASP E 407 -29.47 25.85 34.13
CA ASP E 407 -30.85 25.59 33.62
C ASP E 407 -31.54 24.56 34.52
N GLY E 408 -30.97 24.22 35.67
CA GLY E 408 -31.55 23.29 36.66
C GLY E 408 -31.22 21.83 36.37
N GLY E 409 -30.33 21.54 35.42
CA GLY E 409 -29.90 20.18 35.05
C GLY E 409 -28.76 19.70 35.93
N THR E 410 -28.20 18.51 35.62
CA THR E 410 -27.07 17.88 36.36
C THR E 410 -25.78 17.95 35.53
N GLY E 411 -25.86 18.36 34.27
CA GLY E 411 -24.72 18.46 33.35
C GLY E 411 -24.02 17.12 33.15
N VAL E 412 -22.70 17.10 33.20
CA VAL E 412 -21.84 15.91 32.93
C VAL E 412 -21.50 15.24 34.27
N ASP E 413 -21.61 13.92 34.35
CA ASP E 413 -21.59 13.14 35.62
C ASP E 413 -20.32 13.42 36.44
N GLY E 414 -19.15 13.19 35.85
CA GLY E 414 -17.85 13.15 36.56
C GLY E 414 -17.39 14.49 37.13
N LEU E 415 -18.05 15.60 36.79
CA LEU E 415 -17.55 16.98 37.07
C LEU E 415 -18.02 17.48 38.44
N ARG E 416 -18.85 16.71 39.15
CA ARG E 416 -19.38 17.12 40.49
C ARG E 416 -18.22 17.26 41.48
N GLU E 417 -17.25 16.33 41.42
CA GLU E 417 -16.03 16.27 42.27
C GLU E 417 -15.30 17.63 42.27
N PHE E 418 -15.45 18.45 41.21
CA PHE E 418 -14.64 19.66 40.97
C PHE E 418 -15.45 20.93 41.27
N ARG E 419 -16.51 20.82 42.08
CA ARG E 419 -17.23 21.96 42.73
C ARG E 419 -16.22 23.03 43.13
N PRO E 420 -16.43 24.32 42.80
CA PRO E 420 -15.45 25.36 43.13
C PRO E 420 -15.33 25.63 44.63
N GLU E 421 -16.42 25.40 45.38
CA GLU E 421 -16.48 25.68 46.84
C GLU E 421 -16.29 24.35 47.57
N ARG E 422 -15.09 24.15 48.11
CA ARG E 422 -14.63 22.83 48.61
C ARG E 422 -13.42 23.04 49.53
N ASP E 423 -13.22 22.09 50.44
CA ASP E 423 -11.92 21.83 51.10
C ASP E 423 -10.92 21.49 49.98
N LEU E 424 -9.66 21.83 50.17
CA LEU E 424 -8.55 21.40 49.28
C LEU E 424 -8.60 19.89 49.17
N ILE E 425 -8.65 19.37 47.94
CA ILE E 425 -8.49 17.93 47.61
C ILE E 425 -7.06 17.50 47.94
N SER E 426 -6.90 16.28 48.46
CA SER E 426 -5.60 15.58 48.68
C SER E 426 -5.57 14.31 47.82
N ALA E 427 -5.27 14.44 46.52
CA ALA E 427 -5.35 13.36 45.53
C ALA E 427 -4.12 12.44 45.63
N TRP E 428 -3.04 12.88 46.29
CA TRP E 428 -1.80 12.09 46.45
C TRP E 428 -1.30 12.17 47.89
N SER E 429 -0.67 11.11 48.38
CA SER E 429 0.08 11.10 49.67
C SER E 429 1.26 12.06 49.57
N ARG E 430 1.66 12.63 50.71
CA ARG E 430 2.90 13.44 50.87
C ARG E 430 4.09 12.69 50.28
N GLU E 431 4.16 11.38 50.52
CA GLU E 431 5.25 10.49 50.06
C GLU E 431 5.30 10.51 48.52
N GLU E 432 4.16 10.31 47.84
CA GLU E 432 4.08 10.31 46.36
C GLU E 432 4.59 11.66 45.83
N ILE E 433 4.19 12.76 46.45
CA ILE E 433 4.48 14.14 45.97
C ILE E 433 5.98 14.42 46.17
N LEU E 434 6.57 13.96 47.27
CA LEU E 434 8.02 14.17 47.57
C LEU E 434 8.87 13.37 46.57
N ASP E 435 8.52 12.13 46.26
CA ASP E 435 9.18 11.35 45.17
C ASP E 435 9.04 12.10 43.84
N ASP E 436 7.84 12.63 43.54
CA ASP E 436 7.53 13.26 42.23
C ASP E 436 8.35 14.55 42.10
N VAL E 437 8.40 15.40 43.14
CA VAL E 437 9.04 16.74 43.06
C VAL E 437 10.56 16.57 42.87
N VAL E 438 11.16 15.55 43.47
CA VAL E 438 12.62 15.27 43.36
C VAL E 438 12.89 14.77 41.94
N ARG E 439 12.06 13.86 41.46
CA ARG E 439 12.16 13.28 40.09
C ARG E 439 12.07 14.41 39.06
N HIS E 440 11.08 15.29 39.19
CA HIS E 440 10.82 16.41 38.26
C HIS E 440 11.98 17.41 38.35
N THR E 441 12.50 17.66 39.55
CA THR E 441 13.68 18.55 39.76
C THR E 441 14.86 17.99 38.95
N MET E 442 15.14 16.69 39.09
CA MET E 442 16.23 16.03 38.35
C MET E 442 15.96 16.13 36.84
N ALA E 443 14.69 16.01 36.43
CA ALA E 443 14.29 16.07 35.01
C ALA E 443 14.65 17.43 34.40
N THR E 444 14.60 18.53 35.15
CA THR E 444 14.97 19.88 34.62
C THR E 444 16.43 19.85 34.15
N GLY E 445 17.26 19.01 34.77
CA GLY E 445 18.67 18.81 34.37
C GLY E 445 18.76 18.04 33.07
N TYR E 446 18.11 16.88 33.00
CA TYR E 446 18.20 15.96 31.83
C TYR E 446 17.54 16.60 30.61
N GLU E 447 16.59 17.51 30.81
CA GLU E 447 15.82 18.14 29.71
C GLU E 447 16.64 19.30 29.10
N PHE E 448 17.66 19.80 29.78
CA PHE E 448 18.38 21.02 29.37
C PHE E 448 19.02 20.83 27.99
N PRO E 449 19.76 19.74 27.68
CA PRO E 449 20.21 18.74 28.64
C PRO E 449 21.56 19.15 29.24
N TRP E 450 21.80 18.88 30.51
CA TRP E 450 23.08 19.22 31.16
C TRP E 450 24.17 18.24 30.73
N ARG E 451 25.43 18.63 30.94
CA ARG E 451 26.60 17.71 30.88
C ARG E 451 27.40 17.94 32.16
N LEU E 452 27.52 16.91 32.99
CA LEU E 452 28.21 17.07 34.30
C LEU E 452 28.82 15.74 34.72
N PRO E 453 29.72 15.76 35.71
CA PRO E 453 30.38 14.54 36.17
C PRO E 453 29.30 13.54 36.62
N LEU E 454 29.55 12.26 36.39
CA LEU E 454 28.55 11.20 36.64
C LEU E 454 28.23 11.06 38.14
N GLU E 455 29.08 11.50 39.07
CA GLU E 455 28.76 11.39 40.52
C GLU E 455 27.65 12.40 40.89
N TRP E 456 27.53 13.50 40.14
CA TRP E 456 26.76 14.70 40.58
C TRP E 456 25.26 14.42 40.64
N PRO E 457 24.63 13.78 39.62
CA PRO E 457 23.20 13.51 39.70
C PRO E 457 22.82 12.68 40.93
N HIS E 458 23.63 11.68 41.31
CA HIS E 458 23.40 10.86 42.52
C HIS E 458 23.48 11.76 43.77
N MET E 459 24.47 12.64 43.86
CA MET E 459 24.60 13.62 44.98
C MET E 459 23.33 14.47 45.06
N MET E 460 22.88 15.04 43.94
CA MET E 460 21.72 15.96 43.92
C MET E 460 20.45 15.20 44.34
N GLU E 461 20.24 13.99 43.81
CA GLU E 461 19.08 13.13 44.17
C GLU E 461 18.98 13.06 45.71
N THR E 462 20.07 12.70 46.40
CA THR E 462 20.02 12.44 47.86
C THR E 462 19.89 13.77 48.61
N PHE E 463 20.53 14.85 48.16
CA PHE E 463 20.55 16.14 48.91
C PHE E 463 19.28 16.98 48.66
N LEU E 464 18.44 16.61 47.68
CA LEU E 464 17.14 17.30 47.39
C LEU E 464 16.03 16.77 48.31
N GLN E 465 16.12 15.50 48.75
CA GLN E 465 15.03 14.81 49.51
C GLN E 465 14.75 15.56 50.82
N GLY E 466 15.78 15.78 51.64
CA GLY E 466 15.69 16.44 52.96
C GLY E 466 14.95 17.78 52.89
N PRO E 467 15.46 18.77 52.13
CA PRO E 467 14.82 20.09 52.06
C PRO E 467 13.35 20.08 51.63
N PHE E 468 12.96 19.24 50.66
CA PHE E 468 11.55 19.15 50.19
C PHE E 468 10.69 18.48 51.27
N ALA E 469 11.21 17.45 51.95
CA ALA E 469 10.51 16.77 53.08
C ALA E 469 10.26 17.78 54.22
N GLU E 470 11.25 18.60 54.52
CA GLU E 470 11.22 19.66 55.57
C GLU E 470 10.17 20.72 55.21
N LEU E 471 10.13 21.14 53.95
CA LEU E 471 9.16 22.18 53.48
C LEU E 471 7.74 21.65 53.63
N ALA E 472 7.47 20.43 53.15
CA ALA E 472 6.15 19.77 53.18
C ALA E 472 5.62 19.69 54.62
N ASP E 473 6.49 19.32 55.57
CA ASP E 473 6.17 19.14 57.01
C ASP E 473 5.86 20.50 57.65
N ARG E 474 6.62 21.53 57.29
CA ARG E 474 6.52 22.90 57.82
C ARG E 474 5.21 23.57 57.32
N LEU E 475 4.75 23.24 56.12
CA LEU E 475 3.66 23.98 55.44
C LEU E 475 2.31 23.68 56.08
N SER E 476 2.06 22.42 56.45
CA SER E 476 0.75 21.96 56.97
C SER E 476 0.87 20.51 57.46
N ASP E 477 0.07 20.17 58.47
CA ASP E 477 -0.08 18.80 59.03
C ASP E 477 -0.99 17.96 58.13
N THR E 478 -1.75 18.58 57.23
CA THR E 478 -2.86 17.90 56.50
C THR E 478 -2.67 18.06 54.98
N TYR E 479 -2.46 19.27 54.48
CA TYR E 479 -2.38 19.55 53.01
C TYR E 479 -0.93 19.46 52.52
N THR E 480 -0.75 18.87 51.34
CA THR E 480 0.52 18.88 50.59
C THR E 480 0.31 19.47 49.20
N PRO E 481 1.00 20.58 48.84
CA PRO E 481 0.89 21.14 47.50
C PRO E 481 1.42 20.16 46.46
N PRO E 482 0.78 20.03 45.27
CA PRO E 482 1.32 19.18 44.22
C PRO E 482 2.72 19.68 43.79
N ALA E 483 3.49 18.84 43.11
CA ALA E 483 4.92 19.05 42.81
C ALA E 483 5.13 20.41 42.12
N ASP E 484 4.33 20.72 41.09
CA ASP E 484 4.43 21.96 40.29
C ASP E 484 4.43 23.17 41.23
N LEU E 485 3.56 23.16 42.23
CA LEU E 485 3.38 24.30 43.17
C LEU E 485 4.43 24.21 44.28
N MET E 486 4.80 23.00 44.69
CA MET E 486 5.78 22.82 45.79
C MET E 486 7.14 23.43 45.42
N THR E 487 7.61 23.23 44.19
CA THR E 487 8.91 23.79 43.74
C THR E 487 8.80 25.31 43.74
N ALA E 488 7.67 25.88 43.32
CA ALA E 488 7.46 27.34 43.35
C ALA E 488 7.55 27.84 44.79
N ILE E 489 6.91 27.14 45.72
CA ILE E 489 6.92 27.53 47.16
C ILE E 489 8.35 27.41 47.69
N MET E 490 9.06 26.32 47.35
CA MET E 490 10.45 26.07 47.80
C MET E 490 11.34 27.29 47.50
N PHE E 491 11.17 27.92 46.34
CA PHE E 491 12.07 28.98 45.82
C PHE E 491 11.39 30.36 45.89
N SER E 492 10.34 30.49 46.69
CA SER E 492 9.67 31.78 47.01
C SER E 492 10.33 32.40 48.24
N GLU E 493 9.96 33.64 48.60
CA GLU E 493 10.48 34.33 49.82
C GLU E 493 9.91 33.67 51.08
N ARG E 494 10.60 33.80 52.22
CA ARG E 494 10.13 33.32 53.56
C ARG E 494 8.74 33.88 53.89
N GLU E 495 8.50 35.15 53.59
CA GLU E 495 7.21 35.84 53.88
C GLU E 495 6.08 35.10 53.13
N GLN E 496 6.33 34.74 51.86
CA GLN E 496 5.33 34.07 50.98
C GLN E 496 5.05 32.65 51.47
N GLN E 497 6.07 31.96 52.00
CA GLN E 497 5.94 30.61 52.60
C GLN E 497 5.08 30.71 53.88
N ASP E 498 5.37 31.69 54.74
CA ASP E 498 4.66 31.90 56.02
C ASP E 498 3.18 32.22 55.74
N GLU E 499 2.92 33.06 54.74
CA GLU E 499 1.55 33.41 54.29
C GLU E 499 0.82 32.13 53.85
N LEU E 500 1.48 31.20 53.17
CA LEU E 500 0.90 29.90 52.73
C LEU E 500 0.62 29.00 53.97
N ILE E 501 1.48 29.03 54.99
CA ILE E 501 1.28 28.25 56.24
C ILE E 501 -0.02 28.73 56.91
N ALA E 502 -0.21 30.06 56.98
CA ALA E 502 -1.42 30.72 57.52
C ALA E 502 -2.65 30.33 56.67
N TYR E 503 -2.56 30.45 55.35
CA TYR E 503 -3.66 30.08 54.40
C TYR E 503 -4.09 28.64 54.67
N TYR E 504 -3.15 27.69 54.65
CA TYR E 504 -3.42 26.23 54.83
C TYR E 504 -4.10 26.00 56.20
N ALA E 505 -3.63 26.69 57.25
CA ALA E 505 -4.16 26.60 58.63
C ALA E 505 -5.60 27.14 58.66
N ASP E 506 -5.84 28.32 58.07
CA ASP E 506 -7.19 28.97 58.00
C ASP E 506 -8.15 28.08 57.22
N VAL E 507 -7.69 27.36 56.19
CA VAL E 507 -8.54 26.45 55.38
C VAL E 507 -8.92 25.25 56.24
N HIS E 508 -7.97 24.71 57.02
CA HIS E 508 -8.22 23.57 57.94
C HIS E 508 -9.30 23.94 58.96
N ARG E 509 -9.19 25.11 59.59
CA ARG E 509 -10.15 25.61 60.61
C ARG E 509 -11.54 25.76 59.98
N GLU E 510 -11.63 26.16 58.71
CA GLU E 510 -12.92 26.41 58.00
C GLU E 510 -13.63 25.08 57.71
N TRP E 511 -12.90 23.98 57.48
CA TRP E 511 -13.45 22.74 56.86
C TRP E 511 -13.41 21.54 57.82
N HIS E 512 -12.51 21.53 58.82
CA HIS E 512 -12.50 20.58 59.96
C HIS E 512 -13.17 21.22 61.19
N GLN F 31 14.86 75.47 -6.07
CA GLN F 31 14.43 76.34 -4.92
C GLN F 31 15.53 76.36 -3.86
N THR F 32 15.29 76.99 -2.71
CA THR F 32 16.23 76.97 -1.54
C THR F 32 15.83 75.90 -0.52
N ASP F 33 14.75 75.14 -0.75
CA ASP F 33 14.22 74.11 0.16
C ASP F 33 15.20 72.93 0.29
N VAL F 34 15.35 72.41 1.51
CA VAL F 34 16.16 71.19 1.81
C VAL F 34 15.19 70.07 2.22
N ILE F 35 15.35 68.89 1.61
CA ILE F 35 14.65 67.64 2.03
C ILE F 35 15.71 66.66 2.54
N VAL F 36 15.60 66.22 3.80
CA VAL F 36 16.36 65.07 4.38
C VAL F 36 15.48 63.82 4.25
N VAL F 37 15.95 62.82 3.50
CA VAL F 37 15.28 61.50 3.34
C VAL F 37 15.86 60.55 4.40
N GLY F 38 15.10 60.31 5.47
CA GLY F 38 15.44 59.34 6.54
C GLY F 38 15.36 59.99 7.90
N ASN F 39 14.86 59.24 8.88
CA ASN F 39 14.54 59.76 10.24
C ASN F 39 15.27 58.92 11.29
N GLY F 40 16.43 58.37 10.93
CA GLY F 40 17.38 57.79 11.90
C GLY F 40 18.18 58.88 12.56
N VAL F 41 19.23 58.51 13.31
CA VAL F 41 20.13 59.48 13.99
C VAL F 41 20.81 60.38 12.95
N LEU F 42 21.20 59.84 11.79
CA LEU F 42 21.98 60.62 10.79
C LEU F 42 21.08 61.68 10.16
N GLY F 43 19.93 61.27 9.62
CA GLY F 43 18.94 62.18 9.02
C GLY F 43 18.57 63.30 9.97
N LEU F 44 18.17 62.95 11.19
CA LEU F 44 17.69 63.93 12.20
C LEU F 44 18.84 64.83 12.65
N SER F 45 20.06 64.29 12.76
CA SER F 45 21.24 65.05 13.24
C SER F 45 21.62 66.10 12.17
N VAL F 46 21.65 65.72 10.89
CA VAL F 46 21.95 66.67 9.78
C VAL F 46 20.77 67.65 9.67
N GLY F 47 19.53 67.17 9.83
CA GLY F 47 18.31 68.00 9.84
C GLY F 47 18.40 69.10 10.89
N VAL F 48 18.75 68.74 12.13
CA VAL F 48 18.90 69.68 13.26
C VAL F 48 19.96 70.73 12.89
N GLU F 49 21.10 70.30 12.33
CA GLU F 49 22.28 71.18 12.07
C GLU F 49 21.98 72.13 10.89
N ILE F 50 21.31 71.65 9.85
CA ILE F 50 20.85 72.49 8.70
C ILE F 50 19.89 73.55 9.24
N ALA F 51 18.81 73.14 9.92
CA ALA F 51 17.77 74.03 10.48
C ALA F 51 18.40 75.11 11.37
N ARG F 52 19.37 74.74 12.20
CA ARG F 52 20.00 75.63 13.22
C ARG F 52 20.90 76.68 12.54
N THR F 53 21.65 76.31 11.50
CA THR F 53 22.72 77.16 10.89
C THR F 53 22.20 77.88 9.64
N ARG F 54 21.02 77.51 9.12
CA ARG F 54 20.40 78.16 7.93
C ARG F 54 18.93 78.49 8.24
N PRO F 55 18.65 79.49 9.11
CA PRO F 55 17.26 79.79 9.51
C PRO F 55 16.42 80.36 8.36
N ASP F 56 17.08 80.82 7.29
CA ASP F 56 16.48 81.34 6.03
C ASP F 56 15.69 80.24 5.30
N VAL F 57 16.21 79.01 5.23
CA VAL F 57 15.69 77.93 4.34
C VAL F 57 14.70 77.03 5.07
N ARG F 58 13.76 76.44 4.32
CA ARG F 58 12.80 75.41 4.78
C ARG F 58 13.45 74.02 4.66
N VAL F 59 13.64 73.33 5.78
CA VAL F 59 14.17 71.94 5.82
C VAL F 59 13.03 71.00 6.23
N THR F 60 12.70 70.05 5.36
CA THR F 60 11.67 69.00 5.55
C THR F 60 12.36 67.65 5.71
N LEU F 61 11.96 66.86 6.71
CA LEU F 61 12.56 65.52 7.00
C LEU F 61 11.49 64.44 6.82
N LEU F 62 11.77 63.46 5.95
CA LEU F 62 10.86 62.34 5.58
C LEU F 62 11.19 61.11 6.44
N GLY F 63 10.28 60.13 6.47
CA GLY F 63 10.38 58.89 7.25
C GLY F 63 9.24 58.76 8.27
N LYS F 64 8.85 57.52 8.58
CA LYS F 64 7.63 57.20 9.37
C LYS F 64 8.03 56.85 10.82
N PRO F 65 7.10 56.94 11.79
CA PRO F 65 7.40 56.54 13.18
C PRO F 65 7.74 55.05 13.35
N ALA F 66 7.26 54.18 12.46
CA ALA F 66 7.55 52.73 12.44
C ALA F 66 9.07 52.50 12.36
N ARG F 67 9.81 53.37 11.67
CA ARG F 67 11.28 53.25 11.45
C ARG F 67 11.60 51.81 11.05
N GLN F 68 11.04 51.36 9.92
CA GLN F 68 11.23 49.99 9.40
C GLN F 68 12.71 49.76 9.09
N TYR F 69 13.26 48.65 9.61
CA TYR F 69 14.68 48.22 9.47
C TYR F 69 15.63 49.19 10.17
N GLY F 70 15.10 50.11 10.99
CA GLY F 70 15.88 51.21 11.60
C GLY F 70 16.96 50.71 12.54
N ALA F 71 18.21 51.05 12.26
CA ALA F 71 19.38 50.72 13.09
C ALA F 71 19.31 51.46 14.44
N THR F 72 19.03 52.76 14.40
CA THR F 72 19.12 53.68 15.57
C THR F 72 18.26 53.15 16.72
N PRO F 73 16.94 52.86 16.54
CA PRO F 73 16.10 52.46 17.67
C PRO F 73 16.51 51.09 18.26
N ALA F 74 17.21 50.25 17.48
CA ALA F 74 17.71 48.93 17.91
C ALA F 74 19.06 49.06 18.64
N ALA F 75 19.64 50.27 18.67
CA ALA F 75 20.99 50.50 19.23
C ALA F 75 20.88 50.81 20.73
N GLY F 76 21.95 50.56 21.48
CA GLY F 76 21.98 50.70 22.95
C GLY F 76 21.79 52.14 23.41
N ALA F 77 22.74 53.03 23.09
CA ALA F 77 23.85 52.77 22.20
C ALA F 77 25.16 53.24 22.85
N MET F 78 26.25 52.56 22.54
CA MET F 78 27.61 52.93 23.02
C MET F 78 28.14 54.10 22.19
N LEU F 79 28.75 55.10 22.84
CA LEU F 79 29.59 56.12 22.14
C LEU F 79 30.98 55.50 21.92
N GLY F 80 31.06 54.56 20.99
CA GLY F 80 32.22 53.66 20.80
C GLY F 80 33.32 54.31 19.98
N ALA F 81 34.49 54.48 20.59
CA ALA F 81 35.73 54.99 19.98
C ALA F 81 36.86 53.96 20.21
N PHE F 82 37.37 53.86 21.43
CA PHE F 82 38.42 52.89 21.81
C PHE F 82 37.83 51.47 21.86
N GLY F 83 36.59 51.32 22.38
CA GLY F 83 35.88 50.03 22.44
C GLY F 83 35.75 49.37 21.07
N GLU F 84 35.74 50.17 19.99
CA GLU F 84 35.56 49.66 18.60
C GLU F 84 36.90 49.26 17.97
N VAL F 85 38.02 49.50 18.65
CA VAL F 85 39.38 49.18 18.13
C VAL F 85 39.51 47.66 17.97
N THR F 86 39.89 47.21 16.78
CA THR F 86 40.37 45.83 16.47
C THR F 86 41.76 45.92 15.86
N ALA F 87 42.61 44.91 16.08
CA ALA F 87 43.92 44.75 15.43
C ALA F 87 43.79 44.95 13.92
N HIS F 88 42.77 44.34 13.29
CA HIS F 88 42.52 44.36 11.82
C HIS F 88 42.25 45.81 11.34
N ALA F 89 41.46 46.58 12.09
CA ALA F 89 41.10 47.99 11.76
C ALA F 89 42.38 48.84 11.75
N LEU F 90 43.20 48.73 12.80
CA LEU F 90 44.41 49.58 13.02
C LEU F 90 45.63 49.06 12.23
N ALA F 91 45.43 48.15 11.27
CA ALA F 91 46.49 47.63 10.38
C ALA F 91 46.34 48.22 8.97
N SER F 92 45.20 48.85 8.66
CA SER F 92 44.94 49.53 7.37
C SER F 92 44.91 51.05 7.59
N GLU F 93 45.38 51.81 6.61
CA GLU F 93 45.37 53.30 6.60
C GLU F 93 43.93 53.77 6.85
N HIS F 94 42.99 53.24 6.06
CA HIS F 94 41.54 53.61 6.08
C HIS F 94 40.95 53.37 7.48
N GLY F 95 41.33 52.26 8.14
CA GLY F 95 40.89 51.92 9.50
C GLY F 95 41.41 52.89 10.57
N ARG F 96 42.65 53.35 10.45
CA ARG F 96 43.28 54.28 11.43
C ARG F 96 42.62 55.67 11.32
N LYS F 97 42.17 56.06 10.11
CA LYS F 97 41.43 57.32 9.85
C LYS F 97 40.07 57.29 10.57
N LYS F 98 39.29 56.24 10.31
CA LYS F 98 37.97 55.99 10.96
C LYS F 98 38.12 56.10 12.48
N HIS F 99 39.14 55.47 13.05
CA HIS F 99 39.40 55.53 14.51
C HIS F 99 39.57 56.99 14.94
N ALA F 100 40.41 57.74 14.21
CA ALA F 100 40.74 59.16 14.54
C ALA F 100 39.44 59.99 14.58
N LEU F 101 38.58 59.82 13.58
CA LEU F 101 37.26 60.51 13.48
C LEU F 101 36.38 60.18 14.69
N ALA F 102 36.35 58.91 15.11
CA ALA F 102 35.57 58.44 16.28
C ALA F 102 36.04 59.14 17.54
N VAL F 103 37.36 59.35 17.66
CA VAL F 103 37.96 60.07 18.83
C VAL F 103 37.52 61.55 18.77
N GLN F 104 37.52 62.15 17.58
CA GLN F 104 37.08 63.56 17.36
C GLN F 104 35.60 63.68 17.71
N ALA F 105 34.77 62.74 17.24
CA ALA F 105 33.30 62.71 17.48
C ALA F 105 33.03 62.72 18.99
N GLN F 106 33.81 61.96 19.77
CA GLN F 106 33.62 61.82 21.24
C GLN F 106 33.62 63.21 21.90
N ARG F 107 34.48 64.13 21.45
CA ARG F 107 34.67 65.46 22.07
C ARG F 107 33.42 66.33 21.86
N LEU F 108 32.63 66.08 20.81
CA LEU F 108 31.42 66.90 20.48
C LEU F 108 30.22 66.51 21.35
N TRP F 109 30.22 65.32 21.98
CA TRP F 109 28.98 64.73 22.56
C TRP F 109 28.47 65.55 23.76
N PRO F 110 29.30 65.96 24.73
CA PRO F 110 28.81 66.71 25.88
C PRO F 110 27.99 67.97 25.51
N GLU F 111 28.46 68.78 24.56
CA GLU F 111 27.79 70.05 24.14
C GLU F 111 26.58 69.71 23.26
N TRP F 112 26.67 68.66 22.45
CA TRP F 112 25.59 68.19 21.55
C TRP F 112 24.37 67.77 22.37
N ILE F 113 24.60 67.01 23.44
CA ILE F 113 23.55 66.53 24.38
C ILE F 113 22.93 67.74 25.10
N GLU F 114 23.77 68.61 25.67
CA GLU F 114 23.35 69.87 26.35
C GLU F 114 22.38 70.63 25.43
N SER F 115 22.75 70.80 24.16
CA SER F 115 21.99 71.61 23.17
C SER F 115 20.69 70.88 22.75
N LEU F 116 20.62 69.55 22.91
CA LEU F 116 19.41 68.76 22.55
C LEU F 116 18.46 68.70 23.75
N GLU F 117 19.00 68.53 24.96
CA GLU F 117 18.20 68.50 26.21
C GLU F 117 17.64 69.90 26.53
N ALA F 118 18.32 70.96 26.07
CA ALA F 118 17.93 72.37 26.30
C ALA F 118 16.54 72.67 25.72
N THR F 119 16.14 71.97 24.65
CA THR F 119 14.85 72.16 23.94
C THR F 119 13.72 71.39 24.63
N GLY F 120 14.01 70.69 25.73
CA GLY F 120 13.03 69.85 26.47
C GLY F 120 12.99 70.21 27.93
N THR F 121 12.32 69.36 28.74
CA THR F 121 12.14 69.55 30.20
C THR F 121 12.58 68.27 30.93
N ALA F 122 12.64 68.34 32.27
CA ALA F 122 13.05 67.23 33.17
C ALA F 122 12.41 65.91 32.74
N ALA F 123 11.10 65.93 32.42
CA ALA F 123 10.26 64.71 32.26
C ALA F 123 10.56 63.99 30.94
N ASP F 124 11.31 64.62 30.02
CA ASP F 124 11.72 64.01 28.73
C ASP F 124 12.85 62.99 28.95
N GLY F 125 13.53 63.06 30.11
CA GLY F 125 14.56 62.07 30.50
C GLY F 125 15.94 62.42 29.97
N ARG F 126 16.96 61.70 30.44
CA ARG F 126 18.39 62.01 30.14
C ARG F 126 18.83 61.19 28.93
N ILE F 127 19.50 61.84 27.97
CA ILE F 127 20.10 61.17 26.77
C ILE F 127 21.25 60.28 27.24
N LYS F 128 22.14 60.79 28.10
CA LYS F 128 23.35 60.06 28.57
C LYS F 128 22.91 59.05 29.63
N THR F 129 23.31 57.78 29.50
CA THR F 129 23.02 56.71 30.50
C THR F 129 24.31 56.24 31.22
N ALA F 130 25.50 56.53 30.69
CA ALA F 130 26.78 56.23 31.35
C ALA F 130 27.91 57.12 30.80
N ASP F 131 28.92 57.37 31.61
CA ASP F 131 30.12 58.17 31.25
C ASP F 131 31.26 57.24 30.85
N ASP F 132 31.33 56.04 31.44
CA ASP F 132 32.50 55.13 31.33
C ASP F 132 32.08 53.77 30.76
N THR F 133 33.06 53.05 30.21
CA THR F 133 32.93 51.70 29.62
C THR F 133 33.95 50.78 30.29
N VAL F 134 33.55 49.56 30.64
CA VAL F 134 34.52 48.49 31.02
C VAL F 134 34.56 47.45 29.88
N VAL F 135 35.73 47.25 29.31
CA VAL F 135 36.00 46.17 28.31
C VAL F 135 36.45 44.93 29.06
N LEU F 136 35.76 43.81 28.84
CA LEU F 136 36.00 42.51 29.53
C LEU F 136 36.68 41.55 28.56
N LEU F 137 37.69 40.82 29.04
CA LEU F 137 38.31 39.71 28.29
C LEU F 137 37.98 38.40 29.00
N ASN F 138 37.25 37.52 28.30
CA ASN F 138 36.92 36.13 28.75
C ASN F 138 37.40 35.18 27.65
N THR F 139 37.25 33.86 27.86
CA THR F 139 37.74 32.85 26.90
C THR F 139 36.59 32.28 26.08
N VAL F 140 35.44 32.95 26.02
CA VAL F 140 34.27 32.48 25.22
C VAL F 140 34.38 33.11 23.83
N GLY F 141 35.46 32.80 23.13
CA GLY F 141 35.75 33.34 21.80
C GLY F 141 37.10 32.87 21.29
N HIS F 142 37.48 33.32 20.11
CA HIS F 142 38.76 32.96 19.46
C HIS F 142 39.87 33.81 20.09
N SER F 143 40.99 33.21 20.49
CA SER F 143 42.21 33.92 20.92
C SER F 143 42.69 34.85 19.79
N ALA F 144 42.55 34.43 18.53
CA ALA F 144 43.03 35.18 17.34
C ALA F 144 42.27 36.50 17.16
N LEU F 145 41.05 36.62 17.68
CA LEU F 145 40.28 37.89 17.69
C LEU F 145 40.41 38.56 19.05
N ASP F 146 39.93 37.91 20.11
CA ASP F 146 39.71 38.56 21.43
C ASP F 146 41.06 38.95 22.06
N ASP F 147 42.10 38.09 22.00
CA ASP F 147 43.42 38.42 22.62
C ASP F 147 44.06 39.56 21.82
N ALA F 148 44.06 39.47 20.49
CA ALA F 148 44.66 40.47 19.59
C ALA F 148 43.94 41.82 19.78
N ASN F 149 42.61 41.81 19.89
CA ASN F 149 41.77 43.04 19.94
C ASN F 149 41.90 43.71 21.31
N PHE F 150 42.03 42.93 22.38
CA PHE F 150 42.21 43.50 23.74
C PHE F 150 43.53 44.28 23.77
N ALA F 151 44.60 43.68 23.21
CA ALA F 151 45.95 44.28 23.12
C ALA F 151 45.89 45.56 22.28
N ALA F 152 45.18 45.53 21.15
CA ALA F 152 45.01 46.68 20.22
C ALA F 152 44.27 47.83 20.90
N VAL F 153 43.26 47.54 21.73
CA VAL F 153 42.49 48.57 22.49
C VAL F 153 43.43 49.25 23.48
N LEU F 154 44.16 48.43 24.26
CA LEU F 154 45.15 48.88 25.27
C LEU F 154 46.17 49.80 24.58
N THR F 155 46.68 49.38 23.43
CA THR F 155 47.69 50.11 22.63
C THR F 155 47.10 51.46 22.20
N ALA F 156 45.92 51.46 21.57
CA ALA F 156 45.28 52.67 20.99
C ALA F 156 44.99 53.70 22.09
N LEU F 157 44.62 53.24 23.29
CA LEU F 157 44.39 54.11 24.48
C LEU F 157 45.71 54.78 24.89
N LYS F 158 46.79 54.00 24.94
CA LYS F 158 48.16 54.47 25.32
C LYS F 158 48.63 55.51 24.28
N GLU F 159 48.54 55.20 22.98
CA GLU F 159 48.94 56.10 21.86
C GLU F 159 48.24 57.46 22.00
N ALA F 160 46.93 57.47 22.27
CA ALA F 160 46.09 58.69 22.31
C ALA F 160 46.18 59.39 23.68
N ASN F 161 46.93 58.83 24.63
CA ASN F 161 47.06 59.37 26.01
C ASN F 161 45.66 59.53 26.64
N ALA F 162 44.74 58.62 26.30
CA ALA F 162 43.33 58.62 26.79
C ALA F 162 43.31 58.09 28.21
N PRO F 163 42.46 58.66 29.11
CA PRO F 163 42.38 58.20 30.49
C PRO F 163 41.70 56.82 30.56
N HIS F 164 42.36 55.86 31.21
CA HIS F 164 41.96 54.44 31.29
C HIS F 164 42.82 53.76 32.34
N GLU F 165 42.41 52.61 32.88
CA GLU F 165 43.35 51.70 33.57
C GLU F 165 42.84 50.25 33.47
N GLU F 166 43.78 49.33 33.38
CA GLU F 166 43.51 47.88 33.57
C GLU F 166 43.19 47.70 35.05
N ILE F 167 42.03 47.15 35.37
CA ILE F 167 41.54 46.99 36.76
C ILE F 167 41.39 45.50 37.07
N ALA F 168 41.37 45.16 38.34
CA ALA F 168 41.06 43.80 38.83
C ALA F 168 39.61 43.52 38.43
N VAL F 169 39.33 42.30 37.97
CA VAL F 169 37.96 41.90 37.56
C VAL F 169 37.03 41.96 38.77
N GLU F 170 37.54 41.66 39.97
CA GLU F 170 36.78 41.69 41.26
C GLU F 170 36.30 43.11 41.57
N SER F 171 36.91 44.14 40.98
CA SER F 171 36.55 45.56 41.19
C SER F 171 35.52 46.05 40.16
N VAL F 172 35.15 45.24 39.15
CA VAL F 172 34.07 45.60 38.19
C VAL F 172 32.73 45.44 38.93
N ASP F 173 31.94 46.51 38.98
CA ASP F 173 30.66 46.52 39.77
C ASP F 173 29.58 45.77 38.97
N TRP F 174 28.73 45.07 39.70
CA TRP F 174 27.40 44.55 39.28
C TRP F 174 27.54 43.14 38.67
N ILE F 175 28.50 42.91 37.78
CA ILE F 175 28.60 41.66 36.97
C ILE F 175 28.57 40.44 37.90
N ASP F 176 27.90 39.38 37.46
CA ASP F 176 27.82 38.08 38.18
C ASP F 176 27.88 36.98 37.14
N PRO F 177 29.03 36.81 36.46
CA PRO F 177 29.13 35.82 35.38
C PRO F 177 29.17 34.39 35.91
N ASP F 178 28.78 33.45 35.06
CA ASP F 178 29.11 32.01 35.20
C ASP F 178 30.63 31.92 35.33
N PRO F 179 31.18 31.29 36.40
CA PRO F 179 32.64 31.16 36.52
C PRO F 179 33.34 30.63 35.26
N ASN F 180 32.73 29.69 34.53
CA ASN F 180 33.35 29.11 33.31
C ASN F 180 33.32 30.11 32.14
N SER F 181 32.59 31.23 32.26
CA SER F 181 32.47 32.27 31.21
C SER F 181 33.01 33.61 31.70
N ARG F 182 33.67 33.65 32.85
CA ARG F 182 34.00 34.91 33.55
C ARG F 182 35.17 35.60 32.88
N PRO F 183 35.31 36.93 33.03
CA PRO F 183 36.48 37.63 32.53
C PRO F 183 37.64 37.45 33.52
N LEU F 184 38.88 37.44 33.00
CA LEU F 184 40.10 37.37 33.83
C LEU F 184 40.90 38.68 33.71
N ARG F 185 40.53 39.53 32.74
CA ARG F 185 41.11 40.89 32.57
C ARG F 185 39.98 41.88 32.28
N ALA F 186 40.14 43.11 32.73
CA ALA F 186 39.13 44.18 32.59
C ALA F 186 39.84 45.52 32.42
N LEU F 187 39.25 46.38 31.59
CA LEU F 187 39.79 47.67 31.13
C LEU F 187 38.71 48.74 31.31
N HIS F 188 38.94 49.67 32.25
CA HIS F 188 38.08 50.85 32.52
C HIS F 188 38.49 51.98 31.57
N ILE F 189 37.59 52.39 30.66
CA ILE F 189 37.81 53.54 29.75
C ILE F 189 36.95 54.72 30.24
N GLU F 190 37.61 55.83 30.59
CA GLU F 190 36.98 57.02 31.19
C GLU F 190 36.49 57.94 30.06
N GLY F 191 35.24 58.42 30.15
CA GLY F 191 34.68 59.38 29.18
C GLY F 191 34.23 58.70 27.89
N GLU F 192 34.17 57.38 27.86
CA GLU F 192 33.57 56.58 26.77
C GLU F 192 32.30 55.94 27.35
N GLY F 193 31.14 56.43 26.91
CA GLY F 193 29.87 56.14 27.59
C GLY F 193 28.79 55.65 26.63
N SER F 194 27.54 55.92 26.99
CA SER F 194 26.34 55.45 26.24
C SER F 194 25.25 56.50 26.32
N VAL F 195 24.35 56.43 25.34
CA VAL F 195 23.09 57.22 25.27
C VAL F 195 21.93 56.24 25.13
N ASP F 196 20.76 56.62 25.65
CA ASP F 196 19.48 55.95 25.32
C ASP F 196 19.09 56.41 23.91
N SER F 197 19.16 55.51 22.93
CA SER F 197 18.92 55.83 21.50
C SER F 197 17.49 56.35 21.31
N GLY F 198 16.53 55.88 22.11
CA GLY F 198 15.11 56.27 22.02
C GLY F 198 14.92 57.71 22.50
N ILE F 199 15.52 58.07 23.63
CA ILE F 199 15.48 59.45 24.18
C ILE F 199 16.24 60.38 23.24
N LEU F 200 17.35 59.90 22.64
CA LEU F 200 18.15 60.68 21.65
C LEU F 200 17.26 61.03 20.46
N LEU F 201 16.54 60.05 19.90
CA LEU F 201 15.66 60.25 18.72
C LEU F 201 14.55 61.27 19.05
N ALA F 202 13.92 61.15 20.22
CA ALA F 202 12.84 62.05 20.68
C ALA F 202 13.40 63.48 20.81
N ALA F 203 14.63 63.61 21.35
CA ALA F 203 15.31 64.89 21.58
C ALA F 203 15.71 65.52 20.25
N LEU F 204 16.11 64.71 19.27
CA LEU F 204 16.48 65.18 17.92
C LEU F 204 15.22 65.71 17.21
N GLU F 205 14.13 64.96 17.26
CA GLU F 205 12.82 65.37 16.66
C GLU F 205 12.38 66.71 17.26
N ARG F 206 12.36 66.77 18.59
CA ARG F 206 11.98 67.98 19.35
C ARG F 206 12.88 69.15 18.94
N SER F 207 14.20 68.93 18.88
CA SER F 207 15.21 69.97 18.57
C SER F 207 15.09 70.44 17.12
N PHE F 208 14.69 69.53 16.23
CA PHE F 208 14.47 69.82 14.78
C PHE F 208 13.31 70.80 14.64
N LEU F 209 12.17 70.50 15.29
CA LEU F 209 10.94 71.34 15.28
C LEU F 209 11.27 72.72 15.88
N GLN F 210 12.00 72.75 17.01
CA GLN F 210 12.41 74.00 17.73
C GLN F 210 13.19 74.92 16.78
N ALA F 211 13.98 74.34 15.87
CA ALA F 211 14.87 75.11 14.97
C ALA F 211 14.16 75.39 13.63
N GLY F 212 12.88 75.05 13.50
CA GLY F 212 12.05 75.42 12.34
C GLY F 212 11.94 74.31 11.30
N GLY F 213 12.44 73.12 11.59
CA GLY F 213 12.28 71.95 10.72
C GLY F 213 10.84 71.50 10.66
N ARG F 214 10.42 70.89 9.55
CA ARG F 214 9.06 70.31 9.41
C ARG F 214 9.21 68.80 9.17
N LEU F 215 8.53 67.99 9.99
CA LEU F 215 8.49 66.50 9.89
C LEU F 215 7.29 66.09 9.05
N HIS F 216 7.54 65.44 7.91
CA HIS F 216 6.50 64.90 7.00
C HIS F 216 6.57 63.37 7.05
N PRO F 217 5.65 62.69 7.78
CA PRO F 217 5.78 61.26 8.04
C PRO F 217 5.37 60.37 6.85
N VAL F 218 6.11 60.51 5.75
CA VAL F 218 5.97 59.64 4.54
C VAL F 218 7.39 59.25 4.08
N ASP F 219 7.48 58.27 3.19
CA ASP F 219 8.77 57.75 2.64
C ASP F 219 8.95 58.33 1.24
N ALA F 220 10.20 58.66 0.88
CA ALA F 220 10.59 58.97 -0.51
C ALA F 220 10.50 57.68 -1.34
N THR F 221 9.91 57.76 -2.54
CA THR F 221 9.84 56.65 -3.53
C THR F 221 10.91 56.86 -4.61
N GLU F 222 11.25 58.11 -4.92
CA GLU F 222 12.06 58.47 -6.12
C GLU F 222 12.64 59.87 -5.94
N ILE F 223 13.93 60.04 -6.25
CA ILE F 223 14.59 61.37 -6.37
C ILE F 223 14.48 61.79 -7.83
N ARG F 224 13.96 63.00 -8.10
CA ARG F 224 13.85 63.55 -9.48
C ARG F 224 14.99 64.55 -9.69
N ALA F 225 15.73 64.35 -10.77
CA ALA F 225 16.83 65.22 -11.25
C ALA F 225 16.71 65.37 -12.77
N SER F 226 17.07 66.53 -13.29
CA SER F 226 17.19 66.82 -14.75
C SER F 226 18.33 67.81 -14.94
N HIS F 227 19.01 67.72 -16.09
CA HIS F 227 20.18 68.58 -16.44
C HIS F 227 21.13 68.61 -15.23
N GLY F 228 21.39 67.45 -14.64
CA GLY F 228 22.39 67.21 -13.57
C GLY F 228 22.15 68.01 -12.30
N ARG F 229 20.89 68.22 -11.92
CA ARG F 229 20.50 68.98 -10.70
C ARG F 229 19.27 68.31 -10.05
N VAL F 230 19.16 68.33 -8.72
CA VAL F 230 17.99 67.79 -7.98
C VAL F 230 16.82 68.77 -8.13
N GLU F 231 15.63 68.25 -8.43
CA GLU F 231 14.35 69.00 -8.48
C GLU F 231 13.58 68.76 -7.18
N GLY F 232 13.59 67.52 -6.69
CA GLY F 232 12.98 67.15 -5.40
C GLY F 232 12.69 65.66 -5.30
N VAL F 233 11.60 65.31 -4.62
CA VAL F 233 11.33 63.93 -4.12
C VAL F 233 9.84 63.59 -4.31
N VAL F 234 9.56 62.50 -5.02
CA VAL F 234 8.22 61.85 -5.07
C VAL F 234 8.10 60.97 -3.82
N THR F 235 7.01 61.15 -3.05
CA THR F 235 6.74 60.44 -1.78
C THR F 235 5.74 59.30 -2.05
N ASP F 236 5.62 58.34 -1.12
CA ASP F 236 4.84 57.08 -1.31
C ASP F 236 3.33 57.34 -1.18
N ASP F 237 2.92 58.57 -0.88
CA ASP F 237 1.49 58.99 -0.87
C ASP F 237 1.10 59.59 -2.23
N GLY F 238 2.02 59.66 -3.20
CA GLY F 238 1.78 60.13 -4.57
C GLY F 238 2.21 61.58 -4.80
N ASP F 239 2.45 62.34 -3.72
CA ASP F 239 2.77 63.80 -3.75
C ASP F 239 4.17 64.00 -4.34
N PHE F 240 4.52 65.24 -4.71
CA PHE F 240 5.88 65.66 -5.14
C PHE F 240 6.32 66.87 -4.31
N LEU F 241 7.50 66.79 -3.70
CA LEU F 241 8.09 67.87 -2.86
C LEU F 241 9.30 68.45 -3.60
N PRO F 242 9.28 69.75 -3.95
CA PRO F 242 10.40 70.38 -4.65
C PRO F 242 11.51 70.81 -3.67
N ALA F 243 12.76 70.78 -4.13
CA ALA F 243 13.93 71.18 -3.31
C ALA F 243 15.17 71.37 -4.20
N GLY F 244 16.07 72.26 -3.79
CA GLY F 244 17.40 72.45 -4.39
C GLY F 244 18.48 71.66 -3.67
N HIS F 245 18.14 71.05 -2.53
CA HIS F 245 19.02 70.16 -1.72
C HIS F 245 18.22 68.95 -1.24
N VAL F 246 18.72 67.75 -1.55
CA VAL F 246 18.21 66.45 -1.04
C VAL F 246 19.37 65.70 -0.38
N VAL F 247 19.27 65.46 0.93
CA VAL F 247 20.24 64.67 1.74
C VAL F 247 19.63 63.29 1.98
N VAL F 248 20.24 62.23 1.43
CA VAL F 248 19.77 60.83 1.61
C VAL F 248 20.52 60.26 2.83
N ALA F 249 19.76 59.99 3.90
CA ALA F 249 20.19 59.28 5.12
C ALA F 249 19.12 58.25 5.48
N ALA F 250 18.81 57.37 4.53
CA ALA F 250 17.74 56.35 4.60
C ALA F 250 18.32 55.01 5.07
N GLY F 251 19.40 55.04 5.86
CA GLY F 251 20.09 53.82 6.31
C GLY F 251 20.38 52.90 5.14
N ALA F 252 20.10 51.61 5.32
CA ALA F 252 20.41 50.52 4.36
C ALA F 252 19.70 50.73 3.03
N ARG F 253 18.72 51.63 2.93
CA ARG F 253 17.94 51.86 1.67
C ARG F 253 18.55 53.02 0.84
N SER F 254 19.58 53.69 1.37
CA SER F 254 20.15 54.96 0.83
C SER F 254 20.64 54.79 -0.62
N GLN F 255 21.44 53.75 -0.90
CA GLN F 255 22.03 53.55 -2.25
C GLN F 255 20.94 53.12 -3.22
N ARG F 256 20.06 52.20 -2.83
CA ARG F 256 18.96 51.69 -3.70
C ARG F 256 18.14 52.88 -4.21
N LEU F 257 18.02 53.94 -3.40
CA LEU F 257 17.21 55.15 -3.71
C LEU F 257 17.94 56.03 -4.75
N VAL F 258 19.24 56.22 -4.60
CA VAL F 258 20.08 57.11 -5.46
C VAL F 258 20.46 56.38 -6.77
N ALA F 259 20.51 55.05 -6.77
CA ALA F 259 21.04 54.21 -7.87
C ALA F 259 20.10 54.20 -9.08
N ALA F 260 18.83 54.58 -8.90
CA ALA F 260 17.81 54.66 -9.97
C ALA F 260 18.12 55.82 -10.93
N LEU F 261 18.84 56.85 -10.45
CA LEU F 261 19.30 58.01 -11.28
C LEU F 261 20.33 57.55 -12.32
N PRO F 262 20.47 58.24 -13.47
CA PRO F 262 21.30 57.75 -14.58
C PRO F 262 22.78 57.56 -14.22
N GLY F 263 23.33 56.38 -14.51
CA GLY F 263 24.77 56.06 -14.34
C GLY F 263 25.13 55.64 -12.92
N LEU F 264 24.37 56.11 -11.92
CA LEU F 264 24.74 56.08 -10.48
C LEU F 264 24.67 54.64 -9.90
N ALA F 265 24.06 53.69 -10.62
CA ALA F 265 23.94 52.28 -10.19
C ALA F 265 25.33 51.69 -9.95
N HIS F 266 26.35 52.15 -10.68
CA HIS F 266 27.72 51.61 -10.63
C HIS F 266 28.72 52.68 -10.15
N ARG F 267 28.23 53.80 -9.60
CA ARG F 267 29.07 54.93 -9.14
C ARG F 267 28.90 55.17 -7.64
N ILE F 268 27.74 54.80 -7.07
CA ILE F 268 27.49 54.79 -5.60
C ILE F 268 27.65 53.35 -5.11
N PRO F 269 28.64 53.05 -4.24
CA PRO F 269 28.80 51.70 -3.70
C PRO F 269 27.51 51.19 -3.02
N ARG F 270 27.15 49.95 -3.31
CA ARG F 270 25.99 49.26 -2.71
C ARG F 270 26.11 49.28 -1.19
N ILE F 271 24.95 49.40 -0.53
CA ILE F 271 24.78 49.26 0.94
C ILE F 271 23.83 48.10 1.18
N TYR F 272 24.27 47.11 1.96
CA TYR F 272 23.49 45.91 2.35
C TYR F 272 23.02 46.09 3.79
N ASP F 273 22.24 45.12 4.29
CA ASP F 273 21.67 45.12 5.66
C ASP F 273 22.55 44.30 6.60
N GLY F 274 23.25 44.98 7.52
CA GLY F 274 23.85 44.37 8.71
C GLY F 274 22.80 44.18 9.80
N VAL F 275 22.00 43.13 9.67
CA VAL F 275 20.83 42.86 10.55
C VAL F 275 21.35 42.58 11.97
N GLY F 276 20.86 43.35 12.94
CA GLY F 276 21.33 43.35 14.32
C GLY F 276 20.19 43.08 15.26
N VAL F 277 20.40 42.17 16.22
CA VAL F 277 19.37 41.79 17.22
C VAL F 277 19.87 42.23 18.58
N SER F 278 19.02 42.90 19.32
CA SER F 278 19.26 43.36 20.71
C SER F 278 17.97 43.13 21.50
N ALA F 279 17.99 43.39 22.80
CA ALA F 279 16.85 43.14 23.69
C ALA F 279 16.84 44.20 24.79
N LEU F 280 15.64 44.51 25.27
CA LEU F 280 15.43 45.22 26.55
C LEU F 280 15.00 44.18 27.57
N VAL F 281 15.67 44.19 28.72
CA VAL F 281 15.39 43.27 29.85
C VAL F 281 15.09 44.13 31.08
N ASP F 282 13.98 43.85 31.77
CA ASP F 282 13.68 44.35 33.14
C ASP F 282 14.39 43.41 34.12
N THR F 283 15.40 43.93 34.82
CA THR F 283 16.27 43.11 35.70
C THR F 283 15.45 42.63 36.90
N TRP F 284 15.75 41.41 37.36
CA TRP F 284 15.13 40.72 38.52
C TRP F 284 14.91 41.69 39.71
N ASP F 285 15.85 42.61 39.98
CA ASP F 285 15.83 43.48 41.19
C ASP F 285 15.81 44.97 40.83
N GLY F 286 15.60 45.33 39.57
CA GLY F 286 15.59 46.74 39.11
C GLY F 286 16.98 47.35 38.98
N SER F 287 18.06 46.63 39.32
CA SER F 287 19.46 47.16 39.27
C SER F 287 19.99 47.16 37.83
N GLY F 288 21.09 47.87 37.63
CA GLY F 288 21.86 47.92 36.36
C GLY F 288 23.29 48.34 36.66
N PRO F 289 24.26 48.13 35.73
CA PRO F 289 25.63 48.55 35.98
C PRO F 289 25.74 50.07 35.78
N ALA F 290 26.74 50.66 36.43
CA ALA F 290 27.04 52.11 36.39
C ALA F 290 27.75 52.44 35.07
N THR F 291 28.44 51.46 34.47
CA THR F 291 29.19 51.66 33.21
C THR F 291 28.59 50.80 32.10
N VAL F 292 28.90 51.14 30.85
CA VAL F 292 28.81 50.17 29.73
C VAL F 292 29.69 48.97 30.10
N LEU F 293 29.23 47.76 29.76
CA LEU F 293 30.02 46.51 29.84
C LEU F 293 30.08 45.95 28.42
N ARG F 294 31.28 45.63 27.92
CA ARG F 294 31.42 45.12 26.53
C ARG F 294 32.65 44.23 26.39
N THR F 295 32.61 43.38 25.38
CA THR F 295 33.79 42.71 24.80
C THR F 295 34.26 43.57 23.64
N SER F 296 35.45 43.29 23.12
CA SER F 296 35.90 43.81 21.80
C SER F 296 35.00 43.21 20.72
N ASN F 297 35.05 43.74 19.50
CA ASN F 297 34.24 43.26 18.36
C ASN F 297 34.67 41.81 18.08
N ARG F 298 33.69 40.97 17.72
CA ARG F 298 33.86 39.50 17.62
C ARG F 298 33.51 39.04 16.20
N ALA F 299 33.31 37.73 15.99
CA ALA F 299 33.16 37.13 14.64
C ALA F 299 32.18 37.96 13.80
N PHE F 300 32.65 38.45 12.65
CA PHE F 300 31.82 39.12 11.63
C PHE F 300 31.16 40.37 12.24
N ALA F 301 31.91 41.05 13.11
CA ALA F 301 31.58 42.36 13.72
C ALA F 301 30.26 42.28 14.52
C4 GQI F 302 24.62 34.37 15.33
C GQI F 302 29.62 40.93 17.47
C GQI F 302 29.84 41.57 17.55
N GQI F 302 29.58 41.31 15.06
N GQI F 302 30.09 41.17 15.13
N2 GQI F 302 25.36 36.68 15.38
C3 GQI F 302 25.68 35.47 15.17
CA GQI F 302 28.88 40.61 16.17
CA GQI F 302 29.11 41.18 16.26
CB GQI F 302 28.79 39.11 15.84
CB GQI F 302 28.39 39.85 16.36
S1 GQI F 302 27.30 38.21 16.38
S1 GQI F 302 29.33 38.51 17.15
O1 GQI F 302 26.45 37.56 15.14
O2 GQI F 302 23.55 34.68 15.85
O3 GQI F 302 24.91 33.25 14.92
O4 GQI F 302 30.79 41.40 17.37
O4 GQI F 302 30.94 42.21 17.45
N GLY F 303 29.22 41.34 18.64
CA GLY F 303 29.88 41.68 19.92
C GLY F 303 28.88 41.64 21.06
N LEU F 304 29.36 41.43 22.28
CA LEU F 304 28.49 41.39 23.48
C LEU F 304 28.65 42.70 24.24
N HIS F 305 27.54 43.34 24.58
CA HIS F 305 27.53 44.54 25.45
C HIS F 305 26.20 44.66 26.17
N LEU F 306 26.27 45.32 27.32
CA LEU F 306 25.12 45.77 28.12
C LEU F 306 25.25 47.28 28.28
N VAL F 307 24.23 48.02 27.83
CA VAL F 307 24.15 49.50 27.95
C VAL F 307 23.14 49.82 29.04
N PRO F 308 23.51 50.57 30.09
CA PRO F 308 22.57 50.98 31.13
C PRO F 308 21.38 51.76 30.54
N ARG F 309 20.20 51.57 31.14
CA ARG F 309 18.96 52.35 30.85
C ARG F 309 18.36 52.78 32.21
N ALA F 310 17.52 53.81 32.19
CA ALA F 310 16.75 54.28 33.37
C ALA F 310 15.57 53.33 33.62
N GLY F 311 15.10 53.27 34.86
CA GLY F 311 13.81 52.63 35.24
C GLY F 311 13.88 51.12 35.31
N GLY F 312 15.01 50.55 35.74
CA GLY F 312 15.12 49.10 36.03
C GLY F 312 15.21 48.24 34.77
N SER F 313 15.55 48.85 33.64
CA SER F 313 15.76 48.16 32.35
C SER F 313 17.26 48.16 32.02
N VAL F 314 17.73 47.15 31.28
CA VAL F 314 19.07 47.16 30.62
C VAL F 314 18.88 46.80 29.15
N TYR F 315 19.77 47.30 28.32
CA TYR F 315 19.91 46.93 26.89
C TYR F 315 21.03 45.88 26.79
N ILE F 316 20.78 44.79 26.08
CA ILE F 316 21.81 43.80 25.72
C ILE F 316 21.83 43.69 24.20
N GLY F 317 23.03 43.63 23.65
CA GLY F 317 23.24 43.41 22.21
C GLY F 317 24.64 42.85 22.01
N ALA F 318 25.03 42.66 20.74
CA ALA F 318 24.16 42.79 19.59
C ALA F 318 24.69 41.84 18.52
N THR F 319 23.80 41.15 17.83
CA THR F 319 24.19 40.24 16.73
C THR F 319 24.43 41.08 15.48
N ASN F 320 25.06 40.49 14.48
CA ASN F 320 25.31 41.17 13.18
C ASN F 320 25.43 40.08 12.11
N ALA F 321 24.60 40.16 11.09
CA ALA F 321 24.68 39.29 9.90
C ALA F 321 24.34 40.15 8.69
N VAL F 322 25.27 40.24 7.74
CA VAL F 322 25.01 40.93 6.45
C VAL F 322 24.06 40.03 5.67
N CYS F 323 22.92 40.58 5.26
CA CYS F 323 21.89 39.92 4.41
C CYS F 323 21.78 40.74 3.11
N LEU F 324 21.69 40.05 1.98
CA LEU F 324 21.67 40.66 0.63
C LEU F 324 20.29 41.28 0.38
N GLU F 325 19.25 40.72 1.01
CA GLU F 325 17.89 41.31 1.09
C GLU F 325 17.62 41.73 2.52
N PRO F 326 16.80 42.78 2.77
CA PRO F 326 16.48 43.18 4.14
C PRO F 326 15.61 42.14 4.87
N ARG F 327 15.73 42.10 6.19
CA ARG F 327 15.00 41.18 7.11
C ARG F 327 14.63 41.99 8.34
N GLY F 328 13.36 41.95 8.73
CA GLY F 328 12.82 42.82 9.80
C GLY F 328 12.61 42.07 11.09
N ALA F 329 12.98 40.80 11.16
CA ALA F 329 12.71 39.90 12.32
C ALA F 329 13.99 39.14 12.70
N ALA F 330 14.22 38.99 14.00
CA ALA F 330 15.30 38.17 14.59
C ALA F 330 15.06 36.72 14.21
N SER F 331 16.12 35.96 13.97
CA SER F 331 16.06 34.48 13.90
C SER F 331 16.08 33.93 15.32
N ILE F 332 15.68 32.65 15.47
CA ILE F 332 15.83 31.89 16.74
C ILE F 332 17.30 31.93 17.15
N ALA F 333 18.21 31.59 16.23
CA ALA F 333 19.66 31.47 16.51
C ALA F 333 20.20 32.76 17.11
N GLU F 334 19.83 33.91 16.55
CA GLU F 334 20.32 35.25 16.97
C GLU F 334 19.86 35.49 18.41
N THR F 335 18.57 35.26 18.69
CA THR F 335 17.96 35.45 20.03
C THR F 335 18.70 34.59 21.07
N VAL F 336 18.86 33.30 20.78
CA VAL F 336 19.45 32.31 21.72
C VAL F 336 20.90 32.73 22.00
N PHE F 337 21.64 33.08 20.95
CA PHE F 337 23.08 33.43 21.06
C PHE F 337 23.21 34.69 21.92
N LEU F 338 22.44 35.74 21.63
CA LEU F 338 22.50 37.01 22.40
C LEU F 338 22.21 36.72 23.88
N PHE F 339 21.15 35.97 24.17
CA PHE F 339 20.69 35.69 25.56
C PHE F 339 21.71 34.81 26.28
N ASN F 340 22.23 33.79 25.61
CA ASN F 340 23.20 32.84 26.21
C ASN F 340 24.47 33.59 26.61
N CYS F 341 24.97 34.48 25.76
CA CYS F 341 26.22 35.24 26.01
C CYS F 341 26.01 36.18 27.20
N ALA F 342 24.89 36.90 27.23
CA ALA F 342 24.60 37.92 28.27
C ALA F 342 24.49 37.24 29.64
N THR F 343 23.77 36.12 29.74
CA THR F 343 23.49 35.43 31.01
C THR F 343 24.77 34.81 31.57
N HIS F 344 25.65 34.28 30.73
CA HIS F 344 26.89 33.57 31.17
C HIS F 344 28.03 34.57 31.37
N GLN F 345 28.23 35.49 30.44
CA GLN F 345 29.44 36.34 30.39
C GLN F 345 29.27 37.63 31.20
N LEU F 346 28.04 38.10 31.44
CA LEU F 346 27.77 39.40 32.13
C LEU F 346 27.09 39.16 33.49
N HIS F 347 25.86 38.64 33.51
CA HIS F 347 25.09 38.49 34.77
C HIS F 347 24.10 37.33 34.68
N ARG F 348 24.28 36.32 35.53
CA ARG F 348 23.38 35.14 35.63
C ARG F 348 21.98 35.56 36.06
N GLY F 349 21.84 36.69 36.77
CA GLY F 349 20.55 37.30 37.14
C GLY F 349 19.67 37.60 35.94
N LEU F 350 20.25 37.81 34.76
CA LEU F 350 19.47 38.12 33.54
C LEU F 350 18.69 36.88 33.12
N ASN F 351 19.09 35.69 33.57
CA ASN F 351 18.45 34.40 33.18
C ASN F 351 16.98 34.41 33.64
N GLY F 352 16.73 34.82 34.88
CA GLY F 352 15.38 34.88 35.49
C GLY F 352 14.73 36.23 35.32
N SER F 353 15.35 37.15 34.59
CA SER F 353 14.83 38.52 34.34
C SER F 353 13.84 38.49 33.17
N GLU F 354 12.96 39.47 33.11
CA GLU F 354 11.84 39.53 32.14
C GLU F 354 12.33 40.17 30.84
N LEU F 355 12.08 39.50 29.73
CA LEU F 355 12.24 40.02 28.36
C LEU F 355 11.13 41.02 28.07
N ARG F 356 11.46 42.30 27.93
CA ARG F 356 10.52 43.39 27.52
C ARG F 356 10.34 43.38 26.00
N LYS F 357 11.43 43.31 25.25
CA LYS F 357 11.39 43.51 23.78
C LYS F 357 12.62 42.93 23.11
N VAL F 358 12.43 42.22 22.00
CA VAL F 358 13.48 41.84 21.03
C VAL F 358 13.47 42.90 19.93
N GLN F 359 14.62 43.55 19.69
CA GLN F 359 14.78 44.66 18.72
C GLN F 359 15.61 44.15 17.54
N VAL F 360 15.21 44.57 16.34
CA VAL F 360 15.91 44.26 15.06
C VAL F 360 16.06 45.57 14.30
N GLY F 361 17.27 45.85 13.83
CA GLY F 361 17.59 46.98 12.94
C GLY F 361 18.65 46.58 11.94
N SER F 362 18.79 47.37 10.87
CA SER F 362 19.76 47.16 9.78
C SER F 362 20.88 48.19 9.93
N ARG F 363 22.05 47.76 10.39
CA ARG F 363 23.31 48.52 10.22
C ARG F 363 23.52 48.68 8.72
N PRO F 364 23.63 49.91 8.18
CA PRO F 364 23.93 50.10 6.76
C PRO F 364 25.35 49.59 6.49
N ALA F 365 25.48 48.49 5.73
CA ALA F 365 26.75 47.76 5.51
C ALA F 365 27.25 48.03 4.10
N PRO F 366 28.20 48.98 3.91
CA PRO F 366 28.68 49.32 2.58
C PRO F 366 29.52 48.18 1.99
N ILE F 367 29.36 47.90 0.69
CA ILE F 367 30.00 46.74 0.00
C ILE F 367 31.54 46.83 0.07
N ASP F 368 32.12 48.02 0.21
CA ASP F 368 33.61 48.21 0.24
C ASP F 368 34.08 48.53 1.66
N GLY F 369 33.18 48.50 2.65
CA GLY F 369 33.52 48.52 4.08
C GLY F 369 33.72 49.93 4.64
N PHE F 370 33.37 50.98 3.89
CA PHE F 370 33.58 52.38 4.34
C PHE F 370 32.35 53.22 4.07
N PRO F 371 32.13 54.27 4.89
CA PRO F 371 30.92 55.07 4.81
C PRO F 371 30.80 55.83 3.49
N LEU F 372 29.59 56.31 3.22
CA LEU F 372 29.22 57.16 2.05
C LEU F 372 28.75 58.50 2.62
N ILE F 373 29.65 59.47 2.70
CA ILE F 373 29.41 60.80 3.33
C ILE F 373 29.82 61.91 2.35
N GLY F 374 28.86 62.72 1.92
CA GLY F 374 29.14 64.00 1.24
C GLY F 374 28.42 64.13 -0.07
N GLY F 375 29.08 64.80 -1.03
CA GLY F 375 28.47 65.31 -2.27
C GLY F 375 28.44 64.24 -3.34
N THR F 376 27.69 64.52 -4.40
CA THR F 376 27.36 63.61 -5.53
C THR F 376 27.68 64.38 -6.83
N SER F 377 27.66 63.73 -7.99
CA SER F 377 27.83 64.35 -9.33
C SER F 377 26.59 65.16 -9.69
N VAL F 378 25.46 64.87 -9.05
CA VAL F 378 24.17 65.63 -9.16
C VAL F 378 24.20 66.78 -8.13
N GLU F 379 24.04 68.01 -8.61
CA GLU F 379 24.06 69.24 -7.78
C GLU F 379 22.87 69.20 -6.82
N GLY F 380 23.14 69.48 -5.53
CA GLY F 380 22.14 69.48 -4.45
C GLY F 380 21.88 68.11 -3.85
N LEU F 381 22.41 67.02 -4.43
CA LEU F 381 22.23 65.64 -3.91
C LEU F 381 23.40 65.26 -2.98
N TRP F 382 23.09 65.08 -1.70
CA TRP F 382 24.05 64.67 -0.65
C TRP F 382 23.63 63.31 -0.09
N MET F 383 24.58 62.58 0.47
CA MET F 383 24.38 61.22 1.01
C MET F 383 25.10 61.15 2.35
N LEU F 384 24.46 60.53 3.35
CA LEU F 384 25.01 60.33 4.70
C LEU F 384 24.58 58.93 5.17
N SER F 385 25.40 57.91 4.90
CA SER F 385 25.03 56.49 5.07
C SER F 385 26.25 55.57 5.12
N GLY F 386 26.01 54.26 5.20
CA GLY F 386 27.02 53.19 5.20
C GLY F 386 27.91 53.23 6.42
N THR F 387 27.38 53.64 7.57
CA THR F 387 28.17 53.84 8.83
C THR F 387 28.28 52.54 9.64
N TYR F 388 27.60 51.47 9.24
CA TYR F 388 27.70 50.12 9.83
C TYR F 388 27.50 50.20 11.36
N ARG F 389 28.57 50.06 12.16
CA ARG F 389 28.50 49.87 13.62
C ARG F 389 28.53 51.19 14.39
N ASP F 390 28.87 52.34 13.76
CA ASP F 390 29.20 53.54 14.56
C ASP F 390 28.71 54.85 13.93
N GLY F 391 27.67 54.82 13.10
CA GLY F 391 27.01 56.04 12.60
C GLY F 391 26.48 56.90 13.74
N LEU F 392 25.85 56.26 14.73
CA LEU F 392 25.21 56.96 15.87
C LEU F 392 26.29 57.72 16.64
N HIS F 393 27.39 57.06 16.93
CA HIS F 393 28.52 57.70 17.69
C HIS F 393 29.06 58.89 16.90
N MET F 394 29.21 58.74 15.59
CA MET F 394 29.87 59.75 14.73
C MET F 394 28.87 60.83 14.28
N SER F 395 27.58 60.68 14.59
CA SER F 395 26.48 61.53 14.06
C SER F 395 26.78 63.01 14.21
N PRO F 396 27.14 63.56 15.40
CA PRO F 396 27.38 64.99 15.52
C PRO F 396 28.46 65.48 14.54
N LEU F 397 29.56 64.74 14.42
CA LEU F 397 30.70 65.07 13.53
C LEU F 397 30.26 64.95 12.07
N LEU F 398 29.54 63.89 11.70
CA LEU F 398 29.12 63.65 10.28
C LEU F 398 28.13 64.72 9.84
N ALA F 399 27.25 65.15 10.74
CA ALA F 399 26.23 66.18 10.50
C ALA F 399 26.94 67.52 10.23
N ARG F 400 27.88 67.90 11.09
CA ARG F 400 28.70 69.13 10.96
C ARG F 400 29.48 69.10 9.64
N HIS F 401 30.05 67.96 9.28
CA HIS F 401 30.83 67.79 8.03
C HIS F 401 29.93 68.12 6.83
N VAL F 402 28.76 67.47 6.72
CA VAL F 402 27.88 67.61 5.52
C VAL F 402 27.34 69.05 5.43
N VAL F 403 27.03 69.67 6.57
CA VAL F 403 26.51 71.08 6.63
C VAL F 403 27.61 72.03 6.15
N SER F 404 28.85 71.86 6.61
CA SER F 404 30.02 72.64 6.14
C SER F 404 30.14 72.51 4.62
N LEU F 405 30.08 71.29 4.07
CA LEU F 405 30.16 71.05 2.60
C LEU F 405 29.02 71.79 1.90
N MET F 406 27.81 71.75 2.47
CA MET F 406 26.60 72.37 1.85
C MET F 406 26.72 73.90 1.84
N ASP F 407 27.53 74.46 2.74
CA ASP F 407 27.71 75.92 2.94
C ASP F 407 28.98 76.39 2.22
N GLY F 408 29.59 75.54 1.39
CA GLY F 408 30.79 75.85 0.60
C GLY F 408 32.09 75.67 1.37
N GLY F 409 32.05 75.06 2.56
CA GLY F 409 33.25 74.74 3.38
C GLY F 409 33.89 73.43 2.97
N THR F 410 34.92 72.99 3.70
CA THR F 410 35.63 71.69 3.48
C THR F 410 35.27 70.68 4.58
N GLY F 411 34.56 71.10 5.62
CA GLY F 411 34.13 70.24 6.74
C GLY F 411 35.32 69.67 7.48
N VAL F 412 35.28 68.36 7.78
CA VAL F 412 36.29 67.64 8.60
C VAL F 412 37.28 66.96 7.64
N ASP F 413 38.58 67.08 7.92
CA ASP F 413 39.69 66.78 6.97
C ASP F 413 39.59 65.33 6.45
N GLY F 414 39.59 64.35 7.36
CA GLY F 414 39.76 62.92 7.04
C GLY F 414 38.61 62.30 6.26
N LEU F 415 37.46 62.99 6.13
CA LEU F 415 36.20 62.40 5.60
C LEU F 415 36.11 62.53 4.07
N ARG F 416 37.07 63.18 3.41
CA ARG F 416 37.05 63.34 1.93
C ARG F 416 37.15 61.96 1.26
N GLU F 417 37.98 61.09 1.80
CA GLU F 417 38.22 59.69 1.34
C GLU F 417 36.90 58.92 1.19
N PHE F 418 35.85 59.30 1.92
CA PHE F 418 34.57 58.53 2.03
C PHE F 418 33.46 59.22 1.22
N ARG F 419 33.81 60.04 0.23
CA ARG F 419 32.90 60.56 -0.84
C ARG F 419 31.96 59.44 -1.25
N PRO F 420 30.63 59.67 -1.34
CA PRO F 420 29.70 58.61 -1.71
C PRO F 420 29.86 58.12 -3.15
N GLU F 421 30.31 59.00 -4.04
CA GLU F 421 30.44 58.69 -5.49
C GLU F 421 31.92 58.38 -5.77
N ARG F 422 32.22 57.09 -5.93
CA ARG F 422 33.60 56.55 -5.92
C ARG F 422 33.59 55.15 -6.53
N ASP F 423 34.73 54.74 -7.06
CA ASP F 423 35.11 53.33 -7.28
C ASP F 423 35.09 52.65 -5.91
N LEU F 424 34.75 51.37 -5.86
CA LEU F 424 34.86 50.54 -4.63
C LEU F 424 36.31 50.67 -4.11
N ILE F 425 36.46 51.05 -2.86
CA ILE F 425 37.75 51.04 -2.11
C ILE F 425 38.22 49.59 -1.95
N SER F 426 39.54 49.37 -2.06
CA SER F 426 40.25 48.10 -1.78
C SER F 426 41.22 48.33 -0.62
N ALA F 427 40.73 48.31 0.62
CA ALA F 427 41.50 48.69 1.83
C ALA F 427 42.41 47.54 2.26
N TRP F 428 42.15 46.32 1.81
CA TRP F 428 42.94 45.11 2.19
C TRP F 428 43.21 44.27 0.95
N SER F 429 44.33 43.55 0.96
CA SER F 429 44.67 42.51 -0.05
C SER F 429 43.66 41.36 0.07
N ARG F 430 43.42 40.66 -1.03
CA ARG F 430 42.63 39.41 -1.08
C ARG F 430 43.15 38.42 -0.04
N GLU F 431 44.47 38.34 0.12
CA GLU F 431 45.16 37.44 1.07
C GLU F 431 44.73 37.77 2.50
N GLU F 432 44.78 39.05 2.89
CA GLU F 432 44.37 39.51 4.25
C GLU F 432 42.92 39.09 4.50
N ILE F 433 42.04 39.28 3.52
CA ILE F 433 40.58 39.06 3.68
C ILE F 433 40.30 37.55 3.79
N LEU F 434 41.02 36.72 3.04
CA LEU F 434 40.86 35.24 3.08
C LEU F 434 41.31 34.69 4.43
N ASP F 435 42.44 35.17 4.97
CA ASP F 435 42.87 34.84 6.35
C ASP F 435 41.78 35.28 7.36
N ASP F 436 41.24 36.49 7.18
CA ASP F 436 40.28 37.10 8.13
C ASP F 436 38.97 36.28 8.11
N VAL F 437 38.44 35.94 6.93
CA VAL F 437 37.11 35.29 6.80
C VAL F 437 37.17 33.88 7.42
N VAL F 438 38.30 33.19 7.29
CA VAL F 438 38.48 31.81 7.86
C VAL F 438 38.58 31.93 9.37
N ARG F 439 39.35 32.90 9.85
CA ARG F 439 39.54 33.18 11.29
C ARG F 439 38.19 33.49 11.93
N HIS F 440 37.40 34.37 11.32
CA HIS F 440 36.07 34.81 11.83
C HIS F 440 35.11 33.62 11.78
N THR F 441 35.15 32.81 10.74
CA THR F 441 34.33 31.58 10.61
C THR F 441 34.63 30.67 11.82
N MET F 442 35.90 30.42 12.09
CA MET F 442 36.33 29.57 13.24
C MET F 442 35.84 30.23 14.54
N ALA F 443 35.89 31.56 14.64
CA ALA F 443 35.47 32.31 15.84
C ALA F 443 33.99 32.05 16.16
N THR F 444 33.11 31.86 15.16
CA THR F 444 31.68 31.58 15.39
C THR F 444 31.55 30.30 16.23
N GLY F 445 32.49 29.37 16.07
CA GLY F 445 32.55 28.13 16.87
C GLY F 445 32.94 28.41 18.30
N TYR F 446 34.05 29.11 18.50
CA TYR F 446 34.63 29.35 19.85
C TYR F 446 33.72 30.28 20.65
N GLU F 447 32.92 31.10 19.98
CA GLU F 447 32.04 32.09 20.65
C GLU F 447 30.74 31.43 21.12
N PHE F 448 30.41 30.24 20.63
CA PHE F 448 29.11 29.59 20.89
C PHE F 448 28.92 29.35 22.39
N PRO F 449 29.87 28.75 23.15
CA PRO F 449 31.08 28.12 22.63
C PRO F 449 30.81 26.65 22.32
N TRP F 450 31.40 26.10 21.27
CA TRP F 450 31.20 24.68 20.91
C TRP F 450 32.01 23.76 21.83
N ARG F 451 31.65 22.49 21.86
CA ARG F 451 32.48 21.41 22.44
C ARG F 451 32.55 20.30 21.39
N LEU F 452 33.75 20.01 20.90
CA LEU F 452 33.91 19.01 19.82
C LEU F 452 35.28 18.37 19.93
N PRO F 453 35.51 17.25 19.23
CA PRO F 453 36.79 16.57 19.29
C PRO F 453 37.89 17.54 18.85
N LEU F 454 39.07 17.44 19.47
CA LEU F 454 40.16 18.39 19.20
C LEU F 454 40.70 18.30 17.77
N GLU F 455 40.50 17.21 17.03
CA GLU F 455 40.98 17.13 15.62
C GLU F 455 40.12 18.06 14.73
N TRP F 456 38.87 18.33 15.11
CA TRP F 456 37.86 18.91 14.19
C TRP F 456 38.19 20.35 13.82
N PRO F 457 38.56 21.24 14.78
CA PRO F 457 38.90 22.61 14.42
C PRO F 457 40.04 22.70 13.38
N HIS F 458 41.07 21.86 13.51
CA HIS F 458 42.19 21.79 12.54
C HIS F 458 41.64 21.36 11.16
N MET F 459 40.80 20.33 11.09
CA MET F 459 40.14 19.90 9.83
C MET F 459 39.38 21.07 9.20
N MET F 460 38.56 21.77 9.97
CA MET F 460 37.69 22.87 9.44
C MET F 460 38.59 24.01 8.94
N GLU F 461 39.62 24.40 9.70
CA GLU F 461 40.58 25.45 9.29
C GLU F 461 41.06 25.15 7.86
N THR F 462 41.56 23.94 7.59
CA THR F 462 42.19 23.61 6.28
C THR F 462 41.10 23.49 5.21
N PHE F 463 39.91 22.96 5.50
CA PHE F 463 38.85 22.71 4.49
C PHE F 463 38.03 23.97 4.17
N LEU F 464 38.19 25.05 4.95
CA LEU F 464 37.49 26.35 4.70
C LEU F 464 38.29 27.20 3.69
N GLN F 465 39.62 27.05 3.64
CA GLN F 465 40.53 27.92 2.85
C GLN F 465 40.18 27.85 1.36
N GLY F 466 40.13 26.64 0.80
CA GLY F 466 39.86 26.37 -0.62
C GLY F 466 38.58 27.05 -1.10
N PRO F 467 37.40 26.70 -0.53
CA PRO F 467 36.13 27.30 -0.96
C PRO F 467 36.07 28.84 -0.94
N PHE F 468 36.64 29.48 0.08
CA PHE F 468 36.65 30.96 0.20
C PHE F 468 37.61 31.55 -0.85
N ALA F 469 38.76 30.92 -1.08
CA ALA F 469 39.75 31.33 -2.11
C ALA F 469 39.10 31.26 -3.51
N GLU F 470 38.34 30.18 -3.76
CA GLU F 470 37.62 29.92 -5.03
C GLU F 470 36.54 30.99 -5.25
N LEU F 471 35.80 31.33 -4.20
CA LEU F 471 34.70 32.33 -4.28
C LEU F 471 35.30 33.70 -4.63
N ALA F 472 36.34 34.11 -3.93
CA ALA F 472 37.02 35.43 -4.10
C ALA F 472 37.50 35.57 -5.56
N ASP F 473 38.10 34.52 -6.12
CA ASP F 473 38.66 34.49 -7.49
C ASP F 473 37.53 34.56 -8.53
N ARG F 474 36.43 33.87 -8.27
CA ARG F 474 35.24 33.79 -9.16
C ARG F 474 34.51 35.13 -9.21
N LEU F 475 34.53 35.91 -8.12
CA LEU F 475 33.66 37.10 -7.95
C LEU F 475 34.17 38.26 -8.83
N SER F 476 35.48 38.46 -8.89
CA SER F 476 36.12 39.61 -9.57
C SER F 476 37.64 39.43 -9.60
N ASP F 477 38.28 39.95 -10.65
CA ASP F 477 39.76 39.99 -10.82
C ASP F 477 40.35 41.13 -9.99
N THR F 478 39.52 42.08 -9.52
CA THR F 478 40.01 43.36 -8.95
C THR F 478 39.43 43.59 -7.55
N TYR F 479 38.11 43.45 -7.36
CA TYR F 479 37.45 43.73 -6.05
C TYR F 479 37.37 42.46 -5.20
N THR F 480 37.63 42.61 -3.89
CA THR F 480 37.37 41.55 -2.88
C THR F 480 36.42 42.09 -1.81
N PRO F 481 35.25 41.46 -1.60
CA PRO F 481 34.33 41.87 -0.54
C PRO F 481 34.99 41.67 0.83
N PRO F 482 34.79 42.58 1.81
CA PRO F 482 35.31 42.36 3.16
C PRO F 482 34.67 41.10 3.76
N ALA F 483 35.29 40.54 4.80
CA ALA F 483 34.94 39.22 5.39
C ALA F 483 33.45 39.14 5.71
N ASP F 484 32.90 40.16 6.39
CA ASP F 484 31.48 40.21 6.84
C ASP F 484 30.57 39.93 5.63
N LEU F 485 30.88 40.53 4.49
CA LEU F 485 30.05 40.42 3.27
C LEU F 485 30.40 39.13 2.54
N MET F 486 31.66 38.71 2.56
CA MET F 486 32.11 37.50 1.83
C MET F 486 31.37 36.25 2.37
N THR F 487 31.23 36.11 3.68
CA THR F 487 30.52 34.95 4.28
C THR F 487 29.05 34.99 3.84
N ALA F 488 28.43 36.17 3.78
CA ALA F 488 27.03 36.31 3.33
C ALA F 488 26.94 35.84 1.87
N ILE F 489 27.88 36.25 1.03
CA ILE F 489 27.90 35.87 -0.41
C ILE F 489 28.13 34.36 -0.50
N MET F 490 29.06 33.81 0.28
CA MET F 490 29.38 32.35 0.29
C MET F 490 28.10 31.52 0.47
N PHE F 491 27.18 31.95 1.34
CA PHE F 491 25.98 31.17 1.75
C PHE F 491 24.71 31.76 1.15
N SER F 492 24.82 32.57 0.10
CA SER F 492 23.69 33.09 -0.72
C SER F 492 23.41 32.11 -1.87
N GLU F 493 22.34 32.33 -2.64
CA GLU F 493 21.98 31.49 -3.82
C GLU F 493 22.97 31.75 -4.96
N ARG F 494 23.13 30.80 -5.88
CA ARG F 494 23.98 30.93 -7.11
C ARG F 494 23.57 32.17 -7.93
N GLU F 495 22.27 32.43 -8.05
CA GLU F 495 21.73 33.59 -8.82
C GLU F 495 22.27 34.88 -8.21
N GLN F 496 22.26 34.98 -6.87
CA GLN F 496 22.70 36.19 -6.11
C GLN F 496 24.21 36.39 -6.28
N GLN F 497 24.98 35.30 -6.31
CA GLN F 497 26.45 35.34 -6.56
C GLN F 497 26.73 35.84 -7.98
N ASP F 498 26.01 35.31 -8.96
CA ASP F 498 26.17 35.68 -10.40
C ASP F 498 25.83 37.16 -10.59
N GLU F 499 24.76 37.63 -9.95
CA GLU F 499 24.35 39.06 -9.96
C GLU F 499 25.48 39.92 -9.40
N LEU F 500 26.18 39.48 -8.35
CA LEU F 500 27.32 40.21 -7.74
C LEU F 500 28.52 40.21 -8.72
N ILE F 501 28.75 39.12 -9.46
CA ILE F 501 29.85 39.04 -10.46
C ILE F 501 29.59 40.11 -11.54
N ALA F 502 28.35 40.23 -12.01
CA ALA F 502 27.89 41.24 -13.00
C ALA F 502 28.08 42.65 -12.41
N TYR F 503 27.60 42.90 -11.19
CA TYR F 503 27.74 44.21 -10.48
C TYR F 503 29.21 44.62 -10.45
N TYR F 504 30.08 43.75 -9.95
CA TYR F 504 31.55 44.02 -9.80
C TYR F 504 32.16 44.34 -11.18
N ALA F 505 31.77 43.59 -12.21
CA ALA F 505 32.24 43.77 -13.60
C ALA F 505 31.78 45.14 -14.14
N ASP F 506 30.49 45.47 -13.98
CA ASP F 506 29.90 46.77 -14.43
C ASP F 506 30.59 47.94 -13.70
N VAL F 507 30.99 47.77 -12.44
CA VAL F 507 31.67 48.83 -11.66
C VAL F 507 33.08 49.02 -12.22
N HIS F 508 33.77 47.92 -12.57
CA HIS F 508 35.13 47.96 -13.16
C HIS F 508 35.09 48.74 -14.49
N ARG F 509 34.13 48.43 -15.37
CA ARG F 509 33.96 49.09 -16.69
C ARG F 509 33.72 50.59 -16.50
N GLU F 510 32.98 50.99 -15.46
CA GLU F 510 32.61 52.40 -15.19
C GLU F 510 33.84 53.21 -14.74
N TRP F 511 34.80 52.60 -14.04
CA TRP F 511 35.85 53.33 -13.27
C TRP F 511 37.26 53.10 -13.81
N HIS F 512 37.57 51.92 -14.37
CA HIS F 512 38.84 51.61 -15.10
C HIS F 512 38.76 52.24 -16.49
N THR G 32 73.60 1.19 68.83
CA THR G 32 73.84 2.49 68.09
C THR G 32 73.58 2.35 66.58
N ASP G 33 73.12 1.19 66.11
CA ASP G 33 72.58 0.94 64.75
C ASP G 33 71.34 1.81 64.49
N VAL G 34 71.23 2.37 63.29
CA VAL G 34 70.03 3.12 62.83
C VAL G 34 69.31 2.29 61.76
N ILE G 35 67.99 2.12 61.90
CA ILE G 35 67.11 1.51 60.87
C ILE G 35 66.14 2.58 60.37
N VAL G 36 66.16 2.87 59.07
CA VAL G 36 65.14 3.70 58.37
C VAL G 36 64.12 2.73 57.77
N VAL G 37 62.85 2.83 58.20
CA VAL G 37 61.72 2.04 57.65
C VAL G 37 61.07 2.87 56.53
N GLY G 38 61.32 2.50 55.27
CA GLY G 38 60.72 3.13 54.08
C GLY G 38 61.75 3.59 53.07
N ASN G 39 61.49 3.40 51.79
CA ASN G 39 62.46 3.63 50.69
C ASN G 39 61.88 4.64 49.69
N GLY G 40 61.01 5.54 50.15
CA GLY G 40 60.57 6.70 49.34
C GLY G 40 61.62 7.80 49.40
N VAL G 41 61.28 9.00 48.92
CA VAL G 41 62.20 10.17 48.98
C VAL G 41 62.56 10.49 50.44
N LEU G 42 61.62 10.39 51.38
CA LEU G 42 61.85 10.80 52.79
C LEU G 42 62.83 9.82 53.44
N GLY G 43 62.51 8.52 53.41
CA GLY G 43 63.38 7.47 53.97
C GLY G 43 64.80 7.57 53.43
N LEU G 44 64.95 7.61 52.11
CA LEU G 44 66.28 7.64 51.44
C LEU G 44 66.99 8.96 51.76
N SER G 45 66.27 10.07 51.86
CA SER G 45 66.86 11.41 52.11
C SER G 45 67.44 11.43 53.54
N VAL G 46 66.69 10.95 54.52
CA VAL G 46 67.15 10.88 55.94
C VAL G 46 68.27 9.84 56.03
N GLY G 47 68.14 8.72 55.31
CA GLY G 47 69.17 7.67 55.20
C GLY G 47 70.49 8.24 54.73
N VAL G 48 70.47 8.99 53.64
CA VAL G 48 71.68 9.65 53.05
C VAL G 48 72.30 10.57 54.10
N GLU G 49 71.49 11.37 54.80
CA GLU G 49 71.99 12.42 55.72
C GLU G 49 72.56 11.79 56.99
N ILE G 50 71.93 10.74 57.52
CA ILE G 50 72.45 9.97 58.68
C ILE G 50 73.81 9.37 58.29
N ALA G 51 73.85 8.59 57.20
CA ALA G 51 75.06 7.89 56.70
C ALA G 51 76.22 8.89 56.52
N ARG G 52 75.93 10.07 55.97
CA ARG G 52 76.96 11.09 55.61
C ARG G 52 77.54 11.75 56.86
N THR G 53 76.70 12.05 57.88
CA THR G 53 77.08 12.89 59.04
C THR G 53 77.46 12.02 60.25
N ARG G 54 77.20 10.71 60.20
CA ARG G 54 77.55 9.75 61.28
C ARG G 54 78.25 8.53 60.68
N PRO G 55 79.51 8.65 60.19
CA PRO G 55 80.20 7.52 59.55
C PRO G 55 80.53 6.38 60.54
N ASP G 56 80.49 6.67 61.83
CA ASP G 56 80.69 5.74 62.98
C ASP G 56 79.60 4.64 62.99
N VAL G 57 78.33 5.00 62.73
CA VAL G 57 77.14 4.11 62.97
C VAL G 57 76.75 3.37 61.69
N ARG G 58 76.16 2.18 61.84
CA ARG G 58 75.55 1.37 60.76
C ARG G 58 74.11 1.82 60.54
N VAL G 59 73.80 2.34 59.34
CA VAL G 59 72.43 2.74 58.94
C VAL G 59 71.92 1.75 57.90
N THR G 60 70.82 1.07 58.23
CA THR G 60 70.13 0.08 57.37
C THR G 60 68.78 0.67 56.93
N LEU G 61 68.46 0.60 55.63
CA LEU G 61 67.18 1.14 55.08
C LEU G 61 66.34 -0.01 54.51
N LEU G 62 65.10 -0.14 55.00
CA LEU G 62 64.13 -1.21 54.61
C LEU G 62 63.20 -0.71 53.51
N GLY G 63 62.51 -1.63 52.82
CA GLY G 63 61.58 -1.34 51.70
C GLY G 63 61.98 -2.05 50.41
N LYS G 64 61.01 -2.40 49.57
CA LYS G 64 61.17 -3.27 48.38
C LYS G 64 61.18 -2.41 47.11
N PRO G 65 61.76 -2.90 45.99
CA PRO G 65 61.81 -2.15 44.74
C PRO G 65 60.43 -1.85 44.13
N ALA G 66 59.41 -2.68 44.41
CA ALA G 66 58.02 -2.52 43.95
C ALA G 66 57.46 -1.16 44.40
N ARG G 67 57.89 -0.67 45.58
CA ARG G 67 57.40 0.60 46.17
C ARG G 67 55.87 0.66 46.05
N GLN G 68 55.16 -0.31 46.67
CA GLN G 68 53.68 -0.44 46.60
C GLN G 68 53.05 0.82 47.23
N TYR G 69 52.11 1.42 46.50
CA TYR G 69 51.34 2.64 46.87
C TYR G 69 52.26 3.87 46.94
N GLY G 70 53.50 3.75 46.45
CA GLY G 70 54.56 4.78 46.61
C GLY G 70 54.18 6.07 45.92
N ALA G 71 54.14 7.16 46.69
CA ALA G 71 53.90 8.54 46.20
C ALA G 71 55.05 9.00 45.30
N THR G 72 56.30 8.82 45.75
CA THR G 72 57.51 9.38 45.09
C THR G 72 57.57 8.97 43.62
N PRO G 73 57.50 7.67 43.25
CA PRO G 73 57.65 7.27 41.84
C PRO G 73 56.50 7.77 40.95
N ALA G 74 55.34 8.07 41.52
CA ALA G 74 54.15 8.61 40.80
C ALA G 74 54.24 10.14 40.67
N ALA G 75 55.24 10.77 41.29
CA ALA G 75 55.39 12.25 41.34
C ALA G 75 56.17 12.70 40.11
N GLY G 76 55.96 13.96 39.71
CA GLY G 76 56.55 14.53 38.49
C GLY G 76 58.06 14.63 38.55
N ALA G 77 58.59 15.46 39.47
CA ALA G 77 57.83 16.14 40.51
C ALA G 77 58.20 17.62 40.54
N MET G 78 57.24 18.46 40.90
CA MET G 78 57.47 19.93 41.09
C MET G 78 58.15 20.16 42.44
N LEU G 79 59.14 21.04 42.48
CA LEU G 79 59.68 21.62 43.76
C LEU G 79 58.77 22.76 44.16
N GLY G 80 57.56 22.40 44.63
CA GLY G 80 56.43 23.32 44.84
C GLY G 80 56.54 24.04 46.16
N ALA G 81 56.66 25.36 46.10
CA ALA G 81 56.71 26.30 47.24
C ALA G 81 55.62 27.36 47.04
N PHE G 82 55.84 28.27 46.10
CA PHE G 82 54.88 29.35 45.76
C PHE G 82 53.70 28.76 44.96
N GLY G 83 53.97 27.80 44.07
CA GLY G 83 52.95 27.10 43.27
C GLY G 83 51.90 26.43 44.15
N GLU G 84 52.26 26.06 45.38
CA GLU G 84 51.38 25.34 46.34
C GLU G 84 50.53 26.32 47.16
N VAL G 85 50.77 27.63 47.04
CA VAL G 85 50.06 28.66 47.84
C VAL G 85 48.57 28.66 47.46
N THR G 86 47.70 28.54 48.45
CA THR G 86 46.25 28.84 48.36
C THR G 86 45.89 29.93 49.37
N ALA G 87 44.89 30.77 49.05
CA ALA G 87 44.29 31.74 49.99
C ALA G 87 43.96 31.06 51.32
N HIS G 88 43.34 29.87 51.28
CA HIS G 88 42.88 29.10 52.47
C HIS G 88 44.08 28.70 53.36
N ALA G 89 45.19 28.26 52.76
CA ALA G 89 46.42 27.85 53.49
C ALA G 89 46.98 29.05 54.27
N LEU G 90 47.11 30.21 53.60
CA LEU G 90 47.75 31.44 54.14
C LEU G 90 46.78 32.27 55.01
N ALA G 91 45.63 31.71 55.40
CA ALA G 91 44.63 32.34 56.30
C ALA G 91 44.68 31.69 57.68
N SER G 92 45.36 30.56 57.83
CA SER G 92 45.59 29.86 59.13
C SER G 92 47.07 30.01 59.53
N GLU G 93 47.32 30.11 60.84
CA GLU G 93 48.69 30.18 61.43
C GLU G 93 49.49 28.97 60.94
N HIS G 94 48.92 27.77 61.09
CA HIS G 94 49.55 26.46 60.75
C HIS G 94 49.92 26.42 59.26
N GLY G 95 49.06 26.96 58.40
CA GLY G 95 49.29 27.04 56.94
C GLY G 95 50.43 27.98 56.57
N ARG G 96 50.58 29.12 57.26
CA ARG G 96 51.66 30.11 57.01
C ARG G 96 53.01 29.51 57.42
N LYS G 97 53.05 28.67 58.44
CA LYS G 97 54.26 27.94 58.91
C LYS G 97 54.72 26.95 57.82
N LYS G 98 53.81 26.08 57.38
CA LYS G 98 54.04 25.11 56.27
C LYS G 98 54.63 25.83 55.06
N HIS G 99 54.03 26.96 54.68
CA HIS G 99 54.52 27.75 53.51
C HIS G 99 55.98 28.16 53.77
N ALA G 100 56.28 28.69 54.95
CA ALA G 100 57.62 29.20 55.34
C ALA G 100 58.64 28.06 55.19
N LEU G 101 58.32 26.86 55.69
CA LEU G 101 59.18 25.64 55.58
C LEU G 101 59.45 25.30 54.11
N ALA G 102 58.42 25.37 53.25
CA ALA G 102 58.52 25.09 51.81
C ALA G 102 59.50 26.08 51.16
N VAL G 103 59.46 27.34 51.58
CA VAL G 103 60.39 28.42 51.08
C VAL G 103 61.80 28.08 51.53
N GLN G 104 61.98 27.64 52.78
CA GLN G 104 63.29 27.25 53.36
C GLN G 104 63.82 26.05 52.60
N ALA G 105 62.99 25.04 52.36
CA ALA G 105 63.36 23.80 51.63
C ALA G 105 63.90 24.17 50.23
N GLN G 106 63.28 25.14 49.55
CA GLN G 106 63.66 25.56 48.18
C GLN G 106 65.14 25.94 48.14
N ARG G 107 65.64 26.61 49.16
CA ARG G 107 67.03 27.15 49.22
C ARG G 107 68.04 26.00 49.29
N LEU G 108 67.65 24.84 49.83
CA LEU G 108 68.55 23.67 50.01
C LEU G 108 68.72 22.90 48.69
N TRP G 109 67.83 23.03 47.71
CA TRP G 109 67.73 22.09 46.56
C TRP G 109 68.97 22.17 45.67
N PRO G 110 69.47 23.36 45.27
CA PRO G 110 70.64 23.43 44.39
C PRO G 110 71.86 22.65 44.93
N GLU G 111 72.21 22.80 46.20
CA GLU G 111 73.39 22.12 46.82
C GLU G 111 73.08 20.63 47.06
N TRP G 112 71.82 20.30 47.36
CA TRP G 112 71.35 18.91 47.62
C TRP G 112 71.50 18.08 46.34
N ILE G 113 71.10 18.64 45.20
CA ILE G 113 71.20 18.01 43.85
C ILE G 113 72.68 17.86 43.50
N GLU G 114 73.46 18.92 43.63
CA GLU G 114 74.94 18.93 43.38
C GLU G 114 75.57 17.76 44.15
N SER G 115 75.24 17.59 45.42
CA SER G 115 75.82 16.58 46.33
C SER G 115 75.33 15.17 45.97
N LEU G 116 74.18 15.04 45.31
CA LEU G 116 73.63 13.72 44.90
C LEU G 116 74.16 13.33 43.52
N GLU G 117 74.27 14.29 42.60
CA GLU G 117 74.83 14.08 41.23
C GLU G 117 76.34 13.84 41.31
N ALA G 118 77.01 14.37 42.35
CA ALA G 118 78.48 14.25 42.57
C ALA G 118 78.89 12.77 42.73
N THR G 119 78.01 11.92 43.24
CA THR G 119 78.27 10.47 43.47
C THR G 119 78.03 9.67 42.18
N GLY G 120 77.63 10.31 41.08
CA GLY G 120 77.32 9.65 39.80
C GLY G 120 78.11 10.28 38.66
N THR G 121 77.74 9.96 37.42
CA THR G 121 78.35 10.50 36.17
C THR G 121 77.24 11.03 35.25
N ALA G 122 77.64 11.72 34.16
CA ALA G 122 76.76 12.28 33.12
C ALA G 122 75.66 11.28 32.72
N ALA G 123 76.02 10.00 32.53
CA ALA G 123 75.16 8.95 31.93
C ALA G 123 74.04 8.50 32.87
N ASP G 124 74.10 8.87 34.16
CA ASP G 124 73.04 8.57 35.16
C ASP G 124 71.82 9.49 34.96
N GLY G 125 71.97 10.57 34.18
CA GLY G 125 70.90 11.50 33.85
C GLY G 125 70.88 12.64 34.85
N ARG G 126 70.14 13.70 34.51
CA ARG G 126 70.03 14.93 35.36
C ARG G 126 68.80 14.78 36.26
N ILE G 127 68.96 15.09 37.55
CA ILE G 127 67.83 15.12 38.54
C ILE G 127 66.90 16.27 38.17
N LYS G 128 67.44 17.45 37.89
CA LYS G 128 66.68 18.67 37.55
C LYS G 128 66.18 18.57 36.12
N THR G 129 64.89 18.79 35.88
CA THR G 129 64.26 18.80 34.53
C THR G 129 63.79 20.22 34.13
N ALA G 130 63.66 21.14 35.09
CA ALA G 130 63.37 22.57 34.82
C ALA G 130 63.78 23.43 36.02
N ASP G 131 64.11 24.69 35.74
CA ASP G 131 64.53 25.69 36.77
C ASP G 131 63.34 26.53 37.22
N ASP G 132 62.41 26.76 36.30
CA ASP G 132 61.32 27.75 36.43
C ASP G 132 59.95 27.07 36.25
N THR G 133 58.92 27.73 36.78
CA THR G 133 57.50 27.30 36.73
C THR G 133 56.69 28.45 36.15
N VAL G 134 55.76 28.16 35.25
CA VAL G 134 54.72 29.15 34.85
C VAL G 134 53.38 28.68 35.45
N VAL G 135 52.78 29.54 36.27
CA VAL G 135 51.39 29.33 36.80
C VAL G 135 50.43 29.99 35.81
N LEU G 136 49.46 29.22 35.33
CA LEU G 136 48.46 29.64 34.32
C LEU G 136 47.12 29.87 35.01
N LEU G 137 46.44 30.96 34.67
CA LEU G 137 45.05 31.20 35.12
C LEU G 137 44.15 31.12 33.90
N ASN G 138 43.24 30.14 33.90
CA ASN G 138 42.17 29.94 32.90
C ASN G 138 40.84 29.91 33.65
N THR G 139 39.73 29.78 32.93
CA THR G 139 38.37 29.83 33.51
C THR G 139 37.78 28.43 33.62
N VAL G 140 38.60 27.37 33.56
CA VAL G 140 38.11 25.98 33.68
C VAL G 140 38.19 25.58 35.16
N GLY G 141 37.48 26.31 36.00
CA GLY G 141 37.46 26.09 37.45
C GLY G 141 36.61 27.14 38.16
N HIS G 142 36.55 27.06 39.48
CA HIS G 142 35.76 27.98 40.32
C HIS G 142 36.56 29.27 40.48
N SER G 143 35.94 30.43 40.28
CA SER G 143 36.53 31.76 40.60
C SER G 143 36.93 31.81 42.08
N ALA G 144 36.15 31.19 42.96
CA ALA G 144 36.34 31.22 44.43
C ALA G 144 37.62 30.47 44.83
N LEU G 145 38.13 29.56 44.01
CA LEU G 145 39.45 28.91 44.23
C LEU G 145 40.50 29.59 43.34
N ASP G 146 40.35 29.52 42.02
CA ASP G 146 41.43 29.87 41.06
C ASP G 146 41.76 31.37 41.13
N ASP G 147 40.76 32.26 41.19
CA ASP G 147 41.02 33.73 41.23
C ASP G 147 41.68 34.08 42.57
N ALA G 148 41.14 33.56 43.68
CA ALA G 148 41.65 33.82 45.04
C ALA G 148 43.08 33.29 45.17
N ASN G 149 43.36 32.10 44.61
CA ASN G 149 44.66 31.40 44.77
C ASN G 149 45.71 32.08 43.90
N PHE G 150 45.34 32.59 42.72
CA PHE G 150 46.30 33.31 41.85
C PHE G 150 46.79 34.58 42.57
N ALA G 151 45.86 35.31 43.18
CA ALA G 151 46.13 36.55 43.95
C ALA G 151 47.03 36.22 45.15
N ALA G 152 46.74 35.13 45.86
CA ALA G 152 47.50 34.65 47.04
C ALA G 152 48.93 34.27 46.65
N VAL G 153 49.12 33.66 45.48
CA VAL G 153 50.47 33.25 44.97
C VAL G 153 51.28 34.53 44.70
N LEU G 154 50.68 35.46 43.98
CA LEU G 154 51.27 36.78 43.61
C LEU G 154 51.71 37.49 44.90
N THR G 155 50.84 37.50 45.90
CA THR G 155 51.07 38.16 47.22
C THR G 155 52.26 37.47 47.91
N ALA G 156 52.23 36.15 48.04
CA ALA G 156 53.24 35.34 48.78
C ALA G 156 54.62 35.51 48.15
N LEU G 157 54.68 35.62 46.82
CA LEU G 157 55.93 35.87 46.05
C LEU G 157 56.50 37.24 46.42
N LYS G 158 55.64 38.26 46.45
CA LYS G 158 55.99 39.66 46.79
C LYS G 158 56.55 39.70 48.23
N GLU G 159 55.81 39.13 49.19
CA GLU G 159 56.18 39.06 50.63
C GLU G 159 57.57 38.46 50.81
N ALA G 160 57.87 37.37 50.12
CA ALA G 160 59.13 36.59 50.28
C ALA G 160 60.25 37.18 49.40
N ASN G 161 59.99 38.26 48.65
CA ASN G 161 60.98 38.91 47.75
C ASN G 161 61.53 37.87 46.76
N ALA G 162 60.70 36.93 46.32
CA ALA G 162 61.07 35.88 45.36
C ALA G 162 61.07 36.47 43.95
N PRO G 163 62.04 36.11 43.08
CA PRO G 163 62.07 36.60 41.71
C PRO G 163 60.96 35.95 40.88
N HIS G 164 60.16 36.76 40.20
CA HIS G 164 58.95 36.36 39.44
C HIS G 164 58.50 37.54 38.60
N GLU G 165 57.70 37.31 37.56
CA GLU G 165 56.91 38.40 36.93
C GLU G 165 55.67 37.83 36.27
N GLU G 166 54.59 38.62 36.29
CA GLU G 166 53.39 38.36 35.45
C GLU G 166 53.80 38.61 34.01
N ILE G 167 53.62 37.63 33.14
CA ILE G 167 54.05 37.69 31.72
C ILE G 167 52.83 37.61 30.83
N ALA G 168 52.97 38.06 29.58
CA ALA G 168 51.94 37.91 28.53
C ALA G 168 51.77 36.41 28.28
N VAL G 169 50.55 35.95 28.12
CA VAL G 169 50.26 34.51 27.85
C VAL G 169 50.89 34.12 26.51
N GLU G 170 50.95 35.05 25.55
CA GLU G 170 51.54 34.83 24.19
C GLU G 170 53.05 34.54 24.31
N SER G 171 53.69 34.92 25.43
CA SER G 171 55.13 34.70 25.66
C SER G 171 55.39 33.36 26.37
N VAL G 172 54.36 32.63 26.81
CA VAL G 172 54.55 31.27 27.41
C VAL G 172 54.87 30.32 26.27
N ASP G 173 56.02 29.63 26.35
CA ASP G 173 56.52 28.79 25.24
C ASP G 173 55.79 27.44 25.28
N TRP G 174 55.53 26.91 24.09
CA TRP G 174 55.16 25.49 23.83
C TRP G 174 53.64 25.31 23.88
N ILE G 175 52.95 25.87 24.88
CA ILE G 175 51.50 25.58 25.14
C ILE G 175 50.70 25.83 23.86
N ASP G 176 49.69 25.00 23.63
CA ASP G 176 48.75 25.14 22.49
C ASP G 176 47.36 24.75 22.98
N PRO G 177 46.77 25.54 23.90
CA PRO G 177 45.48 25.20 24.48
C PRO G 177 44.33 25.38 23.49
N ASP G 178 43.24 24.65 23.71
CA ASP G 178 41.90 24.96 23.15
C ASP G 178 41.58 26.41 23.53
N PRO G 179 41.28 27.31 22.57
CA PRO G 179 40.94 28.69 22.89
C PRO G 179 39.91 28.86 24.02
N ASN G 180 38.91 27.97 24.12
CA ASN G 180 37.86 28.06 25.16
C ASN G 180 38.40 27.62 26.53
N SER G 181 39.60 27.04 26.59
CA SER G 181 40.25 26.56 27.84
C SER G 181 41.56 27.31 28.11
N ARG G 182 41.84 28.36 27.35
CA ARG G 182 43.17 29.00 27.32
C ARG G 182 43.37 29.86 28.56
N PRO G 183 44.63 30.11 28.97
CA PRO G 183 44.90 31.04 30.06
C PRO G 183 44.84 32.48 29.52
N LEU G 184 44.44 33.42 30.38
CA LEU G 184 44.42 34.87 30.06
C LEU G 184 45.44 35.61 30.93
N ARG G 185 45.97 34.96 31.96
CA ARG G 185 47.08 35.49 32.80
C ARG G 185 48.08 34.36 33.07
N ALA G 186 49.35 34.73 33.19
CA ALA G 186 50.47 33.78 33.39
C ALA G 186 51.51 34.42 34.29
N LEU G 187 52.10 33.61 35.15
CA LEU G 187 53.03 33.99 36.24
C LEU G 187 54.28 33.12 36.13
N HIS G 188 55.41 33.74 35.75
CA HIS G 188 56.75 33.11 35.67
C HIS G 188 57.40 33.18 37.05
N ILE G 189 57.64 32.03 37.68
CA ILE G 189 58.36 31.93 38.98
C ILE G 189 59.77 31.38 38.72
N GLU G 190 60.79 32.17 39.06
CA GLU G 190 62.21 31.88 38.78
C GLU G 190 62.77 31.04 39.93
N GLY G 191 63.47 29.95 39.62
CA GLY G 191 64.11 29.08 40.63
C GLY G 191 63.12 28.17 41.35
N GLU G 192 61.90 28.06 40.83
CA GLU G 192 60.89 27.05 41.25
C GLU G 192 60.76 26.08 40.09
N GLY G 193 61.28 24.86 40.25
CA GLY G 193 61.50 23.93 39.14
C GLY G 193 60.92 22.56 39.42
N SER G 194 61.51 21.57 38.77
CA SER G 194 61.08 20.16 38.84
C SER G 194 62.30 19.24 38.81
N VAL G 195 62.09 18.03 39.33
CA VAL G 195 63.05 16.92 39.30
C VAL G 195 62.35 15.73 38.64
N ASP G 196 63.12 14.87 37.96
CA ASP G 196 62.69 13.51 37.57
C ASP G 196 62.73 12.66 38.84
N SER G 197 61.57 12.27 39.38
CA SER G 197 61.47 11.55 40.68
C SER G 197 62.21 10.19 40.59
N GLY G 198 62.25 9.58 39.40
CA GLY G 198 62.91 8.28 39.18
C GLY G 198 64.43 8.40 39.26
N ILE G 199 64.99 9.42 38.59
CA ILE G 199 66.44 9.73 38.62
C ILE G 199 66.82 10.19 40.04
N LEU G 200 65.94 10.92 40.73
CA LEU G 200 66.16 11.37 42.14
C LEU G 200 66.31 10.12 43.03
N LEU G 201 65.39 9.16 42.91
CA LEU G 201 65.40 7.92 43.74
C LEU G 201 66.70 7.15 43.47
N ALA G 202 67.10 6.99 42.21
CA ALA G 202 68.33 6.29 41.80
C ALA G 202 69.55 6.98 42.40
N ALA G 203 69.57 8.32 42.38
CA ALA G 203 70.68 9.17 42.88
C ALA G 203 70.75 9.08 44.41
N LEU G 204 69.59 8.97 45.08
CA LEU G 204 69.53 8.84 46.56
C LEU G 204 70.07 7.46 46.95
N GLU G 205 69.63 6.40 46.27
CA GLU G 205 70.10 5.00 46.50
C GLU G 205 71.62 4.95 46.32
N ARG G 206 72.11 5.46 45.19
CA ARG G 206 73.55 5.53 44.84
C ARG G 206 74.30 6.29 45.95
N SER G 207 73.79 7.45 46.37
CA SER G 207 74.45 8.33 47.36
C SER G 207 74.44 7.66 48.75
N PHE G 208 73.41 6.88 49.05
CA PHE G 208 73.25 6.15 50.33
C PHE G 208 74.36 5.08 50.42
N LEU G 209 74.51 4.27 49.38
CA LEU G 209 75.53 3.19 49.29
C LEU G 209 76.93 3.81 49.37
N GLN G 210 77.18 4.91 48.65
CA GLN G 210 78.48 5.64 48.62
C GLN G 210 78.88 6.06 50.03
N ALA G 211 77.91 6.41 50.88
CA ALA G 211 78.15 6.93 52.25
C ALA G 211 78.14 5.79 53.27
N GLY G 212 78.05 4.52 52.82
CA GLY G 212 78.19 3.34 53.67
C GLY G 212 76.87 2.76 54.13
N GLY G 213 75.73 3.27 53.65
CA GLY G 213 74.40 2.75 54.00
C GLY G 213 74.22 1.34 53.45
N ARG G 214 73.40 0.51 54.10
CA ARG G 214 73.11 -0.86 53.62
C ARG G 214 71.59 -0.93 53.36
N LEU G 215 71.23 -1.36 52.14
CA LEU G 215 69.83 -1.56 51.67
C LEU G 215 69.44 -3.01 51.92
N HIS G 216 68.43 -3.24 52.77
CA HIS G 216 67.83 -4.58 53.03
C HIS G 216 66.43 -4.60 52.44
N PRO G 217 66.22 -5.25 51.26
CA PRO G 217 64.96 -5.13 50.52
C PRO G 217 63.83 -6.01 51.11
N VAL G 218 63.44 -5.72 52.35
CA VAL G 218 62.28 -6.34 53.04
C VAL G 218 61.49 -5.22 53.73
N ASP G 219 60.27 -5.52 54.17
CA ASP G 219 59.36 -4.57 54.85
C ASP G 219 59.41 -4.84 56.36
N ALA G 220 59.37 -3.79 57.18
CA ALA G 220 59.14 -3.88 58.63
C ALA G 220 57.69 -4.34 58.85
N THR G 221 57.49 -5.30 59.75
CA THR G 221 56.16 -5.81 60.20
C THR G 221 55.79 -5.19 61.55
N GLU G 222 56.78 -4.86 62.39
CA GLU G 222 56.56 -4.48 63.80
C GLU G 222 57.81 -3.76 64.34
N ILE G 223 57.61 -2.66 65.05
CA ILE G 223 58.68 -1.98 65.85
C ILE G 223 58.61 -2.56 67.27
N ARG G 224 59.73 -3.04 67.78
CA ARG G 224 59.82 -3.57 69.18
C ARG G 224 60.44 -2.50 70.08
N ALA G 225 59.75 -2.22 71.18
CA ALA G 225 60.20 -1.33 72.27
C ALA G 225 59.82 -1.97 73.62
N SER G 226 60.65 -1.74 74.64
CA SER G 226 60.37 -2.12 76.04
C SER G 226 60.98 -1.07 76.96
N HIS G 227 60.36 -0.83 78.11
CA HIS G 227 60.77 0.21 79.11
C HIS G 227 61.05 1.51 78.37
N GLY G 228 60.14 1.89 77.46
CA GLY G 228 60.11 3.18 76.73
C GLY G 228 61.35 3.44 75.88
N ARG G 229 61.92 2.41 75.27
CA ARG G 229 63.13 2.52 74.39
C ARG G 229 62.98 1.56 73.20
N VAL G 230 63.46 1.95 72.02
CA VAL G 230 63.43 1.10 70.79
C VAL G 230 64.50 0.02 70.91
N GLU G 231 64.15 -1.22 70.61
CA GLU G 231 65.06 -2.40 70.53
C GLU G 231 65.42 -2.66 69.06
N GLY G 232 64.44 -2.56 68.16
CA GLY G 232 64.65 -2.73 66.71
C GLY G 232 63.36 -3.04 65.97
N VAL G 233 63.46 -3.87 64.91
CA VAL G 233 62.41 -4.04 63.88
C VAL G 233 62.32 -5.53 63.47
N VAL G 234 61.14 -6.12 63.60
CA VAL G 234 60.78 -7.43 62.98
C VAL G 234 60.41 -7.18 61.53
N THR G 235 61.03 -7.91 60.59
CA THR G 235 60.82 -7.79 59.12
C THR G 235 59.87 -8.90 58.64
N ASP G 236 59.32 -8.78 57.43
CA ASP G 236 58.23 -9.64 56.90
C ASP G 236 58.79 -11.00 56.44
N ASP G 237 60.10 -11.21 56.52
CA ASP G 237 60.75 -12.52 56.25
C ASP G 237 60.93 -13.31 57.56
N GLY G 238 60.51 -12.75 58.71
CA GLY G 238 60.54 -13.41 60.03
C GLY G 238 61.73 -12.98 60.88
N ASP G 239 62.75 -12.35 60.28
CA ASP G 239 64.02 -11.96 60.95
C ASP G 239 63.75 -10.82 61.95
N PHE G 240 64.72 -10.54 62.84
CA PHE G 240 64.70 -9.38 63.78
C PHE G 240 66.01 -8.60 63.64
N LEU G 241 65.93 -7.28 63.43
CA LEU G 241 67.09 -6.36 63.28
C LEU G 241 67.15 -5.44 64.51
N PRO G 242 68.24 -5.48 65.30
CA PRO G 242 68.36 -4.64 66.48
C PRO G 242 68.86 -3.24 66.13
N ALA G 243 68.45 -2.22 66.90
CA ALA G 243 68.86 -0.81 66.68
C ALA G 243 68.52 0.04 67.89
N GLY G 244 69.30 1.11 68.12
CA GLY G 244 69.04 2.15 69.13
C GLY G 244 68.31 3.34 68.52
N HIS G 245 68.14 3.38 67.20
CA HIS G 245 67.37 4.42 66.47
C HIS G 245 66.55 3.75 65.34
N VAL G 246 65.24 4.02 65.31
CA VAL G 246 64.31 3.62 64.22
C VAL G 246 63.59 4.88 63.72
N VAL G 247 63.80 5.22 62.44
CA VAL G 247 63.14 6.35 61.74
C VAL G 247 62.06 5.77 60.82
N VAL G 248 60.78 6.05 61.11
CA VAL G 248 59.63 5.56 60.30
C VAL G 248 59.33 6.62 59.23
N ALA G 249 59.56 6.25 57.96
CA ALA G 249 59.19 7.04 56.76
C ALA G 249 58.57 6.09 55.74
N ALA G 250 57.51 5.40 56.17
CA ALA G 250 56.81 4.32 55.42
C ALA G 250 55.59 4.91 54.68
N GLY G 251 55.65 6.18 54.31
CA GLY G 251 54.52 6.89 53.68
C GLY G 251 53.24 6.67 54.44
N ALA G 252 52.16 6.34 53.72
CA ALA G 252 50.79 6.25 54.26
C ALA G 252 50.67 5.13 55.30
N ARG G 253 51.69 4.25 55.43
CA ARG G 253 51.65 3.09 56.38
C ARG G 253 52.31 3.48 57.72
N SER G 254 52.91 4.67 57.81
CA SER G 254 53.79 5.12 58.94
C SER G 254 53.04 5.08 60.29
N GLN G 255 51.83 5.63 60.38
CA GLN G 255 51.06 5.69 61.67
C GLN G 255 50.59 4.29 62.06
N ARG G 256 50.07 3.52 61.11
CA ARG G 256 49.56 2.14 61.36
C ARG G 256 50.68 1.31 62.01
N LEU G 257 51.94 1.59 61.65
CA LEU G 257 53.13 0.83 62.12
C LEU G 257 53.47 1.23 63.57
N VAL G 258 53.42 2.52 63.90
CA VAL G 258 53.79 3.08 65.24
C VAL G 258 52.64 2.91 66.24
N ALA G 259 51.39 2.84 65.78
CA ALA G 259 50.16 2.86 66.61
C ALA G 259 49.99 1.55 67.40
N ALA G 260 50.66 0.47 67.00
CA ALA G 260 50.62 -0.86 67.66
C ALA G 260 51.33 -0.81 69.02
N LEU G 261 52.25 0.14 69.21
CA LEU G 261 52.99 0.37 70.49
C LEU G 261 52.02 0.90 71.56
N PRO G 262 52.30 0.68 72.86
CA PRO G 262 51.35 1.03 73.93
C PRO G 262 50.98 2.51 74.00
N GLY G 263 49.68 2.82 74.02
CA GLY G 263 49.13 4.18 74.18
C GLY G 263 49.05 4.95 72.87
N LEU G 264 49.95 4.66 71.93
CA LEU G 264 50.27 5.50 70.74
C LEU G 264 49.13 5.49 69.71
N ALA G 265 48.16 4.56 69.81
CA ALA G 265 47.02 4.45 68.89
C ALA G 265 46.25 5.77 68.84
N HIS G 266 46.19 6.51 69.96
CA HIS G 266 45.41 7.77 70.07
C HIS G 266 46.32 8.97 70.34
N ARG G 267 47.64 8.80 70.15
CA ARG G 267 48.66 9.87 70.41
C ARG G 267 49.38 10.24 69.10
N ILE G 268 49.45 9.34 68.13
CA ILE G 268 49.95 9.61 66.75
C ILE G 268 48.74 9.83 65.83
N PRO G 269 48.55 11.03 65.25
CA PRO G 269 47.43 11.26 64.32
C PRO G 269 47.44 10.27 63.15
N ARG G 270 46.27 9.72 62.84
CA ARG G 270 46.07 8.80 61.68
C ARG G 270 46.54 9.46 60.39
N ILE G 271 47.09 8.63 59.50
CA ILE G 271 47.46 8.98 58.10
C ILE G 271 46.63 8.09 57.17
N TYR G 272 45.92 8.70 56.23
CA TYR G 272 45.13 8.00 55.18
C TYR G 272 45.88 8.09 53.85
N ASP G 273 45.33 7.48 52.79
CA ASP G 273 45.92 7.45 51.42
C ASP G 273 45.31 8.54 50.55
N GLY G 274 46.09 9.58 50.24
CA GLY G 274 45.75 10.60 49.22
C GLY G 274 46.10 10.09 47.83
N VAL G 275 45.24 9.22 47.28
CA VAL G 275 45.53 8.44 46.04
C VAL G 275 45.63 9.42 44.86
N GLY G 276 46.76 9.38 44.16
CA GLY G 276 47.11 10.32 43.09
C GLY G 276 47.36 9.60 41.80
N VAL G 277 46.80 10.13 40.72
CA VAL G 277 46.97 9.56 39.36
C VAL G 277 47.72 10.59 38.53
N SER G 278 48.74 10.10 37.82
CA SER G 278 49.55 10.89 36.87
C SER G 278 49.80 9.99 35.66
N ALA G 279 50.41 10.54 34.62
CA ALA G 279 50.65 9.81 33.36
C ALA G 279 51.95 10.28 32.72
N LEU G 280 52.62 9.34 32.05
CA LEU G 280 53.78 9.65 31.18
C LEU G 280 53.27 9.52 29.75
N VAL G 281 53.52 10.56 28.96
CA VAL G 281 53.08 10.69 27.56
C VAL G 281 54.32 10.95 26.70
N ASP G 282 54.49 10.18 25.62
CA ASP G 282 55.45 10.49 24.54
C ASP G 282 54.77 11.49 23.61
N THR G 283 55.30 12.71 23.53
CA THR G 283 54.68 13.81 22.76
C THR G 283 54.79 13.49 21.27
N TRP G 284 53.78 13.88 20.49
CA TRP G 284 53.64 13.68 19.03
C TRP G 284 54.96 13.97 18.30
N ASP G 285 55.74 14.98 18.71
CA ASP G 285 56.95 15.46 17.97
C ASP G 285 58.21 15.38 18.86
N GLY G 286 58.15 14.73 20.02
CA GLY G 286 59.29 14.62 20.94
C GLY G 286 59.56 15.89 21.74
N SER G 287 58.81 16.98 21.54
CA SER G 287 59.03 18.29 22.22
C SER G 287 58.46 18.26 23.63
N GLY G 288 58.86 19.25 24.43
CA GLY G 288 58.37 19.48 25.80
C GLY G 288 58.58 20.95 26.17
N PRO G 289 57.90 21.48 27.21
CA PRO G 289 58.09 22.86 27.61
C PRO G 289 59.41 23.00 28.39
N ALA G 290 59.96 24.21 28.39
CA ALA G 290 61.22 24.56 29.07
C ALA G 290 60.97 24.71 30.57
N THR G 291 59.74 25.04 30.97
CA THR G 291 59.35 25.25 32.38
C THR G 291 58.32 24.22 32.80
N VAL G 292 58.14 24.04 34.10
CA VAL G 292 56.90 23.46 34.68
C VAL G 292 55.74 24.35 34.20
N LEU G 293 54.62 23.73 33.87
CA LEU G 293 53.32 24.41 33.60
C LEU G 293 52.33 23.90 34.63
N ARG G 294 51.64 24.79 35.33
CA ARG G 294 50.68 24.37 36.37
C ARG G 294 49.60 25.42 36.57
N THR G 295 48.48 24.97 37.13
CA THR G 295 47.46 25.83 37.76
C THR G 295 47.78 25.86 39.26
N SER G 296 47.12 26.74 40.01
CA SER G 296 47.07 26.67 41.49
C SER G 296 46.34 25.39 41.88
N ASN G 297 46.43 24.98 43.15
CA ASN G 297 45.72 23.81 43.69
C ASN G 297 44.22 24.01 43.50
N ARG G 298 43.52 22.92 43.15
CA ARG G 298 42.09 22.95 42.75
C ARG G 298 41.29 22.06 43.70
N ALA G 299 40.04 21.75 43.33
CA ALA G 299 39.06 21.06 44.21
C ALA G 299 39.73 19.89 44.93
N PHE G 300 39.73 19.91 46.26
CA PHE G 300 40.16 18.78 47.13
C PHE G 300 41.62 18.43 46.83
N ALA G 301 42.46 19.45 46.61
CA ALA G 301 43.93 19.35 46.50
C ALA G 301 44.34 18.59 45.23
N CYS G 302 43.43 18.46 44.27
N CYS G 302 43.43 18.44 44.27
CA CYS G 302 43.77 18.10 42.87
CA CYS G 302 43.76 18.08 42.86
C CYS G 302 44.47 19.30 42.25
C CYS G 302 44.47 19.30 42.25
N GLY G 303 44.96 19.16 41.02
CA GLY G 303 45.63 20.25 40.29
C GLY G 303 46.09 19.77 38.94
N LEU G 304 46.24 20.69 37.98
CA LEU G 304 46.80 20.36 36.66
C LEU G 304 48.25 20.85 36.59
N HIS G 305 49.16 19.98 36.17
CA HIS G 305 50.56 20.37 35.87
C HIS G 305 51.17 19.41 34.84
N LEU G 306 52.13 19.94 34.11
CA LEU G 306 53.02 19.22 33.19
C LEU G 306 54.46 19.49 33.65
N VAL G 307 55.19 18.42 33.98
CA VAL G 307 56.62 18.47 34.39
C VAL G 307 57.45 17.96 33.22
N PRO G 308 58.40 18.74 32.69
CA PRO G 308 59.27 18.27 31.61
C PRO G 308 60.06 17.01 32.03
N ARG G 309 60.30 16.11 31.07
CA ARG G 309 61.18 14.92 31.20
C ARG G 309 62.11 14.87 29.98
N ALA G 310 63.23 14.15 30.10
CA ALA G 310 64.18 13.88 28.98
C ALA G 310 63.58 12.83 28.04
N GLY G 311 64.01 12.84 26.77
CA GLY G 311 63.77 11.76 25.80
C GLY G 311 62.36 11.77 25.21
N GLY G 312 61.78 12.95 25.00
CA GLY G 312 60.49 13.11 24.28
C GLY G 312 59.28 12.68 25.08
N SER G 313 59.42 12.57 26.40
CA SER G 313 58.34 12.24 27.35
C SER G 313 57.94 13.52 28.13
N VAL G 314 56.68 13.62 28.54
CA VAL G 314 56.23 14.61 29.55
C VAL G 314 55.47 13.87 30.64
N TYR G 315 55.52 14.41 31.86
CA TYR G 315 54.69 13.99 33.00
C TYR G 315 53.48 14.94 33.07
N ILE G 316 52.29 14.37 33.19
CA ILE G 316 51.06 15.14 33.47
C ILE G 316 50.46 14.58 34.75
N GLY G 317 49.99 15.48 35.60
CA GLY G 317 49.27 15.12 36.83
C GLY G 317 48.42 16.30 37.25
N ALA G 318 47.74 16.18 38.39
CA ALA G 318 47.67 14.95 39.17
C ALA G 318 46.35 14.98 39.93
N THR G 319 45.64 13.86 39.97
CA THR G 319 44.37 13.76 40.72
C THR G 319 44.71 13.54 42.19
N ASN G 320 43.73 13.68 43.06
CA ASN G 320 43.87 13.46 44.52
C ASN G 320 42.51 13.10 45.07
N ALA G 321 42.43 11.96 45.73
CA ALA G 321 41.23 11.52 46.48
C ALA G 321 41.72 10.86 47.76
N VAL G 322 41.29 11.37 48.91
CA VAL G 322 41.55 10.71 50.22
C VAL G 322 40.65 9.48 50.26
N CYS G 323 41.27 8.31 50.43
CA CYS G 323 40.59 6.99 50.53
C CYS G 323 40.90 6.41 51.91
N LEU G 324 39.87 5.86 52.57
CA LEU G 324 39.94 5.36 53.96
C LEU G 324 40.68 4.03 53.98
N GLU G 325 40.61 3.28 52.87
CA GLU G 325 41.47 2.10 52.59
C GLU G 325 42.40 2.43 51.43
N PRO G 326 43.60 1.81 51.34
CA PRO G 326 44.49 2.04 50.19
C PRO G 326 43.91 1.45 48.89
N ARG G 327 44.28 2.07 47.76
CA ARG G 327 43.85 1.69 46.39
C ARG G 327 45.08 1.83 45.49
N GLY G 328 45.37 0.79 44.70
CA GLY G 328 46.62 0.70 43.91
C GLY G 328 46.40 0.99 42.44
N ALA G 329 45.17 1.33 42.03
CA ALA G 329 44.79 1.51 40.62
C ALA G 329 44.00 2.81 40.42
N ALA G 330 44.25 3.51 39.32
CA ALA G 330 43.49 4.70 38.87
C ALA G 330 42.06 4.24 38.55
N SER G 331 41.07 5.08 38.82
CA SER G 331 39.70 4.92 38.29
C SER G 331 39.64 5.44 36.86
N ILE G 332 38.60 5.04 36.12
CA ILE G 332 38.28 5.60 34.77
C ILE G 332 38.17 7.13 34.90
N ALA G 333 37.38 7.60 35.87
CA ALA G 333 37.06 9.04 36.06
C ALA G 333 38.35 9.85 36.22
N GLU G 334 39.30 9.36 37.02
CA GLU G 334 40.58 10.04 37.31
C GLU G 334 41.38 10.17 36.02
N THR G 335 41.49 9.09 35.27
CA THR G 335 42.24 9.04 33.98
C THR G 335 41.64 10.05 33.00
N VAL G 336 40.32 10.03 32.81
CA VAL G 336 39.61 10.88 31.80
C VAL G 336 39.80 12.34 32.20
N PHE G 337 39.64 12.66 33.49
CA PHE G 337 39.71 14.04 33.99
C PHE G 337 41.15 14.56 33.76
N LEU G 338 42.16 13.80 34.17
CA LEU G 338 43.58 14.21 33.98
C LEU G 338 43.85 14.49 32.48
N PHE G 339 43.45 13.57 31.60
CA PHE G 339 43.74 13.65 30.15
C PHE G 339 42.96 14.82 29.53
N ASN G 340 41.70 14.99 29.91
CA ASN G 340 40.83 16.07 29.35
C ASN G 340 41.41 17.43 29.70
N CYS G 341 41.86 17.62 30.94
CA CYS G 341 42.41 18.92 31.41
C CYS G 341 43.72 19.23 30.66
N ALA G 342 44.61 18.24 30.53
CA ALA G 342 45.94 18.41 29.90
C ALA G 342 45.78 18.78 28.42
N THR G 343 44.91 18.07 27.69
CA THR G 343 44.75 18.27 26.22
C THR G 343 44.12 19.63 25.94
N HIS G 344 43.18 20.11 26.77
CA HIS G 344 42.45 21.38 26.54
C HIS G 344 43.23 22.57 27.11
N GLN G 345 43.75 22.45 28.33
CA GLN G 345 44.29 23.61 29.09
C GLN G 345 45.79 23.81 28.81
N LEU G 346 46.53 22.78 28.38
CA LEU G 346 48.00 22.85 28.17
C LEU G 346 48.37 22.72 26.69
N HIS G 347 48.11 21.58 26.05
CA HIS G 347 48.52 21.33 24.65
C HIS G 347 47.61 20.31 23.97
N ARG G 348 46.92 20.76 22.91
CA ARG G 348 46.02 19.91 22.08
C ARG G 348 46.81 18.79 21.40
N GLY G 349 48.11 18.98 21.16
CA GLY G 349 49.01 17.94 20.63
C GLY G 349 49.07 16.69 21.51
N LEU G 350 48.76 16.80 22.80
CA LEU G 350 48.76 15.63 23.72
C LEU G 350 47.62 14.68 23.34
N ASN G 351 46.61 15.18 22.64
CA ASN G 351 45.41 14.37 22.27
C ASN G 351 45.84 13.19 21.37
N GLY G 352 46.69 13.46 20.38
CA GLY G 352 47.21 12.45 19.44
C GLY G 352 48.52 11.84 19.88
N SER G 353 49.00 12.18 21.08
CA SER G 353 50.27 11.67 21.65
C SER G 353 50.02 10.29 22.31
N GLU G 354 51.07 9.50 22.42
CA GLU G 354 50.99 8.11 22.94
C GLU G 354 51.07 8.09 24.46
N LEU G 355 50.13 7.40 25.09
CA LEU G 355 50.14 7.09 26.54
C LEU G 355 51.19 6.01 26.80
N ARG G 356 52.26 6.35 27.51
CA ARG G 356 53.33 5.42 27.97
C ARG G 356 52.85 4.66 29.22
N LYS G 357 52.33 5.37 30.21
CA LYS G 357 52.07 4.79 31.56
C LYS G 357 51.08 5.66 32.34
N VAL G 358 50.12 5.01 32.99
CA VAL G 358 49.27 5.60 34.04
C VAL G 358 49.89 5.22 35.38
N GLN G 359 50.23 6.21 36.21
CA GLN G 359 50.94 6.01 37.51
C GLN G 359 49.97 6.28 38.65
N VAL G 360 50.05 5.48 39.71
CA VAL G 360 49.23 5.63 40.95
C VAL G 360 50.17 5.56 42.15
N GLY G 361 50.06 6.56 43.03
CA GLY G 361 50.77 6.63 44.33
C GLY G 361 49.86 7.19 45.40
N SER G 362 50.19 6.94 46.67
CA SER G 362 49.41 7.39 47.84
C SER G 362 50.16 8.53 48.52
N ARG G 363 49.66 9.75 48.36
CA ARG G 363 50.05 10.90 49.23
C ARG G 363 49.66 10.53 50.65
N PRO G 364 50.60 10.47 51.62
CA PRO G 364 50.24 10.28 53.04
C PRO G 364 49.43 11.49 53.52
N ALA G 365 48.13 11.28 53.79
CA ALA G 365 47.15 12.33 54.11
C ALA G 365 46.85 12.32 55.61
N PRO G 366 47.47 13.20 56.41
CA PRO G 366 47.26 13.21 57.86
C PRO G 366 45.84 13.71 58.21
N ILE G 367 45.20 13.10 59.20
CA ILE G 367 43.77 13.38 59.53
C ILE G 367 43.58 14.84 59.97
N ASP G 368 44.61 15.51 60.49
CA ASP G 368 44.50 16.92 60.97
C ASP G 368 45.18 17.88 59.99
N GLY G 369 45.66 17.38 58.84
CA GLY G 369 46.07 18.20 57.69
C GLY G 369 47.51 18.67 57.79
N PHE G 370 48.30 18.17 58.75
CA PHE G 370 49.70 18.62 58.93
C PHE G 370 50.63 17.44 59.13
N PRO G 371 51.92 17.60 58.73
CA PRO G 371 52.87 16.50 58.74
C PRO G 371 53.16 15.99 60.17
N LEU G 372 53.75 14.80 60.23
CA LEU G 372 54.23 14.13 61.46
C LEU G 372 55.76 14.00 61.33
N ILE G 373 56.49 14.95 61.91
CA ILE G 373 57.97 15.06 61.78
C ILE G 373 58.58 15.19 63.17
N GLY G 374 59.42 14.22 63.55
CA GLY G 374 60.33 14.37 64.69
C GLY G 374 60.22 13.25 65.69
N GLY G 375 60.40 13.61 66.96
CA GLY G 375 60.58 12.68 68.09
C GLY G 375 59.28 12.18 68.63
N THR G 376 59.37 11.13 69.44
CA THR G 376 58.26 10.34 70.02
C THR G 376 58.51 10.27 71.54
N SER G 377 57.54 9.79 72.33
CA SER G 377 57.69 9.56 73.79
C SER G 377 58.58 8.34 74.03
N VAL G 378 58.73 7.47 73.03
CA VAL G 378 59.68 6.32 73.00
C VAL G 378 61.06 6.81 72.52
N GLU G 379 62.09 6.60 73.33
CA GLU G 379 63.48 7.04 73.04
C GLU G 379 63.98 6.26 71.82
N GLY G 380 64.58 6.96 70.86
CA GLY G 380 65.12 6.36 69.62
C GLY G 380 64.07 6.21 68.51
N LEU G 381 62.78 6.46 68.79
CA LEU G 381 61.70 6.33 67.78
C LEU G 381 61.41 7.69 67.15
N TRP G 382 61.69 7.82 65.85
CA TRP G 382 61.45 9.03 65.06
C TRP G 382 60.44 8.72 63.95
N MET G 383 59.73 9.74 63.49
CA MET G 383 58.70 9.61 62.45
C MET G 383 58.89 10.75 61.44
N LEU G 384 58.75 10.42 60.15
CA LEU G 384 58.88 11.38 59.04
C LEU G 384 57.82 11.04 58.00
N SER G 385 56.62 11.64 58.10
CA SER G 385 55.45 11.21 57.30
C SER G 385 54.34 12.28 57.29
N GLY G 386 53.24 11.97 56.60
CA GLY G 386 52.02 12.80 56.53
C GLY G 386 52.28 14.09 55.76
N THR G 387 53.13 14.03 54.74
CA THR G 387 53.58 15.23 53.97
C THR G 387 52.63 15.52 52.80
N TYR G 388 51.65 14.67 52.52
CA TYR G 388 50.57 14.91 51.53
C TYR G 388 51.19 15.30 50.17
N ARG G 389 51.11 16.57 49.77
CA ARG G 389 51.44 17.03 48.40
C ARG G 389 52.91 17.42 48.24
N ASP G 390 53.69 17.56 49.33
CA ASP G 390 54.99 18.28 49.22
C ASP G 390 56.07 17.68 50.15
N GLY G 391 55.98 16.40 50.48
CA GLY G 391 57.07 15.66 51.18
C GLY G 391 58.35 15.67 50.37
N LEU G 392 58.22 15.42 49.07
CA LEU G 392 59.37 15.33 48.13
C LEU G 392 60.09 16.67 48.13
N HIS G 393 59.35 17.77 48.00
CA HIS G 393 59.94 19.12 47.96
C HIS G 393 60.65 19.41 49.28
N MET G 394 60.06 19.03 50.40
CA MET G 394 60.57 19.38 51.74
C MET G 394 61.62 18.38 52.22
N SER G 395 61.87 17.30 51.46
CA SER G 395 62.72 16.15 51.88
C SER G 395 64.08 16.62 52.43
N PRO G 396 64.88 17.45 51.72
CA PRO G 396 66.20 17.85 52.23
C PRO G 396 66.10 18.53 53.61
N LEU G 397 65.13 19.43 53.77
CA LEU G 397 64.90 20.17 55.03
C LEU G 397 64.44 19.20 56.12
N LEU G 398 63.50 18.30 55.83
CA LEU G 398 62.93 17.37 56.84
C LEU G 398 64.01 16.39 57.32
N ALA G 399 64.86 15.95 56.41
CA ALA G 399 65.98 15.03 56.68
C ALA G 399 66.97 15.71 57.65
N ARG G 400 67.38 16.94 57.33
CA ARG G 400 68.30 17.77 58.16
C ARG G 400 67.68 17.99 59.54
N HIS G 401 66.38 18.27 59.61
CA HIS G 401 65.67 18.51 60.89
C HIS G 401 65.81 17.26 61.78
N VAL G 402 65.43 16.09 61.27
CA VAL G 402 65.37 14.83 62.09
C VAL G 402 66.80 14.44 62.53
N VAL G 403 67.81 14.64 61.67
CA VAL G 403 69.23 14.32 61.97
C VAL G 403 69.72 15.24 63.09
N SER G 404 69.43 16.54 63.01
CA SER G 404 69.75 17.52 64.09
C SER G 404 69.14 17.03 65.41
N LEU G 405 67.85 16.65 65.42
CA LEU G 405 67.16 16.17 66.64
C LEU G 405 67.86 14.90 67.16
N MET G 406 68.27 14.00 66.27
CA MET G 406 68.90 12.71 66.64
C MET G 406 70.29 12.94 67.25
N ASP G 407 70.91 14.08 66.94
CA ASP G 407 72.29 14.44 67.36
C ASP G 407 72.23 15.38 68.57
N GLY G 408 71.04 15.54 69.19
CA GLY G 408 70.81 16.36 70.39
C GLY G 408 70.58 17.84 70.08
N GLY G 409 70.40 18.21 68.80
CA GLY G 409 70.11 19.59 68.37
C GLY G 409 68.62 19.90 68.44
N THR G 410 68.21 21.09 67.98
CA THR G 410 66.80 21.55 67.92
C THR G 410 66.28 21.55 66.47
N GLY G 411 67.15 21.30 65.50
CA GLY G 411 66.80 21.26 64.06
C GLY G 411 66.28 22.60 63.57
N VAL G 412 65.20 22.57 62.80
CA VAL G 412 64.59 23.74 62.11
C VAL G 412 63.46 24.28 63.00
N ASP G 413 63.41 25.61 63.19
CA ASP G 413 62.57 26.30 64.21
C ASP G 413 61.09 25.92 64.03
N GLY G 414 60.53 26.16 62.84
CA GLY G 414 59.07 26.14 62.60
C GLY G 414 58.45 24.74 62.67
N LEU G 415 59.25 23.67 62.76
CA LEU G 415 58.77 22.26 62.65
C LEU G 415 58.30 21.71 63.99
N ARG G 416 58.41 22.46 65.09
CA ARG G 416 58.01 21.99 66.46
C ARG G 416 56.51 21.69 66.47
N GLU G 417 55.70 22.54 65.83
CA GLU G 417 54.22 22.38 65.85
C GLU G 417 53.79 21.03 65.25
N PHE G 418 54.66 20.40 64.44
CA PHE G 418 54.33 19.20 63.64
C PHE G 418 54.96 17.94 64.27
N ARG G 419 55.30 17.98 65.57
CA ARG G 419 55.64 16.82 66.42
C ARG G 419 54.70 15.68 66.06
N PRO G 420 55.19 14.43 65.83
CA PRO G 420 54.30 13.33 65.46
C PRO G 420 53.36 12.90 66.58
N GLU G 421 53.77 13.09 67.83
CA GLU G 421 52.97 12.70 69.03
C GLU G 421 52.29 13.96 69.56
N ARG G 422 50.99 14.07 69.30
CA ARG G 422 50.21 15.33 69.50
C ARG G 422 48.73 15.00 69.52
N ASP G 423 47.95 15.87 70.19
CA ASP G 423 46.50 16.03 69.96
C ASP G 423 46.32 16.44 68.50
N LEU G 424 45.22 16.03 67.87
CA LEU G 424 44.83 16.53 66.53
C LEU G 424 44.82 18.06 66.56
N ILE G 425 45.54 18.68 65.64
CA ILE G 425 45.52 20.15 65.39
C ILE G 425 44.13 20.54 64.87
N SER G 426 43.65 21.71 65.29
CA SER G 426 42.43 22.40 64.80
C SER G 426 42.86 23.73 64.17
N ALA G 427 43.34 23.71 62.92
CA ALA G 427 43.96 24.87 62.24
C ALA G 427 42.90 25.83 61.73
N TRP G 428 41.64 25.38 61.62
CA TRP G 428 40.52 26.19 61.11
C TRP G 428 39.29 25.95 61.99
N SER G 429 38.43 26.97 62.10
CA SER G 429 37.06 26.84 62.68
C SER G 429 36.23 25.88 61.82
N ARG G 430 35.26 25.21 62.45
CA ARG G 430 34.25 24.37 61.77
C ARG G 430 33.58 25.17 60.64
N GLU G 431 33.29 26.45 60.91
CA GLU G 431 32.66 27.39 59.95
C GLU G 431 33.53 27.52 58.69
N GLU G 432 34.83 27.79 58.85
CA GLU G 432 35.78 27.94 57.72
C GLU G 432 35.78 26.64 56.89
N ILE G 433 35.79 25.49 57.54
CA ILE G 433 35.92 24.16 56.86
C ILE G 433 34.62 23.87 56.09
N LEU G 434 33.47 24.21 56.66
CA LEU G 434 32.14 23.99 56.02
C LEU G 434 32.00 24.89 54.78
N ASP G 435 32.42 26.16 54.84
CA ASP G 435 32.50 27.05 53.65
C ASP G 435 33.44 26.41 52.61
N ASP G 436 34.60 25.91 53.04
CA ASP G 436 35.66 25.39 52.14
C ASP G 436 35.12 24.12 51.44
N VAL G 437 34.52 23.18 52.16
CA VAL G 437 34.10 21.86 51.60
C VAL G 437 33.01 22.08 50.55
N VAL G 438 32.11 23.05 50.78
CA VAL G 438 30.99 23.36 49.83
C VAL G 438 31.59 24.02 48.59
N ARG G 439 32.52 24.94 48.78
CA ARG G 439 33.20 25.67 47.69
C ARG G 439 33.96 24.66 46.81
N HIS G 440 34.72 23.74 47.42
CA HIS G 440 35.51 22.71 46.70
C HIS G 440 34.56 21.74 45.99
N THR G 441 33.44 21.38 46.62
CA THR G 441 32.40 20.51 45.99
C THR G 441 31.91 21.20 44.71
N MET G 442 31.55 22.48 44.79
CA MET G 442 31.09 23.27 43.64
C MET G 442 32.21 23.33 42.58
N ALA G 443 33.45 23.45 43.01
CA ALA G 443 34.63 23.54 42.12
C ALA G 443 34.75 22.27 41.26
N THR G 444 34.38 21.08 41.76
CA THR G 444 34.44 19.82 40.97
C THR G 444 33.55 19.97 39.73
N GLY G 445 32.48 20.75 39.83
CA GLY G 445 31.59 21.08 38.70
C GLY G 445 32.27 21.98 37.69
N TYR G 446 32.79 23.11 38.15
CA TYR G 446 33.38 24.15 37.27
C TYR G 446 34.67 23.63 36.63
N GLU G 447 35.34 22.67 37.25
CA GLU G 447 36.63 22.12 36.75
C GLU G 447 36.38 21.08 35.66
N PHE G 448 35.16 20.56 35.54
CA PHE G 448 34.87 19.43 34.63
C PHE G 448 35.18 19.81 33.18
N PRO G 449 34.73 20.95 32.62
CA PRO G 449 33.77 21.85 33.22
C PRO G 449 32.34 21.43 32.85
N TRP G 450 31.38 21.57 33.74
CA TRP G 450 29.97 21.20 33.47
C TRP G 450 29.30 22.25 32.59
N ARG G 451 28.18 21.87 31.98
CA ARG G 451 27.21 22.79 31.37
C ARG G 451 25.84 22.46 31.95
N LEU G 452 25.21 23.40 32.64
CA LEU G 452 23.90 23.14 33.28
C LEU G 452 23.10 24.41 33.37
N PRO G 453 21.79 24.32 33.66
CA PRO G 453 20.95 25.50 33.77
C PRO G 453 21.53 26.41 34.87
N LEU G 454 21.44 27.71 34.70
CA LEU G 454 22.09 28.67 35.62
C LEU G 454 21.44 28.64 37.02
N GLU G 455 20.20 28.17 37.19
CA GLU G 455 19.62 28.12 38.56
C GLU G 455 20.27 26.99 39.36
N TRP G 456 20.82 25.97 38.72
CA TRP G 456 21.23 24.71 39.40
C TRP G 456 22.40 24.93 40.36
N PRO G 457 23.48 25.64 39.99
CA PRO G 457 24.58 25.89 40.92
C PRO G 457 24.12 26.57 42.22
N HIS G 458 23.22 27.54 42.14
CA HIS G 458 22.64 28.23 43.33
C HIS G 458 21.89 27.21 44.20
N MET G 459 21.06 26.35 43.59
CA MET G 459 20.34 25.27 44.32
C MET G 459 21.35 24.38 45.05
N MET G 460 22.40 23.92 44.35
CA MET G 460 23.38 22.96 44.93
C MET G 460 24.13 23.65 46.08
N GLU G 461 24.58 24.90 45.91
CA GLU G 461 25.26 25.67 46.98
C GLU G 461 24.43 25.57 48.26
N THR G 462 23.13 25.90 48.22
CA THR G 462 22.30 25.99 49.45
C THR G 462 22.01 24.58 49.98
N PHE G 463 21.80 23.57 49.13
CA PHE G 463 21.39 22.21 49.57
C PHE G 463 22.59 21.36 50.02
N LEU G 464 23.84 21.80 49.78
CA LEU G 464 25.08 21.11 50.22
C LEU G 464 25.41 21.49 51.67
N GLN G 465 25.05 22.71 52.10
CA GLN G 465 25.44 23.28 53.42
C GLN G 465 24.92 22.38 54.55
N GLY G 466 23.61 22.09 54.56
CA GLY G 466 22.94 21.30 55.61
C GLY G 466 23.62 19.95 55.86
N PRO G 467 23.70 19.06 54.86
CA PRO G 467 24.32 17.75 55.04
C PRO G 467 25.76 17.76 55.59
N PHE G 468 26.61 18.68 55.11
CA PHE G 468 28.01 18.80 55.58
C PHE G 468 28.04 19.34 57.02
N ALA G 469 27.18 20.31 57.36
CA ALA G 469 27.04 20.87 58.72
C ALA G 469 26.62 19.75 59.70
N GLU G 470 25.67 18.91 59.28
CA GLU G 470 25.14 17.77 60.05
C GLU G 470 26.25 16.73 60.30
N LEU G 471 27.05 16.44 59.27
CA LEU G 471 28.14 15.44 59.36
C LEU G 471 29.18 15.93 60.37
N ALA G 472 29.62 17.19 60.25
CA ALA G 472 30.65 17.81 61.11
C ALA G 472 30.21 17.75 62.58
N ASP G 473 28.94 18.04 62.86
CA ASP G 473 28.35 18.07 64.23
C ASP G 473 28.28 16.65 64.81
N ARG G 474 27.94 15.68 63.97
CA ARG G 474 27.79 14.25 64.35
C ARG G 474 29.15 13.63 64.66
N LEU G 475 30.22 14.08 64.00
CA LEU G 475 31.54 13.40 64.02
C LEU G 475 32.24 13.63 65.38
N SER G 476 32.15 14.84 65.93
CA SER G 476 32.87 15.25 67.16
C SER G 476 32.41 16.64 67.59
N ASP G 477 32.45 16.91 68.90
CA ASP G 477 32.16 18.24 69.52
C ASP G 477 33.38 19.15 69.38
N THR G 478 34.55 18.61 69.07
CA THR G 478 35.84 19.35 69.20
C THR G 478 36.61 19.31 67.86
N TYR G 479 36.79 18.13 67.24
CA TYR G 479 37.59 17.99 65.99
C TYR G 479 36.69 18.11 64.76
N THR G 480 37.19 18.81 63.74
CA THR G 480 36.59 18.88 62.39
C THR G 480 37.63 18.44 61.36
N PRO G 481 37.33 17.39 60.55
CA PRO G 481 38.25 16.95 59.50
C PRO G 481 38.40 18.04 58.45
N PRO G 482 39.61 18.26 57.89
CA PRO G 482 39.76 19.20 56.77
C PRO G 482 38.90 18.75 55.57
N ALA G 483 38.63 19.68 54.66
CA ALA G 483 37.68 19.50 53.53
C ALA G 483 37.98 18.20 52.75
N ASP G 484 39.24 17.99 52.37
CA ASP G 484 39.70 16.84 51.56
C ASP G 484 39.22 15.54 52.22
N LEU G 485 39.33 15.44 53.53
CA LEU G 485 38.97 14.22 54.29
C LEU G 485 37.47 14.22 54.55
N MET G 486 36.86 15.39 54.78
CA MET G 486 35.42 15.48 55.10
C MET G 486 34.58 14.92 53.94
N THR G 487 34.92 15.25 52.69
CA THR G 487 34.16 14.76 51.51
C THR G 487 34.32 13.24 51.44
N ALA G 488 35.50 12.70 51.73
CA ALA G 488 35.73 11.24 51.73
C ALA G 488 34.82 10.60 52.79
N ILE G 489 34.76 11.20 53.98
CA ILE G 489 33.91 10.68 55.09
C ILE G 489 32.44 10.78 54.69
N MET G 490 32.02 11.90 54.09
CA MET G 490 30.62 12.13 53.64
C MET G 490 30.14 10.97 52.77
N PHE G 491 31.00 10.44 51.88
CA PHE G 491 30.62 9.44 50.84
C PHE G 491 31.18 8.06 51.19
N SER G 492 31.57 7.83 52.45
CA SER G 492 31.98 6.52 52.99
C SER G 492 30.74 5.79 53.56
N GLU G 493 30.89 4.53 53.97
CA GLU G 493 29.79 3.72 54.59
C GLU G 493 29.53 4.24 56.00
N ARG G 494 28.31 4.01 56.53
CA ARG G 494 27.90 4.36 57.92
C ARG G 494 28.87 3.76 58.94
N GLU G 495 29.32 2.52 58.73
CA GLU G 495 30.25 1.81 59.65
C GLU G 495 31.55 2.60 59.76
N GLN G 496 32.07 3.10 58.63
CA GLN G 496 33.35 3.85 58.54
C GLN G 496 33.20 5.22 59.24
N GLN G 497 32.04 5.86 59.12
CA GLN G 497 31.72 7.13 59.82
C GLN G 497 31.69 6.89 61.33
N ASP G 498 31.01 5.83 61.78
CA ASP G 498 30.86 5.47 63.22
C ASP G 498 32.24 5.18 63.81
N GLU G 499 33.08 4.45 63.08
CA GLU G 499 34.48 4.15 63.48
C GLU G 499 35.25 5.46 63.68
N LEU G 500 35.04 6.46 62.82
CA LEU G 500 35.70 7.79 62.94
C LEU G 500 35.17 8.54 64.18
N ILE G 501 33.88 8.42 64.49
CA ILE G 501 33.26 9.06 65.69
C ILE G 501 33.95 8.49 66.95
N ALA G 502 34.14 7.17 67.00
CA ALA G 502 34.85 6.44 68.08
C ALA G 502 36.30 6.92 68.18
N TYR G 503 37.03 6.94 67.04
CA TYR G 503 38.44 7.40 66.98
C TYR G 503 38.56 8.80 67.57
N TYR G 504 37.75 9.75 67.09
CA TYR G 504 37.78 11.17 67.52
C TYR G 504 37.49 11.26 69.03
N ALA G 505 36.54 10.47 69.53
CA ALA G 505 36.16 10.41 70.96
C ALA G 505 37.34 9.87 71.81
N ASP G 506 37.95 8.76 71.37
CA ASP G 506 39.12 8.13 72.05
C ASP G 506 40.30 9.12 72.10
N VAL G 507 40.48 9.92 71.05
CA VAL G 507 41.58 10.92 70.99
C VAL G 507 41.30 12.05 72.00
N HIS G 508 40.04 12.48 72.11
CA HIS G 508 39.61 13.54 73.07
C HIS G 508 39.90 13.07 74.50
N ARG G 509 39.52 11.84 74.85
CA ARG G 509 39.72 11.24 76.19
C ARG G 509 41.21 11.18 76.52
N GLU G 510 42.06 10.90 75.53
CA GLU G 510 43.53 10.75 75.71
C GLU G 510 44.20 12.10 76.01
N TRP G 511 43.67 13.21 75.49
CA TRP G 511 44.39 14.52 75.43
C TRP G 511 43.71 15.61 76.27
N HIS G 512 42.40 15.54 76.50
CA HIS G 512 41.61 16.60 77.18
C HIS G 512 41.22 16.14 78.59
N VAL H 34 55.79 -28.59 7.99
CA VAL H 34 54.92 -27.39 7.87
C VAL H 34 55.40 -26.34 8.89
N ILE H 35 55.58 -25.10 8.42
CA ILE H 35 55.87 -23.93 9.30
C ILE H 35 54.68 -22.96 9.22
N VAL H 36 54.06 -22.68 10.37
CA VAL H 36 53.05 -21.58 10.53
C VAL H 36 53.80 -20.36 11.05
N VAL H 37 53.80 -19.26 10.27
CA VAL H 37 54.38 -17.95 10.67
C VAL H 37 53.28 -17.12 11.31
N GLY H 38 53.28 -17.00 12.65
CA GLY H 38 52.37 -16.15 13.43
C GLY H 38 51.69 -16.93 14.54
N ASN H 39 51.53 -16.31 15.71
CA ASN H 39 51.03 -16.99 16.94
C ASN H 39 49.79 -16.27 17.47
N GLY H 40 49.02 -15.64 16.57
CA GLY H 40 47.69 -15.12 16.88
C GLY H 40 46.67 -16.24 16.86
N VAL H 41 45.38 -15.91 16.91
CA VAL H 41 44.28 -16.92 16.85
C VAL H 41 44.35 -17.67 15.52
N LEU H 42 44.67 -17.02 14.40
CA LEU H 42 44.63 -17.67 13.07
C LEU H 42 45.77 -18.68 12.95
N GLY H 43 47.00 -18.25 13.21
CA GLY H 43 48.20 -19.12 13.20
C GLY H 43 47.99 -20.35 14.07
N LEU H 44 47.62 -20.15 15.33
CA LEU H 44 47.47 -21.25 16.32
C LEU H 44 46.28 -22.14 15.92
N SER H 45 45.21 -21.58 15.36
CA SER H 45 44.00 -22.34 14.99
C SER H 45 44.34 -23.28 13.82
N VAL H 46 45.04 -22.77 12.80
CA VAL H 46 45.46 -23.59 11.64
C VAL H 46 46.52 -24.59 12.12
N GLY H 47 47.43 -24.17 13.00
CA GLY H 47 48.44 -25.02 13.64
C GLY H 47 47.81 -26.22 14.33
N VAL H 48 46.80 -25.98 15.16
CA VAL H 48 46.07 -27.05 15.90
C VAL H 48 45.44 -28.01 14.89
N GLU H 49 44.82 -27.49 13.84
CA GLU H 49 44.04 -28.31 12.87
C GLU H 49 44.98 -29.14 11.99
N ILE H 50 46.11 -28.57 11.56
CA ILE H 50 47.16 -29.31 10.80
C ILE H 50 47.69 -30.45 11.69
N ALA H 51 48.17 -30.14 12.89
CA ALA H 51 48.76 -31.10 13.85
C ALA H 51 47.78 -32.25 14.12
N ARG H 52 46.49 -31.95 14.28
CA ARG H 52 45.45 -32.94 14.66
C ARG H 52 45.12 -33.88 13.50
N THR H 53 45.06 -33.38 12.26
CA THR H 53 44.54 -34.12 11.07
C THR H 53 45.69 -34.71 10.24
N ARG H 54 46.94 -34.33 10.51
CA ARG H 54 48.15 -34.84 9.80
C ARG H 54 49.21 -35.26 10.82
N PRO H 55 49.01 -36.37 11.57
CA PRO H 55 49.96 -36.78 12.62
C PRO H 55 51.32 -37.22 12.04
N ASP H 56 51.37 -37.52 10.74
CA ASP H 56 52.57 -37.89 9.95
C ASP H 56 53.60 -36.74 9.93
N VAL H 57 53.16 -35.49 9.75
CA VAL H 57 54.04 -34.33 9.43
C VAL H 57 54.42 -33.56 10.71
N ARG H 58 55.60 -32.93 10.69
CA ARG H 58 56.10 -32.02 11.75
C ARG H 58 55.60 -30.60 11.46
N VAL H 59 54.79 -30.04 12.37
CA VAL H 59 54.27 -28.64 12.25
C VAL H 59 54.95 -27.79 13.33
N THR H 60 55.67 -26.75 12.89
CA THR H 60 56.38 -25.77 13.74
C THR H 60 55.67 -24.42 13.61
N LEU H 61 55.40 -23.76 14.74
CA LEU H 61 54.70 -22.44 14.77
C LEU H 61 55.64 -21.38 15.35
N LEU H 62 55.87 -20.30 14.59
CA LEU H 62 56.78 -19.17 14.94
C LEU H 62 55.98 -18.03 15.58
N GLY H 63 56.67 -17.10 16.24
CA GLY H 63 56.09 -15.95 16.97
C GLY H 63 56.45 -15.97 18.45
N LYS H 64 56.55 -14.79 19.07
CA LYS H 64 57.09 -14.58 20.44
C LYS H 64 55.95 -14.39 21.44
N PRO H 65 56.17 -14.62 22.75
CA PRO H 65 55.13 -14.39 23.76
C PRO H 65 54.67 -12.93 23.88
N ALA H 66 55.54 -11.97 23.54
CA ALA H 66 55.25 -10.52 23.53
C ALA H 66 54.04 -10.22 22.64
N ARG H 67 53.85 -10.99 21.56
CA ARG H 67 52.76 -10.79 20.56
C ARG H 67 52.68 -9.29 20.22
N GLN H 68 53.77 -8.73 19.67
CA GLN H 68 53.86 -7.29 19.32
C GLN H 68 52.81 -6.96 18.26
N TYR H 69 52.03 -5.91 18.50
CA TYR H 69 50.93 -5.39 17.62
C TYR H 69 49.77 -6.39 17.54
N GLY H 70 49.77 -7.43 18.39
CA GLY H 70 48.83 -8.57 18.31
C GLY H 70 47.40 -8.12 18.52
N ALA H 71 46.53 -8.38 17.54
CA ALA H 71 45.08 -8.11 17.59
C ALA H 71 44.41 -9.02 18.64
N THR H 72 44.71 -10.31 18.60
CA THR H 72 44.01 -11.36 19.40
C THR H 72 44.03 -11.01 20.89
N PRO H 73 45.20 -10.75 21.54
CA PRO H 73 45.22 -10.50 22.98
C PRO H 73 44.49 -9.20 23.38
N ALA H 74 44.33 -8.25 22.45
CA ALA H 74 43.61 -6.97 22.67
C ALA H 74 42.10 -7.15 22.44
N ALA H 75 41.66 -8.33 21.99
CA ALA H 75 40.24 -8.59 21.63
C ALA H 75 39.48 -9.06 22.87
N GLY H 76 38.16 -8.85 22.89
CA GLY H 76 37.30 -9.15 24.04
C GLY H 76 37.23 -10.64 24.35
N ALA H 77 36.67 -11.46 23.44
CA ALA H 77 36.25 -11.03 22.11
C ALA H 77 34.83 -11.51 21.84
N MET H 78 34.08 -10.74 21.05
CA MET H 78 32.70 -11.12 20.62
C MET H 78 32.80 -12.16 19.50
N LEU H 79 31.97 -13.20 19.53
CA LEU H 79 31.75 -14.10 18.37
C LEU H 79 30.71 -13.42 17.46
N GLY H 80 31.17 -12.37 16.77
CA GLY H 80 30.32 -11.40 16.04
C GLY H 80 29.94 -11.92 14.67
N ALA H 81 28.63 -12.09 14.47
CA ALA H 81 27.99 -12.49 13.19
C ALA H 81 26.92 -11.46 12.83
N PHE H 82 25.78 -11.49 13.54
CA PHE H 82 24.67 -10.53 13.35
C PHE H 82 25.05 -9.15 13.90
N GLY H 83 25.76 -9.10 15.04
CA GLY H 83 26.25 -7.86 15.66
C GLY H 83 27.12 -7.05 14.71
N GLU H 84 27.79 -7.70 13.75
CA GLU H 84 28.72 -7.06 12.78
C GLU H 84 27.97 -6.55 11.54
N VAL H 85 26.68 -6.82 11.43
CA VAL H 85 25.86 -6.41 10.24
C VAL H 85 25.79 -4.88 10.20
N THR H 86 26.16 -4.29 9.06
CA THR H 86 25.86 -2.87 8.70
C THR H 86 25.08 -2.85 7.39
N ALA H 87 24.20 -1.86 7.20
CA ALA H 87 23.49 -1.59 5.92
C ALA H 87 24.50 -1.58 4.77
N HIS H 88 25.64 -0.91 4.94
CA HIS H 88 26.69 -0.74 3.90
C HIS H 88 27.29 -2.09 3.49
N ALA H 89 27.56 -2.98 4.45
CA ALA H 89 28.12 -4.33 4.21
C ALA H 89 27.14 -5.15 3.36
N LEU H 90 25.86 -5.17 3.74
CA LEU H 90 24.80 -6.02 3.13
C LEU H 90 24.21 -5.37 1.86
N ALA H 91 24.86 -4.34 1.30
CA ALA H 91 24.47 -3.67 0.04
C ALA H 91 25.44 -4.08 -1.09
N SER H 92 26.57 -4.70 -0.75
CA SER H 92 27.56 -5.23 -1.73
C SER H 92 27.52 -6.77 -1.71
N GLU H 93 27.75 -7.38 -2.88
CA GLU H 93 27.82 -8.86 -3.05
C GLU H 93 28.87 -9.41 -2.08
N HIS H 94 30.06 -8.81 -2.09
CA HIS H 94 31.26 -9.22 -1.30
C HIS H 94 30.93 -9.18 0.20
N GLY H 95 30.19 -8.15 0.65
CA GLY H 95 29.74 -7.99 2.04
C GLY H 95 28.76 -9.06 2.48
N ARG H 96 27.82 -9.46 1.61
CA ARG H 96 26.79 -10.50 1.94
C ARG H 96 27.47 -11.87 2.07
N LYS H 97 28.54 -12.12 1.31
CA LYS H 97 29.35 -13.37 1.39
C LYS H 97 30.04 -13.47 2.76
N LYS H 98 30.79 -12.42 3.14
CA LYS H 98 31.47 -12.29 4.45
C LYS H 98 30.46 -12.59 5.57
N HIS H 99 29.27 -11.99 5.51
CA HIS H 99 28.22 -12.22 6.53
C HIS H 99 27.88 -13.71 6.59
N ALA H 100 27.66 -14.34 5.44
CA ALA H 100 27.27 -15.78 5.34
C ALA H 100 28.33 -16.65 6.02
N LEU H 101 29.61 -16.39 5.74
CA LEU H 101 30.77 -17.10 6.36
C LEU H 101 30.74 -16.96 7.89
N ALA H 102 30.46 -15.76 8.39
CA ALA H 102 30.39 -15.45 9.84
C ALA H 102 29.28 -16.29 10.49
N VAL H 103 28.16 -16.47 9.79
CA VAL H 103 27.01 -17.29 10.27
C VAL H 103 27.46 -18.76 10.32
N GLN H 104 28.19 -19.23 9.30
CA GLN H 104 28.73 -20.61 9.21
C GLN H 104 29.72 -20.83 10.37
N ALA H 105 30.63 -19.87 10.58
CA ALA H 105 31.67 -19.93 11.64
C ALA H 105 31.00 -20.13 13.01
N GLN H 106 29.89 -19.44 13.27
CA GLN H 106 29.16 -19.48 14.57
C GLN H 106 28.85 -20.92 14.96
N ARG H 107 28.44 -21.75 13.98
CA ARG H 107 27.97 -23.15 14.21
C ARG H 107 29.13 -24.03 14.68
N LEU H 108 30.38 -23.69 14.32
CA LEU H 108 31.58 -24.51 14.66
C LEU H 108 32.04 -24.28 16.11
N TRP H 109 31.64 -23.16 16.75
CA TRP H 109 32.28 -22.70 18.00
C TRP H 109 32.03 -23.66 19.17
N PRO H 110 30.80 -24.14 19.42
CA PRO H 110 30.56 -25.02 20.58
C PRO H 110 31.47 -26.26 20.61
N GLU H 111 31.64 -26.96 19.48
CA GLU H 111 32.49 -28.20 19.41
C GLU H 111 33.97 -27.83 19.42
N TRP H 112 34.34 -26.68 18.84
CA TRP H 112 35.73 -26.17 18.78
C TRP H 112 36.24 -25.89 20.21
N ILE H 113 35.40 -25.23 21.02
CA ILE H 113 35.70 -24.90 22.44
C ILE H 113 35.82 -26.20 23.24
N GLU H 114 34.83 -27.09 23.11
CA GLU H 114 34.80 -28.43 23.77
C GLU H 114 36.15 -29.15 23.51
N SER H 115 36.59 -29.15 22.25
CA SER H 115 37.82 -29.87 21.81
C SER H 115 39.08 -29.18 22.31
N LEU H 116 39.02 -27.88 22.63
CA LEU H 116 40.19 -27.12 23.14
C LEU H 116 40.25 -27.21 24.66
N GLU H 117 39.10 -27.15 25.33
CA GLU H 117 39.01 -27.28 26.82
C GLU H 117 39.31 -28.72 27.24
N ALA H 118 39.06 -29.71 26.36
CA ALA H 118 39.27 -31.15 26.62
C ALA H 118 40.74 -31.45 26.93
N THR H 119 41.68 -30.66 26.37
CA THR H 119 43.15 -30.85 26.54
C THR H 119 43.63 -30.20 27.85
N GLY H 120 42.73 -29.58 28.62
CA GLY H 120 43.07 -28.88 29.88
C GLY H 120 42.22 -29.37 31.04
N THR H 121 42.24 -28.63 32.16
CA THR H 121 41.51 -28.96 33.40
C THR H 121 40.70 -27.73 33.85
N ALA H 122 39.85 -27.90 34.86
CA ALA H 122 38.98 -26.86 35.46
C ALA H 122 39.77 -25.56 35.69
N ALA H 123 41.00 -25.65 36.21
CA ALA H 123 41.82 -24.52 36.70
C ALA H 123 42.35 -23.65 35.56
N ASP H 124 42.28 -24.12 34.30
CA ASP H 124 42.70 -23.35 33.09
C ASP H 124 41.66 -22.28 32.74
N GLY H 125 40.44 -22.38 33.30
CA GLY H 125 39.37 -21.39 33.10
C GLY H 125 38.52 -21.71 31.88
N ARG H 126 37.38 -21.02 31.74
CA ARG H 126 36.40 -21.26 30.65
C ARG H 126 36.71 -20.31 29.49
N ILE H 127 36.72 -20.84 28.27
CA ILE H 127 36.91 -20.04 27.01
C ILE H 127 35.66 -19.16 26.81
N LYS H 128 34.46 -19.72 26.96
CA LYS H 128 33.18 -19.00 26.73
C LYS H 128 32.89 -18.11 27.95
N THR H 129 32.60 -16.82 27.74
CA THR H 129 32.22 -15.87 28.82
C THR H 129 30.76 -15.44 28.72
N ALA H 130 30.10 -15.63 27.57
CA ALA H 130 28.65 -15.35 27.41
C ALA H 130 28.08 -16.11 26.21
N ASP H 131 26.79 -16.42 26.24
CA ASP H 131 26.06 -17.15 25.17
C ASP H 131 25.33 -16.16 24.28
N ASP H 132 24.88 -15.04 24.84
CA ASP H 132 23.94 -14.10 24.17
C ASP H 132 24.56 -12.68 24.10
N THR H 133 24.05 -11.87 23.18
CA THR H 133 24.45 -10.47 22.95
C THR H 133 23.19 -9.60 22.98
N VAL H 134 23.26 -8.44 23.63
CA VAL H 134 22.21 -7.40 23.50
C VAL H 134 22.79 -6.24 22.69
N VAL H 135 22.16 -5.91 21.56
CA VAL H 135 22.50 -4.72 20.74
C VAL H 135 21.64 -3.57 21.24
N LEU H 136 22.27 -2.45 21.59
CA LEU H 136 21.61 -1.23 22.14
C LEU H 136 21.58 -0.15 21.06
N LEU H 137 20.46 0.54 20.93
CA LEU H 137 20.36 1.75 20.06
C LEU H 137 20.14 2.95 20.97
N ASN H 138 21.09 3.88 20.95
CA ASN H 138 21.03 5.20 21.64
C ASN H 138 21.26 6.29 20.59
N THR H 139 21.20 7.56 20.98
CA THR H 139 21.32 8.70 20.05
C THR H 139 22.71 9.33 20.14
N VAL H 140 23.70 8.61 20.68
CA VAL H 140 25.10 9.14 20.77
C VAL H 140 25.84 8.67 19.53
N GLY H 141 25.36 9.09 18.36
CA GLY H 141 25.95 8.75 17.06
C GLY H 141 25.12 9.31 15.92
N HIS H 142 25.53 9.03 14.70
CA HIS H 142 24.85 9.51 13.47
C HIS H 142 23.63 8.61 13.22
N SER H 143 22.46 9.19 12.96
CA SER H 143 21.25 8.46 12.51
C SER H 143 21.56 7.67 11.23
N ALA H 144 22.39 8.23 10.34
CA ALA H 144 22.72 7.65 9.02
C ALA H 144 23.51 6.34 9.17
N LEU H 145 24.20 6.12 10.30
CA LEU H 145 24.87 4.84 10.62
C LEU H 145 23.98 4.02 11.56
N ASP H 146 23.73 4.52 12.77
CA ASP H 146 23.15 3.72 13.87
C ASP H 146 21.70 3.29 13.53
N ASP H 147 20.86 4.18 12.99
CA ASP H 147 19.45 3.84 12.68
C ASP H 147 19.44 2.83 11.52
N ALA H 148 20.22 3.07 10.47
CA ALA H 148 20.30 2.18 9.28
C ALA H 148 20.84 0.80 9.70
N ASN H 149 21.85 0.76 10.57
CA ASN H 149 22.55 -0.49 10.96
C ASN H 149 21.67 -1.30 11.91
N PHE H 150 20.89 -0.66 12.77
CA PHE H 150 19.98 -1.38 13.68
C PHE H 150 18.92 -2.12 12.85
N ALA H 151 18.36 -1.43 11.85
CA ALA H 151 17.34 -1.97 10.91
C ALA H 151 17.94 -3.14 10.11
N ALA H 152 19.19 -3.00 9.64
CA ALA H 152 19.92 -4.03 8.86
C ALA H 152 20.18 -5.28 9.72
N VAL H 153 20.49 -5.12 11.01
CA VAL H 153 20.74 -6.25 11.95
C VAL H 153 19.42 -7.02 12.11
N LEU H 154 18.35 -6.29 12.41
CA LEU H 154 16.98 -6.84 12.59
C LEU H 154 16.60 -7.64 11.34
N THR H 155 16.84 -7.08 10.16
CA THR H 155 16.51 -7.68 8.85
C THR H 155 17.33 -8.99 8.69
N ALA H 156 18.66 -8.93 8.87
CA ALA H 156 19.59 -10.06 8.66
C ALA H 156 19.23 -11.23 9.60
N LEU H 157 18.80 -10.93 10.82
CA LEU H 157 18.35 -11.94 11.83
C LEU H 157 17.08 -12.63 11.31
N LYS H 158 16.13 -11.85 10.81
CA LYS H 158 14.84 -12.34 10.25
C LYS H 158 15.13 -13.25 9.04
N GLU H 159 15.93 -12.79 8.08
CA GLU H 159 16.32 -13.53 6.85
C GLU H 159 16.91 -14.90 7.21
N ALA H 160 17.80 -14.96 8.21
CA ALA H 160 18.54 -16.19 8.60
C ALA H 160 17.73 -17.05 9.57
N ASN H 161 16.53 -16.62 9.95
CA ASN H 161 15.64 -17.34 10.90
C ASN H 161 16.39 -17.57 12.21
N ALA H 162 17.26 -16.63 12.61
CA ALA H 162 18.08 -16.70 13.84
C ALA H 162 17.20 -16.35 15.04
N PRO H 163 17.37 -17.04 16.18
CA PRO H 163 16.57 -16.74 17.38
C PRO H 163 17.02 -15.40 18.00
N HIS H 164 16.07 -14.49 18.23
CA HIS H 164 16.29 -13.10 18.69
C HIS H 164 14.93 -12.52 19.07
N GLU H 165 14.91 -11.45 19.86
CA GLU H 165 13.69 -10.59 19.95
C GLU H 165 14.11 -9.17 20.34
N GLU H 166 13.37 -8.20 19.81
CA GLU H 166 13.42 -6.80 20.28
C GLU H 166 12.78 -6.79 21.67
N ILE H 167 13.51 -6.31 22.68
CA ILE H 167 13.07 -6.33 24.09
C ILE H 167 12.94 -4.90 24.60
N ALA H 168 12.17 -4.71 25.67
CA ALA H 168 12.09 -3.42 26.38
C ALA H 168 13.47 -3.14 26.96
N VAL H 169 13.91 -1.88 26.88
CA VAL H 169 15.24 -1.46 27.41
C VAL H 169 15.26 -1.68 28.93
N GLU H 170 14.12 -1.52 29.61
CA GLU H 170 13.98 -1.71 31.08
C GLU H 170 14.26 -3.16 31.46
N SER H 171 14.17 -4.11 30.52
CA SER H 171 14.41 -5.55 30.77
C SER H 171 15.88 -5.92 30.50
N VAL H 172 16.72 -5.01 30.00
CA VAL H 172 18.18 -5.30 29.83
C VAL H 172 18.82 -5.25 31.23
N ASP H 173 19.48 -6.34 31.62
CA ASP H 173 20.02 -6.49 33.00
C ASP H 173 21.34 -5.73 33.08
N TRP H 174 21.60 -5.13 34.25
CA TRP H 174 22.92 -4.65 34.72
C TRP H 174 23.14 -3.19 34.31
N ILE H 175 22.86 -2.82 33.06
CA ILE H 175 23.23 -1.49 32.48
C ILE H 175 22.67 -0.38 33.39
N ASP H 176 23.41 0.71 33.53
CA ASP H 176 23.00 1.91 34.31
C ASP H 176 23.51 3.14 33.56
N PRO H 177 22.97 3.41 32.36
CA PRO H 177 23.45 4.53 31.53
C PRO H 177 23.04 5.88 32.10
N ASP H 178 23.80 6.92 31.78
CA ASP H 178 23.35 8.33 31.86
C ASP H 178 22.04 8.43 31.08
N PRO H 179 20.93 8.92 31.68
CA PRO H 179 19.68 9.09 30.93
C PRO H 179 19.81 9.77 29.57
N ASN H 180 20.69 10.77 29.43
CA ASN H 180 20.87 11.52 28.15
C ASN H 180 21.64 10.66 27.13
N SER H 181 22.23 9.53 27.54
CA SER H 181 23.00 8.60 26.66
C SER H 181 22.33 7.22 26.59
N ARG H 182 21.12 7.09 27.12
CA ARG H 182 20.49 5.76 27.34
C ARG H 182 19.97 5.21 26.02
N PRO H 183 19.84 3.87 25.91
CA PRO H 183 19.21 3.26 24.75
C PRO H 183 17.69 3.40 24.86
N LEU H 184 17.01 3.50 23.71
CA LEU H 184 15.52 3.53 23.63
C LEU H 184 15.01 2.27 22.95
N ARG H 185 15.90 1.50 22.31
CA ARG H 185 15.58 0.18 21.71
C ARG H 185 16.72 -0.79 22.02
N ALA H 186 16.39 -2.07 22.17
CA ALA H 186 17.35 -3.15 22.52
C ALA H 186 16.94 -4.44 21.81
N LEU H 187 17.95 -5.20 21.42
CA LEU H 187 17.85 -6.41 20.58
C LEU H 187 18.64 -7.53 21.26
N HIS H 188 17.95 -8.56 21.76
CA HIS H 188 18.53 -9.80 22.33
C HIS H 188 18.82 -10.78 21.20
N ILE H 189 20.09 -11.12 20.96
CA ILE H 189 20.50 -12.15 19.97
C ILE H 189 20.95 -13.41 20.74
N GLU H 190 20.26 -14.53 20.52
CA GLU H 190 20.48 -15.80 21.23
C GLU H 190 21.58 -16.59 20.50
N GLY H 191 22.55 -17.12 21.23
CA GLY H 191 23.63 -17.97 20.68
C GLY H 191 24.70 -17.16 19.98
N GLU H 192 24.70 -15.84 20.16
CA GLU H 192 25.80 -14.94 19.72
C GLU H 192 26.47 -14.43 21.00
N GLY H 193 27.69 -14.91 21.28
CA GLY H 193 28.32 -14.73 22.60
C GLY H 193 29.73 -14.19 22.48
N SER H 194 30.57 -14.57 23.45
CA SER H 194 31.96 -14.06 23.60
C SER H 194 32.85 -15.15 24.19
N VAL H 195 34.14 -15.01 23.93
CA VAL H 195 35.23 -15.84 24.51
C VAL H 195 36.22 -14.89 25.19
N ASP H 196 36.90 -15.38 26.23
CA ASP H 196 38.12 -14.74 26.79
C ASP H 196 39.27 -15.04 25.82
N SER H 197 39.74 -14.04 25.09
CA SER H 197 40.78 -14.21 24.04
C SER H 197 42.07 -14.75 24.65
N GLY H 198 42.36 -14.42 25.91
CA GLY H 198 43.59 -14.85 26.61
C GLY H 198 43.53 -16.33 26.94
N ILE H 199 42.41 -16.80 27.47
CA ILE H 199 42.17 -18.24 27.78
C ILE H 199 42.11 -19.02 26.46
N LEU H 200 41.55 -18.44 25.39
CA LEU H 200 41.50 -19.06 24.04
C LEU H 200 42.93 -19.30 23.55
N LEU H 201 43.81 -18.29 23.63
CA LEU H 201 45.22 -18.39 23.17
C LEU H 201 45.94 -19.49 23.97
N ALA H 202 45.77 -19.52 25.29
CA ALA H 202 46.39 -20.51 26.20
C ALA H 202 45.93 -21.91 25.80
N ALA H 203 44.63 -22.06 25.52
CA ALA H 203 43.97 -23.34 25.15
C ALA H 203 44.46 -23.80 23.77
N LEU H 204 44.69 -22.87 22.86
CA LEU H 204 45.20 -23.18 21.49
C LEU H 204 46.64 -23.66 21.61
N GLU H 205 47.48 -22.96 22.36
CA GLU H 205 48.90 -23.33 22.59
C GLU H 205 48.96 -24.73 23.22
N ARG H 206 48.20 -24.96 24.30
CA ARG H 206 48.11 -26.25 25.01
C ARG H 206 47.66 -27.34 24.03
N SER H 207 46.62 -27.08 23.22
CA SER H 207 46.03 -28.07 22.29
C SER H 207 47.00 -28.38 21.15
N PHE H 208 47.81 -27.39 20.75
CA PHE H 208 48.83 -27.52 19.68
C PHE H 208 49.92 -28.50 20.14
N LEU H 209 50.46 -28.28 21.34
CA LEU H 209 51.51 -29.13 21.96
C LEU H 209 50.98 -30.55 22.14
N GLN H 210 49.74 -30.70 22.64
CA GLN H 210 49.07 -32.01 22.88
C GLN H 210 49.00 -32.82 21.57
N ALA H 211 48.84 -32.16 20.43
CA ALA H 211 48.67 -32.80 19.10
C ALA H 211 50.03 -32.95 18.40
N GLY H 212 51.14 -32.62 19.07
CA GLY H 212 52.51 -32.87 18.59
C GLY H 212 53.15 -31.67 17.91
N GLY H 213 52.49 -30.50 17.93
CA GLY H 213 53.06 -29.26 17.37
C GLY H 213 54.27 -28.80 18.18
N ARG H 214 55.22 -28.11 17.55
CA ARG H 214 56.40 -27.54 18.26
C ARG H 214 56.35 -26.01 18.11
N LEU H 215 56.41 -25.31 19.25
CA LEU H 215 56.45 -23.82 19.34
C LEU H 215 57.92 -23.37 19.36
N HIS H 216 58.34 -22.61 18.35
CA HIS H 216 59.69 -22.00 18.29
C HIS H 216 59.53 -20.48 18.45
N PRO H 217 59.84 -19.91 19.64
CA PRO H 217 59.53 -18.51 19.94
C PRO H 217 60.50 -17.52 19.30
N VAL H 218 60.54 -17.50 17.97
CA VAL H 218 61.29 -16.50 17.14
C VAL H 218 60.36 -16.03 16.02
N ASP H 219 60.75 -14.94 15.35
CA ASP H 219 60.00 -14.33 14.23
C ASP H 219 60.65 -14.73 12.91
N ALA H 220 59.85 -15.00 11.88
CA ALA H 220 60.31 -15.15 10.49
C ALA H 220 60.80 -13.78 10.00
N THR H 221 61.96 -13.74 9.34
CA THR H 221 62.54 -12.53 8.69
C THR H 221 62.29 -12.58 7.18
N GLU H 222 62.23 -13.78 6.60
CA GLU H 222 62.21 -13.98 5.11
C GLU H 222 61.69 -15.38 4.81
N ILE H 223 60.81 -15.50 3.80
CA ILE H 223 60.39 -16.80 3.22
C ILE H 223 61.32 -17.11 2.05
N ARG H 224 61.96 -18.29 2.04
CA ARG H 224 62.83 -18.74 0.92
C ARG H 224 62.02 -19.76 0.12
N ALA H 225 61.95 -19.54 -1.20
CA ALA H 225 61.30 -20.47 -2.16
C ALA H 225 62.20 -20.69 -3.38
N VAL H 233 62.06 -20.96 5.87
CA VAL H 233 61.92 -19.65 6.59
C VAL H 233 63.24 -19.32 7.31
N VAL H 234 63.83 -18.18 7.01
CA VAL H 234 64.94 -17.56 7.80
C VAL H 234 64.30 -16.83 8.99
N THR H 235 64.77 -17.12 10.21
CA THR H 235 64.26 -16.54 11.49
C THR H 235 65.18 -15.40 11.94
N ASP H 236 64.73 -14.57 12.88
CA ASP H 236 65.41 -13.31 13.30
C ASP H 236 66.60 -13.60 14.22
N ASP H 237 66.84 -14.87 14.57
CA ASP H 237 68.04 -15.31 15.34
C ASP H 237 69.15 -15.76 14.37
N GLY H 238 68.92 -15.71 13.05
CA GLY H 238 69.91 -16.03 12.01
C GLY H 238 69.75 -17.44 11.44
N ASP H 239 68.99 -18.31 12.10
CA ASP H 239 68.82 -19.74 11.74
C ASP H 239 67.99 -19.84 10.45
N PHE H 240 67.97 -21.02 9.81
CA PHE H 240 67.09 -21.36 8.66
C PHE H 240 66.33 -22.65 8.96
N LEU H 241 64.99 -22.62 8.79
CA LEU H 241 64.09 -23.79 9.02
C LEU H 241 63.53 -24.25 7.67
N PRO H 242 63.81 -25.50 7.25
CA PRO H 242 63.29 -26.00 5.98
C PRO H 242 61.85 -26.52 6.11
N ALA H 243 61.05 -26.42 5.05
CA ALA H 243 59.65 -26.91 5.01
C ALA H 243 59.13 -26.96 3.57
N GLY H 244 58.19 -27.86 3.30
CA GLY H 244 57.45 -27.97 2.03
C GLY H 244 56.10 -27.25 2.10
N HIS H 245 55.72 -26.75 3.27
CA HIS H 245 54.51 -25.91 3.47
C HIS H 245 54.84 -24.76 4.44
N VAL H 246 54.54 -23.52 4.04
CA VAL H 246 54.62 -22.29 4.88
C VAL H 246 53.26 -21.61 4.86
N VAL H 247 52.61 -21.51 6.02
CA VAL H 247 51.31 -20.79 6.21
C VAL H 247 51.62 -19.45 6.91
N VAL H 248 51.39 -18.33 6.22
CA VAL H 248 51.62 -16.97 6.77
C VAL H 248 50.31 -16.50 7.42
N ALA H 249 50.34 -16.37 8.74
CA ALA H 249 49.25 -15.78 9.57
C ALA H 249 49.88 -14.83 10.58
N ALA H 250 50.65 -13.86 10.06
CA ALA H 250 51.47 -12.91 10.84
C ALA H 250 50.69 -11.60 11.05
N GLY H 251 49.37 -11.68 11.09
CA GLY H 251 48.49 -10.50 11.20
C GLY H 251 48.90 -9.43 10.19
N ALA H 252 49.00 -8.18 10.66
CA ALA H 252 49.24 -6.99 9.83
C ALA H 252 50.59 -7.06 9.10
N ARG H 253 51.48 -7.99 9.45
CA ARG H 253 52.83 -8.11 8.84
C ARG H 253 52.82 -9.13 7.68
N SER H 254 51.70 -9.82 7.46
CA SER H 254 51.57 -10.99 6.55
C SER H 254 51.96 -10.64 5.10
N GLN H 255 51.43 -9.55 4.54
CA GLN H 255 51.68 -9.18 3.12
C GLN H 255 53.12 -8.69 2.97
N ARG H 256 53.61 -7.85 3.90
CA ARG H 256 54.99 -7.30 3.85
C ARG H 256 55.99 -8.47 3.77
N LEU H 257 55.66 -9.61 4.38
CA LEU H 257 56.54 -10.81 4.45
C LEU H 257 56.55 -11.55 3.10
N VAL H 258 55.38 -11.71 2.46
CA VAL H 258 55.21 -12.46 1.20
C VAL H 258 55.61 -11.60 -0.01
N ALA H 259 55.54 -10.26 0.10
CA ALA H 259 55.70 -9.30 -1.02
C ALA H 259 57.17 -9.22 -1.49
N ALA H 260 58.11 -9.65 -0.65
CA ALA H 260 59.57 -9.51 -0.88
C ALA H 260 60.04 -10.47 -1.99
N LEU H 261 59.29 -11.54 -2.25
CA LEU H 261 59.77 -12.78 -2.95
C LEU H 261 60.22 -12.46 -4.39
N ALA H 265 54.76 -8.45 -4.96
CA ALA H 265 54.59 -7.09 -4.39
C ALA H 265 53.29 -6.47 -4.88
N HIS H 266 52.86 -6.78 -6.12
CA HIS H 266 51.67 -6.15 -6.76
C HIS H 266 50.59 -7.21 -7.05
N ARG H 267 50.70 -8.41 -6.46
CA ARG H 267 49.75 -9.53 -6.68
C ARG H 267 49.06 -9.92 -5.36
N ILE H 268 49.69 -9.67 -4.21
CA ILE H 268 49.09 -9.81 -2.86
C ILE H 268 48.64 -8.43 -2.39
N PRO H 269 47.33 -8.20 -2.17
CA PRO H 269 46.87 -6.90 -1.66
C PRO H 269 47.54 -6.52 -0.33
N ARG H 270 47.97 -5.28 -0.23
CA ARG H 270 48.57 -4.70 1.01
C ARG H 270 47.62 -4.88 2.19
N ILE H 271 48.20 -5.11 3.36
CA ILE H 271 47.52 -5.13 4.68
C ILE H 271 48.15 -4.04 5.55
N TYR H 272 47.33 -3.14 6.07
CA TYR H 272 47.74 -2.05 7.00
C TYR H 272 47.32 -2.43 8.44
N ASP H 273 47.63 -1.57 9.41
CA ASP H 273 47.33 -1.77 10.84
C ASP H 273 46.04 -1.02 11.22
N GLY H 274 44.98 -1.77 11.48
CA GLY H 274 43.75 -1.24 12.11
C GLY H 274 43.91 -1.17 13.61
N VAL H 275 44.62 -0.14 14.10
CA VAL H 275 45.06 -0.04 15.52
C VAL H 275 43.82 0.11 16.41
N GLY H 276 43.70 -0.78 17.38
CA GLY H 276 42.52 -0.93 18.25
C GLY H 276 42.89 -0.79 19.70
N VAL H 277 42.12 -0.01 20.44
CA VAL H 277 42.34 0.22 21.89
C VAL H 277 41.13 -0.35 22.62
N SER H 278 41.40 -1.11 23.66
CA SER H 278 40.41 -1.70 24.57
C SER H 278 40.96 -1.60 25.99
N ALA H 279 40.18 -1.99 26.99
CA ALA H 279 40.58 -1.87 28.39
C ALA H 279 39.97 -3.01 29.22
N LEU H 280 40.68 -3.42 30.25
CA LEU H 280 40.18 -4.32 31.30
C LEU H 280 39.92 -3.46 32.54
N VAL H 281 38.72 -3.58 33.09
CA VAL H 281 38.26 -2.79 34.26
C VAL H 281 37.77 -3.78 35.32
N ASP H 282 38.23 -3.61 36.57
CA ASP H 282 37.65 -4.27 37.77
C ASP H 282 36.45 -3.44 38.21
N THR H 283 35.24 -3.99 38.10
CA THR H 283 33.99 -3.26 38.41
C THR H 283 33.94 -2.95 39.91
N TRP H 284 33.36 -1.79 40.25
CA TRP H 284 33.19 -1.25 41.62
C TRP H 284 32.72 -2.35 42.61
N ASP H 285 31.85 -3.26 42.19
CA ASP H 285 31.18 -4.26 43.09
C ASP H 285 31.48 -5.70 42.65
N GLY H 286 32.39 -5.92 41.71
CA GLY H 286 32.72 -7.26 41.18
C GLY H 286 31.68 -7.82 40.22
N SER H 287 30.58 -7.10 39.94
CA SER H 287 29.48 -7.57 39.06
C SER H 287 29.87 -7.39 37.59
N GLY H 288 29.11 -8.04 36.70
CA GLY H 288 29.24 -7.93 35.24
C GLY H 288 27.93 -8.30 34.59
N PRO H 289 27.69 -7.96 33.30
CA PRO H 289 26.45 -8.35 32.64
C PRO H 289 26.54 -9.84 32.25
N ALA H 290 25.39 -10.47 32.10
CA ALA H 290 25.26 -11.91 31.73
C ALA H 290 25.50 -12.05 30.22
N THR H 291 25.25 -10.98 29.45
CA THR H 291 25.38 -10.98 27.98
C THR H 291 26.47 -10.02 27.55
N VAL H 292 26.97 -10.18 26.32
CA VAL H 292 27.66 -9.10 25.59
C VAL H 292 26.68 -7.92 25.51
N LEU H 293 27.21 -6.70 25.65
CA LEU H 293 26.48 -5.43 25.41
C LEU H 293 27.23 -4.71 24.30
N ARG H 294 26.54 -4.27 23.25
CA ARG H 294 27.21 -3.62 22.11
C ARG H 294 26.25 -2.69 21.37
N THR H 295 26.84 -1.73 20.67
CA THR H 295 26.17 -0.97 19.58
C THR H 295 26.51 -1.68 18.28
N SER H 296 25.85 -1.30 17.19
CA SER H 296 26.28 -1.64 15.80
C SER H 296 27.62 -0.96 15.54
N ASN H 297 28.33 -1.35 14.48
CA ASN H 297 29.61 -0.74 14.08
C ASN H 297 29.38 0.74 13.78
N ARG H 298 30.34 1.59 14.17
CA ARG H 298 30.21 3.07 14.14
C ARG H 298 31.32 3.66 13.27
N ALA H 299 31.55 4.97 13.35
CA ALA H 299 32.44 5.73 12.45
C ALA H 299 33.75 4.96 12.23
N PHE H 300 34.06 4.63 10.98
CA PHE H 300 35.35 4.05 10.56
C PHE H 300 35.61 2.74 11.31
N ALA H 301 34.55 1.92 11.47
CA ALA H 301 34.62 0.55 11.99
C ALA H 301 35.04 0.53 13.48
N CYS H 302 34.93 1.66 14.17
N CYS H 302 34.92 1.67 14.15
CA CYS H 302 34.93 1.73 15.65
CA CYS H 302 34.88 1.80 15.64
C CYS H 302 33.61 1.12 16.14
C CYS H 302 33.59 1.14 16.14
N GLY H 303 33.45 0.98 17.46
CA GLY H 303 32.21 0.46 18.04
C GLY H 303 32.33 0.37 19.55
N LEU H 304 31.22 0.43 20.27
CA LEU H 304 31.21 0.28 21.73
C LEU H 304 30.69 -1.11 22.09
N HIS H 305 31.43 -1.81 22.94
CA HIS H 305 30.97 -3.11 23.50
C HIS H 305 31.64 -3.36 24.85
N LEU H 306 30.94 -4.14 25.67
CA LEU H 306 31.43 -4.72 26.93
C LEU H 306 31.28 -6.24 26.81
N VAL H 307 32.39 -6.96 26.94
CA VAL H 307 32.44 -8.44 26.93
C VAL H 307 32.65 -8.91 28.37
N PRO H 308 31.76 -9.75 28.93
CA PRO H 308 31.96 -10.27 30.28
C PRO H 308 33.28 -11.04 30.42
N ARG H 309 33.89 -10.99 31.59
CA ARG H 309 35.08 -11.78 32.00
C ARG H 309 34.83 -12.37 33.39
N ALA H 310 35.57 -13.42 33.78
CA ALA H 310 35.50 -14.03 35.12
C ALA H 310 36.26 -13.14 36.11
N GLY H 311 35.91 -13.22 37.40
CA GLY H 311 36.69 -12.67 38.52
C GLY H 311 36.53 -11.16 38.70
N GLY H 312 35.34 -10.62 38.44
CA GLY H 312 35.00 -9.21 38.73
C GLY H 312 35.66 -8.22 37.77
N SER H 313 36.10 -8.70 36.61
CA SER H 313 36.66 -7.88 35.50
C SER H 313 35.63 -7.80 34.36
N VAL H 314 35.66 -6.71 33.59
CA VAL H 314 34.96 -6.59 32.29
C VAL H 314 35.95 -6.09 31.25
N TYR H 315 35.72 -6.46 29.99
CA TYR H 315 36.42 -5.93 28.80
C TYR H 315 35.53 -4.84 28.20
N ILE H 316 36.12 -3.69 27.90
CA ILE H 316 35.44 -2.62 27.12
C ILE H 316 36.31 -2.33 25.91
N GLY H 317 35.65 -2.16 24.77
CA GLY H 317 36.29 -1.77 23.51
C GLY H 317 35.26 -1.15 22.59
N ALA H 318 35.68 -0.79 21.39
CA ALA H 318 37.06 -0.81 20.95
C ALA H 318 37.22 0.26 19.88
N THR H 319 38.32 1.02 19.92
CA THR H 319 38.59 2.06 18.90
C THR H 319 39.17 1.37 17.68
N ASN H 320 39.25 2.09 16.57
CA ASN H 320 39.81 1.60 15.30
C ASN H 320 40.29 2.80 14.50
N ALA H 321 41.56 2.80 14.14
CA ALA H 321 42.17 3.79 13.23
C ALA H 321 43.15 3.04 12.33
N VAL H 322 42.95 3.12 11.01
CA VAL H 322 43.92 2.56 10.04
C VAL H 322 45.13 3.48 10.06
N CYS H 323 46.31 2.92 10.34
CA CYS H 323 47.61 3.62 10.36
C CYS H 323 48.51 2.99 9.29
N LEU H 324 49.20 3.82 8.51
CA LEU H 324 50.01 3.37 7.35
C LEU H 324 51.32 2.76 7.88
N GLU H 325 51.77 3.21 9.06
CA GLU H 325 52.87 2.59 9.84
C GLU H 325 52.28 2.00 11.11
N PRO H 326 52.85 0.91 11.67
CA PRO H 326 52.34 0.35 12.92
C PRO H 326 52.57 1.26 14.13
N ARG H 327 51.70 1.14 15.12
CA ARG H 327 51.72 1.92 16.39
C ARG H 327 51.34 0.97 17.53
N GLY H 328 52.14 0.93 18.59
CA GLY H 328 52.02 -0.05 19.67
C GLY H 328 51.39 0.52 20.92
N ALA H 329 50.97 1.79 20.90
CA ALA H 329 50.47 2.52 22.09
C ALA H 329 49.17 3.26 21.75
N ALA H 330 48.21 3.25 22.69
CA ALA H 330 46.96 4.03 22.62
C ALA H 330 47.32 5.52 22.65
N SER H 331 46.57 6.34 21.93
CA SER H 331 46.59 7.82 22.11
C SER H 331 45.72 8.18 23.31
N ILE H 332 45.91 9.38 23.84
CA ILE H 332 45.03 9.98 24.88
C ILE H 332 43.58 9.97 24.34
N ALA H 333 43.37 10.47 23.11
CA ALA H 333 42.04 10.63 22.50
C ALA H 333 41.29 9.29 22.48
N GLU H 334 41.97 8.21 22.11
CA GLU H 334 41.37 6.84 22.00
C GLU H 334 40.92 6.39 23.38
N THR H 335 41.79 6.52 24.38
CA THR H 335 41.51 6.15 25.78
C THR H 335 40.27 6.90 26.29
N VAL H 336 40.26 8.23 26.13
CA VAL H 336 39.18 9.11 26.67
C VAL H 336 37.86 8.74 25.99
N PHE H 337 37.89 8.56 24.67
CA PHE H 337 36.67 8.26 23.87
C PHE H 337 36.11 6.90 24.34
N LEU H 338 36.95 5.87 24.42
CA LEU H 338 36.50 4.52 24.86
C LEU H 338 35.86 4.62 26.25
N PHE H 339 36.51 5.29 27.20
CA PHE H 339 36.06 5.36 28.61
C PHE H 339 34.78 6.21 28.70
N ASN H 340 34.72 7.33 27.98
CA ASN H 340 33.54 8.24 28.00
C ASN H 340 32.30 7.50 27.48
N CYS H 341 32.44 6.73 26.40
CA CYS H 341 31.29 6.01 25.79
C CYS H 341 30.80 4.92 26.76
N ALA H 342 31.72 4.16 27.36
CA ALA H 342 31.38 3.03 28.26
C ALA H 342 30.66 3.55 29.50
N THR H 343 31.16 4.62 30.13
CA THR H 343 30.59 5.16 31.39
C THR H 343 29.20 5.75 31.15
N HIS H 344 28.96 6.42 30.01
CA HIS H 344 27.68 7.10 29.72
C HIS H 344 26.67 6.14 29.10
N GLN H 345 27.08 5.32 28.14
CA GLN H 345 26.14 4.53 27.29
C GLN H 345 25.87 3.15 27.92
N LEU H 346 26.75 2.63 28.79
CA LEU H 346 26.62 1.25 29.34
C LEU H 346 26.38 1.29 30.86
N HIS H 347 27.35 1.74 31.66
CA HIS H 347 27.23 1.74 33.14
C HIS H 347 28.05 2.86 33.77
N ARG H 348 27.38 3.77 34.47
CA ARG H 348 28.00 4.92 35.20
C ARG H 348 28.91 4.40 36.32
N GLY H 349 28.65 3.20 36.85
CA GLY H 349 29.51 2.51 37.83
C GLY H 349 30.93 2.28 37.33
N LEU H 350 31.15 2.25 36.01
CA LEU H 350 32.51 2.07 35.46
C LEU H 350 33.35 3.33 35.73
N ASN H 351 32.71 4.45 36.00
CA ASN H 351 33.41 5.75 36.23
C ASN H 351 34.32 5.63 37.47
N GLY H 352 33.81 5.06 38.56
CA GLY H 352 34.52 4.87 39.83
C GLY H 352 35.23 3.52 39.91
N SER H 353 35.20 2.73 38.84
CA SER H 353 35.84 1.40 38.77
C SER H 353 37.32 1.54 38.43
N GLU H 354 38.12 0.55 38.79
CA GLU H 354 39.60 0.59 38.64
C GLU H 354 39.99 0.10 37.25
N LEU H 355 40.82 0.89 36.57
CA LEU H 355 41.49 0.53 35.30
C LEU H 355 42.60 -0.48 35.59
N ARG H 356 42.44 -1.72 35.11
CA ARG H 356 43.45 -2.82 35.21
C ARG H 356 44.50 -2.65 34.10
N LYS H 357 44.06 -2.42 32.86
CA LYS H 357 44.96 -2.47 31.68
C LYS H 357 44.33 -1.76 30.48
N VAL H 358 45.12 -0.96 29.78
CA VAL H 358 44.81 -0.42 28.43
C VAL H 358 45.52 -1.34 27.43
N GLN H 359 44.78 -1.92 26.49
CA GLN H 359 45.30 -2.92 25.52
C GLN H 359 45.32 -2.28 24.13
N VAL H 360 46.37 -2.55 23.36
CA VAL H 360 46.52 -2.08 21.95
C VAL H 360 46.91 -3.27 21.08
N GLY H 361 46.18 -3.47 19.99
CA GLY H 361 46.44 -4.48 18.95
C GLY H 361 46.14 -3.93 17.57
N SER H 362 46.70 -4.55 16.54
CA SER H 362 46.55 -4.14 15.12
C SER H 362 45.62 -5.13 14.42
N ARG H 363 44.38 -4.72 14.16
CA ARG H 363 43.48 -5.41 13.20
C ARG H 363 44.18 -5.39 11.84
N PRO H 364 44.47 -6.55 11.21
CA PRO H 364 45.01 -6.57 9.86
C PRO H 364 43.95 -6.00 8.89
N ALA H 365 44.23 -4.82 8.32
CA ALA H 365 43.28 -4.04 7.50
C ALA H 365 43.67 -4.15 6.02
N PRO H 366 43.00 -5.02 5.24
CA PRO H 366 43.35 -5.19 3.83
C PRO H 366 42.95 -3.96 3.01
N ILE H 367 43.79 -3.55 2.07
CA ILE H 367 43.61 -2.30 1.27
C ILE H 367 42.30 -2.34 0.47
N ASP H 368 41.77 -3.52 0.11
CA ASP H 368 40.54 -3.64 -0.71
C ASP H 368 39.36 -4.11 0.16
N GLY H 369 39.56 -4.23 1.48
CA GLY H 369 38.48 -4.41 2.47
C GLY H 369 38.06 -5.86 2.65
N PHE H 370 38.79 -6.82 2.10
CA PHE H 370 38.41 -8.25 2.22
C PHE H 370 39.61 -9.11 2.55
N PRO H 371 39.37 -10.25 3.24
CA PRO H 371 40.45 -11.08 3.76
C PRO H 371 41.31 -11.70 2.64
N LEU H 372 42.49 -12.18 3.03
CA LEU H 372 43.46 -12.91 2.18
C LEU H 372 43.59 -14.33 2.76
N ILE H 373 42.82 -15.27 2.20
CA ILE H 373 42.72 -16.67 2.71
C ILE H 373 42.96 -17.65 1.55
N GLY H 374 44.02 -18.44 1.66
CA GLY H 374 44.18 -19.64 0.82
C GLY H 374 45.52 -19.68 0.11
N GLY H 375 45.50 -20.24 -1.11
CA GLY H 375 46.71 -20.63 -1.87
C GLY H 375 47.29 -19.47 -2.63
N THR H 376 48.51 -19.68 -3.11
CA THR H 376 49.38 -18.67 -3.78
C THR H 376 49.85 -19.30 -5.11
N SER H 377 50.47 -18.54 -6.00
CA SER H 377 51.06 -19.02 -7.26
C SER H 377 52.34 -19.84 -6.97
N VAL H 378 52.93 -19.63 -5.78
CA VAL H 378 54.07 -20.42 -5.24
C VAL H 378 53.53 -21.65 -4.52
N GLU H 379 53.96 -22.85 -4.94
CA GLU H 379 53.54 -24.15 -4.37
C GLU H 379 54.01 -24.22 -2.91
N GLY H 380 53.10 -24.61 -2.02
CA GLY H 380 53.37 -24.75 -0.57
C GLY H 380 53.20 -23.45 0.20
N LEU H 381 53.00 -22.30 -0.47
CA LEU H 381 52.84 -20.98 0.20
C LEU H 381 51.35 -20.67 0.38
N TRP H 382 50.91 -20.63 1.64
CA TRP H 382 49.50 -20.30 2.01
C TRP H 382 49.51 -19.01 2.84
N MET H 383 48.37 -18.31 2.84
CA MET H 383 48.21 -17.03 3.55
C MET H 383 46.86 -17.06 4.26
N LEU H 384 46.83 -16.56 5.50
CA LEU H 384 45.62 -16.50 6.34
C LEU H 384 45.65 -15.18 7.12
N SER H 385 45.09 -14.11 6.56
CA SER H 385 45.26 -12.72 7.08
C SER H 385 44.21 -11.77 6.53
N GLY H 386 44.32 -10.49 6.92
CA GLY H 386 43.46 -9.38 6.47
C GLY H 386 42.03 -9.53 6.95
N THR H 387 41.84 -10.10 8.15
CA THR H 387 40.48 -10.41 8.69
C THR H 387 39.89 -9.22 9.46
N TYR H 388 40.65 -8.14 9.64
CA TYR H 388 40.15 -6.85 10.22
C TYR H 388 39.45 -7.11 11.56
N ARG H 389 38.11 -7.04 11.60
CA ARG H 389 37.32 -7.02 12.87
C ARG H 389 36.94 -8.43 13.34
N ASP H 390 37.07 -9.47 12.50
CA ASP H 390 36.35 -10.76 12.80
C ASP H 390 37.16 -12.00 12.37
N GLY H 391 38.48 -11.91 12.31
CA GLY H 391 39.36 -13.09 12.13
C GLY H 391 39.17 -14.09 13.24
N LEU H 392 39.09 -13.60 14.49
CA LEU H 392 38.98 -14.45 15.70
C LEU H 392 37.68 -15.25 15.61
N HIS H 393 36.57 -14.60 15.27
CA HIS H 393 35.25 -15.26 15.16
C HIS H 393 35.32 -16.33 14.07
N MET H 394 35.93 -16.02 12.95
CA MET H 394 35.93 -16.91 11.75
C MET H 394 37.04 -17.96 11.85
N SER H 395 37.91 -17.90 12.86
CA SER H 395 39.15 -18.72 12.97
C SER H 395 38.86 -20.20 12.74
N PRO H 396 37.90 -20.86 13.45
CA PRO H 396 37.69 -22.29 13.25
C PRO H 396 37.37 -22.63 11.79
N LEU H 397 36.50 -21.85 11.15
CA LEU H 397 36.10 -22.02 9.74
C LEU H 397 37.30 -21.77 8.82
N LEU H 398 38.07 -20.71 9.04
CA LEU H 398 39.21 -20.33 8.14
C LEU H 398 40.31 -21.39 8.24
N ALA H 399 40.53 -21.93 9.44
CA ALA H 399 41.54 -22.98 9.71
C ALA H 399 41.15 -24.25 8.94
N ARG H 400 39.89 -24.69 9.07
CA ARG H 400 39.34 -25.87 8.36
C ARG H 400 39.47 -25.67 6.84
N HIS H 401 39.15 -24.47 6.35
CA HIS H 401 39.23 -24.14 4.90
C HIS H 401 40.67 -24.37 4.41
N VAL H 402 41.66 -23.76 5.05
CA VAL H 402 43.07 -23.80 4.58
C VAL H 402 43.62 -25.23 4.66
N VAL H 403 43.24 -25.99 5.69
CA VAL H 403 43.68 -27.40 5.88
C VAL H 403 43.09 -28.27 4.77
N SER H 404 41.80 -28.10 4.45
CA SER H 404 41.14 -28.79 3.32
C SER H 404 41.92 -28.50 2.03
N LEU H 405 42.24 -27.23 1.75
CA LEU H 405 43.00 -26.83 0.53
C LEU H 405 44.37 -27.51 0.53
N MET H 406 45.02 -27.59 1.69
CA MET H 406 46.40 -28.16 1.82
C MET H 406 46.37 -29.67 1.59
N ASP H 407 45.20 -30.31 1.79
CA ASP H 407 45.00 -31.78 1.67
C ASP H 407 44.40 -32.12 0.31
N GLY H 408 44.36 -31.16 -0.62
CA GLY H 408 43.85 -31.33 -2.00
C GLY H 408 42.34 -31.17 -2.11
N GLY H 409 41.65 -30.71 -1.05
CA GLY H 409 40.20 -30.46 -1.04
C GLY H 409 39.85 -29.09 -1.59
N THR H 410 38.58 -28.70 -1.53
CA THR H 410 38.06 -27.37 -1.98
C THR H 410 37.68 -26.50 -0.78
N GLY H 411 37.70 -27.05 0.44
CA GLY H 411 37.37 -26.33 1.68
C GLY H 411 35.94 -25.81 1.67
N VAL H 412 35.75 -24.55 2.09
CA VAL H 412 34.42 -23.89 2.25
C VAL H 412 34.12 -23.10 0.98
N ASP H 413 32.89 -23.21 0.46
CA ASP H 413 32.48 -22.76 -0.89
C ASP H 413 32.78 -21.26 -1.07
N GLY H 414 32.22 -20.41 -0.20
CA GLY H 414 32.17 -18.95 -0.38
C GLY H 414 33.52 -18.24 -0.27
N LEU H 415 34.58 -18.94 0.14
CA LEU H 415 35.89 -18.32 0.47
C LEU H 415 36.80 -18.19 -0.77
N ARG H 416 36.38 -18.67 -1.95
CA ARG H 416 37.18 -18.60 -3.20
C ARG H 416 37.43 -17.13 -3.57
N GLU H 417 36.43 -16.25 -3.41
CA GLU H 417 36.54 -14.82 -3.82
C GLU H 417 37.68 -14.13 -3.05
N PHE H 418 38.12 -14.69 -1.91
CA PHE H 418 39.09 -14.05 -0.99
C PHE H 418 40.48 -14.70 -1.10
N ARG H 419 40.76 -15.37 -2.23
CA ARG H 419 42.12 -15.81 -2.65
C ARG H 419 43.11 -14.70 -2.32
N PRO H 420 44.27 -15.00 -1.69
CA PRO H 420 45.23 -13.96 -1.33
C PRO H 420 45.90 -13.31 -2.55
N GLU H 421 46.03 -14.05 -3.65
CA GLU H 421 46.70 -13.57 -4.89
C GLU H 421 45.61 -13.14 -5.87
N ARG H 422 45.41 -11.83 -6.01
CA ARG H 422 44.25 -11.24 -6.71
C ARG H 422 44.54 -9.79 -7.06
N ASP H 423 43.87 -9.28 -8.09
CA ASP H 423 43.63 -7.83 -8.31
C ASP H 423 42.87 -7.32 -7.09
N LEU H 424 43.10 -6.06 -6.72
CA LEU H 424 42.29 -5.37 -5.69
C LEU H 424 40.82 -5.48 -6.08
N ILE H 425 39.99 -6.00 -5.18
CA ILE H 425 38.51 -6.02 -5.30
C ILE H 425 37.99 -4.57 -5.25
N SER H 426 36.96 -4.28 -6.06
CA SER H 426 36.18 -3.02 -6.07
C SER H 426 34.72 -3.36 -5.71
N ALA H 427 34.43 -3.53 -4.42
CA ALA H 427 33.12 -4.01 -3.92
C ALA H 427 32.09 -2.87 -3.95
N TRP H 428 32.53 -1.62 -4.05
CA TRP H 428 31.65 -0.43 -4.06
C TRP H 428 32.12 0.54 -5.15
N SER H 429 31.18 1.30 -5.72
CA SER H 429 31.47 2.46 -6.62
C SER H 429 32.19 3.54 -5.82
N ARG H 430 33.01 4.34 -6.51
CA ARG H 430 33.65 5.58 -5.98
C ARG H 430 32.59 6.46 -5.31
N GLU H 431 31.43 6.58 -5.93
CA GLU H 431 30.29 7.41 -5.45
C GLU H 431 29.85 6.90 -4.07
N GLU H 432 29.61 5.60 -3.93
CA GLU H 432 29.17 4.99 -2.64
C GLU H 432 30.22 5.30 -1.57
N ILE H 433 31.51 5.17 -1.88
CA ILE H 433 32.61 5.31 -0.89
C ILE H 433 32.72 6.78 -0.48
N LEU H 434 32.55 7.72 -1.41
CA LEU H 434 32.62 9.18 -1.11
C LEU H 434 31.46 9.59 -0.21
N ASP H 435 30.24 9.12 -0.47
CA ASP H 435 29.08 9.30 0.46
C ASP H 435 29.41 8.70 1.84
N ASP H 436 29.99 7.50 1.86
CA ASP H 436 30.26 6.75 3.12
C ASP H 436 31.32 7.51 3.93
N VAL H 437 32.42 7.95 3.33
CA VAL H 437 33.57 8.57 4.05
C VAL H 437 33.11 9.91 4.68
N VAL H 438 32.24 10.65 4.01
CA VAL H 438 31.72 11.95 4.51
C VAL H 438 30.76 11.67 5.68
N ARG H 439 29.90 10.67 5.51
CA ARG H 439 28.93 10.25 6.55
C ARG H 439 29.69 9.81 7.81
N HIS H 440 30.72 8.98 7.66
CA HIS H 440 31.54 8.44 8.77
C HIS H 440 32.30 9.60 9.43
N THR H 441 32.82 10.53 8.64
CA THR H 441 33.52 11.73 9.16
C THR H 441 32.55 12.51 10.06
N MET H 442 31.34 12.78 9.58
CA MET H 442 30.29 13.48 10.35
C MET H 442 29.98 12.67 11.62
N ALA H 443 29.94 11.35 11.52
CA ALA H 443 29.62 10.43 12.64
C ALA H 443 30.63 10.59 13.77
N THR H 444 31.91 10.88 13.49
CA THR H 444 32.93 11.08 14.56
C THR H 444 32.50 12.25 15.45
N GLY H 445 31.78 13.22 14.89
CA GLY H 445 31.21 14.36 15.62
C GLY H 445 30.05 13.93 16.50
N TYR H 446 29.07 13.24 15.94
CA TYR H 446 27.82 12.85 16.64
C TYR H 446 28.14 11.81 17.72
N GLU H 447 29.22 11.06 17.57
CA GLU H 447 29.59 9.96 18.50
C GLU H 447 30.33 10.54 19.72
N PHE H 448 30.82 11.77 19.64
CA PHE H 448 31.69 12.36 20.69
C PHE H 448 30.97 12.42 22.03
N PRO H 449 29.72 12.94 22.14
CA PRO H 449 29.01 13.66 21.09
C PRO H 449 29.35 15.15 21.17
N TRP H 450 29.46 15.84 20.04
CA TRP H 450 29.79 17.28 20.03
C TRP H 450 28.56 18.11 20.40
N ARG H 451 28.79 19.37 20.76
CA ARG H 451 27.74 20.40 20.85
C ARG H 451 28.25 21.61 20.06
N LEU H 452 27.54 22.00 19.01
CA LEU H 452 28.02 23.10 18.15
C LEU H 452 26.82 23.81 17.51
N PRO H 453 27.03 25.00 16.93
CA PRO H 453 25.95 25.75 16.31
C PRO H 453 25.32 24.89 15.22
N LEU H 454 24.01 24.97 15.04
CA LEU H 454 23.31 24.09 14.09
C LEU H 454 23.69 24.37 12.63
N GLU H 455 24.23 25.53 12.27
CA GLU H 455 24.68 25.77 10.86
C GLU H 455 25.93 24.93 10.55
N TRP H 456 26.73 24.58 11.55
CA TRP H 456 28.10 24.05 11.35
C TRP H 456 28.09 22.65 10.72
N PRO H 457 27.27 21.69 11.17
CA PRO H 457 27.23 20.37 10.53
C PRO H 457 26.92 20.44 9.03
N HIS H 458 25.99 21.30 8.62
CA HIS H 458 25.65 21.52 7.18
C HIS H 458 26.87 22.07 6.45
N MET H 459 27.57 23.06 7.00
CA MET H 459 28.83 23.62 6.41
C MET H 459 29.85 22.49 6.23
N MET H 460 30.09 21.67 7.25
CA MET H 460 31.14 20.62 7.20
C MET H 460 30.74 19.57 6.15
N GLU H 461 29.48 19.14 6.12
CA GLU H 461 28.96 18.18 5.11
C GLU H 461 29.41 18.66 3.72
N THR H 462 29.12 19.90 3.35
CA THR H 462 29.34 20.39 1.97
C THR H 462 30.84 20.60 1.73
N PHE H 463 31.61 21.05 2.72
CA PHE H 463 33.06 21.39 2.55
C PHE H 463 33.96 20.15 2.64
N LEU H 464 33.44 19.00 3.07
CA LEU H 464 34.19 17.71 3.12
C LEU H 464 34.13 17.01 1.77
N GLN H 465 33.07 17.18 0.99
CA GLN H 465 32.80 16.44 -0.27
C GLN H 465 33.93 16.69 -1.27
N GLY H 466 34.23 17.96 -1.57
CA GLY H 466 35.26 18.37 -2.54
C GLY H 466 36.61 17.70 -2.28
N PRO H 467 37.24 17.94 -1.11
CA PRO H 467 38.55 17.36 -0.80
C PRO H 467 38.64 15.83 -0.92
N PHE H 468 37.62 15.09 -0.47
CA PHE H 468 37.60 13.60 -0.55
C PHE H 468 37.42 13.17 -2.01
N ALA H 469 36.58 13.86 -2.80
CA ALA H 469 36.37 13.59 -4.25
C ALA H 469 37.69 13.82 -4.99
N GLU H 470 38.41 14.87 -4.66
CA GLU H 470 39.72 15.25 -5.24
C GLU H 470 40.77 14.18 -4.92
N LEU H 471 40.80 13.69 -3.68
CA LEU H 471 41.76 12.66 -3.23
C LEU H 471 41.52 11.36 -4.02
N ALA H 472 40.27 10.92 -4.09
CA ALA H 472 39.86 9.67 -4.77
C ALA H 472 40.29 9.69 -6.24
N ASP H 473 40.09 10.83 -6.91
CA ASP H 473 40.41 11.03 -8.36
C ASP H 473 41.93 11.03 -8.56
N ARG H 474 42.67 11.64 -7.63
CA ARG H 474 44.15 11.78 -7.68
C ARG H 474 44.82 10.42 -7.45
N LEU H 475 44.20 9.53 -6.66
CA LEU H 475 44.85 8.28 -6.16
C LEU H 475 44.95 7.26 -7.30
N SER H 476 43.92 7.12 -8.13
CA SER H 476 43.81 6.09 -9.18
C SER H 476 42.57 6.34 -10.05
N ASP H 477 42.63 5.96 -11.32
CA ASP H 477 41.50 6.01 -12.29
C ASP H 477 40.56 4.82 -12.07
N THR H 478 41.00 3.79 -11.34
CA THR H 478 40.29 2.49 -11.30
C THR H 478 39.99 2.09 -9.84
N TYR H 479 40.98 2.13 -8.93
CA TYR H 479 40.79 1.69 -7.52
C TYR H 479 40.39 2.87 -6.63
N THR H 480 39.45 2.58 -5.72
CA THR H 480 39.06 3.51 -4.63
C THR H 480 39.24 2.80 -3.28
N PRO H 481 40.07 3.36 -2.36
CA PRO H 481 40.23 2.77 -1.03
C PRO H 481 38.91 2.85 -0.27
N PRO H 482 38.54 1.82 0.52
CA PRO H 482 37.36 1.91 1.38
C PRO H 482 37.51 3.07 2.37
N ALA H 483 36.39 3.54 2.93
CA ALA H 483 36.29 4.76 3.76
C ALA H 483 37.35 4.75 4.88
N ASP H 484 37.43 3.64 5.62
CA ASP H 484 38.35 3.48 6.78
C ASP H 484 39.77 3.87 6.35
N LEU H 485 40.20 3.42 5.18
CA LEU H 485 41.58 3.64 4.69
C LEU H 485 41.66 5.01 4.02
N MET H 486 40.58 5.47 3.37
CA MET H 486 40.59 6.76 2.65
C MET H 486 40.85 7.92 3.66
N THR H 487 40.23 7.90 4.83
CA THR H 487 40.42 8.97 5.85
C THR H 487 41.87 8.92 6.32
N ALA H 488 42.46 7.73 6.50
CA ALA H 488 43.87 7.60 6.91
C ALA H 488 44.77 8.23 5.83
N ILE H 489 44.48 7.95 4.56
CA ILE H 489 45.27 8.49 3.43
C ILE H 489 45.09 10.01 3.38
N MET H 490 43.87 10.51 3.56
CA MET H 490 43.55 11.98 3.55
C MET H 490 44.46 12.72 4.53
N PHE H 491 44.74 12.16 5.70
CA PHE H 491 45.46 12.84 6.80
C PHE H 491 46.89 12.29 6.96
N SER H 492 47.41 11.60 5.95
CA SER H 492 48.82 11.13 5.87
C SER H 492 49.67 12.21 5.19
N GLU H 493 51.00 12.04 5.16
CA GLU H 493 51.95 12.97 4.48
C GLU H 493 51.78 12.86 2.96
N ARG H 494 52.15 13.90 2.21
CA ARG H 494 52.15 13.92 0.72
C ARG H 494 52.99 12.76 0.16
N GLU H 495 54.13 12.45 0.77
CA GLU H 495 55.05 11.35 0.32
C GLU H 495 54.28 10.02 0.37
N GLN H 496 53.52 9.80 1.45
CA GLN H 496 52.75 8.54 1.69
C GLN H 496 51.60 8.42 0.68
N GLN H 497 50.96 9.54 0.32
CA GLN H 497 49.91 9.61 -0.71
C GLN H 497 50.50 9.25 -2.08
N ASP H 498 51.64 9.85 -2.43
CA ASP H 498 52.33 9.65 -3.72
C ASP H 498 52.75 8.17 -3.85
N GLU H 499 53.28 7.60 -2.78
CA GLU H 499 53.67 6.17 -2.72
C GLU H 499 52.44 5.29 -3.01
N LEU H 500 51.26 5.65 -2.49
CA LEU H 500 50.00 4.90 -2.74
C LEU H 500 49.57 5.06 -4.22
N ILE H 501 49.77 6.23 -4.82
CA ILE H 501 49.43 6.48 -6.25
C ILE H 501 50.29 5.53 -7.11
N ALA H 502 51.58 5.40 -6.80
CA ALA H 502 52.54 4.48 -7.47
C ALA H 502 52.08 3.03 -7.27
N TYR H 503 51.79 2.63 -6.03
CA TYR H 503 51.32 1.26 -5.70
C TYR H 503 50.09 0.91 -6.56
N TYR H 504 49.06 1.76 -6.54
CA TYR H 504 47.78 1.54 -7.27
C TYR H 504 48.05 1.41 -8.77
N ALA H 505 48.95 2.25 -9.31
CA ALA H 505 49.34 2.26 -10.74
C ALA H 505 50.04 0.94 -11.09
N ASP H 506 51.03 0.52 -10.27
CA ASP H 506 51.80 -0.74 -10.46
C ASP H 506 50.86 -1.95 -10.40
N VAL H 507 49.82 -1.90 -9.57
CA VAL H 507 48.83 -3.01 -9.43
C VAL H 507 47.99 -3.07 -10.71
N HIS H 508 47.59 -1.91 -11.26
CA HIS H 508 46.79 -1.83 -12.51
C HIS H 508 47.60 -2.45 -13.66
N ARG H 509 48.88 -2.09 -13.80
CA ARG H 509 49.78 -2.59 -14.87
C ARG H 509 49.92 -4.12 -14.76
N GLU H 510 49.95 -4.66 -13.54
CA GLU H 510 50.15 -6.10 -13.27
C GLU H 510 48.90 -6.91 -13.67
N TRP H 511 47.69 -6.35 -13.58
CA TRP H 511 46.42 -7.11 -13.62
C TRP H 511 45.56 -6.75 -14.84
N HIS H 512 45.68 -5.55 -15.40
CA HIS H 512 44.81 -5.04 -16.51
C HIS H 512 45.61 -5.01 -17.81
PA FAD I . -17.77 -57.86 -28.19
O1A FAD I . -18.26 -57.54 -26.82
O2A FAD I . -17.36 -56.80 -29.17
O5B FAD I . -16.55 -58.88 -28.02
C5B FAD I . -15.96 -59.49 -29.17
C4B FAD I . -14.51 -59.72 -28.82
O4B FAD I . -13.87 -60.43 -29.89
C3B FAD I . -13.72 -58.42 -28.59
O3B FAD I . -13.16 -58.41 -27.29
C2B FAD I . -12.65 -58.45 -29.67
O2B FAD I . -11.41 -57.95 -29.21
C1B FAD I . -12.57 -59.94 -30.00
N9A FAD I . -12.07 -60.22 -31.31
C8A FAD I . -12.18 -59.47 -32.46
N7A FAD I . -11.57 -60.01 -33.48
C5A FAD I . -11.04 -61.20 -32.98
C6A FAD I . -10.29 -62.24 -33.56
N6A FAD I . -9.91 -62.26 -34.83
N1A FAD I . -9.91 -63.26 -32.75
C2A FAD I . -10.28 -63.25 -31.46
N3A FAD I . -11.01 -62.33 -30.82
C4A FAD I . -11.34 -61.32 -31.64
N1 FAD I . -25.66 -54.36 -24.13
C2 FAD I . -26.70 -54.48 -23.31
O2 FAD I . -27.31 -55.54 -23.25
N3 FAD I . -27.08 -53.51 -22.48
C4 FAD I . -26.49 -52.27 -22.48
O4 FAD I . -26.90 -51.42 -21.71
C4X FAD I . -25.40 -52.07 -23.38
N5 FAD I . -24.81 -50.90 -23.43
C5X FAD I . -23.78 -50.75 -24.32
C6 FAD I . -23.12 -49.51 -24.42
C7 FAD I . -22.08 -49.30 -25.29
C7M FAD I . -21.40 -47.95 -25.34
C8 FAD I . -21.66 -50.36 -26.13
C8M FAD I . -20.54 -50.19 -27.13
C9 FAD I . -22.27 -51.58 -26.04
C9A FAD I . -23.34 -51.80 -25.15
N10 FAD I . -24.00 -53.04 -25.08
C10 FAD I . -25.04 -53.20 -24.19
C1' FAD I . -23.44 -54.18 -25.84
C2' FAD I . -24.37 -54.95 -26.75
O2' FAD I . -25.22 -55.82 -26.01
C3' FAD I . -23.48 -55.75 -27.72
O3' FAD I . -24.33 -56.26 -28.75
C4' FAD I . -22.69 -56.93 -27.14
O4' FAD I . -21.76 -56.54 -26.12
C5' FAD I . -21.91 -57.63 -28.22
O5' FAD I . -20.93 -58.49 -27.57
P FAD I . -20.12 -59.61 -28.39
O1P FAD I . -19.60 -60.54 -27.34
O2P FAD I . -20.92 -60.10 -29.54
O3P FAD I . -18.84 -58.81 -28.93
N GLY J . -28.26 -51.10 -24.56
CA GLY J . -27.70 -49.75 -24.26
C GLY J . -26.74 -49.28 -25.36
O GLY J . -26.39 -50.08 -26.23
OXT GLY J . -26.33 -48.11 -25.38
C4 I55 K . -23.11 -38.11 -38.00
C14 I55 K . -26.89 -35.70 -38.35
C5 I55 K . -21.06 -38.43 -36.78
C6 I55 K . -19.11 -38.95 -35.80
C11 I55 K . -23.79 -36.82 -39.84
C7 I55 K . -17.87 -38.40 -35.15
C8 I55 K . -16.52 -39.63 -36.90
C9 I55 K . -17.85 -40.01 -37.56
C10 I55 K . -18.90 -38.93 -37.32
C12 I55 K . -23.43 -35.67 -40.70
C13 I55 K . -25.24 -37.01 -39.46
N1 I55 K . -25.52 -40.67 -33.43
N2 I55 K . -24.60 -39.63 -36.74
C3 I55 K . -24.43 -38.48 -37.59
N3 I55 K . -22.30 -38.13 -36.83
C1 I55 K . -25.36 -40.94 -34.87
C2 I55 K . -25.25 -39.62 -35.59
O1 I55 K . -25.75 -38.61 -35.11
N4 I55 K . -20.33 -38.18 -35.69
O2 I55 K . -17.95 -37.59 -34.23
N5 I55 K . -16.71 -38.84 -35.67
O3 I55 K . -18.30 -41.26 -37.00
N6 I55 K . -20.29 -39.04 -37.71
O4 I55 K . -22.90 -36.96 -38.76
O5 I55 K . -22.02 -35.65 -40.91
O6 I55 K . -25.58 -35.90 -38.60
N7 I55 K . -27.06 -34.73 -37.44
O7 I55 K . -27.79 -36.33 -38.87
C15 I55 K . -25.43 -38.33 -38.70
O8 I55 K . -25.25 -39.42 -39.60
PA FAD L . 6.03 -30.49 -12.37
O1A FAD L . 6.08 -30.50 -13.87
O2A FAD L . 4.77 -30.65 -11.59
O5B FAD L . 7.12 -31.55 -11.86
C5B FAD L . 7.25 -31.90 -10.47
C4B FAD L . 7.47 -33.38 -10.39
O4B FAD L . 7.89 -33.74 -9.05
C3B FAD L . 6.25 -34.24 -10.72
O3B FAD L . 6.58 -35.18 -11.71
C2B FAD L . 5.87 -34.86 -9.37
O2B FAD L . 5.30 -36.14 -9.51
C1B FAD L . 7.23 -34.93 -8.68
N9A FAD L . 7.18 -35.01 -7.23
C8A FAD L . 6.19 -34.59 -6.35
N7A FAD L . 6.49 -34.86 -5.09
C5A FAD L . 7.74 -35.48 -5.15
C6A FAD L . 8.61 -35.99 -4.16
N6A FAD L . 8.32 -36.00 -2.86
N1A FAD L . 9.78 -36.54 -4.57
C2A FAD L . 10.05 -36.55 -5.88
N3A FAD L . 9.31 -36.10 -6.91
C4A FAD L . 8.17 -35.57 -6.46
N1 FAD L . 4.22 -23.89 -19.05
C2 FAD L . 4.60 -23.10 -20.07
O2 FAD L . 5.67 -22.49 -20.03
N3 FAD L . 3.89 -23.03 -21.24
C4 FAD L . 2.69 -23.67 -21.39
O4 FAD L . 2.10 -23.58 -22.45
C4X FAD L . 2.21 -24.45 -20.30
N5 FAD L . 1.05 -25.07 -20.41
C5X FAD L . 0.62 -25.78 -19.33
C6 FAD L . -0.64 -26.41 -19.40
C7 FAD L . -1.14 -27.14 -18.34
C7M FAD L . -2.47 -27.82 -18.46
C8 FAD L . -0.36 -27.28 -17.17
C8M FAD L . -0.88 -28.07 -16.00
C9 FAD L . 0.87 -26.70 -17.10
C9A FAD L . 1.37 -25.92 -18.15
N10 FAD L . 2.61 -25.28 -18.08
C10 FAD L . 3.06 -24.52 -19.14
C1' FAD L . 3.48 -25.56 -16.92
C2' FAD L . 4.05 -24.41 -16.13
O2' FAD L . 5.08 -23.75 -16.85
C3' FAD L . 4.56 -24.99 -14.80
O3' FAD L . 4.88 -23.88 -13.96
C4' FAD L . 5.78 -25.94 -14.83
O4' FAD L . 5.61 -27.11 -15.62
C5' FAD L . 6.13 -26.46 -13.46
O5' FAD L . 7.22 -27.43 -13.59
P FAD L . 7.80 -28.13 -12.27
O1P FAD L . 8.98 -28.97 -12.68
O2P FAD L . 7.92 -27.10 -11.20
O3P FAD L . 6.62 -29.10 -11.84
N GLY M . 1.08 -21.44 -20.18
CA GLY M . -0.17 -22.12 -20.63
C GLY M . -0.97 -22.68 -19.46
O GLY M . -2.10 -23.13 -19.68
OXT GLY M . -0.50 -22.69 -18.29
C4 I55 N . -15.21 -22.92 -9.92
C14 I55 N . -17.48 -19.28 -11.00
C5 I55 N . -14.67 -25.17 -10.43
C6 I55 N . -14.12 -27.37 -10.60
C11 I55 N . -16.86 -21.91 -8.57
C7 I55 N . -14.58 -28.76 -10.91
C8 I55 N . -13.91 -29.42 -8.55
C9 I55 N . -13.60 -27.95 -8.28
C10 I55 N . -14.49 -27.05 -9.14
C12 I55 N . -18.15 -22.11 -7.84
C13 I55 N . -16.58 -20.56 -9.17
N1 I55 N . -11.35 -21.43 -13.86
N2 I55 N . -13.30 -21.51 -10.81
C3 I55 N . -14.66 -21.63 -10.31
N3 I55 N . -14.83 -23.95 -10.83
C1 I55 N . -11.51 -21.53 -12.39
C2 I55 N . -12.98 -21.53 -12.09
O1 I55 N . -13.82 -21.52 -13.00
N4 I55 N . -14.76 -26.24 -11.26
O2 I55 N . -15.10 -29.05 -12.00
N5 I55 N . -14.43 -29.65 -9.91
O3 I55 N . -12.20 -27.70 -8.56
N6 I55 N . -14.37 -25.60 -9.17
O4 I55 N . -16.51 -22.99 -9.41
O5 I55 N . -18.34 -23.47 -7.45
O6 I55 N . -17.35 -20.47 -10.39
N7 I55 N . -18.23 -19.42 -12.10
O7 I55 N . -17.01 -18.22 -10.62
C15 I55 N . -15.10 -20.46 -9.49
O8 I55 N . -14.28 -20.41 -8.31
PA FAD O . -43.01 5.55 -50.71
O1A FAD O . -42.35 6.14 -49.49
O2A FAD O . -43.69 4.23 -50.60
O5B FAD O . -44.03 6.64 -51.30
C5B FAD O . -45.14 6.29 -52.17
C4B FAD O . -46.37 7.00 -51.64
O4B FAD O . -47.41 7.00 -52.66
C3B FAD O . -46.98 6.38 -50.37
O3B FAD O . -47.16 7.37 -49.38
C2B FAD O . -48.28 5.74 -50.89
O2B FAD O . -49.30 5.70 -49.91
C1B FAD O . -48.64 6.66 -52.05
N9A FAD O . -49.50 6.02 -53.07
C8A FAD O . -49.67 4.67 -53.31
N7A FAD O . -50.49 4.44 -54.32
C5A FAD O . -50.86 5.70 -54.77
C6A FAD O . -51.70 6.13 -55.82
N6A FAD O . -52.34 5.29 -56.62
N1A FAD O . -51.85 7.46 -56.00
C2A FAD O . -51.20 8.29 -55.18
N3A FAD O . -50.37 8.02 -54.16
C4A FAD O . -50.25 6.69 -54.01
N1 FAD O . -34.07 4.91 -47.24
C2 FAD O . -32.82 5.40 -46.95
O2 FAD O . -32.23 6.13 -47.76
N3 FAD O . -32.22 5.13 -45.76
C4 FAD O . -32.79 4.30 -44.82
O4 FAD O . -32.22 4.08 -43.76
C4X FAD O . -34.04 3.73 -45.12
N5 FAD O . -34.56 2.92 -44.24
C5X FAD O . -35.76 2.35 -44.56
C6 FAD O . -36.32 1.44 -43.64
C7 FAD O . -37.51 0.82 -43.88
C7M FAD O . -38.07 -0.14 -42.85
C8 FAD O . -38.21 1.09 -45.09
C8M FAD O . -39.53 0.44 -45.39
C9 FAD O . -37.70 2.00 -45.98
C9A FAD O . -36.45 2.63 -45.76
N10 FAD O . -35.86 3.52 -46.68
C10 FAD O . -34.63 4.10 -46.38
C1' FAD O . -36.60 3.95 -47.89
C2' FAD O . -36.05 3.53 -49.24
O2' FAD O . -35.02 4.40 -49.69
C3' FAD O . -37.21 3.54 -50.25
O3' FAD O . -36.77 2.99 -51.50
C4' FAD O . -37.84 4.92 -50.50
O4' FAD O . -38.47 5.42 -49.30
C5' FAD O . -38.89 4.90 -51.58
O5' FAD O . -39.52 6.19 -51.70
P FAD O . -40.85 6.36 -52.62
O1P FAD O . -41.24 7.80 -52.49
O2P FAD O . -40.63 5.72 -53.96
O3P FAD O . -41.90 5.41 -51.87
N GLY P . -31.16 1.94 -46.00
CA GLY P . -31.65 1.22 -44.77
C GLY P . -32.86 0.34 -45.03
O GLY P . -33.26 -0.41 -44.13
OXT GLY P . -33.48 0.37 -46.12
C4 I55 Q . -38.57 -16.09 -44.55
C14 I55 Q . -34.84 -18.51 -44.21
C5 I55 Q . -40.18 -14.72 -43.50
C6 I55 Q . -41.86 -13.34 -42.84
C11 I55 Q . -38.34 -18.39 -45.17
C7 I55 Q . -42.93 -13.10 -41.82
C8 I55 Q . -44.61 -13.16 -43.69
C9 I55 Q . -43.49 -13.61 -44.64
C10 I55 Q . -42.42 -14.37 -43.85
C12 I55 Q . -38.75 -19.76 -44.82
C13 I55 Q . -36.87 -18.18 -45.46
N1 I55 Q . -34.84 -11.64 -44.06
N2 I55 Q . -36.93 -14.35 -45.36
C3 I55 Q . -37.26 -15.74 -45.10
N3 I55 Q . -38.97 -15.16 -43.55
C1 I55 Q . -35.96 -12.17 -44.89
C2 I55 Q . -36.14 -13.63 -44.57
O1 I55 Q . -35.56 -14.14 -43.62
N4 I55 Q . -40.64 -14.02 -42.45
O2 I55 Q . -42.64 -12.85 -40.65
N5 I55 Q . -44.17 -13.19 -42.28
O3 I55 Q . -42.95 -12.46 -45.32
N6 I55 Q . -41.17 -14.81 -44.45
O4 I55 Q . -38.93 -17.42 -44.30
O5 I55 Q . -40.15 -19.83 -44.65
O6 I55 Q . -36.18 -18.37 -44.19
N7 I55 Q . -34.36 -18.48 -42.95
O7 I55 Q . -34.16 -18.65 -45.21
C15 I55 Q . -36.62 -16.77 -45.99
O8 I55 Q . -37.13 -16.63 -47.31
PA FAD R . -58.96 -0.40 -14.50
O1A FAD R . -59.39 -1.44 -15.49
O2A FAD R . -57.58 0.15 -14.58
O5B FAD R . -60.02 0.81 -14.56
C5B FAD R . -59.79 2.03 -13.82
C4B FAD R . -60.12 3.20 -14.71
O4B FAD R . -60.08 4.42 -13.91
C3B FAD R . -59.16 3.44 -15.89
O3B FAD R . -59.84 3.46 -17.13
C2B FAD R . -58.49 4.77 -15.56
O2B FAD R . -58.16 5.55 -16.69
C1B FAD R . -59.58 5.45 -14.73
N9A FAD R . -59.14 6.56 -13.87
C8A FAD R . -57.90 6.77 -13.32
N7A FAD R . -57.85 7.87 -12.60
C5A FAD R . -59.13 8.42 -12.70
C6A FAD R . -59.71 9.58 -12.17
N6A FAD R . -59.06 10.45 -11.41
N1A FAD R . -61.01 9.82 -12.48
C2A FAD R . -61.66 8.94 -13.25
N3A FAD R . -61.21 7.81 -13.81
C4A FAD R . -59.93 7.61 -13.49
N1 FAD R . -58.32 -9.84 -15.21
C2 FAD R . -58.82 -11.09 -15.26
O2 FAD R . -59.76 -11.41 -14.56
N3 FAD R . -58.34 -12.03 -16.12
C4 FAD R . -57.27 -11.78 -16.95
O4 FAD R . -56.88 -12.66 -17.70
C4X FAD R . -56.68 -10.51 -16.86
N5 FAD R . -55.64 -10.25 -17.63
C5X FAD R . -55.05 -9.02 -17.50
C6 FAD R . -53.91 -8.77 -18.28
C7 FAD R . -53.26 -7.57 -18.22
C7M FAD R . -52.03 -7.35 -19.08
C8 FAD R . -53.73 -6.55 -17.35
C8M FAD R . -53.04 -5.22 -17.25
C9 FAD R . -54.88 -6.79 -16.61
C9A FAD R . -55.54 -8.02 -16.65
N10 FAD R . -56.68 -8.31 -15.87
C10 FAD R . -57.28 -9.55 -15.96
C1' FAD R . -57.30 -7.24 -15.05
C2' FAD R . -57.33 -7.43 -13.55
O2' FAD R . -58.42 -8.24 -13.17
C3' FAD R . -57.49 -6.06 -12.89
O3' FAD R . -57.38 -6.22 -11.47
C4' FAD R . -58.80 -5.34 -13.20
O4' FAD R . -58.93 -5.09 -14.61
C5' FAD R . -58.91 -4.02 -12.48
O5' FAD R . -60.11 -3.28 -12.90
P FAD R . -60.35 -1.80 -12.31
O1P FAD R . -61.66 -1.31 -12.85
O2P FAD R . -60.08 -1.89 -10.84
O3P FAD R . -59.18 -0.95 -13.01
N GLY S . -55.16 -13.18 -15.28
CA GLY S . -54.14 -12.90 -16.35
C GLY S . -53.24 -11.73 -16.02
O GLY S . -53.57 -10.81 -15.23
OXT GLY S . -52.12 -11.66 -16.55
C4 I55 T . -37.15 -6.45 -13.11
C14 I55 T . -34.89 -10.13 -11.97
C5 I55 T . -37.90 -5.11 -14.98
C6 I55 T . -38.86 -3.74 -16.50
C11 I55 T . -35.08 -6.47 -11.95
C7 I55 T . -38.74 -3.08 -17.83
C8 I55 T . -39.01 -0.87 -16.66
C9 I55 T . -38.87 -1.61 -15.33
C10 I55 T . -38.03 -2.89 -15.52
C12 I55 T . -33.66 -6.03 -12.07
C13 I55 T . -35.38 -7.84 -11.38
N1 I55 T . -41.55 -10.09 -14.24
N2 I55 T . -38.95 -8.03 -12.68
C3 I55 T . -37.54 -7.69 -12.65
N3 I55 T . -37.74 -6.24 -14.39
C1 I55 T . -41.02 -8.92 -13.50
C2 I55 T . -39.51 -8.95 -13.45
O1 I55 T . -38.86 -9.78 -14.07
N4 I55 T . -38.24 -5.02 -16.29
O2 I55 T . -38.61 -3.73 -18.86
N5 I55 T . -38.75 -1.74 -17.82
O3 I55 T . -40.16 -1.91 -14.81
N6 I55 T . -37.81 -3.86 -14.45
O4 I55 T . -35.79 -6.13 -13.13
O5 I55 T . -33.59 -4.68 -12.54
O6 I55 T . -34.78 -8.81 -12.28
N7 I55 T . -34.70 -10.87 -13.05
O7 I55 T . -35.10 -10.60 -10.87
C15 I55 T . -36.90 -8.01 -11.30
O8 I55 T . -37.39 -7.12 -10.30
PA FAD U . -7.76 32.65 30.00
O1A FAD U . -7.57 32.17 28.59
O2A FAD U . -6.65 33.15 30.85
O5B FAD U . -8.91 33.75 29.94
C5B FAD U . -9.21 34.57 31.06
C4B FAD U . -9.50 35.93 30.50
O4B FAD U . -10.13 36.72 31.53
C3B FAD U . -8.25 36.69 30.04
O3B FAD U . -8.37 37.12 28.68
C2B FAD U . -8.14 37.85 31.03
O2B FAD U . -7.68 39.04 30.44
C1B FAD U . -9.59 38.02 31.47
N9A FAD U . -9.74 38.63 32.76
C8A FAD U . -8.90 38.59 33.85
N7A FAD U . -9.34 39.31 34.86
C5A FAD U . -10.54 39.85 34.40
C6A FAD U . -11.50 40.69 34.98
N6A FAD U . -11.41 41.18 36.21
N1A FAD U . -12.57 41.03 34.23
C2A FAD U . -12.67 40.55 32.98
N3A FAD U . -11.84 39.74 32.33
C4A FAD U . -10.78 39.43 33.10
N1 FAD U . -4.90 24.36 26.41
C2 FAD U . -5.13 23.25 25.69
O2 FAD U . -6.19 22.66 25.77
N3 FAD U . -4.22 22.76 24.82
C4 FAD U . -2.97 23.32 24.68
O4 FAD U . -2.19 22.82 23.89
C4X FAD U . -2.67 24.48 25.46
N5 FAD U . -1.49 25.04 25.37
C5X FAD U . -1.25 26.13 26.16
C6 FAD U . 0.02 26.74 26.09
C7 FAD U . 0.33 27.85 26.85
C7M FAD U . 1.69 28.49 26.73
C8 FAD U . -0.65 28.37 27.73
C8M FAD U . -0.36 29.57 28.61
C9 FAD U . -1.89 27.80 27.80
C9A FAD U . -2.21 26.67 27.03
N10 FAD U . -3.46 26.05 27.11
C10 FAD U . -3.73 24.94 26.33
C1' FAD U . -4.54 26.70 27.88
C2' FAD U . -5.22 25.90 28.96
O2' FAD U . -6.11 24.97 28.41
C3' FAD U . -5.94 26.90 29.86
O3' FAD U . -6.40 26.16 31.00
C4' FAD U . -7.13 27.69 29.27
O4' FAD U . -6.78 28.53 28.17
C5' FAD U . -7.76 28.58 30.30
O5' FAD U . -8.84 29.31 29.68
P FAD U . -9.61 30.43 30.51
O1P FAD U . -10.55 31.15 29.59
O2P FAD U . -10.09 29.82 31.78
O3P FAD U . -8.46 31.48 30.85
N GLY V . -1.67 21.82 26.81
CA GLY V . -0.32 22.24 26.35
C GLY V . 0.32 23.23 27.31
O GLY V . -0.38 23.71 28.20
OXT GLY V . 1.50 23.57 27.21
C4 I55 W . 12.42 27.38 38.69
C14 I55 W . 14.78 23.58 39.13
C5 I55 W . 12.05 29.33 37.37
C6 I55 W . 11.56 31.23 36.30
C11 I55 W . 13.86 26.83 40.46
C7 I55 W . 12.12 32.41 35.54
C8 I55 W . 11.01 33.90 37.24
C9 I55 W . 10.66 32.64 38.03
C10 I55 W . 11.69 31.55 37.80
C12 I55 W . 15.07 27.25 41.20
C13 I55 W . 13.62 25.36 40.24
N1 I55 W . 9.54 24.30 34.59
N2 I55 W . 10.82 25.81 37.66
C3 I55 W . 12.02 26.04 38.42
N3 I55 W . 12.25 28.08 37.47
C1 I55 W . 9.40 25.01 35.87
C2 I55 W . 10.76 25.12 36.53
O1 I55 W . 11.74 24.56 36.03
N4 I55 W . 12.27 29.99 36.22
O2 I55 W . 12.84 32.22 34.56
N5 I55 W . 11.79 33.61 36.02
O3 I55 W . 9.35 32.17 37.63
N6 I55 W . 11.58 30.20 38.31
O4 I55 W . 13.64 27.62 39.32
O5 I55 W . 15.17 28.66 41.21
O6 I55 W . 14.65 24.91 39.33
N7 I55 W . 15.65 23.33 38.14
O7 I55 W . 14.19 22.74 39.77
C15 I55 W . 12.24 25.15 39.62
O8 I55 W . 11.22 25.45 40.57
PA FAD X . 18.72 54.24 10.40
O1A FAD X . 18.78 54.39 11.90
O2A FAD X . 18.47 52.94 9.72
O5B FAD X . 17.71 55.35 9.88
C5B FAD X . 17.18 55.34 8.54
C4B FAD X . 15.71 55.66 8.65
O4B FAD X . 15.20 56.03 7.35
C3B FAD X . 14.86 54.49 9.17
O3B FAD X . 14.03 54.94 10.22
C2B FAD X . 14.13 54.03 7.91
O2B FAD X . 12.86 53.48 8.20
C1B FAD X . 14.00 55.33 7.12
N9A FAD X . 13.82 55.14 5.68
C8A FAD X . 14.15 54.07 4.87
N7A FAD X . 13.79 54.25 3.61
C5A FAD X . 13.22 55.52 3.60
C6A FAD X . 12.64 56.30 2.57
N6A FAD X . 12.55 55.91 1.30
N1A FAD X . 12.16 57.52 2.90
C2A FAD X . 12.24 57.91 4.19
N3A FAD X . 12.75 57.27 5.24
C4A FAD X . 13.23 56.07 4.87
N1 FAD X . 25.79 52.74 16.75
C2 FAD X . 26.65 53.17 17.68
O2 FAD X . 27.30 54.20 17.51
N3 FAD X . 26.78 52.56 18.88
C4 FAD X . 26.14 51.39 19.18
O4 FAD X . 26.31 50.88 20.28
C4X FAD X . 25.26 50.86 18.20
N5 FAD X . 24.62 49.73 18.44
C5X FAD X . 23.82 49.23 17.45
C6 FAD X . 23.15 48.02 17.67
C7 FAD X . 22.31 47.47 16.73
C7M FAD X . 21.60 46.17 17.02
C8 FAD X . 22.11 48.14 15.51
C8M FAD X . 21.22 47.56 14.45
C9 FAD X . 22.74 49.33 15.29
C9A FAD X . 23.61 49.90 16.24
N10 FAD X . 24.29 51.11 16.01
C10 FAD X . 25.13 51.62 16.98
C1' FAD X . 23.94 51.91 14.81
C2' FAD X . 25.03 52.38 13.90
O2' FAD X . 25.81 53.44 14.44
C3' FAD X . 24.32 52.84 12.61
O3' FAD X . 25.34 53.07 11.66
C4' FAD X . 23.41 54.08 12.67
O4' FAD X . 22.23 53.89 13.45
C5' FAD X . 22.90 54.47 11.31
O5' FAD X . 21.86 55.49 11.43
P FAD X . 21.08 55.96 10.12
O1P FAD X . 20.27 57.18 10.49
O2P FAD X . 22.06 56.02 8.98
O3P FAD X . 20.11 54.74 9.78
N GLY Y . 28.23 49.67 18.09
CA GLY Y . 27.55 48.46 18.66
C GLY Y . 26.89 47.61 17.59
O GLY Y . 26.44 46.50 17.88
OXT GLY Y . 26.81 47.97 16.41
C4 I55 Z . 25.61 32.63 9.08
C14 I55 Z . 29.31 30.35 10.11
C5 I55 Z . 23.40 33.26 9.72
C6 I55 Z . 21.26 33.91 10.00
C11 I55 Z . 26.48 30.83 7.81
C7 I55 Z . 19.87 33.55 10.45
C8 I55 Z . 19.05 33.99 8.10
C9 I55 Z . 20.50 34.29 7.71
C10 I55 Z . 21.45 33.43 8.56
C12 I55 Z . 26.19 29.49 7.21
C13 I55 Z . 27.89 31.12 8.30
N1 I55 Z . 27.15 36.68 12.63
N2 I55 Z . 27.07 34.54 9.73
C3 I55 Z . 26.92 33.16 9.35
N3 I55 Z . 24.65 33.08 10.03
C1 I55 Z . 27.24 36.44 11.19
C2 I55 Z . 27.26 34.95 10.97
O1 I55 Z . 27.45 34.18 11.92
N4 I55 Z . 22.40 33.26 10.62
O2 I55 Z . 19.67 33.16 11.61
N5 I55 Z . 18.91 33.66 9.52
O3 I55 Z . 20.76 35.70 7.86
N6 I55 Z . 22.89 33.52 8.48
O4 I55 Z . 25.46 31.29 8.68
O5 I55 Z . 24.86 29.42 6.74
O6 I55 Z . 28.07 30.46 9.58
N7 I55 Z . 29.25 29.68 11.26
O7 I55 Z . 30.34 30.79 9.62
C15 I55 Z . 28.03 32.63 8.48
O8 I55 Z . 28.03 33.34 7.25
PA FAD AA . 56.40 7.22 49.66
O1A FAD AA . 56.92 7.84 48.40
O2A FAD AA . 55.06 6.58 49.66
O5B FAD AA . 57.49 6.15 50.19
C5B FAD AA . 57.17 5.18 51.21
C4B FAD AA . 57.78 3.87 50.79
O4B FAD AA . 57.77 2.95 51.90
C3B FAD AA . 57.05 3.16 49.63
O3B FAD AA . 57.98 2.82 48.61
C2B FAD AA . 56.40 1.93 50.30
O2B FAD AA . 56.28 0.82 49.45
C1B FAD AA . 57.40 1.66 51.43
N9A FAD AA . 56.83 0.90 52.55
C8A FAD AA . 55.50 0.76 52.91
N7A FAD AA . 55.35 0.01 53.98
C5A FAD AA . 56.64 -0.34 54.36
C6A FAD AA . 57.13 -1.12 55.42
N6A FAD AA . 56.35 -1.69 56.33
N1A FAD AA . 58.48 -1.28 55.51
C2A FAD AA . 59.25 -0.69 54.59
N3A FAD AA . 58.90 0.06 53.54
C4A FAD AA . 57.56 0.20 53.49
N1 FAD AA . 55.71 15.88 45.63
C2 FAD AA . 56.19 17.10 45.23
O2 FAD AA . 56.97 17.74 45.95
N3 FAD AA . 55.85 17.63 44.02
C4 FAD AA . 54.96 17.02 43.18
O4 FAD AA . 54.69 17.53 42.10
C4X FAD AA . 54.39 15.79 43.59
N5 FAD AA . 53.52 15.23 42.80
C5X FAD AA . 52.94 14.06 43.24
C6 FAD AA . 51.97 13.47 42.41
C7 FAD AA . 51.33 12.31 42.76
C7M FAD AA . 50.30 11.71 41.84
C8 FAD AA . 51.68 11.69 44.00
C8M FAD AA . 51.02 10.41 44.44
C9 FAD AA . 52.66 12.24 44.80
C9A FAD AA . 53.30 13.45 44.46
N10 FAD AA . 54.25 14.07 45.27
C10 FAD AA . 54.83 15.27 44.86
C1' FAD AA . 54.74 13.40 46.50
C2' FAD AA . 54.43 14.06 47.85
O2' FAD AA . 55.35 15.08 48.17
C3' FAD AA . 54.49 12.97 48.94
O3' FAD AA . 54.05 13.50 50.17
C4' FAD AA . 55.87 12.33 49.12
O4' FAD AA . 56.24 11.54 47.98
C5' FAD AA . 55.93 11.43 50.34
O5' FAD AA . 57.16 10.66 50.31
P FAD AA . 57.38 9.47 51.37
O1P FAD AA . 58.80 9.01 51.16
O2P FAD AA . 56.86 9.88 52.71
O3P FAD AA . 56.38 8.33 50.82
N GLY BA . 52.69 18.72 44.49
CA GLY BA . 51.93 18.21 43.29
C GLY BA . 51.06 17.01 43.62
O GLY BA . 50.27 16.60 42.76
OXT GLY BA . 51.14 16.43 44.72
C4 I55 CA . 34.44 11.80 44.84
C14 I55 CA . 32.10 15.56 44.41
C5 I55 CA . 35.68 10.08 43.83
C6 I55 CA . 36.95 8.28 43.28
C11 I55 CA . 32.22 12.16 45.64
C7 I55 CA . 37.05 7.08 42.40
C8 I55 CA . 37.08 5.64 44.48
C9 I55 CA . 36.78 6.91 45.29
C10 I55 CA . 36.00 7.90 44.44
C12 I55 CA . 30.80 11.77 45.43
C13 I55 CA . 32.50 13.64 45.79
N1 I55 CA . 39.03 15.22 43.76
N2 I55 CA . 36.28 13.43 45.40
C3 I55 CA . 34.88 13.14 45.27
N3 I55 CA . 35.24 11.31 43.77
C1 I55 CA . 38.47 14.23 44.70
C2 I55 CA . 36.98 14.15 44.51
O1 I55 CA . 36.44 14.73 43.58
N4 I55 CA . 36.30 9.47 42.79
O2 I55 CA . 37.14 7.20 41.18
N5 I55 CA . 37.02 5.89 43.03
O3 I55 CA . 38.02 7.48 45.78
N6 I55 CA . 35.65 9.23 44.90
O4 I55 CA . 33.08 11.46 44.76
O5 I55 CA . 30.69 10.38 45.12
O6 I55 CA . 32.26 14.23 44.49
N7 I55 CA . 31.93 15.92 43.13
O7 I55 CA . 32.14 16.32 45.36
C15 I55 CA . 33.95 13.87 46.19
O8 I55 CA . 34.19 13.43 47.52
PA FAD DA . 47.17 -11.35 15.33
O1A FAD DA . 46.18 -11.64 16.41
O2A FAD DA . 47.75 -9.97 15.25
O5B FAD DA . 48.36 -12.41 15.43
C5B FAD DA . 49.51 -12.35 14.55
C4B FAD DA . 50.74 -12.64 15.35
O4B FAD DA . 51.89 -12.68 14.46
C3B FAD DA . 51.10 -11.59 16.44
O3B FAD DA . 51.20 -12.18 17.74
C2B FAD DA . 52.43 -11.01 15.96
O2B FAD DA . 53.31 -10.64 17.00
C1B FAD DA . 53.00 -12.17 15.16
N9A FAD DA . 54.06 -11.85 14.20
C8A FAD DA . 54.29 -10.66 13.55
N7A FAD DA . 55.33 -10.72 12.76
C5A FAD DA . 55.82 -12.01 12.90
C6A FAD DA . 56.91 -12.70 12.33
N6A FAD DA . 57.75 -12.15 11.47
N1A FAD DA . 57.10 -13.99 12.71
C2A FAD DA . 56.25 -14.53 13.59
N3A FAD DA . 55.19 -14.00 14.19
C4A FAD DA . 55.03 -12.71 13.80
N1 FAD DA . 37.87 -10.37 16.72
C2 FAD DA . 36.60 -10.82 16.90
O2 FAD DA . 36.20 -11.83 16.31
N3 FAD DA . 35.74 -10.22 17.76
C4 FAD DA . 36.08 -9.09 18.46
O4 FAD DA . 35.27 -8.59 19.23
C4X FAD DA . 37.37 -8.55 18.25
N5 FAD DA . 37.69 -7.47 18.88
C5X FAD DA . 38.93 -6.93 18.63
C6 FAD DA . 39.27 -5.74 19.28
C7 FAD DA . 40.49 -5.13 19.08
C7M FAD DA . 40.80 -3.84 19.80
C8 FAD DA . 41.43 -5.74 18.20
C8M FAD DA . 42.77 -5.10 17.96
C9 FAD DA . 41.12 -6.93 17.59
C9A FAD DA . 39.86 -7.55 17.76
N10 FAD DA . 39.50 -8.74 17.12
C10 FAD DA . 38.23 -9.27 17.34
C1' FAD DA . 40.48 -9.47 16.28
C2' FAD DA . 40.16 -9.60 14.81
O2' FAD DA . 39.30 -10.67 14.56
C3' FAD DA . 41.45 -9.86 14.02
O3' FAD DA . 41.12 -9.87 12.63
C4' FAD DA . 42.19 -11.15 14.38
O4' FAD DA . 42.60 -11.16 15.75
C5' FAD DA . 43.42 -11.37 13.53
O5' FAD DA . 44.17 -12.50 14.03
P FAD DA . 45.58 -12.87 13.36
O1P FAD DA . 46.04 -14.16 13.96
O2P FAD DA . 45.40 -12.71 11.88
O3P FAD DA . 46.54 -11.70 13.89
N GLY EA . 34.69 -7.02 16.74
CA GLY EA . 35.06 -5.93 17.70
C GLY EA . 36.21 -5.07 17.18
O GLY EA . 37.02 -5.51 16.35
OXT GLY EA . 36.35 -3.93 17.61
C4 I55 FA . 41.69 10.55 12.69
C14 I55 FA . 37.99 12.81 11.65
C5 I55 FA . 43.10 9.92 14.54
C6 I55 FA . 44.55 8.99 15.98
C11 I55 FA . 41.62 12.50 11.32
C7 I55 FA . 45.38 9.14 17.22
C8 I55 FA . 47.41 8.61 15.83
C9 I55 FA . 46.56 8.71 14.57
C10 I55 FA . 45.35 9.61 14.83
C12 I55 FA . 42.07 13.91 11.28
C13 I55 FA . 40.20 12.16 10.92
N1 I55 FA . 37.96 6.33 14.38
N2 I55 FA . 40.07 8.72 12.55
C3 I55 FA . 40.41 10.12 12.37
N3 I55 FA . 41.95 10.19 14.04
C1 I55 FA . 39.07 6.74 13.49
C2 I55 FA . 39.18 8.25 13.41
O1 I55 FA . 38.47 8.98 14.10
N4 I55 FA . 43.32 9.73 15.87
O2 I55 FA . 44.87 9.29 18.33
N5 I55 FA . 46.70 9.11 17.02
O3 I55 FA . 46.17 7.40 14.14
N6 I55 FA . 44.27 9.75 13.86
O4 I55 FA . 42.06 11.88 12.53
O5 I55 FA . 43.44 14.05 11.72
O6 I55 FA . 39.33 12.85 11.85
N7 I55 FA . 37.37 13.17 12.77
O7 I55 FA . 37.42 12.51 10.62
C15 I55 FA . 39.99 10.65 11.00
O8 I55 FA . 40.77 10.04 9.97
#